data_6NFC
#
_entry.id   6NFC
#
loop_
_entity.id
_entity.type
_entity.pdbx_description
1 polymer 'base-binding RM20A3 fragment antigen binding heavy chain'
2 polymer 'base-binding RM20A3 fragment antigen binding light chain'
3 polymer 'HIV-1 Env BG505 MD64 N332-GT5 SOSIP gp120'
4 polymer 'HIV-1 Env BG505 MD64 N332-GT5 SOSIP gp41'
5 polymer 'BG18-like precursor HMP42 fragment antigen binding heavy chain'
6 polymer 'BG18-like precursor HMP42 fragment antigen binding light chain'
7 branched 2-acetamido-2-deoxy-beta-D-glucopyranose-(1-4)-2-acetamido-2-deoxy-beta-D-glucopyranose
8 branched alpha-D-mannopyranose-(1-3)-beta-D-mannopyranose-(1-4)-2-acetamido-2-deoxy-beta-D-glucopyranose-(1-4)-2-acetamido-2-deoxy-beta-D-glucopyranose
9 non-polymer 2-acetamido-2-deoxy-beta-D-glucopyranose
#
loop_
_entity_poly.entity_id
_entity_poly.type
_entity_poly.pdbx_seq_one_letter_code
_entity_poly.pdbx_strand_id
1 'polypeptide(L)'
;EVQLVETGGGLVQPGGSLKLSCRASGYTFSSFAMSWVRQAPGKGLEWVSLINDRGGLTFYVDSVKGRFTISRDNSKNTLS
LQMHSLRDGDTAVYYCATGGMSSALQSSKYYFDFWGQGALVTVSS
;
C,J,K
2 'polypeptide(L)'
;ALTQPPSVSGSPGQSVTISCTGTSSDIGSYNYVSWYQQHPGKAPKLMIYDVTQRPSGVSDRFSGSKSGNTASLTISGLQA
DDEADYYCSAYAGRQTFYIFGGGTRLTVLGQPKASPTVTLFPPSSEEL
;
D,M,N
3 'polypeptide(L)'
;AENLWVTVYYGVPVWKDAETTLFCASDAKAYETEKHNVWATHACVPTDPNPQEIHLENVTEEFNMWKNNMVEQMHEDIIS
LWDQSLKPCVKLTPLCVTLQCTNYAPKLRSMMRGEIKNCSFNMTTELRDKKQKVYSLFYRLDVVQINENQGNRSNNSNKE
YRLINCNTSAITQACPKVSFEPIPIHYCAPAGFAILKCKDKKFNGTGPCPSVSTVQCTHGIKPVVSTQLLLNGSLAEEEV
IIRSENITNNAKNILVQLNTPVQINCTRPSNNTVKSIRIGPGQAFYYFGDVLGHVRMAHCNISKATWNETLGKVVKQLRK
HFGNNTIIRFAQSSGGDLEVTTHSFNCGGEFFYCNTSGLFNSTWISNTSVQGSNSTGSNDSLILPCWIKQIINMWQRIGQ
AMYAPPIQGVIRCVSNITGLILTRDGGSTNSTTETFRPGGGDMRDNWRSELYKYKVVKIEPLGVAPTRCKRRVVGRRRRR
R
;
A,E,F
4 'polypeptide(L)'
;AVGIGAVSLGFLGAAGSTMGAASMTLTVQARNLLSGIVQQQSNLLRAPEPQQHLLKDTHWGIKQLQARVLAVEHYLRDQQ
LLGIWGCSGKLICCTNVPWNSSWSNRNLSEIWDNMTWLQWDKEISNYTQIIYGLLEESQNQQEKNEQDLLALDGTKHHHH
HH
;
B,G,I
5 'polypeptide(L)'
;QVQLVQSGAEVKKPGASVKVSCKASGYTFTGYYMHWVRQAPGQGLEWMGWINPNSGGTNYAQKFQGRVTMTRDTSISTAY
MELSRLRSDDTAVYYCARDRGREWELESYYYYYYMDVWGKGTTVTVSS
;
H
6 'polypeptide(L)'
;SYELTQPPSVSVSPGQTARITCSGDALPKQYAYWYQQKPGQAPVLVIYKDSERPSGIPERFSGSSSGTTVTLTISGVQAE
DEADYYCQSADSSGTYVVFGGGTKLTVL
;
L
#
# COMPACT_ATOMS: atom_id res chain seq x y z
N GLU A 1 -23.35 3.68 -57.34
CA GLU A 1 -22.44 4.39 -58.22
C GLU A 1 -21.02 4.38 -57.69
N VAL A 2 -20.16 3.66 -58.37
CA VAL A 2 -18.77 3.59 -58.00
C VAL A 2 -18.00 4.12 -59.17
N GLN A 3 -17.03 4.96 -58.91
CA GLN A 3 -16.26 5.47 -60.02
C GLN A 3 -14.82 5.10 -59.92
N LEU A 4 -14.39 4.02 -60.55
CA LEU A 4 -12.98 3.65 -60.52
C LEU A 4 -12.42 3.90 -61.89
N VAL A 5 -11.55 4.89 -62.03
CA VAL A 5 -11.08 5.22 -63.37
C VAL A 5 -9.59 5.15 -63.52
N GLU A 6 -9.15 4.22 -64.36
CA GLU A 6 -7.73 4.03 -64.60
C GLU A 6 -7.17 4.95 -65.65
N THR A 7 -5.92 5.31 -65.45
CA THR A 7 -5.12 6.06 -66.40
C THR A 7 -3.70 5.54 -66.47
N GLY A 8 -2.89 6.21 -67.28
CA GLY A 8 -1.51 5.80 -67.47
C GLY A 8 -1.48 4.64 -68.44
N GLY A 9 -0.40 3.85 -68.41
CA GLY A 9 -0.26 2.75 -69.34
C GLY A 9 0.41 3.20 -70.62
N GLY A 10 0.25 2.43 -71.69
CA GLY A 10 0.93 2.70 -72.95
C GLY A 10 1.98 1.63 -73.25
N LEU A 11 2.73 1.84 -74.34
CA LEU A 11 3.75 0.89 -74.77
C LEU A 11 5.13 1.25 -74.28
N VAL A 12 5.71 0.33 -73.52
CA VAL A 12 7.03 0.49 -72.97
C VAL A 12 7.89 -0.69 -73.35
N GLN A 13 9.09 -0.46 -73.82
CA GLN A 13 9.89 -1.60 -74.20
C GLN A 13 10.40 -2.38 -72.99
N PRO A 14 10.72 -3.67 -73.15
CA PRO A 14 11.17 -4.55 -72.09
C PRO A 14 12.33 -3.94 -71.35
N GLY A 15 12.26 -4.07 -70.05
CA GLY A 15 13.24 -3.56 -69.12
C GLY A 15 12.84 -2.17 -68.62
N GLY A 16 11.82 -1.57 -69.23
CA GLY A 16 11.39 -0.25 -68.85
C GLY A 16 10.42 -0.20 -67.68
N SER A 17 9.82 0.96 -67.49
CA SER A 17 8.92 1.20 -66.37
C SER A 17 7.79 2.14 -66.75
N LEU A 18 6.73 2.06 -65.96
CA LEU A 18 5.57 2.95 -66.12
C LEU A 18 4.79 3.01 -64.85
N LYS A 19 3.91 3.98 -64.75
CA LYS A 19 3.07 4.02 -63.58
C LYS A 19 1.61 4.10 -63.97
N LEU A 20 0.81 3.25 -63.35
CA LEU A 20 -0.62 3.27 -63.56
C LEU A 20 -1.26 3.92 -62.39
N SER A 21 -2.39 4.52 -62.61
CA SER A 21 -3.11 5.04 -61.48
C SER A 21 -4.57 4.95 -61.68
N CYS A 22 -5.28 4.99 -60.59
CA CYS A 22 -6.72 4.91 -60.56
C CYS A 22 -7.30 5.94 -59.60
N ARG A 23 -8.17 6.77 -60.11
CA ARG A 23 -8.75 7.78 -59.26
C ARG A 23 -10.08 7.25 -58.87
N ALA A 24 -10.56 7.58 -57.69
CA ALA A 24 -11.85 7.04 -57.37
C ALA A 24 -12.76 7.93 -56.59
N SER A 25 -14.04 7.70 -56.84
CA SER A 25 -15.09 8.40 -56.12
C SER A 25 -16.34 7.58 -55.84
N GLY A 26 -17.33 8.26 -55.28
CA GLY A 26 -18.62 7.66 -54.89
C GLY A 26 -18.55 7.03 -53.49
N TYR A 27 -17.65 6.07 -53.35
CA TYR A 27 -17.42 5.36 -52.11
C TYR A 27 -16.33 5.97 -51.28
N THR A 28 -16.47 5.90 -49.96
CA THR A 28 -15.39 6.44 -49.16
C THR A 28 -14.16 5.66 -49.52
N PHE A 29 -13.18 6.34 -50.06
CA PHE A 29 -11.99 5.68 -50.57
C PHE A 29 -11.25 4.97 -49.48
N SER A 30 -11.07 5.67 -48.38
CA SER A 30 -10.32 5.22 -47.22
C SER A 30 -10.97 4.06 -46.47
N SER A 31 -12.20 3.69 -46.81
CA SER A 31 -12.82 2.59 -46.12
C SER A 31 -12.54 1.25 -46.77
N PHE A 32 -11.93 1.23 -47.94
CA PHE A 32 -11.77 -0.06 -48.59
C PHE A 32 -10.37 -0.41 -49.02
N ALA A 33 -10.06 -1.69 -48.93
CA ALA A 33 -8.83 -2.24 -49.47
C ALA A 33 -9.00 -2.29 -50.97
N MET A 34 -7.89 -2.18 -51.69
CA MET A 34 -7.96 -2.23 -53.15
C MET A 34 -6.86 -3.07 -53.75
N SER A 35 -7.15 -3.60 -54.93
CA SER A 35 -6.22 -4.45 -55.65
C SER A 35 -6.08 -4.13 -57.10
N TRP A 36 -5.03 -4.69 -57.69
CA TRP A 36 -4.87 -4.65 -59.12
C TRP A 36 -4.99 -6.06 -59.66
N VAL A 37 -5.77 -6.19 -60.72
CA VAL A 37 -5.98 -7.48 -61.38
C VAL A 37 -5.60 -7.36 -62.85
N ARG A 38 -4.84 -8.32 -63.32
CA ARG A 38 -4.34 -8.36 -64.66
C ARG A 38 -5.19 -9.20 -65.60
N GLN A 39 -5.51 -8.66 -66.77
CA GLN A 39 -6.24 -9.40 -67.80
C GLN A 39 -5.40 -9.59 -69.03
N ALA A 40 -4.66 -10.68 -69.06
CA ALA A 40 -3.79 -10.93 -70.17
C ALA A 40 -4.66 -11.36 -71.34
N PRO A 41 -4.25 -11.11 -72.58
CA PRO A 41 -4.95 -11.47 -73.79
C PRO A 41 -4.89 -12.94 -74.04
N GLY A 42 -5.69 -13.66 -73.27
CA GLY A 42 -5.74 -15.12 -73.26
C GLY A 42 -5.78 -15.74 -71.86
N LYS A 43 -5.62 -14.95 -70.80
CA LYS A 43 -5.69 -15.53 -69.45
C LYS A 43 -6.95 -15.06 -68.73
N GLY A 44 -7.45 -13.90 -69.08
CA GLY A 44 -8.65 -13.37 -68.45
C GLY A 44 -8.41 -12.68 -67.13
N LEU A 45 -8.06 -13.44 -66.10
CA LEU A 45 -7.85 -12.80 -64.81
C LEU A 45 -6.72 -13.38 -63.99
N GLU A 46 -5.80 -12.51 -63.59
CA GLU A 46 -4.70 -12.86 -62.72
C GLU A 46 -4.59 -11.85 -61.57
N TRP A 47 -4.53 -12.30 -60.34
CA TRP A 47 -4.38 -11.32 -59.28
C TRP A 47 -2.95 -10.83 -59.24
N VAL A 48 -2.73 -9.53 -59.08
CA VAL A 48 -1.36 -9.04 -59.02
C VAL A 48 -0.98 -8.50 -57.66
N SER A 49 -1.76 -7.55 -57.14
CA SER A 49 -1.40 -6.97 -55.87
C SER A 49 -2.57 -6.46 -55.05
N LEU A 50 -2.37 -6.40 -53.74
CA LEU A 50 -3.35 -5.93 -52.75
C LEU A 50 -2.78 -4.98 -51.73
N ILE A 51 -3.48 -3.88 -51.47
CA ILE A 51 -3.07 -2.93 -50.44
C ILE A 51 -4.23 -2.74 -49.46
N ASN A 52 -3.93 -2.64 -48.17
CA ASN A 52 -5.01 -2.47 -47.21
C ASN A 52 -5.53 -1.04 -47.21
N ASP A 53 -6.52 -0.75 -46.39
CA ASP A 53 -7.15 0.55 -46.46
C ASP A 53 -6.35 1.75 -45.97
N ARG A 54 -5.40 1.51 -45.09
CA ARG A 54 -4.58 2.57 -44.55
C ARG A 54 -3.32 2.76 -45.35
N GLY A 55 -3.10 1.92 -46.36
CA GLY A 55 -1.90 1.99 -47.16
C GLY A 55 -0.63 1.47 -46.48
N GLY A 56 -0.75 0.58 -45.50
CA GLY A 56 0.44 0.11 -44.79
C GLY A 56 0.83 -1.34 -45.06
N LEU A 57 -0.10 -2.12 -45.55
CA LEU A 57 0.17 -3.51 -45.81
C LEU A 57 -0.03 -3.82 -47.24
N THR A 58 0.99 -4.40 -47.85
CA THR A 58 0.90 -4.75 -49.25
C THR A 58 1.25 -6.18 -49.49
N PHE A 59 0.59 -6.78 -50.46
CA PHE A 59 0.85 -8.15 -50.82
C PHE A 59 0.99 -8.27 -52.33
N TYR A 60 1.85 -9.17 -52.78
CA TYR A 60 2.06 -9.36 -54.21
C TYR A 60 2.07 -10.80 -54.64
N VAL A 61 1.68 -11.01 -55.88
CA VAL A 61 1.83 -12.29 -56.54
C VAL A 61 3.30 -12.47 -56.81
N ASP A 62 3.82 -13.68 -56.69
CA ASP A 62 5.25 -13.92 -56.89
C ASP A 62 5.82 -13.35 -58.17
N SER A 63 5.08 -13.37 -59.25
CA SER A 63 5.61 -12.92 -60.52
C SER A 63 6.01 -11.44 -60.59
N VAL A 64 5.53 -10.59 -59.68
CA VAL A 64 5.91 -9.19 -59.70
C VAL A 64 6.52 -8.80 -58.37
N LYS A 65 6.76 -9.79 -57.53
CA LYS A 65 7.15 -9.52 -56.15
C LYS A 65 8.40 -8.68 -56.01
N GLY A 66 9.37 -8.86 -56.87
CA GLY A 66 10.58 -8.07 -56.77
C GLY A 66 10.57 -6.87 -57.70
N ARG A 67 9.44 -6.61 -58.36
CA ARG A 67 9.43 -5.55 -59.35
C ARG A 67 8.39 -4.44 -59.16
N PHE A 68 7.21 -4.77 -58.65
CA PHE A 68 6.13 -3.77 -58.60
C PHE A 68 5.88 -3.19 -57.22
N THR A 69 5.45 -1.93 -57.19
CA THR A 69 5.05 -1.29 -55.95
C THR A 69 3.59 -0.82 -55.98
N ILE A 70 2.83 -1.18 -54.95
CA ILE A 70 1.44 -0.75 -54.90
C ILE A 70 1.37 0.31 -53.83
N SER A 71 0.70 1.41 -54.13
CA SER A 71 0.64 2.52 -53.20
C SER A 71 -0.69 3.25 -53.15
N ARG A 72 -0.97 3.84 -52.00
CA ARG A 72 -2.22 4.55 -51.78
C ARG A 72 -2.10 5.93 -51.19
N ASP A 73 -2.97 6.83 -51.65
CA ASP A 73 -3.07 8.17 -51.09
C ASP A 73 -4.52 8.53 -50.77
N ASN A 74 -4.84 8.56 -49.48
CA ASN A 74 -6.20 8.77 -49.03
C ASN A 74 -6.66 10.22 -49.07
N SER A 75 -5.75 11.16 -49.36
CA SER A 75 -6.18 12.54 -49.45
C SER A 75 -6.57 12.82 -50.89
N LYS A 76 -5.93 12.06 -51.79
CA LYS A 76 -6.16 12.20 -53.22
C LYS A 76 -7.19 11.24 -53.77
N ASN A 77 -7.55 10.22 -52.99
CA ASN A 77 -8.45 9.19 -53.43
C ASN A 77 -7.85 8.50 -54.64
N THR A 78 -6.55 8.22 -54.51
CA THR A 78 -5.79 7.60 -55.56
C THR A 78 -5.07 6.31 -55.20
N LEU A 79 -5.25 5.35 -56.08
CA LEU A 79 -4.57 4.06 -56.01
C LEU A 79 -3.53 4.06 -57.12
N SER A 80 -2.33 3.57 -56.86
CA SER A 80 -1.39 3.52 -57.96
C SER A 80 -0.50 2.31 -57.92
N LEU A 81 0.03 1.98 -59.10
CA LEU A 81 0.93 0.87 -59.27
C LEU A 81 2.14 1.26 -60.09
N GLN A 82 3.30 1.14 -59.49
CA GLN A 82 4.53 1.48 -60.18
C GLN A 82 5.16 0.21 -60.69
N MET A 83 5.28 0.10 -62.00
CA MET A 83 5.86 -1.08 -62.59
C MET A 83 7.29 -0.81 -62.95
N HIS A 84 8.15 -1.81 -62.76
CA HIS A 84 9.55 -1.72 -63.13
C HIS A 84 10.00 -2.99 -63.80
N SER A 85 11.05 -2.89 -64.60
CA SER A 85 11.64 -4.06 -65.21
C SER A 85 10.59 -4.91 -65.91
N LEU A 86 9.82 -4.25 -66.77
CA LEU A 86 8.73 -4.85 -67.52
C LEU A 86 9.19 -5.93 -68.48
N ARG A 87 8.39 -6.97 -68.60
CA ARG A 87 8.67 -8.08 -69.50
C ARG A 87 7.50 -8.34 -70.43
N ASP A 88 7.72 -9.02 -71.52
CA ASP A 88 6.64 -9.26 -72.49
C ASP A 88 5.41 -9.92 -71.88
N GLY A 89 5.61 -10.75 -70.86
CA GLY A 89 4.53 -11.47 -70.21
C GLY A 89 3.63 -10.58 -69.36
N ASP A 90 3.99 -9.30 -69.21
CA ASP A 90 3.21 -8.37 -68.43
C ASP A 90 2.22 -7.62 -69.32
N THR A 91 2.16 -7.94 -70.61
CA THR A 91 1.18 -7.25 -71.44
C THR A 91 -0.21 -7.72 -71.03
N ALA A 92 -1.05 -6.75 -70.67
CA ALA A 92 -2.38 -7.03 -70.17
C ALA A 92 -3.17 -5.77 -69.95
N VAL A 93 -4.47 -5.92 -69.73
CA VAL A 93 -5.24 -4.80 -69.22
C VAL A 93 -5.18 -4.84 -67.70
N TYR A 94 -4.87 -3.72 -67.07
CA TYR A 94 -4.77 -3.69 -65.62
C TYR A 94 -5.92 -2.98 -64.98
N TYR A 95 -6.67 -3.73 -64.20
CA TYR A 95 -7.87 -3.23 -63.58
C TYR A 95 -7.71 -2.82 -62.16
N CYS A 96 -8.34 -1.70 -61.87
CA CYS A 96 -8.46 -1.16 -60.54
C CYS A 96 -9.65 -1.83 -59.92
N ALA A 97 -9.50 -2.45 -58.77
CA ALA A 97 -10.65 -3.10 -58.18
C ALA A 97 -10.71 -2.85 -56.70
N THR A 98 -11.93 -2.81 -56.18
CA THR A 98 -12.15 -2.60 -54.77
C THR A 98 -12.57 -3.88 -54.13
N GLY A 99 -11.88 -4.26 -53.06
CA GLY A 99 -12.16 -5.50 -52.37
C GLY A 99 -10.92 -6.19 -51.86
N GLY A 100 -11.06 -7.46 -51.54
CA GLY A 100 -9.98 -8.22 -50.96
C GLY A 100 -10.07 -8.21 -49.42
N MET A 101 -8.95 -7.97 -48.76
CA MET A 101 -8.87 -8.04 -47.32
C MET A 101 -9.61 -6.92 -46.65
N SER A 102 -9.87 -7.06 -45.35
CA SER A 102 -10.47 -5.96 -44.63
C SER A 102 -9.73 -5.68 -43.32
N SER A 103 -10.34 -4.84 -42.51
CA SER A 103 -9.86 -4.22 -41.26
C SER A 103 -9.85 -5.02 -39.98
N ALA A 104 -10.39 -6.22 -39.99
CA ALA A 104 -10.55 -7.10 -38.83
C ALA A 104 -11.66 -6.67 -37.90
N LEU A 105 -12.32 -5.55 -38.20
CA LEU A 105 -13.46 -5.13 -37.43
C LEU A 105 -14.69 -5.12 -38.32
N GLN A 106 -14.49 -5.40 -39.61
CA GLN A 106 -15.56 -5.21 -40.56
C GLN A 106 -15.86 -6.26 -41.61
N SER A 107 -16.34 -7.43 -41.21
CA SER A 107 -16.84 -8.41 -42.16
C SER A 107 -15.93 -8.69 -43.34
N SER A 108 -14.80 -9.33 -43.11
CA SER A 108 -13.85 -9.52 -44.18
C SER A 108 -14.51 -10.15 -45.37
N LYS A 109 -14.12 -9.62 -46.53
CA LYS A 109 -14.69 -9.99 -47.81
C LYS A 109 -14.02 -11.09 -48.60
N TYR A 110 -12.77 -10.88 -48.96
CA TYR A 110 -12.03 -11.80 -49.80
C TYR A 110 -12.64 -11.96 -51.20
N TYR A 111 -13.27 -10.92 -51.71
CA TYR A 111 -13.81 -10.90 -53.06
C TYR A 111 -13.75 -9.48 -53.53
N PHE A 112 -13.91 -9.26 -54.83
CA PHE A 112 -13.87 -7.90 -55.37
C PHE A 112 -15.28 -7.40 -55.62
N ASP A 113 -15.62 -6.20 -55.12
CA ASP A 113 -16.96 -5.61 -55.32
C ASP A 113 -17.04 -4.74 -56.55
N PHE A 114 -16.00 -3.97 -56.79
CA PHE A 114 -16.10 -3.01 -57.89
C PHE A 114 -14.92 -3.07 -58.78
N TRP A 115 -15.14 -2.81 -60.06
CA TRP A 115 -14.07 -2.81 -61.03
C TRP A 115 -14.06 -1.53 -61.86
N GLY A 116 -12.87 -1.09 -62.24
CA GLY A 116 -12.70 0.02 -63.17
C GLY A 116 -12.70 -0.58 -64.55
N GLN A 117 -12.27 0.14 -65.59
CA GLN A 117 -12.36 -0.44 -66.93
C GLN A 117 -11.03 -1.00 -67.39
N GLY A 118 -9.98 -0.51 -66.81
CA GLY A 118 -8.65 -1.03 -67.07
C GLY A 118 -7.75 -0.22 -68.00
N ALA A 119 -6.51 -0.04 -67.57
CA ALA A 119 -5.52 0.66 -68.37
C ALA A 119 -4.83 -0.37 -69.23
N LEU A 120 -4.42 -0.03 -70.43
CA LEU A 120 -3.72 -1.02 -71.23
C LEU A 120 -2.22 -0.87 -71.21
N VAL A 121 -1.56 -1.95 -70.82
CA VAL A 121 -0.11 -2.02 -70.78
C VAL A 121 0.43 -2.99 -71.78
N THR A 122 1.31 -2.49 -72.63
CA THR A 122 1.95 -3.33 -73.61
C THR A 122 3.43 -3.18 -73.39
N VAL A 123 4.15 -4.27 -73.36
CA VAL A 123 5.56 -4.11 -73.12
C VAL A 123 6.36 -4.12 -74.42
N ALA B 1 -4.27 -22.56 -60.86
CA ALA B 1 -5.53 -22.01 -61.31
C ALA B 1 -6.68 -22.91 -60.95
N LEU B 2 -7.89 -22.38 -61.02
CA LEU B 2 -9.07 -23.21 -60.78
C LEU B 2 -9.48 -23.77 -62.15
N THR B 3 -10.11 -24.93 -62.14
CA THR B 3 -10.47 -25.59 -63.39
C THR B 3 -11.93 -25.56 -63.80
N GLN B 4 -12.18 -24.97 -64.98
CA GLN B 4 -13.51 -24.87 -65.57
C GLN B 4 -13.43 -24.63 -67.10
N PRO B 5 -12.75 -25.50 -67.88
CA PRO B 5 -12.48 -25.36 -69.31
C PRO B 5 -13.54 -25.53 -70.40
N PRO B 6 -14.66 -26.22 -70.23
CA PRO B 6 -15.57 -26.48 -71.33
C PRO B 6 -16.31 -25.22 -71.61
N SER B 7 -16.78 -25.06 -72.84
CA SER B 7 -17.70 -23.99 -73.12
C SER B 7 -18.98 -24.44 -72.48
N VAL B 8 -19.89 -23.53 -72.26
CA VAL B 8 -21.13 -23.92 -71.62
C VAL B 8 -22.33 -23.41 -72.38
N SER B 9 -23.39 -24.20 -72.43
CA SER B 9 -24.56 -23.76 -73.14
C SER B 9 -25.84 -24.40 -72.64
N GLY B 10 -26.94 -23.83 -73.09
CA GLY B 10 -28.27 -24.39 -72.80
C GLY B 10 -29.34 -23.61 -73.52
N SER B 11 -30.58 -24.12 -73.45
CA SER B 11 -31.73 -23.51 -74.10
C SER B 11 -32.27 -22.37 -73.24
N PRO B 12 -32.87 -21.32 -73.81
CA PRO B 12 -33.49 -20.26 -73.05
C PRO B 12 -34.53 -20.85 -72.16
N GLY B 13 -34.57 -20.39 -70.94
CA GLY B 13 -35.54 -20.83 -69.95
C GLY B 13 -35.11 -22.08 -69.20
N GLN B 14 -34.02 -22.70 -69.62
CA GLN B 14 -33.56 -23.91 -68.96
C GLN B 14 -32.37 -23.59 -68.12
N SER B 15 -32.14 -24.38 -67.08
CA SER B 15 -30.96 -24.13 -66.29
C SER B 15 -29.70 -24.62 -66.97
N VAL B 16 -28.59 -24.05 -66.55
CA VAL B 16 -27.27 -24.46 -66.98
C VAL B 16 -26.32 -24.35 -65.79
N THR B 17 -25.37 -25.27 -65.67
CA THR B 17 -24.42 -25.17 -64.58
C THR B 17 -22.96 -25.14 -65.04
N ILE B 18 -22.23 -24.19 -64.45
CA ILE B 18 -20.82 -24.01 -64.69
C ILE B 18 -20.05 -24.50 -63.48
N SER B 19 -19.22 -25.50 -63.67
CA SER B 19 -18.44 -26.02 -62.55
C SER B 19 -17.18 -25.20 -62.36
N CYS B 20 -16.55 -25.39 -61.20
CA CYS B 20 -15.27 -24.80 -60.82
C CYS B 20 -14.53 -25.73 -59.86
N THR B 21 -13.58 -26.49 -60.38
CA THR B 21 -12.92 -27.47 -59.56
C THR B 21 -11.60 -26.93 -59.05
N GLY B 22 -11.37 -27.07 -57.77
CA GLY B 22 -10.16 -26.54 -57.18
C GLY B 22 -9.16 -27.62 -56.99
N THR B 23 -8.39 -27.53 -55.93
CA THR B 23 -7.36 -28.53 -55.72
C THR B 23 -7.69 -29.33 -54.51
N SER B 24 -7.70 -28.68 -53.38
CA SER B 24 -7.91 -29.34 -52.12
C SER B 24 -8.13 -28.32 -51.07
N SER B 25 -7.03 -27.79 -50.55
CA SER B 25 -7.03 -26.82 -49.48
C SER B 25 -7.54 -25.45 -49.87
N ASP B 26 -7.52 -25.09 -51.15
CA ASP B 26 -7.97 -23.77 -51.50
C ASP B 26 -9.48 -23.66 -51.38
N ILE B 27 -10.21 -24.50 -52.08
CA ILE B 27 -11.64 -24.30 -51.95
C ILE B 27 -12.26 -25.30 -51.01
N GLY B 28 -11.50 -26.30 -50.56
CA GLY B 28 -12.05 -27.18 -49.55
C GLY B 28 -12.04 -26.45 -48.20
N SER B 29 -10.97 -25.69 -47.89
CA SER B 29 -10.88 -25.04 -46.59
C SER B 29 -11.54 -23.70 -46.54
N TYR B 30 -11.65 -23.01 -47.66
CA TYR B 30 -12.23 -21.69 -47.57
C TYR B 30 -13.60 -21.62 -48.21
N ASN B 31 -14.42 -20.75 -47.66
CA ASN B 31 -15.76 -20.50 -48.17
C ASN B 31 -15.80 -19.19 -48.91
N TYR B 32 -14.72 -18.91 -49.59
CA TYR B 32 -14.59 -17.67 -50.32
C TYR B 32 -14.31 -17.98 -51.75
N VAL B 33 -15.37 -18.32 -52.48
CA VAL B 33 -15.27 -18.68 -53.87
C VAL B 33 -16.29 -17.88 -54.64
N SER B 34 -15.91 -16.69 -55.04
CA SER B 34 -16.80 -15.80 -55.76
C SER B 34 -16.84 -16.10 -57.24
N TRP B 35 -17.86 -15.54 -57.90
CA TRP B 35 -18.01 -15.65 -59.33
C TRP B 35 -18.21 -14.30 -59.97
N TYR B 36 -17.62 -14.14 -61.16
CA TYR B 36 -17.73 -12.92 -61.94
C TYR B 36 -18.26 -13.13 -63.35
N GLN B 37 -18.99 -12.12 -63.83
CA GLN B 37 -19.55 -12.09 -65.18
C GLN B 37 -18.80 -11.10 -66.04
N GLN B 38 -18.18 -11.61 -67.09
CA GLN B 38 -17.32 -10.82 -67.97
C GLN B 38 -17.85 -10.60 -69.38
N HIS B 39 -18.16 -9.38 -69.73
CA HIS B 39 -18.62 -9.15 -71.09
C HIS B 39 -17.38 -8.94 -71.97
N PRO B 40 -17.41 -9.28 -73.25
CA PRO B 40 -16.29 -9.21 -74.17
C PRO B 40 -15.92 -7.80 -74.58
N GLY B 41 -15.26 -7.11 -73.65
CA GLY B 41 -14.84 -5.73 -73.82
C GLY B 41 -15.24 -4.79 -72.67
N LYS B 42 -15.89 -5.33 -71.64
CA LYS B 42 -16.30 -4.53 -70.49
C LYS B 42 -15.64 -5.05 -69.22
N ALA B 43 -15.51 -4.23 -68.20
CA ALA B 43 -15.02 -4.75 -66.93
C ALA B 43 -16.01 -5.77 -66.38
N PRO B 44 -15.57 -6.80 -65.66
CA PRO B 44 -16.40 -7.82 -65.05
C PRO B 44 -17.15 -7.29 -63.86
N LYS B 45 -18.23 -7.97 -63.51
CA LYS B 45 -18.97 -7.63 -62.31
C LYS B 45 -19.16 -8.84 -61.41
N LEU B 46 -19.32 -8.57 -60.13
CA LEU B 46 -19.56 -9.62 -59.15
C LEU B 46 -20.94 -10.19 -59.24
N MET B 47 -21.04 -11.52 -59.26
CA MET B 47 -22.34 -12.16 -59.30
C MET B 47 -22.61 -12.85 -57.99
N ILE B 48 -21.62 -13.62 -57.56
CA ILE B 48 -21.70 -14.44 -56.35
C ILE B 48 -20.51 -14.20 -55.46
N TYR B 49 -20.71 -14.17 -54.14
CA TYR B 49 -19.59 -14.03 -53.21
C TYR B 49 -19.75 -14.97 -52.03
N ASP B 50 -18.62 -15.21 -51.34
CA ASP B 50 -18.56 -16.21 -50.30
C ASP B 50 -18.87 -17.46 -51.09
N VAL B 51 -19.96 -18.14 -50.82
CA VAL B 51 -20.26 -19.30 -51.65
C VAL B 51 -21.61 -19.11 -52.34
N THR B 52 -22.59 -18.67 -51.55
CA THR B 52 -23.96 -18.55 -51.98
C THR B 52 -24.57 -17.14 -51.99
N GLN B 53 -23.81 -16.08 -51.74
CA GLN B 53 -24.42 -14.76 -51.63
C GLN B 53 -24.39 -14.00 -52.93
N ARG B 54 -25.30 -13.08 -53.11
CA ARG B 54 -25.22 -12.26 -54.31
C ARG B 54 -25.40 -10.81 -53.87
N PRO B 55 -24.77 -9.85 -54.53
CA PRO B 55 -24.88 -8.44 -54.28
C PRO B 55 -26.20 -7.94 -54.79
N SER B 56 -26.65 -6.81 -54.27
CA SER B 56 -27.86 -6.22 -54.77
C SER B 56 -27.69 -5.91 -56.24
N GLY B 57 -28.76 -6.15 -56.99
CA GLY B 57 -28.78 -5.93 -58.43
C GLY B 57 -28.68 -7.25 -59.18
N VAL B 58 -28.26 -8.29 -58.48
CA VAL B 58 -28.18 -9.60 -59.09
C VAL B 58 -29.42 -10.35 -58.66
N SER B 59 -30.14 -10.88 -59.62
CA SER B 59 -31.39 -11.58 -59.36
C SER B 59 -31.13 -13.00 -58.94
N ASP B 60 -32.21 -13.65 -58.53
CA ASP B 60 -32.21 -15.02 -58.05
C ASP B 60 -31.87 -16.01 -59.15
N ARG B 61 -31.80 -15.53 -60.39
CA ARG B 61 -31.43 -16.33 -61.53
C ARG B 61 -30.07 -16.95 -61.29
N PHE B 62 -29.21 -16.23 -60.56
CA PHE B 62 -27.86 -16.70 -60.28
C PHE B 62 -27.71 -17.17 -58.85
N SER B 63 -27.29 -18.41 -58.69
CA SER B 63 -27.07 -19.01 -57.38
C SER B 63 -26.00 -20.07 -57.49
N GLY B 64 -25.47 -20.55 -56.39
CA GLY B 64 -24.45 -21.57 -56.53
C GLY B 64 -24.18 -22.28 -55.23
N SER B 65 -23.19 -23.14 -55.24
CA SER B 65 -22.84 -23.94 -54.08
C SER B 65 -21.45 -24.52 -54.13
N LYS B 66 -21.14 -25.27 -53.09
CA LYS B 66 -19.84 -25.93 -52.97
C LYS B 66 -19.92 -27.24 -52.22
N SER B 67 -19.13 -28.23 -52.66
CA SER B 67 -19.02 -29.51 -51.99
C SER B 67 -17.63 -30.10 -52.20
N GLY B 68 -17.03 -30.66 -51.16
CA GLY B 68 -15.69 -31.22 -51.32
C GLY B 68 -14.76 -30.10 -51.73
N ASN B 69 -14.06 -30.27 -52.84
CA ASN B 69 -13.13 -29.29 -53.35
C ASN B 69 -13.61 -28.77 -54.69
N THR B 70 -14.94 -28.87 -54.93
CA THR B 70 -15.54 -28.38 -56.17
C THR B 70 -16.70 -27.41 -55.92
N ALA B 71 -16.69 -26.31 -56.65
CA ALA B 71 -17.71 -25.29 -56.58
C ALA B 71 -18.49 -25.23 -57.88
N SER B 72 -19.70 -24.68 -57.83
CA SER B 72 -20.45 -24.48 -59.06
C SER B 72 -21.41 -23.29 -59.04
N LEU B 73 -21.67 -22.77 -60.24
CA LEU B 73 -22.62 -21.69 -60.49
C LEU B 73 -23.77 -22.15 -61.35
N THR B 74 -24.97 -21.91 -60.89
CA THR B 74 -26.13 -22.29 -61.66
C THR B 74 -26.92 -21.08 -62.07
N ILE B 75 -27.28 -21.08 -63.34
CA ILE B 75 -28.11 -20.04 -63.90
C ILE B 75 -29.44 -20.73 -64.17
N SER B 76 -30.54 -20.20 -63.64
CA SER B 76 -31.83 -20.87 -63.76
C SER B 76 -32.61 -20.45 -65.02
N GLY B 77 -33.43 -19.41 -64.92
CA GLY B 77 -34.22 -18.97 -66.08
C GLY B 77 -33.33 -18.23 -67.07
N LEU B 78 -32.49 -19.00 -67.74
CA LEU B 78 -31.44 -18.57 -68.65
C LEU B 78 -31.91 -17.73 -69.82
N GLN B 79 -31.25 -16.59 -70.00
CA GLN B 79 -31.56 -15.60 -71.01
C GLN B 79 -30.44 -15.32 -72.00
N ALA B 80 -30.78 -14.77 -73.16
CA ALA B 80 -29.75 -14.33 -74.12
C ALA B 80 -28.85 -13.27 -73.47
N ASP B 81 -29.40 -12.52 -72.54
CA ASP B 81 -28.69 -11.47 -71.82
C ASP B 81 -27.59 -12.02 -70.93
N ASP B 82 -27.56 -13.34 -70.70
CA ASP B 82 -26.58 -13.95 -69.84
C ASP B 82 -25.35 -14.37 -70.63
N GLU B 83 -25.31 -14.06 -71.92
CA GLU B 83 -24.16 -14.46 -72.70
C GLU B 83 -22.95 -13.58 -72.43
N ALA B 84 -22.16 -14.10 -71.51
CA ALA B 84 -20.96 -13.50 -70.94
C ALA B 84 -19.98 -14.62 -70.61
N ASP B 85 -18.73 -14.25 -70.42
CA ASP B 85 -17.76 -15.21 -69.97
C ASP B 85 -17.87 -15.31 -68.46
N TYR B 86 -17.74 -16.49 -67.90
CA TYR B 86 -17.81 -16.59 -66.47
C TYR B 86 -16.53 -17.08 -65.88
N TYR B 87 -16.22 -16.53 -64.72
CA TYR B 87 -15.05 -16.92 -63.96
C TYR B 87 -15.35 -17.18 -62.51
N CYS B 88 -14.71 -18.20 -61.98
CA CYS B 88 -14.72 -18.42 -60.54
C CYS B 88 -13.36 -18.02 -60.03
N SER B 89 -13.31 -17.67 -58.76
CA SER B 89 -12.05 -17.36 -58.10
C SER B 89 -12.14 -17.80 -56.68
N ALA B 90 -11.00 -17.92 -56.01
CA ALA B 90 -11.05 -18.29 -54.61
C ALA B 90 -9.89 -17.79 -53.77
N TYR B 91 -10.14 -17.68 -52.48
CA TYR B 91 -9.09 -17.30 -51.53
C TYR B 91 -8.10 -18.43 -51.32
N ALA B 92 -6.82 -18.11 -51.44
CA ALA B 92 -5.72 -19.05 -51.31
C ALA B 92 -5.08 -19.26 -49.93
N GLY B 93 -5.52 -18.57 -48.90
CA GLY B 93 -4.88 -18.78 -47.59
C GLY B 93 -3.60 -17.98 -47.25
N ARG B 94 -3.50 -16.75 -47.76
CA ARG B 94 -2.38 -15.80 -47.54
C ARG B 94 -1.08 -16.05 -48.27
N GLN B 95 -0.98 -17.10 -49.06
CA GLN B 95 0.29 -17.29 -49.72
C GLN B 95 0.30 -16.76 -51.14
N THR B 96 -0.84 -16.82 -51.82
CA THR B 96 -0.93 -16.36 -53.19
C THR B 96 -2.12 -15.46 -53.24
N PHE B 97 -2.84 -15.48 -52.13
CA PHE B 97 -4.07 -14.73 -51.90
C PHE B 97 -5.26 -15.10 -52.75
N TYR B 98 -5.15 -14.97 -54.05
CA TYR B 98 -6.30 -15.33 -54.88
C TYR B 98 -5.92 -16.18 -56.05
N ILE B 99 -6.79 -17.10 -56.35
CA ILE B 99 -6.64 -17.95 -57.49
C ILE B 99 -7.80 -17.74 -58.41
N PHE B 100 -7.54 -17.49 -59.67
CA PHE B 100 -8.63 -17.37 -60.61
C PHE B 100 -8.70 -18.62 -61.46
N GLY B 101 -9.88 -18.99 -61.88
CA GLY B 101 -9.98 -20.07 -62.83
C GLY B 101 -9.88 -19.52 -64.22
N GLY B 102 -9.69 -20.40 -65.17
CA GLY B 102 -9.74 -19.95 -66.55
C GLY B 102 -11.23 -19.72 -66.73
N GLY B 103 -11.67 -18.83 -67.59
CA GLY B 103 -13.11 -18.68 -67.66
C GLY B 103 -13.73 -19.52 -68.74
N THR B 104 -15.05 -19.40 -68.86
CA THR B 104 -15.80 -20.12 -69.88
C THR B 104 -16.84 -19.25 -70.53
N ARG B 105 -17.10 -19.47 -71.81
CA ARG B 105 -18.11 -18.69 -72.50
C ARG B 105 -19.45 -19.37 -72.56
N LEU B 106 -20.49 -18.64 -72.16
CA LEU B 106 -21.84 -19.14 -72.18
C LEU B 106 -22.63 -18.75 -73.41
N THR B 107 -23.23 -19.75 -74.05
CA THR B 107 -24.10 -19.59 -75.22
C THR B 107 -25.53 -20.01 -74.89
N VAL B 108 -26.49 -19.14 -75.19
CA VAL B 108 -27.88 -19.45 -74.88
C VAL B 108 -28.70 -19.54 -76.16
N LEU B 109 -29.25 -20.72 -76.42
CA LEU B 109 -29.97 -20.98 -77.64
C LEU B 109 -30.52 -22.40 -77.64
N ASN C 3 21.78 -31.77 -18.93
CA ASN C 3 20.70 -32.03 -19.88
C ASN C 3 19.44 -31.36 -19.41
N LEU C 4 19.49 -30.90 -18.18
CA LEU C 4 18.37 -30.20 -17.57
C LEU C 4 18.71 -28.73 -17.55
N TRP C 5 17.68 -27.90 -17.62
CA TRP C 5 17.82 -26.47 -17.70
C TRP C 5 17.06 -25.76 -16.60
N VAL C 6 17.52 -24.59 -16.22
CA VAL C 6 16.83 -23.85 -15.20
C VAL C 6 15.54 -23.28 -15.78
N THR C 7 14.42 -23.53 -15.10
CA THR C 7 13.13 -22.98 -15.46
C THR C 7 12.60 -22.18 -14.31
N VAL C 8 12.11 -20.99 -14.63
CA VAL C 8 11.60 -20.06 -13.66
C VAL C 8 10.10 -20.12 -13.56
N TYR C 9 9.60 -20.26 -12.33
CA TYR C 9 8.17 -20.30 -12.09
C TYR C 9 7.71 -19.21 -11.15
N TYR C 10 6.69 -18.47 -11.55
CA TYR C 10 6.17 -17.41 -10.71
C TYR C 10 4.78 -17.79 -10.26
N GLY C 11 4.51 -17.66 -8.98
CA GLY C 11 3.22 -18.08 -8.44
C GLY C 11 3.37 -19.39 -7.65
N VAL C 12 4.58 -19.73 -7.29
CA VAL C 12 4.88 -20.93 -6.54
C VAL C 12 4.35 -20.87 -5.10
N PRO C 13 3.59 -21.85 -4.60
CA PRO C 13 2.96 -21.85 -3.28
C PRO C 13 3.89 -22.12 -2.11
N VAL C 14 4.81 -21.21 -1.85
CA VAL C 14 5.73 -21.35 -0.72
C VAL C 14 5.75 -20.11 0.16
N TRP C 15 6.24 -20.26 1.39
CA TRP C 15 6.27 -19.16 2.33
C TRP C 15 7.36 -19.22 3.38
N LYS C 16 7.53 -18.09 4.06
CA LYS C 16 8.47 -17.92 5.17
C LYS C 16 7.85 -17.27 6.39
N ASP C 17 8.36 -17.58 7.57
CA ASP C 17 7.86 -16.88 8.75
C ASP C 17 8.17 -15.41 8.59
N ALA C 18 7.23 -14.53 8.93
CA ALA C 18 7.52 -13.11 8.80
C ALA C 18 6.69 -12.25 9.71
N GLU C 19 7.19 -11.07 10.04
CA GLU C 19 6.40 -10.14 10.81
C GLU C 19 5.87 -9.07 9.90
N THR C 20 4.66 -8.61 10.16
CA THR C 20 4.07 -7.53 9.40
C THR C 20 2.97 -6.91 10.20
N THR C 21 2.61 -5.69 9.88
CA THR C 21 1.49 -5.06 10.53
C THR C 21 0.19 -5.67 10.02
N LEU C 22 -0.67 -6.09 10.92
CA LEU C 22 -1.96 -6.62 10.52
C LEU C 22 -2.98 -5.54 10.66
N PHE C 23 -4.05 -5.61 9.91
CA PHE C 23 -5.06 -4.60 10.10
C PHE C 23 -6.26 -5.22 10.74
N CYS C 24 -7.02 -4.41 11.43
CA CYS C 24 -8.20 -4.90 12.11
C CYS C 24 -9.44 -4.85 11.25
N ALA C 25 -10.44 -5.58 11.68
CA ALA C 25 -11.75 -5.43 11.11
C ALA C 25 -12.78 -5.80 12.19
N SER C 26 -13.86 -5.04 12.31
CA SER C 26 -14.88 -5.39 13.29
C SER C 26 -16.26 -4.99 12.84
N ASP C 27 -17.29 -5.46 13.53
CA ASP C 27 -18.66 -5.12 13.18
C ASP C 27 -19.33 -4.37 14.31
N HIS C 36 -20.83 4.53 21.25
CA HIS C 36 -19.50 4.17 20.84
C HIS C 36 -18.77 3.36 21.90
N ASN C 37 -17.80 2.58 21.45
CA ASN C 37 -17.01 1.72 22.31
C ASN C 37 -15.68 2.36 22.65
N VAL C 38 -15.08 1.92 23.74
CA VAL C 38 -13.74 2.36 24.12
C VAL C 38 -12.77 1.91 23.04
N TRP C 39 -13.04 0.79 22.39
CA TRP C 39 -12.22 0.40 21.28
C TRP C 39 -12.91 1.10 20.13
N ALA C 40 -12.17 1.77 19.26
CA ALA C 40 -12.83 2.48 18.18
C ALA C 40 -13.18 1.53 17.07
N THR C 41 -14.19 0.73 17.32
CA THR C 41 -14.61 -0.29 16.40
C THR C 41 -15.18 0.35 15.15
N HIS C 42 -15.77 1.53 15.30
CA HIS C 42 -16.35 2.24 14.18
C HIS C 42 -15.30 2.80 13.25
N ALA C 43 -14.06 2.88 13.71
CA ALA C 43 -12.99 3.42 12.93
C ALA C 43 -12.32 2.32 12.12
N CYS C 44 -12.76 1.07 12.31
CA CYS C 44 -12.13 -0.05 11.66
C CYS C 44 -13.11 -1.15 11.29
N VAL C 45 -13.83 -0.97 10.18
CA VAL C 45 -14.86 -1.95 9.86
C VAL C 45 -14.83 -2.63 8.48
N PRO C 46 -13.68 -2.93 7.86
CA PRO C 46 -13.61 -3.65 6.62
C PRO C 46 -13.75 -5.15 6.86
N THR C 47 -14.91 -5.57 7.34
CA THR C 47 -15.11 -6.98 7.68
C THR C 47 -15.38 -7.84 6.49
N ASP C 48 -15.26 -9.14 6.72
CA ASP C 48 -15.40 -10.13 5.68
C ASP C 48 -16.67 -10.97 5.85
N PRO C 49 -17.69 -10.83 4.98
CA PRO C 49 -18.95 -11.56 5.04
C PRO C 49 -18.75 -13.04 4.73
N ASN C 50 -17.59 -13.41 4.17
CA ASN C 50 -17.32 -14.79 3.82
C ASN C 50 -15.86 -15.13 4.11
N PRO C 51 -15.50 -15.41 5.37
CA PRO C 51 -14.16 -15.64 5.83
C PRO C 51 -13.73 -17.02 5.42
N GLN C 52 -13.42 -17.17 4.15
CA GLN C 52 -13.11 -18.47 3.58
C GLN C 52 -11.88 -19.09 4.19
N GLU C 53 -11.92 -20.40 4.29
CA GLU C 53 -10.81 -21.16 4.83
C GLU C 53 -10.44 -22.29 3.91
N ILE C 54 -9.15 -22.41 3.65
CA ILE C 54 -8.65 -23.46 2.77
C ILE C 54 -7.80 -24.45 3.52
N HIS C 55 -8.17 -25.72 3.45
CA HIS C 55 -7.40 -26.73 4.16
C HIS C 55 -6.13 -27.06 3.40
N LEU C 56 -4.98 -27.00 4.06
CA LEU C 56 -3.75 -27.27 3.35
C LEU C 56 -3.41 -28.73 3.50
N GLU C 57 -4.04 -29.52 2.66
CA GLU C 57 -3.90 -30.94 2.75
C GLU C 57 -2.44 -31.30 2.58
N ASN C 58 -1.97 -32.21 3.43
CA ASN C 58 -0.60 -32.71 3.50
C ASN C 58 0.44 -31.65 3.84
N VAL C 59 0.05 -30.62 4.57
CA VAL C 59 1.03 -29.62 5.01
C VAL C 59 1.16 -29.59 6.52
N THR C 60 2.38 -29.73 6.99
CA THR C 60 2.66 -29.69 8.43
C THR C 60 3.55 -28.50 8.72
N GLU C 61 3.15 -27.66 9.66
CA GLU C 61 3.90 -26.45 10.00
C GLU C 61 4.24 -26.37 11.44
N GLU C 62 5.38 -25.78 11.74
CA GLU C 62 5.78 -25.56 13.12
C GLU C 62 5.28 -24.23 13.65
N PHE C 63 4.61 -24.30 14.79
CA PHE C 63 4.08 -23.15 15.48
C PHE C 63 4.82 -22.89 16.78
N ASN C 64 4.84 -21.63 17.20
CA ASN C 64 5.40 -21.29 18.50
C ASN C 64 4.68 -20.09 19.06
N MET C 65 3.69 -20.33 19.91
CA MET C 65 2.85 -19.27 20.44
C MET C 65 3.59 -18.31 21.35
N TRP C 66 4.78 -18.68 21.79
CA TRP C 66 5.48 -17.85 22.74
C TRP C 66 6.34 -16.82 22.05
N LYS C 67 6.45 -16.92 20.73
CA LYS C 67 7.31 -16.04 19.94
C LYS C 67 6.48 -15.40 18.85
N ASN C 68 5.18 -15.42 19.03
CA ASN C 68 4.21 -14.95 18.07
C ASN C 68 3.99 -13.46 18.15
N ASN C 69 4.41 -12.72 17.13
CA ASN C 69 4.34 -11.26 17.17
C ASN C 69 2.93 -10.72 17.03
N MET C 70 1.97 -11.59 16.76
CA MET C 70 0.60 -11.13 16.65
C MET C 70 0.15 -10.69 18.02
N VAL C 71 0.72 -11.31 19.05
CA VAL C 71 0.33 -11.02 20.41
C VAL C 71 0.83 -9.66 20.77
N GLU C 72 2.06 -9.37 20.40
CA GLU C 72 2.62 -8.09 20.74
C GLU C 72 1.87 -7.00 20.01
N GLN C 73 1.49 -7.22 18.75
CA GLN C 73 0.74 -6.18 18.09
C GLN C 73 -0.60 -6.00 18.76
N MET C 74 -1.29 -7.08 19.11
CA MET C 74 -2.59 -6.90 19.72
C MET C 74 -2.48 -6.10 20.99
N HIS C 75 -1.45 -6.34 21.77
CA HIS C 75 -1.24 -5.61 23.01
C HIS C 75 -1.07 -4.13 22.73
N GLU C 76 -0.19 -3.80 21.80
CA GLU C 76 0.03 -2.40 21.48
C GLU C 76 -1.21 -1.70 20.94
N ASP C 77 -1.97 -2.38 20.07
CA ASP C 77 -3.14 -1.72 19.49
C ASP C 77 -4.22 -1.50 20.51
N ILE C 78 -4.42 -2.41 21.43
CA ILE C 78 -5.43 -2.20 22.44
C ILE C 78 -5.07 -1.06 23.33
N ILE C 79 -3.83 -0.98 23.75
CA ILE C 79 -3.48 0.13 24.61
C ILE C 79 -3.67 1.42 23.87
N SER C 80 -3.24 1.49 22.61
CA SER C 80 -3.40 2.72 21.87
C SER C 80 -4.85 3.11 21.74
N LEU C 81 -5.75 2.18 21.43
CA LEU C 81 -7.15 2.59 21.31
C LEU C 81 -7.69 3.08 22.62
N TRP C 82 -7.32 2.42 23.70
CA TRP C 82 -7.80 2.82 24.99
C TRP C 82 -7.39 4.25 25.25
N ASP C 83 -6.11 4.56 25.07
CA ASP C 83 -5.67 5.91 25.35
C ASP C 83 -6.33 6.94 24.46
N GLN C 84 -6.56 6.62 23.20
CA GLN C 84 -7.19 7.58 22.31
C GLN C 84 -8.58 7.94 22.78
N SER C 85 -9.29 6.96 23.30
CA SER C 85 -10.66 7.15 23.72
C SER C 85 -10.78 8.08 24.90
N LEU C 86 -9.69 8.32 25.63
CA LEU C 86 -9.75 9.16 26.80
C LEU C 86 -9.28 10.56 26.51
N LYS C 87 -8.87 10.84 25.29
CA LYS C 87 -8.38 12.19 25.07
C LYS C 87 -9.47 13.25 25.13
N PRO C 88 -10.62 13.12 24.44
CA PRO C 88 -11.66 14.12 24.44
C PRO C 88 -12.54 13.99 25.66
N CYS C 89 -11.96 14.08 26.84
CA CYS C 89 -12.68 13.89 28.09
C CYS C 89 -12.22 14.88 29.15
N VAL C 90 -12.91 14.91 30.28
CA VAL C 90 -12.62 15.85 31.35
C VAL C 90 -11.39 15.54 32.18
N LYS C 91 -10.54 16.54 32.38
CA LYS C 91 -9.35 16.38 33.19
C LYS C 91 -9.74 16.70 34.61
N LEU C 92 -9.66 15.74 35.51
CA LEU C 92 -10.13 15.98 36.85
C LEU C 92 -9.03 16.44 37.76
N THR C 93 -8.51 17.62 37.48
CA THR C 93 -7.45 18.16 38.29
C THR C 93 -7.99 18.94 39.50
N PRO C 94 -9.19 19.54 39.47
CA PRO C 94 -9.81 20.22 40.58
C PRO C 94 -10.15 19.28 41.74
N LEU C 95 -10.09 17.97 41.52
CA LEU C 95 -10.41 17.06 42.60
C LEU C 95 -9.22 16.78 43.46
N CYS C 96 -8.02 17.13 43.03
CA CYS C 96 -6.91 16.75 43.88
C CYS C 96 -6.61 17.84 44.89
N VAL C 97 -7.44 17.82 45.93
CA VAL C 97 -7.48 18.75 47.04
C VAL C 97 -7.55 18.04 48.38
N THR C 98 -7.28 18.75 49.47
CA THR C 98 -7.50 18.11 50.76
C THR C 98 -8.97 17.79 50.83
N LEU C 99 -9.29 16.58 51.18
CA LEU C 99 -10.63 16.09 51.24
C LEU C 99 -11.02 15.75 52.70
N GLN C 100 -12.20 16.17 53.15
CA GLN C 100 -12.59 15.86 54.53
C GLN C 100 -13.60 14.74 54.59
N CYS C 101 -13.21 13.60 55.16
CA CYS C 101 -14.09 12.43 55.10
C CYS C 101 -14.50 11.88 56.46
N THR C 102 -15.71 11.32 56.45
CA THR C 102 -16.27 10.53 57.54
C THR C 102 -16.84 9.22 56.99
N ASN C 103 -17.29 8.33 57.85
CA ASN C 103 -17.85 7.08 57.34
C ASN C 103 -19.27 7.29 56.83
N TYR C 104 -19.60 6.72 55.68
CA TYR C 104 -20.93 6.85 55.12
C TYR C 104 -22.04 6.31 55.97
N ALA C 105 -21.86 5.11 56.47
CA ALA C 105 -22.85 4.46 57.28
C ALA C 105 -22.20 3.91 58.51
N PRO C 106 -21.89 4.72 59.53
CA PRO C 106 -21.19 4.29 60.72
C PRO C 106 -22.04 3.34 61.55
N LYS C 107 -23.35 3.43 61.35
CA LYS C 107 -24.27 2.55 62.04
C LYS C 107 -24.43 1.33 61.18
N LEU C 108 -23.40 0.53 61.14
CA LEU C 108 -23.41 -0.62 60.27
C LEU C 108 -22.42 -1.67 60.74
N ARG C 109 -22.87 -2.92 60.81
CA ARG C 109 -21.96 -3.99 61.19
C ARG C 109 -21.66 -4.92 60.02
N SER C 110 -22.19 -4.57 58.87
CA SER C 110 -22.10 -5.37 57.67
C SER C 110 -20.70 -5.37 57.14
N MET C 111 -20.47 -6.12 56.07
CA MET C 111 -19.11 -6.18 55.53
C MET C 111 -18.73 -4.86 54.92
N MET C 112 -19.72 -3.99 54.74
CA MET C 112 -19.53 -2.69 54.15
C MET C 112 -19.18 -1.65 55.20
N ARG C 113 -19.04 -2.07 56.44
CA ARG C 113 -18.67 -1.12 57.45
C ARG C 113 -17.30 -0.60 57.10
N GLY C 114 -17.17 0.71 56.97
CA GLY C 114 -15.90 1.34 56.68
C GLY C 114 -15.52 1.35 55.19
N GLU C 115 -16.35 0.77 54.33
CA GLU C 115 -16.02 0.69 52.91
C GLU C 115 -16.36 1.93 52.11
N ILE C 116 -17.39 2.66 52.53
CA ILE C 116 -17.77 3.85 51.79
C ILE C 116 -17.60 5.06 52.66
N LYS C 117 -16.90 6.06 52.16
CA LYS C 117 -16.68 7.28 52.89
C LYS C 117 -17.38 8.48 52.27
N ASN C 118 -17.89 9.31 53.14
CA ASN C 118 -18.63 10.51 52.78
C ASN C 118 -17.74 11.73 52.93
N CYS C 119 -17.33 12.28 51.79
CA CYS C 119 -16.33 13.32 51.83
C CYS C 119 -16.77 14.67 51.29
N SER C 120 -16.18 15.74 51.82
CA SER C 120 -16.46 17.07 51.28
C SER C 120 -15.25 17.71 50.59
N PHE C 121 -15.58 18.48 49.56
CA PHE C 121 -14.67 19.25 48.73
C PHE C 121 -15.00 20.70 48.54
N ASN C 122 -13.98 21.50 48.28
CA ASN C 122 -14.20 22.84 47.76
C ASN C 122 -13.86 22.83 46.27
N MET C 123 -14.86 22.69 45.43
CA MET C 123 -14.70 22.53 43.98
C MET C 123 -14.76 23.79 43.20
N THR C 124 -14.17 23.76 42.02
CA THR C 124 -14.25 24.88 41.11
C THR C 124 -15.62 24.87 40.49
N THR C 125 -15.97 25.94 39.83
CA THR C 125 -17.22 26.01 39.12
C THR C 125 -17.02 26.67 37.80
N GLU C 126 -18.10 27.04 37.15
CA GLU C 126 -17.97 27.62 35.83
C GLU C 126 -17.19 28.90 35.85
N LEU C 127 -17.40 29.72 36.87
CA LEU C 127 -16.69 30.96 36.95
C LEU C 127 -15.54 30.77 37.91
N ARG C 128 -14.43 31.41 37.59
CA ARG C 128 -13.20 31.34 38.38
C ARG C 128 -13.28 32.00 39.74
N ASP C 129 -14.28 32.81 39.93
CA ASP C 129 -14.46 33.54 41.17
C ASP C 129 -15.24 32.78 42.22
N LYS C 130 -15.78 31.62 41.87
CA LYS C 130 -16.60 30.89 42.81
C LYS C 130 -16.12 29.49 43.13
N LYS C 131 -16.57 28.98 44.27
CA LYS C 131 -16.30 27.62 44.71
C LYS C 131 -17.59 26.94 45.10
N GLN C 132 -17.62 25.61 45.01
CA GLN C 132 -18.79 24.86 45.40
C GLN C 132 -18.46 23.96 46.57
N LYS C 133 -19.38 23.80 47.50
CA LYS C 133 -19.12 22.84 48.55
C LYS C 133 -19.80 21.57 48.14
N VAL C 134 -19.02 20.55 47.91
CA VAL C 134 -19.54 19.31 47.36
C VAL C 134 -19.38 18.08 48.20
N TYR C 135 -20.47 17.37 48.39
CA TYR C 135 -20.40 16.11 49.10
C TYR C 135 -20.53 14.96 48.14
N SER C 136 -19.67 13.97 48.30
CA SER C 136 -19.70 12.80 47.43
C SER C 136 -19.21 11.57 48.14
N LEU C 137 -19.55 10.41 47.61
CA LEU C 137 -19.11 9.19 48.22
C LEU C 137 -17.96 8.56 47.48
N PHE C 138 -17.02 8.02 48.24
CA PHE C 138 -15.89 7.31 47.72
C PHE C 138 -15.73 5.96 48.32
N TYR C 139 -15.16 5.06 47.57
CA TYR C 139 -14.84 3.79 48.14
C TYR C 139 -13.54 3.94 48.88
N ARG C 140 -13.37 3.20 49.94
CA ARG C 140 -12.17 3.27 50.75
C ARG C 140 -10.89 3.13 49.96
N LEU C 141 -10.89 2.30 48.95
CA LEU C 141 -9.68 2.06 48.19
C LEU C 141 -9.23 3.21 47.31
N ASP C 142 -10.07 4.21 47.14
CA ASP C 142 -9.72 5.34 46.32
C ASP C 142 -9.14 6.50 47.09
N VAL C 143 -9.08 6.41 48.43
CA VAL C 143 -8.56 7.53 49.20
C VAL C 143 -7.49 7.08 50.18
N VAL C 144 -6.64 8.01 50.56
CA VAL C 144 -5.64 7.74 51.55
C VAL C 144 -5.64 8.81 52.62
N GLN C 145 -5.47 8.41 53.87
CA GLN C 145 -5.45 9.41 54.92
C GLN C 145 -4.07 10.03 55.01
N ILE C 146 -4.02 11.36 55.07
CA ILE C 146 -2.76 12.08 55.17
C ILE C 146 -2.52 12.73 56.50
N ASN C 147 -3.56 12.85 57.31
CA ASN C 147 -3.47 13.44 58.64
C ASN C 147 -3.07 14.91 58.54
N LYS C 159 -11.01 12.37 58.53
CA LYS C 159 -10.51 13.71 58.30
C LYS C 159 -9.17 13.67 57.59
N GLU C 160 -8.84 14.75 56.89
CA GLU C 160 -7.57 14.86 56.20
C GLU C 160 -7.16 13.70 55.28
N TYR C 161 -7.92 13.53 54.20
CA TYR C 161 -7.74 12.54 53.14
C TYR C 161 -7.41 13.15 51.80
N ARG C 162 -6.80 12.39 50.92
CA ARG C 162 -6.62 12.83 49.54
C ARG C 162 -6.92 11.68 48.59
N LEU C 163 -7.21 11.97 47.33
CA LEU C 163 -7.40 10.87 46.42
C LEU C 163 -6.09 10.15 46.28
N ILE C 164 -6.15 8.85 46.16
CA ILE C 164 -4.96 8.04 46.10
C ILE C 164 -3.96 8.40 45.02
N ASN C 165 -4.39 8.88 43.87
CA ASN C 165 -3.47 9.20 42.79
C ASN C 165 -2.77 10.54 42.93
N CYS C 166 -3.11 11.33 43.92
CA CYS C 166 -2.52 12.64 43.96
C CYS C 166 -1.02 12.72 44.07
N ASN C 167 -0.34 11.74 44.65
CA ASN C 167 1.11 11.89 44.73
C ASN C 167 1.82 11.04 43.70
N THR C 168 1.06 10.56 42.71
CA THR C 168 1.62 9.78 41.63
C THR C 168 1.30 10.36 40.26
N SER C 169 0.02 10.68 40.00
CA SER C 169 -0.36 11.10 38.66
C SER C 169 -1.65 11.88 38.50
N ALA C 170 -1.79 12.52 37.35
CA ALA C 170 -3.03 13.18 36.95
C ALA C 170 -4.06 12.14 36.61
N ILE C 171 -5.34 12.49 36.77
CA ILE C 171 -6.43 11.60 36.46
C ILE C 171 -7.46 12.18 35.49
N THR C 172 -7.90 11.36 34.54
CA THR C 172 -8.89 11.73 33.52
C THR C 172 -10.21 11.00 33.69
N GLN C 173 -11.34 11.68 33.58
CA GLN C 173 -12.63 11.03 33.70
C GLN C 173 -12.95 10.33 32.43
N ALA C 174 -13.33 9.08 32.54
CA ALA C 174 -13.72 8.38 31.34
C ALA C 174 -14.97 9.02 30.83
N CYS C 175 -15.08 9.20 29.53
CA CYS C 175 -16.30 9.75 29.03
C CYS C 175 -17.46 8.81 29.32
N PRO C 176 -18.57 9.29 29.89
CA PRO C 176 -19.73 8.51 30.29
C PRO C 176 -20.50 7.92 29.12
N LYS C 177 -20.23 8.43 27.95
CA LYS C 177 -20.89 7.99 26.72
C LYS C 177 -20.18 6.80 26.08
N VAL C 178 -19.01 6.43 26.60
CA VAL C 178 -18.21 5.38 26.02
C VAL C 178 -18.37 4.04 26.74
N SER C 179 -18.66 3.00 25.97
CA SER C 179 -18.84 1.65 26.50
C SER C 179 -17.55 0.86 26.61
N PHE C 180 -17.46 0.03 27.61
CA PHE C 180 -16.28 -0.82 27.77
C PHE C 180 -16.54 -2.26 27.32
N GLU C 181 -17.65 -2.47 26.62
CA GLU C 181 -17.98 -3.80 26.15
C GLU C 181 -16.93 -4.31 25.15
N PRO C 182 -16.35 -5.51 25.34
CA PRO C 182 -15.30 -6.10 24.53
C PRO C 182 -15.79 -6.68 23.21
N ILE C 183 -16.12 -5.80 22.29
CA ILE C 183 -16.59 -6.18 20.96
C ILE C 183 -15.48 -6.90 20.19
N PRO C 184 -15.72 -8.07 19.56
CA PRO C 184 -14.74 -8.85 18.82
C PRO C 184 -14.04 -8.11 17.72
N ILE C 185 -12.74 -8.34 17.63
CA ILE C 185 -11.90 -7.77 16.60
C ILE C 185 -11.22 -8.86 15.79
N HIS C 186 -11.29 -8.76 14.47
CA HIS C 186 -10.66 -9.73 13.60
C HIS C 186 -9.34 -9.16 13.14
N TYR C 187 -8.30 -9.99 12.98
CA TYR C 187 -7.03 -9.49 12.44
C TYR C 187 -6.76 -10.04 11.07
N CYS C 188 -6.61 -9.14 10.11
CA CYS C 188 -6.48 -9.54 8.72
C CYS C 188 -5.09 -9.26 8.15
N ALA C 189 -4.63 -10.17 7.29
CA ALA C 189 -3.33 -10.00 6.65
C ALA C 189 -3.38 -9.06 5.47
N PRO C 190 -2.33 -8.29 5.21
CA PRO C 190 -2.15 -7.47 4.05
C PRO C 190 -1.83 -8.35 2.88
N ALA C 191 -2.07 -7.88 1.66
CA ALA C 191 -1.74 -8.71 0.51
C ALA C 191 -0.27 -9.05 0.53
N GLY C 192 0.03 -10.28 0.15
CA GLY C 192 1.39 -10.79 0.14
C GLY C 192 1.66 -11.67 1.34
N PHE C 193 0.75 -11.65 2.30
CA PHE C 193 0.83 -12.44 3.53
C PHE C 193 -0.38 -13.31 3.75
N ALA C 194 -0.19 -14.35 4.56
CA ALA C 194 -1.28 -15.24 4.89
C ALA C 194 -1.25 -15.64 6.33
N ILE C 195 -2.41 -15.94 6.89
CA ILE C 195 -2.45 -16.39 8.26
C ILE C 195 -2.75 -17.87 8.28
N LEU C 196 -1.94 -18.63 8.99
CA LEU C 196 -2.18 -20.05 9.00
C LEU C 196 -2.72 -20.48 10.35
N LYS C 197 -3.79 -21.27 10.34
CA LYS C 197 -4.33 -21.85 11.56
C LYS C 197 -3.62 -23.12 11.84
N CYS C 198 -3.44 -23.43 13.10
CA CYS C 198 -2.77 -24.67 13.48
C CYS C 198 -3.76 -25.83 13.40
N LYS C 199 -4.84 -25.74 14.15
CA LYS C 199 -5.97 -26.68 14.17
C LYS C 199 -5.77 -28.11 14.58
N ASP C 200 -4.70 -28.45 15.27
CA ASP C 200 -4.69 -29.81 15.72
C ASP C 200 -5.45 -29.76 17.00
N LYS C 201 -5.98 -30.87 17.41
CA LYS C 201 -6.64 -30.88 18.70
C LYS C 201 -5.56 -31.17 19.69
N LYS C 202 -5.74 -30.74 20.91
CA LYS C 202 -4.74 -31.02 21.92
C LYS C 202 -3.38 -30.44 21.52
N PHE C 203 -3.42 -29.25 20.93
CA PHE C 203 -2.21 -28.55 20.55
C PHE C 203 -1.76 -27.70 21.70
N ASN C 204 -0.52 -27.91 22.12
CA ASN C 204 0.00 -27.28 23.31
C ASN C 204 0.77 -25.99 23.08
N GLY C 205 0.65 -25.41 21.91
CA GLY C 205 1.27 -24.14 21.63
C GLY C 205 2.55 -24.20 20.83
N THR C 206 3.20 -25.35 20.77
CA THR C 206 4.39 -25.41 19.97
C THR C 206 4.44 -26.65 19.11
N GLY C 207 5.23 -26.60 18.05
CA GLY C 207 5.46 -27.79 17.28
C GLY C 207 4.57 -27.94 16.04
N PRO C 208 4.64 -29.09 15.39
CA PRO C 208 4.10 -29.43 14.10
C PRO C 208 2.61 -29.74 13.88
N CYS C 209 1.70 -28.79 13.98
CA CYS C 209 0.33 -29.21 13.65
C CYS C 209 0.28 -29.71 12.20
N PRO C 210 -0.30 -30.90 11.93
CA PRO C 210 -0.54 -31.52 10.64
C PRO C 210 -1.90 -31.19 10.00
N SER C 211 -2.66 -30.30 10.62
CA SER C 211 -4.04 -30.01 10.20
C SER C 211 -4.23 -28.57 9.81
N VAL C 212 -3.15 -27.98 9.38
CA VAL C 212 -3.05 -26.58 9.04
C VAL C 212 -3.93 -26.12 7.91
N SER C 213 -4.52 -24.95 8.08
CA SER C 213 -5.37 -24.36 7.05
C SER C 213 -5.09 -22.88 6.94
N THR C 214 -5.42 -22.28 5.81
CA THR C 214 -5.14 -20.85 5.65
C THR C 214 -6.34 -19.97 5.57
N VAL C 215 -6.23 -18.83 6.23
CA VAL C 215 -7.28 -17.82 6.23
C VAL C 215 -6.72 -16.46 5.90
N GLN C 216 -7.59 -15.56 5.46
CA GLN C 216 -7.17 -14.21 5.19
C GLN C 216 -7.23 -13.40 6.46
N CYS C 217 -8.12 -13.81 7.35
CA CYS C 217 -8.36 -13.05 8.54
C CYS C 217 -8.82 -13.97 9.66
N THR C 218 -8.41 -13.68 10.89
CA THR C 218 -8.72 -14.49 12.06
C THR C 218 -10.16 -14.33 12.43
N HIS C 219 -10.61 -15.17 13.36
CA HIS C 219 -11.95 -15.09 13.86
C HIS C 219 -11.98 -13.90 14.76
N GLY C 220 -13.14 -13.51 15.25
CA GLY C 220 -13.14 -12.35 16.11
C GLY C 220 -12.67 -12.74 17.49
N ILE C 221 -11.81 -11.92 18.05
CA ILE C 221 -11.34 -12.13 19.40
C ILE C 221 -11.82 -11.02 20.29
N LYS C 222 -12.46 -11.38 21.38
CA LYS C 222 -12.94 -10.36 22.29
C LYS C 222 -11.81 -9.91 23.19
N PRO C 223 -11.48 -8.63 23.26
CA PRO C 223 -10.41 -8.08 24.08
C PRO C 223 -10.86 -7.99 25.52
N VAL C 224 -11.09 -9.12 26.13
CA VAL C 224 -11.54 -9.17 27.52
C VAL C 224 -10.33 -9.06 28.40
N VAL C 225 -10.37 -8.17 29.37
CA VAL C 225 -9.26 -7.97 30.26
C VAL C 225 -9.54 -8.44 31.67
N SER C 226 -8.74 -9.39 32.14
CA SER C 226 -8.86 -9.95 33.49
C SER C 226 -7.56 -10.53 33.99
N THR C 227 -7.53 -10.78 35.29
CA THR C 227 -6.39 -11.45 35.94
C THR C 227 -6.89 -12.72 36.60
N GLN C 228 -6.00 -13.63 37.02
CA GLN C 228 -6.34 -14.88 37.74
C GLN C 228 -7.11 -15.89 36.87
N LEU C 229 -8.32 -15.53 36.45
CA LEU C 229 -9.22 -16.35 35.64
C LEU C 229 -9.57 -15.63 34.35
N LEU C 230 -9.51 -16.35 33.24
CA LEU C 230 -9.82 -15.78 31.94
C LEU C 230 -11.29 -15.95 31.67
N LEU C 231 -11.90 -14.92 31.15
CA LEU C 231 -13.31 -14.97 30.89
C LEU C 231 -13.67 -14.86 29.44
N ASN C 232 -14.78 -15.47 29.09
CA ASN C 232 -15.42 -15.35 27.79
C ASN C 232 -14.50 -15.68 26.62
N GLY C 233 -13.62 -16.67 26.75
CA GLY C 233 -12.73 -17.04 25.66
C GLY C 233 -13.17 -18.32 24.99
N SER C 234 -12.24 -18.93 24.27
CA SER C 234 -12.55 -20.17 23.58
C SER C 234 -12.36 -21.33 24.53
N LEU C 235 -12.92 -22.48 24.17
CA LEU C 235 -12.75 -23.70 24.94
C LEU C 235 -11.94 -24.71 24.20
N ALA C 236 -11.29 -25.59 24.96
CA ALA C 236 -10.51 -26.70 24.42
C ALA C 236 -11.47 -27.66 23.75
N GLU C 237 -11.03 -28.32 22.70
CA GLU C 237 -11.89 -29.21 21.94
C GLU C 237 -12.33 -30.46 22.67
N GLU C 238 -11.40 -31.06 23.41
CA GLU C 238 -11.71 -32.31 24.08
C GLU C 238 -11.35 -32.37 25.55
N GLU C 239 -10.16 -31.89 25.90
CA GLU C 239 -9.65 -32.02 27.25
C GLU C 239 -8.86 -30.81 27.63
N VAL C 240 -8.67 -30.61 28.92
CA VAL C 240 -7.94 -29.46 29.37
C VAL C 240 -6.52 -29.47 28.83
N ILE C 241 -6.10 -28.34 28.28
CA ILE C 241 -4.77 -28.24 27.71
C ILE C 241 -3.90 -27.32 28.52
N ILE C 242 -2.75 -27.80 28.92
CA ILE C 242 -1.86 -26.98 29.71
C ILE C 242 -0.67 -26.50 28.89
N ARG C 243 -0.53 -25.19 28.76
CA ARG C 243 0.53 -24.64 27.93
C ARG C 243 1.53 -23.78 28.69
N SER C 244 2.80 -23.97 28.40
CA SER C 244 3.86 -23.17 28.98
C SER C 244 5.06 -23.08 28.08
N GLU C 245 5.74 -21.94 28.12
CA GLU C 245 6.98 -21.76 27.37
C GLU C 245 8.00 -22.78 27.82
N ASN C 246 8.01 -23.02 29.12
CA ASN C 246 8.90 -23.98 29.75
C ASN C 246 8.25 -24.48 31.02
N ILE C 247 7.63 -25.65 30.96
CA ILE C 247 6.87 -26.12 32.10
C ILE C 247 7.73 -26.49 33.29
N THR C 248 9.03 -26.61 33.08
CA THR C 248 9.92 -26.98 34.17
C THR C 248 10.54 -25.75 34.79
N ASN C 249 10.21 -24.57 34.27
CA ASN C 249 10.72 -23.32 34.78
C ASN C 249 9.63 -22.67 35.64
N ASN C 250 9.81 -22.65 36.94
CA ASN C 250 8.73 -22.18 37.81
C ASN C 250 8.49 -20.68 37.72
N ALA C 251 9.35 -19.97 37.01
CA ALA C 251 9.19 -18.54 36.85
C ALA C 251 8.24 -18.21 35.72
N LYS C 252 7.81 -19.20 34.95
CA LYS C 252 6.92 -18.97 33.83
C LYS C 252 5.49 -19.19 34.23
N ASN C 253 4.57 -18.55 33.53
CA ASN C 253 3.17 -18.81 33.78
C ASN C 253 2.70 -19.99 32.98
N ILE C 254 1.72 -20.67 33.52
CA ILE C 254 1.06 -21.77 32.90
C ILE C 254 -0.33 -21.36 32.50
N LEU C 255 -0.65 -21.51 31.23
CA LEU C 255 -1.95 -21.10 30.77
C LEU C 255 -2.81 -22.34 30.61
N VAL C 256 -3.91 -22.41 31.32
CA VAL C 256 -4.73 -23.59 31.27
C VAL C 256 -6.03 -23.33 30.54
N GLN C 257 -6.28 -24.05 29.46
CA GLN C 257 -7.50 -23.89 28.67
C GLN C 257 -8.50 -24.96 29.03
N LEU C 258 -9.68 -24.56 29.44
CA LEU C 258 -10.66 -25.55 29.86
C LEU C 258 -11.49 -26.05 28.71
N ASN C 259 -11.98 -27.30 28.81
CA ASN C 259 -12.84 -27.84 27.77
C ASN C 259 -14.31 -27.66 28.08
N THR C 260 -14.59 -27.06 29.23
CA THR C 260 -15.93 -26.77 29.68
C THR C 260 -15.89 -25.41 30.32
N PRO C 261 -16.93 -24.59 30.22
CA PRO C 261 -17.04 -23.32 30.87
C PRO C 261 -17.39 -23.51 32.32
N VAL C 262 -17.01 -22.58 33.16
CA VAL C 262 -17.54 -22.57 34.52
C VAL C 262 -18.33 -21.29 34.65
N GLN C 263 -19.60 -21.38 34.93
CA GLN C 263 -20.36 -20.15 34.94
C GLN C 263 -20.14 -19.38 36.22
N ILE C 264 -19.92 -18.08 36.08
CA ILE C 264 -19.77 -17.17 37.20
C ILE C 264 -20.75 -16.00 37.13
N ASN C 265 -21.48 -15.78 38.22
CA ASN C 265 -22.44 -14.69 38.29
C ASN C 265 -22.00 -13.60 39.25
N CYS C 266 -21.64 -12.44 38.74
CA CYS C 266 -21.14 -11.38 39.61
C CYS C 266 -22.13 -10.25 39.76
N THR C 267 -22.10 -9.61 40.91
CA THR C 267 -23.00 -8.51 41.13
C THR C 267 -22.55 -7.44 42.11
N ARG C 268 -23.16 -6.28 41.92
CA ARG C 268 -23.07 -5.16 42.82
C ARG C 268 -24.48 -4.87 43.31
N PRO C 269 -24.91 -5.50 44.41
CA PRO C 269 -26.25 -5.52 44.92
C PRO C 269 -26.57 -4.27 45.70
N SER C 270 -26.47 -3.13 45.06
CA SER C 270 -26.73 -1.88 45.77
C SER C 270 -27.24 -0.87 44.79
N ASN C 271 -28.35 -0.22 45.09
CA ASN C 271 -28.90 0.72 44.14
C ASN C 271 -28.26 2.09 44.28
N ASN C 272 -27.32 2.41 43.39
CA ASN C 272 -26.58 3.64 43.57
C ASN C 272 -27.14 4.75 42.73
N THR C 273 -27.07 5.96 43.27
CA THR C 273 -27.50 7.16 42.58
C THR C 273 -26.33 8.01 42.19
N VAL C 274 -26.32 8.37 40.92
CA VAL C 274 -25.29 9.17 40.30
C VAL C 274 -25.71 10.62 40.16
N LYS C 275 -24.84 11.51 40.61
CA LYS C 275 -25.04 12.94 40.57
C LYS C 275 -24.01 13.61 39.70
N SER C 276 -24.28 14.82 39.22
CA SER C 276 -23.25 15.50 38.47
C SER C 276 -23.20 16.99 38.75
N ILE C 277 -21.98 17.51 38.67
CA ILE C 277 -21.62 18.90 38.87
C ILE C 277 -20.79 19.54 37.78
N ARG C 278 -21.17 20.72 37.31
CA ARG C 278 -20.32 21.38 36.33
C ARG C 278 -19.15 21.89 37.12
N ILE C 279 -17.94 21.64 36.65
CA ILE C 279 -16.73 22.08 37.36
C ILE C 279 -15.91 23.06 36.56
N GLY C 280 -16.45 23.45 35.44
CA GLY C 280 -15.79 24.36 34.54
C GLY C 280 -16.66 24.60 33.33
N PRO C 281 -16.25 25.48 32.42
CA PRO C 281 -16.95 25.88 31.24
C PRO C 281 -16.96 24.78 30.21
N GLY C 282 -17.89 23.86 30.38
CA GLY C 282 -18.03 22.69 29.52
C GLY C 282 -17.55 21.39 30.12
N GLN C 283 -17.24 21.37 31.40
CA GLN C 283 -16.79 20.13 32.01
C GLN C 283 -17.69 19.73 33.14
N ALA C 284 -17.96 18.43 33.25
CA ALA C 284 -18.78 17.98 34.34
C ALA C 284 -18.22 16.73 34.93
N PHE C 285 -18.35 16.69 36.24
CA PHE C 285 -17.91 15.61 37.06
C PHE C 285 -19.05 14.75 37.48
N TYR C 286 -18.92 13.46 37.26
CA TYR C 286 -19.95 12.53 37.66
C TYR C 286 -19.50 11.80 38.89
N TYR C 287 -20.39 11.63 39.83
CA TYR C 287 -19.99 10.99 41.05
C TYR C 287 -21.07 10.23 41.75
N PHE C 288 -20.63 9.45 42.71
CA PHE C 288 -21.49 8.61 43.51
C PHE C 288 -22.14 9.47 44.54
N GLY C 289 -23.43 9.64 44.39
CA GLY C 289 -24.25 10.51 45.19
C GLY C 289 -24.69 9.87 46.47
N ASP C 290 -25.50 8.84 46.32
CA ASP C 290 -26.06 8.17 47.49
C ASP C 290 -26.41 6.73 47.19
N VAL C 291 -26.90 6.01 48.19
CA VAL C 291 -27.31 4.62 48.05
C VAL C 291 -28.74 4.42 48.53
N LEU C 292 -29.56 3.80 47.71
CA LEU C 292 -30.91 3.54 48.12
C LEU C 292 -30.98 2.09 48.55
N GLY C 293 -31.81 1.79 49.53
CA GLY C 293 -31.89 0.43 50.01
C GLY C 293 -30.75 0.20 50.98
N HIS C 294 -30.37 -1.05 51.18
CA HIS C 294 -29.35 -1.40 52.13
C HIS C 294 -28.02 -1.33 51.44
N VAL C 295 -26.96 -1.15 52.22
CA VAL C 295 -25.63 -1.19 51.64
C VAL C 295 -25.14 -2.63 51.75
N ARG C 296 -24.80 -3.24 50.62
CA ARG C 296 -24.36 -4.63 50.61
C ARG C 296 -23.09 -4.77 49.78
N MET C 297 -22.28 -5.77 50.10
CA MET C 297 -21.03 -5.98 49.38
C MET C 297 -21.17 -6.74 48.08
N ALA C 298 -20.35 -6.32 47.11
CA ALA C 298 -20.22 -6.93 45.81
C ALA C 298 -19.68 -8.33 45.95
N HIS C 299 -20.10 -9.23 45.07
CA HIS C 299 -19.63 -10.60 45.17
C HIS C 299 -19.84 -11.40 43.90
N CYS C 300 -19.17 -12.57 43.81
CA CYS C 300 -19.40 -13.48 42.69
C CYS C 300 -19.73 -14.93 43.09
N ASN C 301 -20.72 -15.50 42.42
CA ASN C 301 -21.21 -16.85 42.64
C ASN C 301 -20.69 -17.88 41.65
N ILE C 302 -19.95 -18.85 42.16
CA ILE C 302 -19.38 -19.93 41.37
C ILE C 302 -19.93 -21.29 41.81
N SER C 303 -20.45 -22.09 40.87
CA SER C 303 -20.98 -23.39 41.29
C SER C 303 -19.89 -24.19 41.95
N LYS C 304 -20.17 -24.72 43.14
CA LYS C 304 -19.15 -25.42 43.87
C LYS C 304 -18.82 -26.74 43.22
N ALA C 305 -19.85 -27.45 42.80
CA ALA C 305 -19.61 -28.74 42.21
C ALA C 305 -18.83 -28.62 40.92
N THR C 306 -19.15 -27.61 40.11
CA THR C 306 -18.48 -27.46 38.85
C THR C 306 -17.03 -27.08 39.08
N TRP C 307 -16.78 -26.18 40.01
CA TRP C 307 -15.42 -25.79 40.25
C TRP C 307 -14.58 -26.96 40.71
N ASN C 308 -15.09 -27.78 41.62
CA ASN C 308 -14.26 -28.87 42.09
C ASN C 308 -13.98 -29.87 40.97
N GLU C 309 -14.99 -30.12 40.11
CA GLU C 309 -14.76 -31.04 39.01
C GLU C 309 -13.69 -30.49 38.09
N THR C 310 -13.75 -29.19 37.84
CA THR C 310 -12.84 -28.51 36.96
C THR C 310 -11.42 -28.64 37.47
N LEU C 311 -11.20 -28.44 38.76
CA LEU C 311 -9.84 -28.60 39.23
C LEU C 311 -9.41 -30.04 39.09
N GLY C 312 -10.31 -30.99 39.33
CA GLY C 312 -9.88 -32.36 39.21
C GLY C 312 -9.33 -32.62 37.81
N LYS C 313 -9.98 -32.08 36.78
CA LYS C 313 -9.49 -32.24 35.43
C LYS C 313 -8.14 -31.58 35.23
N VAL C 314 -7.94 -30.40 35.80
CA VAL C 314 -6.68 -29.71 35.66
C VAL C 314 -5.56 -30.51 36.30
N VAL C 315 -5.82 -31.07 37.47
CA VAL C 315 -4.84 -31.86 38.18
C VAL C 315 -4.49 -33.10 37.39
N LYS C 316 -5.49 -33.77 36.84
CA LYS C 316 -5.22 -34.95 36.05
C LYS C 316 -4.22 -34.65 34.95
N GLN C 317 -4.37 -33.49 34.30
CA GLN C 317 -3.44 -33.12 33.25
C GLN C 317 -2.08 -32.66 33.82
N LEU C 318 -2.06 -31.99 34.97
CA LEU C 318 -0.78 -31.57 35.54
C LEU C 318 0.07 -32.77 35.89
N ARG C 319 -0.56 -33.83 36.35
CA ARG C 319 0.21 -35.01 36.74
C ARG C 319 0.97 -35.62 35.56
N LYS C 320 0.59 -35.32 34.32
CA LYS C 320 1.31 -35.85 33.18
C LYS C 320 2.71 -35.27 33.10
N HIS C 321 2.92 -34.13 33.74
CA HIS C 321 4.20 -33.47 33.71
C HIS C 321 4.90 -33.57 35.05
N PHE C 322 4.12 -33.71 36.12
CA PHE C 322 4.71 -33.72 37.45
C PHE C 322 4.79 -35.09 38.15
N GLY C 323 4.12 -36.13 37.64
CA GLY C 323 4.12 -37.48 38.21
C GLY C 323 2.78 -37.92 38.78
N ASN C 324 2.47 -39.22 38.63
CA ASN C 324 1.20 -39.77 39.09
C ASN C 324 1.19 -40.01 40.59
N ASN C 325 2.33 -39.80 41.22
CA ASN C 325 2.49 -39.97 42.63
C ASN C 325 2.91 -38.65 43.27
N THR C 326 2.69 -37.56 42.55
CA THR C 326 3.04 -36.25 43.05
C THR C 326 1.81 -35.54 43.52
N ILE C 327 1.88 -35.02 44.72
CA ILE C 327 0.77 -34.29 45.30
C ILE C 327 0.73 -32.89 44.77
N ILE C 328 -0.44 -32.49 44.32
CA ILE C 328 -0.65 -31.16 43.78
C ILE C 328 -1.60 -30.37 44.61
N ARG C 329 -1.18 -29.20 45.04
CA ARG C 329 -2.10 -28.40 45.80
C ARG C 329 -2.23 -27.02 45.25
N PHE C 330 -3.42 -26.49 45.40
CA PHE C 330 -3.65 -25.13 45.02
C PHE C 330 -3.60 -24.24 46.24
N ALA C 331 -3.09 -23.04 46.03
CA ALA C 331 -2.94 -22.06 47.07
C ALA C 331 -3.19 -20.65 46.61
N GLN C 332 -3.31 -19.77 47.59
CA GLN C 332 -3.60 -18.35 47.44
C GLN C 332 -2.50 -17.56 46.77
N SER C 333 -2.87 -16.43 46.20
CA SER C 333 -1.91 -15.55 45.57
C SER C 333 -0.94 -15.05 46.62
N SER C 334 0.29 -14.74 46.22
CA SER C 334 1.32 -14.39 47.18
C SER C 334 1.49 -12.94 47.64
N GLY C 335 1.00 -11.96 46.91
CA GLY C 335 1.23 -10.59 47.35
C GLY C 335 1.19 -9.58 46.22
N GLY C 336 1.48 -8.34 46.54
CA GLY C 336 1.40 -7.26 45.56
C GLY C 336 0.07 -6.54 45.69
N ASP C 337 -0.27 -5.71 44.71
CA ASP C 337 -1.49 -4.93 44.84
C ASP C 337 -2.69 -5.76 44.40
N LEU C 338 -3.88 -5.17 44.48
CA LEU C 338 -5.08 -5.91 44.13
C LEU C 338 -5.05 -6.42 42.71
N GLU C 339 -4.43 -5.69 41.82
CA GLU C 339 -4.40 -6.18 40.45
C GLU C 339 -3.89 -7.62 40.35
N VAL C 340 -2.92 -8.00 41.19
CA VAL C 340 -2.36 -9.32 41.09
C VAL C 340 -2.72 -10.25 42.24
N THR C 341 -3.25 -9.70 43.34
CA THR C 341 -3.64 -10.58 44.43
C THR C 341 -5.07 -11.03 44.32
N THR C 342 -5.89 -10.31 43.55
CA THR C 342 -7.29 -10.60 43.34
C THR C 342 -7.63 -10.72 41.86
N HIS C 343 -8.80 -11.27 41.60
CA HIS C 343 -9.34 -11.38 40.26
C HIS C 343 -9.85 -10.04 39.88
N SER C 344 -9.66 -9.61 38.67
CA SER C 344 -10.26 -8.34 38.32
C SER C 344 -10.96 -8.43 37.00
N PHE C 345 -12.04 -7.65 36.90
CA PHE C 345 -12.84 -7.56 35.68
C PHE C 345 -13.71 -6.32 35.60
N ASN C 346 -14.19 -6.05 34.40
CA ASN C 346 -15.10 -4.95 34.14
C ASN C 346 -16.51 -5.38 33.75
N CYS C 347 -17.48 -5.11 34.62
CA CYS C 347 -18.88 -5.47 34.37
C CYS C 347 -19.80 -4.27 34.40
N GLY C 348 -20.30 -3.90 33.24
CA GLY C 348 -21.20 -2.76 33.11
C GLY C 348 -20.43 -1.46 33.03
N GLY C 349 -19.12 -1.54 33.15
CA GLY C 349 -18.25 -0.40 33.21
C GLY C 349 -17.72 -0.25 34.64
N GLU C 350 -18.19 -1.09 35.55
CA GLU C 350 -17.73 -1.04 36.93
C GLU C 350 -16.49 -1.92 37.08
N PHE C 351 -15.51 -1.48 37.86
CA PHE C 351 -14.28 -2.26 38.05
C PHE C 351 -14.19 -2.99 39.37
N PHE C 352 -14.25 -4.31 39.27
CA PHE C 352 -14.29 -5.21 40.40
C PHE C 352 -13.01 -5.92 40.68
N TYR C 353 -12.75 -6.13 41.95
CA TYR C 353 -11.65 -6.92 42.45
C TYR C 353 -12.23 -7.99 43.37
N CYS C 354 -11.94 -9.27 43.11
CA CYS C 354 -12.53 -10.34 43.89
C CYS C 354 -11.51 -11.29 44.50
N ASN C 355 -11.79 -11.73 45.70
CA ASN C 355 -10.89 -12.63 46.42
C ASN C 355 -11.08 -14.09 46.02
N THR C 356 -10.08 -14.65 45.35
CA THR C 356 -10.08 -16.00 44.81
C THR C 356 -9.45 -17.00 45.74
N SER C 357 -9.16 -16.59 46.95
CA SER C 357 -8.55 -17.47 47.94
C SER C 357 -9.44 -18.63 48.29
N GLY C 358 -10.74 -18.48 48.04
CA GLY C 358 -11.70 -19.52 48.31
C GLY C 358 -11.74 -20.57 47.19
N LEU C 359 -11.07 -20.31 46.09
CA LEU C 359 -11.06 -21.25 44.99
C LEU C 359 -9.79 -22.06 45.00
N PHE C 360 -8.68 -21.38 45.17
CA PHE C 360 -7.40 -22.05 45.12
C PHE C 360 -6.95 -22.48 46.48
N ASN C 361 -7.70 -23.42 47.01
CA ASN C 361 -7.49 -23.95 48.35
C ASN C 361 -7.78 -25.44 48.39
N SER C 362 -6.75 -26.28 48.28
CA SER C 362 -7.06 -27.70 48.24
C SER C 362 -6.02 -28.68 48.80
N THR C 363 -5.37 -29.37 47.87
CA THR C 363 -4.40 -30.47 48.01
C THR C 363 -5.06 -31.73 47.50
N TRP C 364 -4.64 -32.14 46.32
CA TRP C 364 -5.10 -33.31 45.63
C TRP C 364 -4.08 -34.42 45.71
N ILE C 365 -4.50 -35.57 46.24
CA ILE C 365 -3.58 -36.68 46.40
C ILE C 365 -4.02 -37.86 45.55
N SER C 366 -3.10 -38.35 44.74
CA SER C 366 -3.35 -39.48 43.83
C SER C 366 -3.76 -40.74 44.57
N ASP C 380 -24.80 -26.27 45.63
CA ASP C 380 -23.97 -25.49 46.54
C ASP C 380 -23.10 -24.53 45.74
N SER C 381 -22.64 -23.48 46.40
CA SER C 381 -21.85 -22.47 45.70
C SER C 381 -20.79 -21.80 46.53
N LEU C 382 -19.80 -21.27 45.85
CA LEU C 382 -18.76 -20.55 46.50
C LEU C 382 -18.98 -19.11 46.26
N ILE C 383 -18.72 -18.28 47.27
CA ILE C 383 -18.87 -16.87 47.03
C ILE C 383 -17.57 -16.17 47.16
N LEU C 384 -17.23 -15.40 46.15
CA LEU C 384 -16.01 -14.63 46.22
C LEU C 384 -16.44 -13.25 46.66
N PRO C 385 -15.98 -12.70 47.78
CA PRO C 385 -16.34 -11.39 48.20
C PRO C 385 -15.64 -10.49 47.23
N CYS C 386 -16.23 -9.36 46.93
CA CYS C 386 -15.60 -8.42 46.04
C CYS C 386 -15.80 -7.01 46.51
N TRP C 387 -15.06 -6.14 45.88
CA TRP C 387 -15.17 -4.72 46.08
C TRP C 387 -14.79 -4.01 44.82
N ILE C 388 -15.15 -2.74 44.74
CA ILE C 388 -14.84 -2.01 43.55
C ILE C 388 -14.09 -0.76 43.86
N LYS C 389 -13.45 -0.21 42.84
CA LYS C 389 -12.76 1.07 42.99
C LYS C 389 -12.91 1.89 41.73
N GLN C 390 -12.92 3.22 41.88
CA GLN C 390 -13.08 4.11 40.74
C GLN C 390 -11.78 4.61 40.13
N ILE C 391 -10.67 4.55 40.86
CA ILE C 391 -9.43 5.05 40.26
C ILE C 391 -8.60 3.89 39.76
N ILE C 392 -8.49 3.82 38.45
CA ILE C 392 -7.89 2.69 37.77
C ILE C 392 -6.60 2.99 37.04
N ASN C 393 -5.57 2.19 37.30
CA ASN C 393 -4.31 2.31 36.57
C ASN C 393 -4.17 1.14 35.62
N MET C 394 -4.52 1.34 34.36
CA MET C 394 -4.50 0.24 33.39
C MET C 394 -3.11 -0.09 32.91
N TRP C 395 -2.85 -1.39 32.70
CA TRP C 395 -1.63 -1.92 32.09
C TRP C 395 -0.35 -1.43 32.72
N GLN C 396 -0.35 -1.27 34.02
CA GLN C 396 0.82 -0.82 34.76
C GLN C 396 1.36 0.53 34.28
N ARG C 397 0.52 1.33 33.65
CA ARG C 397 0.95 2.60 33.15
C ARG C 397 0.95 3.63 34.23
N ILE C 398 1.94 3.56 35.07
CA ILE C 398 2.00 4.47 36.19
C ILE C 398 2.23 5.83 35.60
N GLY C 399 1.42 6.79 36.03
CA GLY C 399 1.50 8.14 35.51
C GLY C 399 0.22 8.53 34.77
N GLN C 400 -0.60 7.55 34.40
CA GLN C 400 -1.86 7.84 33.71
C GLN C 400 -3.08 7.16 34.34
N ALA C 401 -3.79 7.85 35.23
CA ALA C 401 -4.91 7.20 35.91
C ALA C 401 -6.23 7.55 35.25
N MET C 402 -7.17 6.63 35.32
CA MET C 402 -8.50 6.88 34.83
C MET C 402 -9.52 6.91 35.95
N TYR C 403 -10.48 7.82 35.85
CA TYR C 403 -11.57 7.84 36.81
C TYR C 403 -12.78 7.23 36.15
N ALA C 404 -13.28 6.15 36.73
CA ALA C 404 -14.43 5.50 36.17
C ALA C 404 -15.67 6.08 36.84
N PRO C 405 -16.58 6.73 36.14
CA PRO C 405 -17.73 7.34 36.75
C PRO C 405 -18.58 6.19 37.19
N PRO C 406 -19.40 6.35 38.22
CA PRO C 406 -20.35 5.40 38.74
C PRO C 406 -21.53 5.17 37.85
N ILE C 407 -22.14 4.02 38.03
CA ILE C 407 -23.30 3.58 37.28
C ILE C 407 -24.60 3.54 38.06
N GLN C 408 -25.57 4.28 37.55
CA GLN C 408 -26.88 4.38 38.17
C GLN C 408 -27.56 3.03 38.20
N GLY C 409 -28.09 2.63 39.34
CA GLY C 409 -28.78 1.35 39.43
C GLY C 409 -27.90 0.26 40.02
N VAL C 410 -28.19 -0.98 39.64
CA VAL C 410 -27.53 -2.14 40.20
C VAL C 410 -26.89 -2.91 39.08
N ILE C 411 -25.91 -3.73 39.39
CA ILE C 411 -25.25 -4.50 38.35
C ILE C 411 -25.31 -5.98 38.51
N ARG C 412 -25.72 -6.65 37.44
CA ARG C 412 -25.71 -8.10 37.39
C ARG C 412 -24.98 -8.47 36.12
N CYS C 413 -23.98 -9.32 36.24
CA CYS C 413 -23.14 -9.68 35.11
C CYS C 413 -22.81 -11.16 35.07
N VAL C 414 -23.08 -11.79 33.95
CA VAL C 414 -22.86 -13.23 33.85
C VAL C 414 -21.90 -13.57 32.74
N SER C 415 -20.91 -14.37 33.07
CA SER C 415 -19.86 -14.78 32.14
C SER C 415 -19.35 -16.15 32.48
N ASN C 416 -18.61 -16.79 31.58
CA ASN C 416 -18.00 -18.04 32.03
C ASN C 416 -16.49 -17.96 32.04
N ILE C 417 -15.91 -18.75 32.92
CA ILE C 417 -14.49 -18.92 33.03
C ILE C 417 -14.14 -19.93 31.99
N THR C 418 -13.21 -19.58 31.12
CA THR C 418 -12.83 -20.46 30.03
C THR C 418 -11.39 -20.93 30.14
N GLY C 419 -10.70 -20.44 31.13
CA GLY C 419 -9.31 -20.77 31.36
C GLY C 419 -8.78 -20.03 32.55
N LEU C 420 -7.60 -20.39 32.98
CA LEU C 420 -6.97 -19.78 34.15
C LEU C 420 -5.46 -19.67 34.04
N ILE C 421 -4.88 -18.73 34.78
CA ILE C 421 -3.43 -18.59 34.77
C ILE C 421 -2.80 -19.00 36.08
N LEU C 422 -1.88 -19.95 36.02
CA LEU C 422 -1.18 -20.46 37.20
C LEU C 422 0.33 -20.27 37.20
N THR C 423 0.91 -20.17 38.37
CA THR C 423 2.36 -20.13 38.56
C THR C 423 2.77 -21.16 39.58
N ARG C 424 4.07 -21.26 39.84
CA ARG C 424 4.56 -22.28 40.78
C ARG C 424 5.54 -21.82 41.82
N ASP C 425 5.41 -22.39 43.01
CA ASP C 425 6.39 -22.09 44.04
C ASP C 425 7.75 -22.58 43.60
N THR C 432 8.29 -34.05 48.13
CA THR C 432 8.45 -33.30 46.89
C THR C 432 7.11 -33.10 46.23
N THR C 433 6.30 -32.22 46.80
CA THR C 433 4.98 -31.88 46.30
C THR C 433 5.06 -30.61 45.48
N GLU C 434 4.00 -30.30 44.73
CA GLU C 434 3.99 -29.07 43.95
C GLU C 434 2.87 -28.14 44.38
N THR C 435 3.14 -26.84 44.36
CA THR C 435 2.12 -25.85 44.72
C THR C 435 1.88 -24.86 43.62
N PHE C 436 0.61 -24.71 43.28
CA PHE C 436 0.20 -23.82 42.23
C PHE C 436 -0.60 -22.67 42.77
N ARG C 437 -0.31 -21.50 42.25
CA ARG C 437 -0.99 -20.28 42.67
C ARG C 437 -1.46 -19.52 41.44
N PRO C 438 -2.50 -18.73 41.50
CA PRO C 438 -2.93 -17.87 40.42
C PRO C 438 -1.90 -16.81 40.01
N GLY C 439 -1.86 -16.51 38.71
CA GLY C 439 -1.01 -15.46 38.14
C GLY C 439 -1.84 -14.35 37.46
N GLY C 440 -1.18 -13.43 36.74
CA GLY C 440 -1.88 -12.34 36.07
C GLY C 440 -1.01 -11.11 35.87
N GLY C 441 -1.64 -9.96 35.65
CA GLY C 441 -0.96 -8.68 35.45
C GLY C 441 -0.50 -8.41 34.02
N ASP C 442 0.27 -9.33 33.46
CA ASP C 442 0.75 -9.14 32.10
C ASP C 442 -0.29 -9.63 31.13
N MET C 443 -0.94 -8.68 30.48
CA MET C 443 -2.09 -8.94 29.62
C MET C 443 -1.72 -9.71 28.38
N ARG C 444 -0.45 -9.77 28.06
CA ARG C 444 -0.07 -10.49 26.87
C ARG C 444 -0.51 -11.94 27.00
N ASP C 445 -0.54 -12.48 28.22
CA ASP C 445 -0.92 -13.86 28.39
C ASP C 445 -2.40 -14.07 28.14
N ASN C 446 -3.22 -13.04 28.24
CA ASN C 446 -4.61 -13.26 27.98
C ASN C 446 -4.78 -13.41 26.49
N TRP C 447 -3.94 -12.71 25.75
CA TRP C 447 -4.02 -12.74 24.31
C TRP C 447 -3.26 -13.93 23.74
N ARG C 448 -2.26 -14.43 24.45
CA ARG C 448 -1.58 -15.62 23.97
C ARG C 448 -2.56 -16.76 23.92
N SER C 449 -3.49 -16.79 24.86
CA SER C 449 -4.51 -17.83 24.90
C SER C 449 -5.53 -17.79 23.76
N GLU C 450 -5.58 -16.70 22.99
CA GLU C 450 -6.52 -16.60 21.87
C GLU C 450 -5.82 -16.75 20.53
N LEU C 451 -4.60 -16.23 20.45
CA LEU C 451 -3.82 -16.20 19.23
C LEU C 451 -2.85 -17.36 19.04
N TYR C 452 -2.89 -18.34 19.91
CA TYR C 452 -1.99 -19.48 19.86
C TYR C 452 -2.19 -20.31 18.60
N LYS C 453 -3.35 -20.17 18.00
CA LYS C 453 -3.70 -20.91 16.82
C LYS C 453 -3.18 -20.31 15.57
N TYR C 454 -2.68 -19.07 15.59
CA TYR C 454 -2.33 -18.44 14.33
C TYR C 454 -0.90 -18.02 14.15
N LYS C 455 -0.40 -18.13 12.93
CA LYS C 455 0.91 -17.57 12.61
C LYS C 455 0.85 -16.83 11.30
N VAL C 456 1.71 -15.83 11.12
CA VAL C 456 1.71 -15.08 9.88
C VAL C 456 2.92 -15.38 9.04
N VAL C 457 2.68 -15.71 7.77
CA VAL C 457 3.78 -16.01 6.90
C VAL C 457 3.77 -15.14 5.66
N LYS C 458 4.94 -14.91 5.11
CA LYS C 458 5.10 -14.14 3.90
C LYS C 458 5.12 -15.07 2.74
N ILE C 459 4.42 -14.72 1.69
CA ILE C 459 4.38 -15.57 0.53
C ILE C 459 5.52 -15.17 -0.38
N GLU C 460 6.27 -16.15 -0.86
CA GLU C 460 7.39 -15.86 -1.73
C GLU C 460 7.29 -16.62 -3.04
N PRO C 461 6.43 -16.18 -3.95
CA PRO C 461 6.00 -16.89 -5.13
C PRO C 461 6.97 -16.85 -6.27
N LEU C 462 8.19 -17.21 -6.04
CA LEU C 462 9.14 -17.23 -7.12
C LEU C 462 10.18 -18.28 -6.88
N GLY C 463 10.41 -19.13 -7.85
CA GLY C 463 11.44 -20.12 -7.66
C GLY C 463 11.87 -20.76 -8.93
N VAL C 464 12.88 -21.60 -8.82
CA VAL C 464 13.43 -22.25 -9.97
C VAL C 464 13.51 -23.73 -9.73
N ALA C 465 13.56 -24.50 -10.81
CA ALA C 465 13.70 -25.94 -10.74
C ALA C 465 14.21 -26.43 -12.08
N PRO C 466 14.92 -27.56 -12.17
CA PRO C 466 15.32 -28.13 -13.42
C PRO C 466 14.15 -28.69 -14.20
N THR C 467 14.11 -28.40 -15.48
CA THR C 467 13.12 -28.91 -16.43
C THR C 467 13.82 -29.24 -17.71
N ARG C 468 13.13 -29.82 -18.67
CA ARG C 468 13.80 -30.07 -19.93
C ARG C 468 13.49 -29.12 -21.10
N CYS C 469 13.75 -27.82 -20.99
CA CYS C 469 13.55 -26.96 -22.16
C CYS C 469 14.56 -25.81 -22.19
N LYS C 470 14.90 -25.34 -23.40
CA LYS C 470 15.93 -24.31 -23.58
C LYS C 470 15.57 -22.93 -24.09
N ARG C 471 14.34 -22.51 -23.99
CA ARG C 471 13.91 -21.19 -24.47
C ARG C 471 13.88 -21.04 -25.99
N ARG C 472 15.05 -21.14 -26.62
CA ARG C 472 15.30 -21.09 -28.06
C ARG C 472 16.72 -20.58 -28.29
N LEU D 9 -9.51 -25.84 -5.98
CA LEU D 9 -8.88 -25.66 -4.68
C LEU D 9 -9.01 -24.24 -4.15
N GLY D 10 -7.95 -23.44 -4.29
CA GLY D 10 -7.93 -22.09 -3.78
C GLY D 10 -6.50 -21.73 -3.40
N PHE D 11 -6.33 -20.54 -2.87
CA PHE D 11 -5.01 -20.04 -2.51
C PHE D 11 -4.29 -20.96 -1.54
N LEU D 12 -3.09 -21.35 -1.93
CA LEU D 12 -2.19 -22.26 -1.25
C LEU D 12 -2.74 -23.67 -1.11
N GLY D 13 -3.83 -23.99 -1.78
CA GLY D 13 -4.41 -25.30 -1.68
C GLY D 13 -3.46 -26.39 -2.14
N ALA D 14 -2.61 -26.06 -3.09
CA ALA D 14 -1.66 -27.00 -3.68
C ALA D 14 -0.36 -27.05 -2.90
N ALA D 15 -0.26 -26.35 -1.80
CA ALA D 15 1.00 -26.30 -1.07
C ALA D 15 1.50 -27.68 -0.67
N GLY D 16 0.62 -28.62 -0.37
CA GLY D 16 1.09 -29.96 0.02
C GLY D 16 1.23 -30.94 -1.15
N SER D 17 0.95 -30.50 -2.37
CA SER D 17 0.99 -31.36 -3.54
C SER D 17 2.37 -31.37 -4.14
N THR D 18 2.62 -32.27 -5.06
CA THR D 18 3.93 -32.30 -5.63
C THR D 18 4.15 -31.12 -6.52
N MET D 19 5.40 -30.85 -6.84
CA MET D 19 5.75 -29.73 -7.69
C MET D 19 5.07 -29.79 -9.02
N GLY D 20 4.97 -30.98 -9.60
CA GLY D 20 4.31 -31.10 -10.88
C GLY D 20 2.88 -30.63 -10.76
N ALA D 21 2.13 -31.19 -9.82
CA ALA D 21 0.73 -30.83 -9.65
C ALA D 21 0.53 -29.37 -9.28
N ALA D 22 1.43 -28.85 -8.47
CA ALA D 22 1.35 -27.49 -7.97
C ALA D 22 1.68 -26.48 -9.03
N SER D 23 2.41 -26.89 -10.08
CA SER D 23 2.77 -25.97 -11.14
C SER D 23 1.53 -25.55 -11.92
N MET D 24 0.41 -26.23 -11.74
CA MET D 24 -0.79 -25.87 -12.45
C MET D 24 -1.68 -24.85 -11.73
N THR D 25 -1.28 -24.37 -10.55
CA THR D 25 -2.08 -23.41 -9.77
C THR D 25 -1.39 -22.07 -9.61
N LEU D 26 -0.45 -21.76 -10.48
CA LEU D 26 0.34 -20.55 -10.36
C LEU D 26 -0.53 -19.31 -10.51
N THR D 27 -1.57 -19.39 -11.31
CA THR D 27 -2.47 -18.27 -11.53
C THR D 27 -3.15 -17.89 -10.22
N VAL D 28 -3.52 -18.89 -9.45
CA VAL D 28 -4.22 -18.67 -8.21
C VAL D 28 -3.35 -17.94 -7.25
N GLN D 29 -2.11 -18.34 -7.15
CA GLN D 29 -1.25 -17.68 -6.22
C GLN D 29 -0.92 -16.26 -6.67
N ALA D 30 -0.70 -16.06 -7.95
CA ALA D 30 -0.31 -14.73 -8.43
C ALA D 30 -1.40 -13.70 -8.18
N ARG D 31 -2.64 -14.10 -8.31
CA ARG D 31 -3.73 -13.17 -8.14
C ARG D 31 -3.98 -12.74 -6.72
N ASN D 32 -3.36 -13.38 -5.75
CA ASN D 32 -3.56 -13.05 -4.35
C ASN D 32 -2.40 -12.27 -3.77
N LEU D 33 -1.55 -11.75 -4.65
CA LEU D 33 -0.43 -10.96 -4.18
C LEU D 33 -0.75 -9.49 -4.10
N LEU D 34 -1.76 -9.03 -4.82
CA LEU D 34 -2.12 -7.64 -4.80
C LEU D 34 -3.39 -7.39 -4.01
N SER D 35 -3.48 -6.22 -3.40
CA SER D 35 -4.66 -5.80 -2.64
C SER D 35 -5.94 -6.48 -3.09
N GLY D 61 -2.83 5.41 11.36
CA GLY D 61 -3.16 4.69 10.14
C GLY D 61 -1.90 4.48 9.32
N ILE D 62 -0.84 5.11 9.77
CA ILE D 62 0.43 5.02 9.10
C ILE D 62 0.98 3.63 9.10
N LYS D 63 0.88 2.88 10.19
CA LYS D 63 1.47 1.57 10.15
C LYS D 63 0.85 0.69 9.06
N GLN D 64 -0.45 0.83 8.86
CA GLN D 64 -1.11 0.03 7.84
C GLN D 64 -0.78 0.58 6.47
N LEU D 65 -0.65 1.88 6.34
CA LEU D 65 -0.34 2.42 5.05
C LEU D 65 1.07 2.00 4.66
N GLN D 66 1.99 1.96 5.61
CA GLN D 66 3.33 1.53 5.29
C GLN D 66 3.33 0.09 4.85
N ALA D 67 2.52 -0.75 5.46
CA ALA D 67 2.46 -2.13 5.04
C ALA D 67 2.01 -2.24 3.59
N ARG D 68 1.08 -1.38 3.17
CA ARG D 68 0.60 -1.42 1.80
C ARG D 68 1.65 -0.93 0.83
N VAL D 69 2.38 0.10 1.20
CA VAL D 69 3.40 0.60 0.31
C VAL D 69 4.47 -0.45 0.15
N LEU D 70 4.83 -1.10 1.25
CA LEU D 70 5.84 -2.13 1.15
C LEU D 70 5.36 -3.29 0.31
N ALA D 71 4.11 -3.70 0.43
CA ALA D 71 3.66 -4.80 -0.41
C ALA D 71 3.87 -4.46 -1.86
N VAL D 72 3.63 -3.21 -2.24
CA VAL D 72 3.86 -2.80 -3.60
C VAL D 72 5.33 -2.84 -3.95
N GLU D 73 6.20 -2.34 -3.08
CA GLU D 73 7.62 -2.38 -3.43
C GLU D 73 8.11 -3.82 -3.59
N HIS D 74 7.63 -4.71 -2.76
CA HIS D 74 8.06 -6.10 -2.85
C HIS D 74 7.64 -6.68 -4.19
N TYR D 75 6.37 -6.48 -4.54
CA TYR D 75 5.83 -6.99 -5.78
C TYR D 75 6.64 -6.49 -6.95
N LEU D 76 6.91 -5.20 -6.98
CA LEU D 76 7.63 -4.65 -8.09
C LEU D 76 9.03 -5.20 -8.16
N ARG D 77 9.69 -5.47 -7.04
CA ARG D 77 11.03 -6.05 -7.15
C ARG D 77 10.99 -7.38 -7.83
N ASP D 78 9.99 -8.22 -7.53
CA ASP D 78 9.97 -9.50 -8.22
C ASP D 78 9.68 -9.31 -9.69
N GLN D 79 8.84 -8.36 -10.05
CA GLN D 79 8.57 -8.17 -11.44
C GLN D 79 9.79 -7.63 -12.16
N GLN D 80 10.56 -6.76 -11.51
CA GLN D 80 11.74 -6.23 -12.14
C GLN D 80 12.73 -7.34 -12.40
N LEU D 81 12.85 -8.23 -11.45
CA LEU D 81 13.80 -9.30 -11.56
C LEU D 81 13.42 -10.22 -12.71
N LEU D 82 12.15 -10.54 -12.84
CA LEU D 82 11.74 -11.39 -13.94
C LEU D 82 12.00 -10.71 -15.27
N GLY D 83 11.77 -9.40 -15.34
CA GLY D 83 12.03 -8.68 -16.57
C GLY D 83 13.51 -8.72 -16.94
N ILE D 84 14.39 -8.56 -15.95
CA ILE D 84 15.82 -8.58 -16.19
C ILE D 84 16.26 -9.90 -16.74
N TRP D 85 15.72 -10.99 -16.23
CA TRP D 85 16.04 -12.34 -16.69
C TRP D 85 15.50 -12.69 -18.07
N GLY D 86 14.72 -11.78 -18.68
CA GLY D 86 14.17 -12.04 -20.00
C GLY D 86 12.87 -12.79 -19.95
N CYS D 87 12.21 -12.75 -18.83
CA CYS D 87 10.97 -13.45 -18.66
C CYS D 87 9.92 -12.50 -18.13
N SER D 88 9.14 -11.89 -19.00
CA SER D 88 8.24 -10.84 -18.55
C SER D 88 6.82 -11.31 -18.27
N GLY D 89 5.94 -11.22 -19.24
CA GLY D 89 4.54 -11.59 -19.01
C GLY D 89 4.29 -13.09 -19.06
N LYS D 90 5.00 -13.83 -18.22
CA LYS D 90 4.91 -15.28 -18.19
C LYS D 90 4.89 -15.82 -16.79
N LEU D 91 4.12 -16.89 -16.55
CA LEU D 91 4.22 -17.50 -15.24
C LEU D 91 5.27 -18.58 -15.30
N ILE D 92 5.46 -19.17 -16.48
CA ILE D 92 6.46 -20.21 -16.64
C ILE D 92 7.39 -19.86 -17.77
N CYS D 93 8.68 -19.82 -17.55
CA CYS D 93 9.55 -19.60 -18.68
C CYS D 93 10.85 -20.29 -18.47
N CYS D 94 11.41 -20.81 -19.53
CA CYS D 94 12.70 -21.45 -19.40
C CYS D 94 13.76 -20.70 -20.12
N THR D 95 14.98 -20.90 -19.66
CA THR D 95 16.14 -20.22 -20.17
C THR D 95 17.29 -21.10 -20.60
N ASN D 96 18.41 -20.47 -20.90
CA ASN D 96 19.62 -21.13 -21.40
C ASN D 96 20.66 -21.43 -20.34
N VAL D 97 20.30 -21.32 -19.09
CA VAL D 97 21.24 -21.65 -18.04
C VAL D 97 21.02 -23.11 -17.74
N PRO D 98 22.02 -23.99 -17.87
CA PRO D 98 21.94 -25.41 -17.61
C PRO D 98 21.87 -25.62 -16.14
N TRP D 99 21.28 -26.72 -15.71
CA TRP D 99 21.27 -26.99 -14.30
C TRP D 99 22.59 -27.61 -13.95
N ASN D 100 23.25 -27.10 -12.93
CA ASN D 100 24.49 -27.65 -12.43
C ASN D 100 24.17 -28.76 -11.46
N SER D 101 24.76 -29.91 -11.60
CA SER D 101 24.45 -31.02 -10.71
C SER D 101 24.84 -30.77 -9.25
N SER D 102 25.72 -29.80 -9.03
CA SER D 102 26.14 -29.47 -7.69
C SER D 102 25.00 -28.79 -6.95
N TRP D 103 24.00 -28.30 -7.68
CA TRP D 103 22.88 -27.62 -7.09
C TRP D 103 21.85 -28.66 -6.73
N SER D 104 22.20 -29.47 -5.78
CA SER D 104 21.35 -30.51 -5.28
C SER D 104 20.72 -31.42 -6.34
N ASN D 105 21.51 -32.05 -7.21
CA ASN D 105 20.87 -32.97 -8.13
C ASN D 105 20.09 -34.05 -7.42
N ARG D 106 18.84 -34.19 -7.83
CA ARG D 106 17.90 -35.15 -7.35
C ARG D 106 17.16 -35.71 -8.54
N ASN D 107 17.85 -36.31 -9.49
CA ASN D 107 17.13 -36.90 -10.62
C ASN D 107 16.25 -35.87 -11.30
N LEU D 108 15.18 -36.33 -11.97
CA LEU D 108 14.21 -35.39 -12.50
C LEU D 108 12.81 -35.71 -11.98
N SER D 109 12.35 -36.96 -12.20
CA SER D 109 11.02 -37.34 -11.75
C SER D 109 10.97 -37.37 -10.23
N GLU D 110 12.11 -37.60 -9.61
CA GLU D 110 12.22 -37.59 -8.16
C GLU D 110 11.80 -36.22 -7.63
N ILE D 111 12.04 -35.16 -8.40
CA ILE D 111 11.66 -33.85 -7.94
C ILE D 111 10.23 -33.60 -8.34
N TRP D 112 9.93 -33.69 -9.61
CA TRP D 112 8.62 -33.24 -10.01
C TRP D 112 7.44 -34.05 -9.54
N ASP D 113 7.61 -35.37 -9.37
CA ASP D 113 6.52 -36.21 -8.95
C ASP D 113 6.63 -36.70 -7.52
N ASN D 114 7.61 -36.21 -6.75
CA ASN D 114 7.76 -36.75 -5.40
C ASN D 114 8.28 -35.72 -4.40
N MET D 115 8.09 -34.45 -4.67
CA MET D 115 8.57 -33.45 -3.76
C MET D 115 7.61 -32.29 -3.81
N THR D 116 7.43 -31.55 -2.71
CA THR D 116 6.58 -30.36 -2.74
C THR D 116 7.46 -29.14 -2.94
N TRP D 117 6.88 -28.00 -3.32
CA TRP D 117 7.72 -26.81 -3.51
C TRP D 117 8.35 -26.32 -2.24
N LEU D 118 7.70 -26.57 -1.11
CA LEU D 118 8.22 -26.20 0.18
C LEU D 118 9.47 -26.97 0.52
N GLN D 119 9.59 -28.21 0.04
CA GLN D 119 10.76 -29.00 0.32
C GLN D 119 11.88 -28.61 -0.62
N TRP D 120 11.52 -28.33 -1.87
CA TRP D 120 12.49 -27.95 -2.87
C TRP D 120 13.17 -26.67 -2.48
N ASP D 121 12.40 -25.80 -1.87
CA ASP D 121 12.88 -24.53 -1.41
C ASP D 121 14.01 -24.68 -0.40
N LYS D 122 14.08 -25.80 0.32
CA LYS D 122 15.15 -25.96 1.27
C LYS D 122 16.30 -26.67 0.58
N GLU D 123 15.98 -27.54 -0.37
CA GLU D 123 17.01 -28.33 -1.06
C GLU D 123 18.01 -27.45 -1.75
N ILE D 124 17.54 -26.34 -2.31
CA ILE D 124 18.45 -25.42 -2.99
C ILE D 124 18.52 -24.04 -2.40
N SER D 125 18.24 -23.89 -1.12
CA SER D 125 18.24 -22.54 -0.55
C SER D 125 19.57 -21.81 -0.59
N ASN D 126 20.69 -22.52 -0.66
CA ASN D 126 21.98 -21.85 -0.68
C ASN D 126 22.45 -21.56 -2.09
N TYR D 127 21.64 -21.87 -3.07
CA TYR D 127 22.08 -21.66 -4.43
C TYR D 127 21.28 -20.63 -5.18
N THR D 128 20.30 -20.00 -4.55
CA THR D 128 19.46 -19.11 -5.32
C THR D 128 20.17 -17.88 -5.77
N GLN D 129 21.15 -17.41 -5.03
CA GLN D 129 21.82 -16.21 -5.50
C GLN D 129 22.74 -16.52 -6.67
N ILE D 130 23.26 -17.73 -6.70
CA ILE D 130 24.14 -18.12 -7.78
C ILE D 130 23.32 -18.24 -9.02
N ILE D 131 22.18 -18.90 -8.89
CA ILE D 131 21.32 -19.09 -10.01
C ILE D 131 20.83 -17.77 -10.51
N TYR D 132 20.42 -16.87 -9.65
CA TYR D 132 19.93 -15.61 -10.14
C TYR D 132 21.00 -14.87 -10.87
N GLY D 133 22.23 -14.88 -10.40
CA GLY D 133 23.26 -14.18 -11.12
C GLY D 133 23.44 -14.74 -12.53
N LEU D 134 23.38 -16.06 -12.65
CA LEU D 134 23.51 -16.67 -13.96
C LEU D 134 22.36 -16.33 -14.85
N LEU D 135 21.16 -16.24 -14.30
CA LEU D 135 20.01 -15.90 -15.10
C LEU D 135 20.12 -14.51 -15.66
N GLU D 136 20.71 -13.57 -14.91
CA GLU D 136 20.87 -12.22 -15.43
C GLU D 136 21.96 -12.15 -16.49
N GLU D 137 23.05 -12.89 -16.27
CA GLU D 137 24.13 -12.81 -17.23
C GLU D 137 23.73 -13.42 -18.55
N SER D 138 23.04 -14.56 -18.51
CA SER D 138 22.64 -15.20 -19.75
C SER D 138 21.32 -14.66 -20.24
N GLN D 139 21.26 -13.36 -20.27
CA GLN D 139 20.22 -12.51 -20.80
C GLN D 139 20.93 -11.40 -21.42
N ASN D 140 21.86 -10.79 -20.69
CA ASN D 140 22.56 -9.68 -21.29
C ASN D 140 23.31 -10.17 -22.52
N GLN D 141 23.75 -11.42 -22.49
CA GLN D 141 24.40 -11.97 -23.64
C GLN D 141 23.41 -12.09 -24.79
N GLN D 142 22.15 -12.39 -24.48
CA GLN D 142 21.16 -12.56 -25.50
C GLN D 142 20.74 -11.24 -26.07
N GLU D 143 20.60 -10.22 -25.25
CA GLU D 143 20.17 -8.94 -25.79
C GLU D 143 21.20 -8.41 -26.75
N LYS D 144 22.47 -8.56 -26.43
CA LYS D 144 23.46 -8.09 -27.37
C LYS D 144 23.44 -8.90 -28.64
N ASN D 145 23.26 -10.21 -28.56
CA ASN D 145 23.27 -10.95 -29.79
C ASN D 145 22.08 -10.55 -30.65
N GLU D 146 20.92 -10.29 -30.06
CA GLU D 146 19.78 -9.90 -30.87
C GLU D 146 20.00 -8.54 -31.50
N GLN D 147 20.61 -7.61 -30.76
CA GLN D 147 20.85 -6.29 -31.30
C GLN D 147 21.76 -6.39 -32.49
N ASP D 148 22.76 -7.27 -32.45
CA ASP D 148 23.65 -7.37 -33.60
C ASP D 148 22.96 -8.06 -34.78
N LEU D 149 22.15 -9.07 -34.55
CA LEU D 149 21.51 -9.73 -35.68
C LEU D 149 20.57 -8.82 -36.43
N LEU D 150 19.91 -7.94 -35.71
CA LEU D 150 19.00 -7.01 -36.36
C LEU D 150 19.71 -5.96 -37.17
N ALA D 151 21.01 -5.87 -37.03
CA ALA D 151 21.79 -4.89 -37.75
C ALA D 151 22.23 -5.42 -39.10
N LEU D 152 21.95 -6.69 -39.39
CA LEU D 152 22.36 -7.19 -40.68
C LEU D 152 21.30 -6.82 -41.69
N ASP D 153 21.69 -6.52 -42.91
CA ASP D 153 20.72 -6.17 -43.94
C ASP D 153 20.35 -7.35 -44.82
N VAL E 2 -45.18 -16.17 68.16
CA VAL E 2 -44.75 -17.26 69.02
C VAL E 2 -45.02 -16.92 70.48
N GLN E 3 -44.58 -17.76 71.39
CA GLN E 3 -44.80 -17.49 72.80
C GLN E 3 -43.63 -17.78 73.72
N LEU E 4 -43.45 -16.89 74.68
CA LEU E 4 -42.49 -17.07 75.76
C LEU E 4 -43.26 -17.19 77.05
N VAL E 5 -43.10 -18.33 77.72
CA VAL E 5 -43.87 -18.61 78.92
C VAL E 5 -43.05 -18.46 80.18
N GLN E 6 -43.44 -17.54 81.03
CA GLN E 6 -42.66 -17.28 82.23
C GLN E 6 -43.25 -17.87 83.50
N SER E 7 -42.39 -18.02 84.51
CA SER E 7 -42.83 -18.52 85.83
C SER E 7 -43.76 -17.51 86.51
N GLY E 8 -44.52 -17.98 87.50
CA GLY E 8 -45.46 -17.11 88.19
C GLY E 8 -44.79 -16.22 89.24
N ALA E 9 -45.60 -15.36 89.84
CA ALA E 9 -45.11 -14.40 90.81
C ALA E 9 -44.63 -15.04 92.11
N GLU E 10 -43.63 -14.41 92.71
CA GLU E 10 -43.11 -14.83 94.01
C GLU E 10 -42.94 -13.63 94.94
N VAL E 11 -43.17 -13.86 96.24
CA VAL E 11 -42.94 -12.81 97.24
C VAL E 11 -41.92 -13.31 98.25
N LYS E 12 -40.84 -12.56 98.39
CA LYS E 12 -39.73 -12.94 99.24
C LYS E 12 -39.25 -11.85 100.19
N LYS E 13 -38.55 -12.27 101.24
CA LYS E 13 -37.93 -11.32 102.15
C LYS E 13 -36.52 -10.98 101.65
N PRO E 14 -35.96 -9.82 101.98
CA PRO E 14 -34.62 -9.47 101.59
C PRO E 14 -33.63 -10.56 102.05
N GLY E 15 -32.69 -10.87 101.15
CA GLY E 15 -31.66 -11.89 101.31
C GLY E 15 -32.04 -13.20 100.61
N ALA E 16 -33.32 -13.30 100.23
CA ALA E 16 -33.92 -14.45 99.56
C ALA E 16 -33.61 -14.53 98.07
N SER E 17 -34.16 -15.57 97.44
CA SER E 17 -33.99 -15.73 96.01
C SER E 17 -35.26 -16.26 95.34
N VAL E 18 -35.40 -15.94 94.05
CA VAL E 18 -36.51 -16.40 93.17
C VAL E 18 -36.00 -16.91 91.83
N LYS E 19 -36.85 -17.66 91.12
CA LYS E 19 -36.42 -18.07 89.78
C LYS E 19 -37.43 -17.76 88.70
N VAL E 20 -36.96 -17.02 87.72
CA VAL E 20 -37.80 -16.62 86.64
C VAL E 20 -37.50 -17.49 85.43
N SER E 21 -38.42 -18.35 85.08
CA SER E 21 -38.19 -19.23 83.94
C SER E 21 -38.74 -18.54 82.73
N CYS E 22 -38.35 -19.02 81.55
CA CYS E 22 -38.92 -18.53 80.29
C CYS E 22 -38.83 -19.60 79.19
N LYS E 23 -39.95 -20.30 78.96
CA LYS E 23 -40.00 -21.41 78.01
C LYS E 23 -40.38 -20.97 76.62
N ALA E 24 -39.66 -21.48 75.64
CA ALA E 24 -39.93 -21.19 74.25
C ALA E 24 -40.97 -22.09 73.64
N SER E 25 -41.86 -21.50 72.85
CA SER E 25 -42.80 -22.27 72.06
C SER E 25 -43.08 -21.58 70.72
N GLY E 26 -43.05 -22.36 69.63
CA GLY E 26 -43.34 -21.84 68.29
C GLY E 26 -42.10 -21.49 67.45
N TYR E 27 -40.92 -21.66 68.01
CA TYR E 27 -39.67 -21.38 67.29
C TYR E 27 -38.58 -22.24 67.90
N THR E 28 -37.45 -22.35 67.21
CA THR E 28 -36.32 -23.11 67.75
C THR E 28 -35.70 -22.38 68.92
N PHE E 29 -35.54 -23.06 70.03
CA PHE E 29 -34.98 -22.43 71.23
C PHE E 29 -33.61 -21.84 70.99
N THR E 30 -32.73 -22.61 70.38
CA THR E 30 -31.40 -22.13 70.13
C THR E 30 -31.33 -21.29 68.86
N GLY E 31 -30.23 -20.53 68.68
CA GLY E 31 -30.07 -19.69 67.47
C GLY E 31 -30.43 -18.21 67.68
N TYR E 32 -30.95 -17.89 68.86
CA TYR E 32 -31.36 -16.54 69.25
C TYR E 32 -30.85 -16.30 70.65
N TYR E 33 -30.71 -15.07 71.09
CA TYR E 33 -30.35 -14.88 72.50
C TYR E 33 -31.57 -14.56 73.32
N MET E 34 -31.53 -15.00 74.57
CA MET E 34 -32.58 -14.66 75.51
C MET E 34 -32.11 -13.56 76.42
N HIS E 35 -32.83 -12.45 76.38
CA HIS E 35 -32.52 -11.26 77.12
C HIS E 35 -33.43 -11.13 78.28
N TRP E 36 -32.94 -10.49 79.31
CA TRP E 36 -33.75 -10.20 80.46
C TRP E 36 -33.78 -8.70 80.69
N VAL E 37 -34.97 -8.20 80.97
CA VAL E 37 -35.25 -6.80 81.24
C VAL E 37 -36.09 -6.62 82.51
N ARG E 38 -35.69 -5.73 83.38
CA ARG E 38 -36.44 -5.46 84.60
C ARG E 38 -37.25 -4.18 84.52
N GLN E 39 -38.45 -4.18 85.08
CA GLN E 39 -39.18 -2.91 85.18
C GLN E 39 -39.85 -2.72 86.53
N ALA E 40 -39.22 -1.93 87.38
CA ALA E 40 -39.73 -1.67 88.73
C ALA E 40 -40.99 -0.84 88.58
N PRO E 41 -41.96 -0.90 89.49
CA PRO E 41 -43.16 -0.11 89.36
C PRO E 41 -42.81 1.35 89.23
N GLY E 42 -43.40 2.00 88.24
CA GLY E 42 -43.18 3.43 88.01
C GLY E 42 -41.89 3.74 87.25
N GLN E 43 -41.12 2.71 86.91
CA GLN E 43 -39.83 2.91 86.25
C GLN E 43 -39.83 2.47 84.80
N GLY E 44 -38.70 2.71 84.13
CA GLY E 44 -38.54 2.34 82.73
C GLY E 44 -37.94 0.96 82.61
N LEU E 45 -37.44 0.64 81.43
CA LEU E 45 -36.92 -0.69 81.14
C LEU E 45 -35.43 -0.80 81.43
N GLU E 46 -35.05 -1.70 82.30
CA GLU E 46 -33.64 -1.86 82.64
C GLU E 46 -33.08 -3.16 82.07
N TRP E 47 -32.10 -3.07 81.17
CA TRP E 47 -31.57 -4.30 80.62
C TRP E 47 -30.74 -4.99 81.69
N MET E 48 -30.94 -6.29 81.88
CA MET E 48 -30.21 -7.03 82.88
C MET E 48 -29.07 -7.82 82.30
N GLY E 49 -29.30 -8.34 81.12
CA GLY E 49 -28.33 -9.23 80.48
C GLY E 49 -28.98 -10.22 79.54
N TRP E 50 -28.17 -11.16 79.05
CA TRP E 50 -28.65 -12.22 78.17
C TRP E 50 -27.88 -13.51 78.30
N ILE E 51 -28.52 -14.58 77.88
CA ILE E 51 -27.90 -15.88 77.77
C ILE E 51 -28.06 -16.49 76.39
N ASN E 52 -27.00 -17.10 75.93
CA ASN E 52 -26.97 -17.82 74.68
C ASN E 52 -27.50 -19.22 74.96
N PRO E 53 -28.69 -19.60 74.50
CA PRO E 53 -29.35 -20.85 74.78
C PRO E 53 -28.62 -22.05 74.20
N ASN E 54 -27.72 -21.81 73.26
CA ASN E 54 -27.03 -22.91 72.65
C ASN E 54 -25.74 -23.21 73.41
N SER E 55 -24.92 -22.18 73.59
CA SER E 55 -23.62 -22.37 74.24
C SER E 55 -23.65 -22.26 75.75
N GLY E 56 -24.63 -21.55 76.29
CA GLY E 56 -24.75 -21.31 77.72
C GLY E 56 -23.99 -20.05 78.15
N GLY E 57 -23.35 -19.35 77.21
CA GLY E 57 -22.59 -18.14 77.52
C GLY E 57 -23.51 -16.99 77.90
N THR E 58 -23.01 -16.09 78.75
CA THR E 58 -23.82 -14.95 79.18
C THR E 58 -23.14 -13.60 79.07
N ASN E 59 -23.98 -12.58 79.14
CA ASN E 59 -23.60 -11.18 79.14
C ASN E 59 -24.44 -10.40 80.13
N TYR E 60 -23.85 -9.94 81.23
CA TYR E 60 -24.64 -9.26 82.24
C TYR E 60 -24.38 -7.79 82.37
N ALA E 61 -25.43 -7.05 82.71
CA ALA E 61 -25.26 -5.66 83.08
C ALA E 61 -24.49 -5.69 84.38
N GLN E 62 -23.66 -4.69 84.59
CA GLN E 62 -22.80 -4.60 85.76
C GLN E 62 -23.54 -4.58 87.10
N LYS E 63 -24.80 -4.20 87.07
CA LYS E 63 -25.65 -4.13 88.26
C LYS E 63 -26.12 -5.50 88.73
N PHE E 64 -26.12 -6.48 87.83
CA PHE E 64 -26.63 -7.80 88.13
C PHE E 64 -25.52 -8.85 88.10
N GLN E 65 -24.39 -8.54 87.47
CA GLN E 65 -23.33 -9.52 87.42
C GLN E 65 -22.98 -9.86 88.88
N GLY E 66 -23.01 -11.14 89.22
CA GLY E 66 -22.68 -11.61 90.57
C GLY E 66 -23.90 -11.75 91.50
N ARG E 67 -25.04 -11.21 91.10
CA ARG E 67 -26.28 -11.27 91.88
C ARG E 67 -27.28 -12.16 91.18
N VAL E 68 -27.19 -12.12 89.87
CA VAL E 68 -28.11 -12.85 89.02
C VAL E 68 -27.38 -13.90 88.24
N THR E 69 -27.93 -15.12 88.27
CA THR E 69 -27.35 -16.21 87.50
C THR E 69 -28.27 -16.62 86.39
N MET E 70 -27.77 -16.59 85.17
CA MET E 70 -28.58 -17.00 84.05
C MET E 70 -28.15 -18.36 83.59
N THR E 71 -29.13 -19.20 83.36
CA THR E 71 -28.86 -20.53 82.87
C THR E 71 -29.90 -20.96 81.86
N ARG E 72 -29.75 -22.17 81.38
CA ARG E 72 -30.66 -22.69 80.39
C ARG E 72 -30.65 -24.21 80.37
N ASP E 73 -31.71 -24.79 79.83
CA ASP E 73 -31.76 -26.21 79.57
C ASP E 73 -32.45 -26.43 78.23
N THR E 74 -31.66 -26.83 77.23
CA THR E 74 -32.17 -26.94 75.87
C THR E 74 -33.12 -28.10 75.71
N SER E 75 -33.08 -29.08 76.62
CA SER E 75 -33.93 -30.26 76.46
C SER E 75 -35.37 -29.94 76.75
N ILE E 76 -35.62 -28.81 77.39
CA ILE E 76 -36.95 -28.39 77.74
C ILE E 76 -37.22 -27.03 77.14
N SER E 77 -36.37 -26.60 76.21
CA SER E 77 -36.47 -25.30 75.55
C SER E 77 -36.68 -24.16 76.54
N THR E 78 -35.95 -24.17 77.67
CA THR E 78 -36.21 -23.13 78.67
C THR E 78 -35.00 -22.37 79.18
N ALA E 79 -35.17 -21.06 79.24
CA ALA E 79 -34.19 -20.15 79.78
C ALA E 79 -34.54 -19.83 81.23
N TYR E 80 -33.53 -19.58 82.05
CA TYR E 80 -33.81 -19.23 83.42
C TYR E 80 -32.98 -18.08 83.94
N MET E 81 -33.59 -17.28 84.79
CA MET E 81 -32.89 -16.25 85.52
C MET E 81 -33.10 -16.38 87.03
N GLU E 82 -32.03 -16.68 87.74
CA GLU E 82 -32.13 -16.83 89.17
C GLU E 82 -31.66 -15.56 89.85
N LEU E 83 -32.54 -14.98 90.63
CA LEU E 83 -32.25 -13.73 91.31
C LEU E 83 -31.94 -14.01 92.75
N SER E 84 -30.69 -13.77 93.16
CA SER E 84 -30.29 -14.08 94.53
C SER E 84 -29.99 -12.82 95.30
N ARG E 85 -29.94 -12.94 96.64
CA ARG E 85 -29.61 -11.79 97.48
C ARG E 85 -30.55 -10.63 97.18
N LEU E 86 -31.84 -10.93 97.12
CA LEU E 86 -32.88 -9.96 96.82
C LEU E 86 -32.99 -8.87 97.84
N ARG E 87 -33.26 -7.67 97.37
CA ARG E 87 -33.45 -6.51 98.23
C ARG E 87 -34.81 -5.91 97.94
N SER E 88 -35.36 -5.08 98.83
CA SER E 88 -36.68 -4.49 98.56
C SER E 88 -36.64 -3.59 97.31
N ASP E 89 -35.44 -3.15 96.97
CA ASP E 89 -35.12 -2.31 95.84
C ASP E 89 -35.37 -3.04 94.52
N ASP E 90 -35.44 -4.37 94.60
CA ASP E 90 -35.59 -5.23 93.44
C ASP E 90 -37.04 -5.59 93.14
N THR E 91 -38.00 -4.97 93.83
CA THR E 91 -39.36 -5.29 93.45
C THR E 91 -39.56 -4.78 92.03
N ALA E 92 -39.95 -5.70 91.15
CA ALA E 92 -40.10 -5.37 89.73
C ALA E 92 -40.75 -6.48 88.95
N VAL E 93 -41.17 -6.17 87.73
CA VAL E 93 -41.59 -7.23 86.84
C VAL E 93 -40.40 -7.61 85.99
N TYR E 94 -40.08 -8.88 85.99
CA TYR E 94 -38.95 -9.40 85.26
C TYR E 94 -39.36 -10.07 83.97
N TYR E 95 -38.91 -9.53 82.85
CA TYR E 95 -39.32 -10.02 81.56
C TYR E 95 -38.23 -10.75 80.81
N CYS E 96 -38.63 -11.77 80.09
CA CYS E 96 -37.72 -12.41 79.17
C CYS E 96 -38.05 -11.95 77.78
N ALA E 97 -37.04 -11.90 76.93
CA ALA E 97 -37.28 -11.53 75.56
C ALA E 97 -36.33 -12.19 74.60
N ARG E 98 -36.77 -12.35 73.38
CA ARG E 98 -35.95 -12.91 72.36
C ARG E 98 -35.68 -11.94 71.25
N ASP E 99 -34.42 -11.93 70.84
CA ASP E 99 -33.96 -11.08 69.75
C ASP E 99 -34.08 -11.75 68.38
N ARG E 100 -33.61 -11.07 67.34
CA ARG E 100 -33.69 -11.59 66.00
C ARG E 100 -32.54 -12.51 65.77
N GLY E 101 -32.63 -13.34 64.74
CA GLY E 101 -31.57 -14.28 64.49
C GLY E 101 -30.42 -13.59 63.82
N ARG E 102 -29.50 -14.37 63.32
CA ARG E 102 -28.31 -13.78 62.74
C ARG E 102 -28.67 -13.20 61.41
N GLU E 103 -28.04 -12.09 61.07
CA GLU E 103 -28.32 -11.46 59.80
C GLU E 103 -27.18 -11.78 58.89
N TRP E 104 -27.36 -12.78 58.07
CA TRP E 104 -26.26 -13.22 57.26
C TRP E 104 -26.16 -12.36 56.04
N GLU E 105 -24.98 -11.88 55.71
CA GLU E 105 -24.82 -11.20 54.45
C GLU E 105 -24.39 -12.24 53.45
N LEU E 106 -23.58 -13.17 53.95
CA LEU E 106 -23.04 -14.32 53.25
C LEU E 106 -22.61 -15.35 54.28
N GLU E 107 -21.53 -15.02 55.01
CA GLU E 107 -20.95 -15.91 56.03
C GLU E 107 -20.81 -15.22 57.40
N SER E 108 -21.46 -14.08 57.53
CA SER E 108 -21.46 -13.18 58.66
C SER E 108 -22.64 -13.26 59.64
N TYR E 109 -22.55 -12.54 60.77
CA TYR E 109 -23.58 -12.59 61.83
C TYR E 109 -24.18 -11.25 62.30
N TYR E 110 -23.28 -10.33 62.66
CA TYR E 110 -23.55 -8.95 63.12
C TYR E 110 -24.19 -8.75 64.50
N TYR E 111 -25.23 -9.51 64.81
CA TYR E 111 -25.88 -9.42 66.13
C TYR E 111 -26.44 -8.05 66.49
N TYR E 112 -27.26 -7.46 65.63
CA TYR E 112 -27.88 -6.20 66.01
C TYR E 112 -28.89 -6.61 67.07
N TYR E 113 -29.14 -5.78 68.09
CA TYR E 113 -30.09 -6.23 69.11
C TYR E 113 -31.43 -5.54 69.08
N TYR E 114 -32.46 -6.36 69.15
CA TYR E 114 -33.85 -5.98 69.14
C TYR E 114 -34.51 -6.84 70.18
N MET E 115 -35.65 -6.45 70.71
CA MET E 115 -36.38 -7.37 71.54
C MET E 115 -37.56 -7.89 70.70
N ASP E 116 -38.77 -7.43 71.02
CA ASP E 116 -40.04 -7.82 70.38
C ASP E 116 -40.64 -9.15 70.75
N VAL E 117 -39.87 -10.21 70.88
CA VAL E 117 -40.57 -11.39 71.29
C VAL E 117 -40.49 -11.34 72.80
N TRP E 118 -41.61 -11.12 73.46
CA TRP E 118 -41.61 -10.93 74.91
C TRP E 118 -42.49 -11.91 75.64
N GLY E 119 -42.10 -12.23 76.86
CA GLY E 119 -42.96 -12.98 77.75
C GLY E 119 -43.86 -11.94 78.42
N LYS E 120 -44.71 -12.35 79.36
CA LYS E 120 -45.60 -11.35 79.97
C LYS E 120 -45.00 -10.71 81.21
N GLY E 121 -43.90 -11.29 81.68
CA GLY E 121 -43.22 -10.81 82.85
C GLY E 121 -43.58 -11.58 84.11
N THR E 122 -42.61 -11.72 85.00
CA THR E 122 -42.82 -12.40 86.27
C THR E 122 -42.70 -11.38 87.37
N THR E 123 -43.72 -11.29 88.20
CA THR E 123 -43.61 -10.29 89.24
C THR E 123 -42.84 -10.85 90.42
N VAL E 124 -41.83 -10.11 90.84
CA VAL E 124 -41.07 -10.46 92.01
C VAL E 124 -41.18 -9.34 93.02
N THR E 125 -41.69 -9.67 94.18
CA THR E 125 -41.86 -8.69 95.24
C THR E 125 -40.94 -9.02 96.37
N VAL E 126 -40.20 -8.02 96.83
CA VAL E 126 -39.31 -8.27 97.92
C VAL E 126 -39.69 -7.32 99.05
N SER E 127 -39.97 -7.88 100.22
CA SER E 127 -40.43 -7.07 101.36
C SER E 127 -40.52 -7.83 102.69
N GLU F 3 -27.24 5.82 79.82
CA GLU F 3 -26.49 6.60 78.85
C GLU F 3 -27.42 7.25 77.86
N LEU F 4 -28.69 6.92 77.98
CA LEU F 4 -29.73 7.46 77.12
C LEU F 4 -30.73 8.32 77.86
N THR F 5 -30.87 9.55 77.38
CA THR F 5 -31.77 10.50 78.00
C THR F 5 -32.89 10.91 77.06
N GLN F 6 -34.10 10.86 77.57
CA GLN F 6 -35.27 11.25 76.80
C GLN F 6 -36.16 12.03 77.77
N PRO F 7 -37.06 12.93 77.31
CA PRO F 7 -37.95 13.71 78.15
C PRO F 7 -38.85 12.80 78.94
N PRO F 8 -39.30 13.17 80.15
CA PRO F 8 -40.24 12.38 80.92
C PRO F 8 -41.63 12.36 80.30
N SER F 9 -41.97 13.40 79.52
CA SER F 9 -43.27 13.43 78.87
C SER F 9 -43.36 14.43 77.74
N VAL F 10 -44.30 14.17 76.85
CA VAL F 10 -44.74 15.03 75.78
C VAL F 10 -46.27 15.02 75.74
N SER F 11 -46.87 15.99 75.09
CA SER F 11 -48.31 15.90 74.91
C SER F 11 -48.71 16.46 73.58
N VAL F 12 -49.75 15.87 73.02
CA VAL F 12 -50.36 16.31 71.78
C VAL F 12 -51.87 16.31 71.95
N SER F 13 -52.60 17.04 71.13
CA SER F 13 -54.04 16.85 71.11
C SER F 13 -54.19 15.72 70.08
N PRO F 14 -55.28 14.97 70.00
CA PRO F 14 -55.41 13.94 69.01
C PRO F 14 -55.36 14.57 67.64
N GLY F 15 -54.64 13.93 66.74
CA GLY F 15 -54.46 14.35 65.37
C GLY F 15 -53.14 15.10 65.18
N GLN F 16 -52.50 15.52 66.26
CA GLN F 16 -51.23 16.24 66.17
C GLN F 16 -50.06 15.28 66.18
N THR F 17 -48.91 15.76 65.72
CA THR F 17 -47.70 14.94 65.69
C THR F 17 -46.93 14.94 67.00
N ALA F 18 -46.56 13.75 67.48
CA ALA F 18 -45.72 13.63 68.66
C ALA F 18 -44.30 13.68 68.21
N ARG F 19 -43.46 14.35 68.98
CA ARG F 19 -42.03 14.34 68.67
C ARG F 19 -41.26 13.91 69.89
N ILE F 20 -40.87 12.64 69.92
CA ILE F 20 -40.24 12.09 71.08
C ILE F 20 -38.77 11.87 70.81
N THR F 21 -37.93 12.52 71.57
CA THR F 21 -36.51 12.43 71.29
C THR F 21 -35.78 11.70 72.38
N CYS F 22 -34.61 11.22 72.01
CA CYS F 22 -33.67 10.53 72.87
C CYS F 22 -32.25 10.86 72.47
N SER F 23 -31.36 11.07 73.43
CA SER F 23 -29.99 11.35 73.06
C SER F 23 -28.94 10.74 73.97
N GLY F 24 -27.72 10.69 73.44
CA GLY F 24 -26.57 10.18 74.18
C GLY F 24 -25.31 10.03 73.31
N ASP F 25 -24.17 9.91 73.97
CA ASP F 25 -22.85 9.88 73.32
C ASP F 25 -22.57 8.72 72.37
N ALA F 26 -23.11 7.56 72.65
CA ALA F 26 -22.81 6.42 71.79
C ALA F 26 -23.65 6.43 70.53
N LEU F 27 -24.73 7.22 70.50
CA LEU F 27 -25.65 7.13 69.38
C LEU F 27 -25.11 7.38 67.99
N PRO F 28 -24.17 8.28 67.71
CA PRO F 28 -23.70 8.51 66.36
C PRO F 28 -23.19 7.23 65.68
N LYS F 29 -22.79 6.21 66.46
CA LYS F 29 -22.29 4.98 65.88
C LYS F 29 -23.15 3.74 66.18
N GLN F 30 -24.30 3.94 66.81
CA GLN F 30 -25.14 2.80 67.22
C GLN F 30 -26.56 3.04 66.79
N TYR F 31 -27.28 1.99 66.49
CA TYR F 31 -28.67 2.19 66.16
C TYR F 31 -29.56 2.34 67.35
N ALA F 32 -30.61 3.12 67.16
CA ALA F 32 -31.65 3.22 68.15
C ALA F 32 -32.86 2.42 67.73
N TYR F 33 -33.59 1.93 68.71
CA TYR F 33 -34.82 1.22 68.46
C TYR F 33 -35.89 1.86 69.35
N TRP F 34 -37.13 1.93 68.88
CA TRP F 34 -38.17 2.52 69.73
C TRP F 34 -39.28 1.55 70.02
N TYR F 35 -39.75 1.58 71.27
CA TYR F 35 -40.86 0.74 71.73
C TYR F 35 -42.03 1.49 72.32
N GLN F 36 -43.24 0.97 72.09
CA GLN F 36 -44.48 1.53 72.66
C GLN F 36 -45.01 0.65 73.78
N GLN F 37 -44.99 1.15 75.01
CA GLN F 37 -45.47 0.36 76.15
C GLN F 37 -46.73 0.93 76.76
N LYS F 38 -47.67 0.06 77.02
CA LYS F 38 -48.89 0.47 77.68
C LYS F 38 -48.94 -0.28 79.01
N PRO F 39 -49.68 0.19 80.02
CA PRO F 39 -49.81 -0.49 81.28
C PRO F 39 -50.31 -1.89 81.05
N GLY F 40 -49.73 -2.84 81.74
CA GLY F 40 -50.16 -4.23 81.63
C GLY F 40 -49.44 -5.05 80.56
N GLN F 41 -48.58 -4.44 79.74
CA GLN F 41 -47.92 -5.24 78.71
C GLN F 41 -46.43 -5.01 78.58
N ALA F 42 -45.75 -6.01 78.04
CA ALA F 42 -44.37 -5.87 77.64
C ALA F 42 -44.38 -4.87 76.47
N PRO F 43 -43.36 -4.04 76.30
CA PRO F 43 -43.23 -3.05 75.26
C PRO F 43 -43.11 -3.69 73.90
N VAL F 44 -43.64 -3.05 72.86
CA VAL F 44 -43.51 -3.56 71.50
C VAL F 44 -42.81 -2.58 70.56
N LEU F 45 -41.84 -3.07 69.78
CA LEU F 45 -41.10 -2.19 68.91
C LEU F 45 -41.97 -1.58 67.85
N VAL F 46 -41.73 -0.30 67.66
CA VAL F 46 -42.38 0.52 66.69
C VAL F 46 -41.40 0.78 65.54
N ILE F 47 -40.19 1.22 65.90
CA ILE F 47 -39.15 1.60 64.93
C ILE F 47 -37.85 0.86 65.15
N TYR F 48 -37.23 0.36 64.08
CA TYR F 48 -35.93 -0.29 64.25
C TYR F 48 -34.88 0.30 63.34
N LYS F 49 -33.62 0.17 63.75
CA LYS F 49 -32.53 0.72 62.99
C LYS F 49 -32.78 2.19 62.69
N ASP F 50 -33.11 2.95 63.72
CA ASP F 50 -33.42 4.38 63.70
C ASP F 50 -34.74 4.79 63.05
N SER F 51 -34.98 4.35 61.81
CA SER F 51 -36.16 4.79 61.09
C SER F 51 -37.16 3.78 60.54
N GLU F 52 -36.85 2.47 60.53
CA GLU F 52 -37.72 1.50 59.86
C GLU F 52 -38.92 1.03 60.63
N ARG F 53 -40.04 0.92 59.92
CA ARG F 53 -41.31 0.46 60.48
C ARG F 53 -41.61 -1.01 60.12
N PRO F 54 -41.64 -1.97 61.07
CA PRO F 54 -41.74 -3.40 60.84
C PRO F 54 -43.13 -3.95 60.50
N SER F 55 -43.71 -3.48 59.40
CA SER F 55 -44.97 -3.99 58.81
C SER F 55 -46.28 -3.88 59.61
N GLY F 56 -46.31 -4.43 60.83
CA GLY F 56 -47.52 -4.48 61.66
C GLY F 56 -47.81 -3.16 62.37
N ILE F 57 -46.90 -2.24 62.20
CA ILE F 57 -46.96 -0.93 62.76
C ILE F 57 -47.53 -0.01 61.67
N PRO F 58 -48.56 0.80 61.95
CA PRO F 58 -49.22 1.69 61.01
C PRO F 58 -48.33 2.84 60.59
N GLU F 59 -48.67 3.42 59.44
CA GLU F 59 -47.98 4.49 58.73
C GLU F 59 -47.82 5.80 59.50
N ARG F 60 -48.54 5.91 60.60
CA ARG F 60 -48.46 7.07 61.46
C ARG F 60 -47.08 7.12 62.11
N PHE F 61 -46.38 5.98 62.17
CA PHE F 61 -45.07 5.94 62.81
C PHE F 61 -43.88 5.94 61.85
N SER F 62 -42.89 6.75 62.17
CA SER F 62 -41.64 6.77 61.43
C SER F 62 -40.53 7.29 62.31
N GLY F 63 -39.27 7.04 61.95
CA GLY F 63 -38.23 7.69 62.75
C GLY F 63 -37.18 8.38 61.89
N SER F 64 -36.27 9.07 62.56
CA SER F 64 -35.16 9.76 61.93
C SER F 64 -34.04 9.95 62.93
N SER F 65 -32.86 10.33 62.47
CA SER F 65 -31.76 10.58 63.39
C SER F 65 -30.73 11.57 62.86
N SER F 66 -30.00 12.21 63.79
CA SER F 66 -28.89 13.09 63.46
C SER F 66 -27.96 13.30 64.65
N GLY F 67 -26.64 13.24 64.41
CA GLY F 67 -25.73 13.49 65.52
C GLY F 67 -25.92 12.47 66.62
N THR F 68 -26.17 12.97 67.83
CA THR F 68 -26.37 12.19 69.04
C THR F 68 -27.83 12.09 69.42
N THR F 69 -28.70 12.56 68.54
CA THR F 69 -30.13 12.56 68.82
C THR F 69 -30.92 11.69 67.85
N VAL F 70 -31.79 10.89 68.41
CA VAL F 70 -32.67 10.05 67.60
C VAL F 70 -34.11 10.44 67.91
N THR F 71 -34.95 10.46 66.89
CA THR F 71 -36.33 10.88 67.08
C THR F 71 -37.37 9.92 66.56
N LEU F 72 -38.40 9.75 67.37
CA LEU F 72 -39.60 9.02 67.01
C LEU F 72 -40.71 9.99 66.72
N THR F 73 -41.28 9.95 65.53
CA THR F 73 -42.38 10.85 65.29
C THR F 73 -43.62 10.07 65.00
N ILE F 74 -44.71 10.54 65.56
CA ILE F 74 -45.97 9.89 65.34
C ILE F 74 -46.92 10.92 64.78
N SER F 75 -47.36 10.77 63.55
CA SER F 75 -48.23 11.78 62.94
C SER F 75 -49.67 11.41 63.15
N GLY F 76 -50.55 12.38 63.40
CA GLY F 76 -51.92 11.94 63.51
C GLY F 76 -52.12 11.10 64.77
N VAL F 77 -51.49 11.47 65.87
CA VAL F 77 -51.56 10.65 67.08
C VAL F 77 -52.97 10.48 67.58
N GLN F 78 -53.37 9.25 67.87
CA GLN F 78 -54.73 9.06 68.36
C GLN F 78 -54.76 8.66 69.82
N ALA F 79 -55.96 8.55 70.39
CA ALA F 79 -56.05 8.21 71.81
C ALA F 79 -55.40 6.86 72.12
N GLU F 80 -55.47 5.93 71.18
CA GLU F 80 -54.89 4.61 71.38
C GLU F 80 -53.36 4.63 71.42
N ASP F 81 -52.75 5.76 71.07
CA ASP F 81 -51.32 5.89 71.06
C ASP F 81 -50.80 6.47 72.37
N GLU F 82 -51.68 6.71 73.34
CA GLU F 82 -51.15 7.14 74.61
C GLU F 82 -50.32 5.97 75.10
N ALA F 83 -49.07 6.25 75.40
CA ALA F 83 -48.15 5.18 75.79
C ALA F 83 -46.83 5.73 76.31
N ASP F 84 -46.06 4.88 76.95
CA ASP F 84 -44.70 5.25 77.34
C ASP F 84 -43.77 4.80 76.24
N TYR F 85 -43.08 5.73 75.60
CA TYR F 85 -42.22 5.34 74.50
C TYR F 85 -40.79 5.30 74.95
N TYR F 86 -40.08 4.28 74.54
CA TYR F 86 -38.70 4.14 74.98
C TYR F 86 -37.72 4.09 73.86
N CYS F 87 -36.56 4.66 74.11
CA CYS F 87 -35.48 4.48 73.17
C CYS F 87 -34.56 3.41 73.71
N GLN F 88 -34.05 2.59 72.80
CA GLN F 88 -33.10 1.54 73.10
C GLN F 88 -31.91 1.62 72.20
N SER F 89 -30.75 1.44 72.77
CA SER F 89 -29.55 1.38 71.99
C SER F 89 -28.54 0.55 72.70
N ALA F 90 -27.31 0.91 72.56
CA ALA F 90 -26.20 0.17 73.12
C ALA F 90 -25.13 1.14 73.54
N ASP F 91 -24.21 0.66 74.36
CA ASP F 91 -23.14 1.51 74.81
C ASP F 91 -22.12 1.63 73.69
N SER F 92 -21.06 2.38 73.89
CA SER F 92 -20.11 2.62 72.80
C SER F 92 -19.36 1.38 72.35
N SER F 93 -19.20 0.42 73.24
CA SER F 93 -18.53 -0.82 72.92
C SER F 93 -19.37 -1.77 72.11
N GLY F 94 -20.68 -1.57 72.15
CA GLY F 94 -21.62 -2.47 71.49
C GLY F 94 -21.87 -3.75 72.31
N THR F 95 -21.27 -3.84 73.52
CA THR F 95 -21.39 -5.04 74.33
C THR F 95 -22.52 -5.02 75.35
N TYR F 96 -23.06 -3.84 75.66
CA TYR F 96 -24.15 -3.79 76.62
C TYR F 96 -25.29 -3.03 75.98
N VAL F 97 -26.49 -3.47 76.25
CA VAL F 97 -27.71 -2.86 75.76
C VAL F 97 -28.22 -1.86 76.78
N VAL F 98 -28.62 -0.69 76.32
CA VAL F 98 -29.13 0.31 77.23
C VAL F 98 -30.47 0.89 76.80
N PHE F 99 -31.24 1.39 77.77
CA PHE F 99 -32.53 2.03 77.50
C PHE F 99 -32.63 3.41 78.13
N GLY F 100 -33.48 4.26 77.55
CA GLY F 100 -33.77 5.55 78.16
C GLY F 100 -34.82 5.32 79.24
N GLY F 101 -35.20 6.36 79.98
CA GLY F 101 -36.18 6.17 81.06
C GLY F 101 -37.63 6.02 80.62
N GLY F 102 -37.94 6.42 79.40
CA GLY F 102 -39.28 6.37 78.86
C GLY F 102 -39.96 7.73 78.86
N THR F 103 -40.63 8.06 77.76
CA THR F 103 -41.31 9.34 77.65
C THR F 103 -42.79 9.11 77.59
N LYS F 104 -43.54 9.73 78.46
CA LYS F 104 -44.97 9.52 78.38
C LYS F 104 -45.60 10.43 77.36
N LEU F 105 -46.29 9.85 76.41
CA LEU F 105 -47.04 10.61 75.43
C LEU F 105 -48.47 10.57 75.78
N THR F 106 -49.02 11.73 76.09
CA THR F 106 -50.42 11.76 76.45
C THR F 106 -51.16 12.50 75.35
N VAL F 107 -52.38 12.09 75.12
CA VAL F 107 -53.19 12.66 74.06
C VAL F 107 -54.36 13.39 74.70
N LEU F 108 -54.45 14.68 74.43
CA LEU F 108 -55.42 15.54 75.09
C LEU F 108 -56.41 16.20 74.14
N GLU G 1 1.73 -55.07 -17.12
CA GLU G 1 0.44 -55.37 -17.72
C GLU G 1 -0.10 -54.17 -18.45
N VAL G 2 -0.06 -54.21 -19.76
CA VAL G 2 -0.58 -53.10 -20.55
C VAL G 2 -1.64 -53.66 -21.45
N GLN G 3 -2.75 -52.97 -21.56
CA GLN G 3 -3.79 -53.46 -22.42
C GLN G 3 -4.20 -52.47 -23.47
N LEU G 4 -3.62 -52.55 -24.66
CA LEU G 4 -3.97 -51.62 -25.74
C LEU G 4 -4.75 -52.39 -26.78
N VAL G 5 -6.02 -52.06 -26.94
CA VAL G 5 -6.82 -52.84 -27.87
C VAL G 5 -7.46 -52.02 -28.96
N GLU G 6 -7.06 -52.31 -30.19
CA GLU G 6 -7.59 -51.61 -31.34
C GLU G 6 -8.89 -52.17 -31.86
N THR G 7 -9.71 -51.29 -32.37
CA THR G 7 -10.94 -51.61 -33.06
C THR G 7 -11.15 -50.74 -34.27
N GLY G 8 -12.28 -50.94 -34.93
CA GLY G 8 -12.58 -50.20 -36.15
C GLY G 8 -11.86 -50.86 -37.30
N GLY G 9 -11.65 -50.12 -38.38
CA GLY G 9 -11.00 -50.66 -39.56
C GLY G 9 -12.04 -51.28 -40.49
N GLY G 10 -11.59 -52.14 -41.41
CA GLY G 10 -12.47 -52.71 -42.42
C GLY G 10 -12.13 -52.20 -43.80
N LEU G 11 -12.91 -52.61 -44.80
CA LEU G 11 -12.68 -52.25 -46.19
C LEU G 11 -13.53 -51.07 -46.65
N VAL G 12 -12.83 -50.02 -47.06
CA VAL G 12 -13.45 -48.80 -47.53
C VAL G 12 -12.89 -48.42 -48.89
N GLN G 13 -13.73 -48.07 -49.83
CA GLN G 13 -13.21 -47.73 -51.14
C GLN G 13 -12.49 -46.38 -51.14
N PRO G 14 -11.55 -46.14 -52.07
CA PRO G 14 -10.77 -44.94 -52.16
C PRO G 14 -11.64 -43.72 -52.18
N GLY G 15 -11.21 -42.73 -51.44
CA GLY G 15 -11.89 -41.47 -51.28
C GLY G 15 -12.80 -41.47 -50.06
N GLY G 16 -13.00 -42.65 -49.47
CA GLY G 16 -13.88 -42.78 -48.32
C GLY G 16 -13.18 -42.48 -47.00
N SER G 17 -13.84 -42.85 -45.92
CA SER G 17 -13.34 -42.55 -44.58
C SER G 17 -13.69 -43.63 -43.56
N LEU G 18 -12.93 -43.64 -42.49
CA LEU G 18 -13.17 -44.55 -41.37
C LEU G 18 -12.56 -44.01 -40.11
N LYS G 19 -12.92 -44.59 -38.99
CA LYS G 19 -12.31 -44.20 -37.75
C LYS G 19 -11.79 -45.40 -36.99
N LEU G 20 -10.57 -45.29 -36.53
CA LEU G 20 -9.96 -46.33 -35.72
C LEU G 20 -9.95 -45.88 -34.30
N SER G 21 -9.98 -46.81 -33.39
CA SER G 21 -9.83 -46.42 -32.01
C SER G 21 -9.14 -47.48 -31.22
N CYS G 22 -8.60 -47.05 -30.11
CA CYS G 22 -7.86 -47.90 -29.19
C CYS G 22 -8.25 -47.63 -27.75
N ARG G 23 -8.67 -48.67 -27.07
CA ARG G 23 -9.05 -48.50 -25.69
C ARG G 23 -7.88 -48.93 -24.88
N ALA G 24 -7.67 -48.30 -23.74
CA ALA G 24 -6.52 -48.75 -22.99
C ALA G 24 -6.73 -48.88 -21.51
N SER G 25 -6.01 -49.86 -20.96
CA SER G 25 -5.98 -50.06 -19.52
C SER G 25 -4.63 -50.50 -18.99
N GLY G 26 -4.60 -50.78 -17.69
CA GLY G 26 -3.39 -51.19 -16.98
C GLY G 26 -2.57 -49.97 -16.51
N TYR G 27 -2.17 -49.16 -17.47
CA TYR G 27 -1.40 -47.95 -17.23
C TYR G 27 -2.24 -46.71 -17.21
N THR G 28 -1.86 -45.73 -16.40
CA THR G 28 -2.61 -44.50 -16.37
C THR G 28 -2.60 -43.91 -17.76
N PHE G 29 -3.76 -43.77 -18.35
CA PHE G 29 -3.86 -43.32 -19.72
C PHE G 29 -3.30 -41.92 -19.86
N SER G 30 -3.71 -41.06 -18.96
CA SER G 30 -3.37 -39.66 -18.94
C SER G 30 -1.90 -39.37 -18.72
N SER G 31 -1.10 -40.37 -18.36
CA SER G 31 0.31 -40.11 -18.14
C SER G 31 1.15 -40.28 -19.39
N PHE G 32 0.58 -40.76 -20.50
CA PHE G 32 1.43 -41.02 -21.64
C PHE G 32 1.01 -40.40 -22.94
N ALA G 33 2.00 -40.03 -23.72
CA ALA G 33 1.81 -39.64 -25.09
C ALA G 33 1.54 -40.90 -25.88
N MET G 34 0.78 -40.79 -26.96
CA MET G 34 0.48 -41.96 -27.77
C MET G 34 0.61 -41.72 -29.25
N SER G 35 0.78 -42.79 -29.99
CA SER G 35 0.94 -42.68 -31.42
C SER G 35 0.35 -43.82 -32.21
N TRP G 36 0.25 -43.58 -33.51
CA TRP G 36 -0.15 -44.63 -34.41
C TRP G 36 0.99 -44.93 -35.36
N VAL G 37 1.22 -46.23 -35.54
CA VAL G 37 2.25 -46.73 -36.43
C VAL G 37 1.63 -47.68 -37.43
N ARG G 38 1.99 -47.47 -38.68
CA ARG G 38 1.48 -48.23 -39.81
C ARG G 38 2.36 -49.40 -40.20
N GLN G 39 1.77 -50.58 -40.37
CA GLN G 39 2.51 -51.75 -40.82
C GLN G 39 1.97 -52.28 -42.12
N ALA G 40 2.59 -51.84 -43.19
CA ALA G 40 2.13 -52.22 -44.49
C ALA G 40 2.73 -53.58 -44.82
N PRO G 41 2.06 -54.39 -45.65
CA PRO G 41 2.49 -55.71 -46.09
C PRO G 41 3.63 -55.58 -47.07
N GLY G 42 4.81 -55.32 -46.53
CA GLY G 42 6.02 -55.07 -47.29
C GLY G 42 6.84 -53.87 -46.80
N LYS G 43 6.33 -53.11 -45.82
CA LYS G 43 7.10 -51.97 -45.30
C LYS G 43 7.53 -52.20 -43.85
N GLY G 44 6.75 -52.98 -43.12
CA GLY G 44 7.08 -53.26 -41.74
C GLY G 44 6.64 -52.18 -40.78
N LEU G 45 7.31 -51.04 -40.79
CA LEU G 45 6.93 -49.98 -39.86
C LEU G 45 7.07 -48.57 -40.40
N GLU G 46 5.99 -47.81 -40.32
CA GLU G 46 5.98 -46.40 -40.71
C GLU G 46 5.30 -45.56 -39.62
N TRP G 47 5.94 -44.49 -39.19
CA TRP G 47 5.27 -43.65 -38.19
C TRP G 47 4.20 -42.81 -38.86
N VAL G 48 3.02 -42.68 -38.25
CA VAL G 48 2.00 -41.86 -38.84
C VAL G 48 1.69 -40.60 -38.04
N SER G 49 1.37 -40.77 -36.77
CA SER G 49 1.01 -39.61 -35.97
C SER G 49 1.29 -39.76 -34.48
N LEU G 50 1.46 -38.62 -33.83
CA LEU G 50 1.74 -38.51 -32.39
C LEU G 50 0.92 -37.46 -31.71
N ILE G 51 0.37 -37.80 -30.57
CA ILE G 51 -0.39 -36.87 -29.75
C ILE G 51 0.11 -36.87 -28.30
N ASN G 52 0.18 -35.69 -27.67
CA ASN G 52 0.64 -35.67 -26.29
C ASN G 52 -0.45 -36.13 -25.31
N ASP G 53 -0.10 -36.15 -24.03
CA ASP G 53 -0.96 -36.70 -22.97
C ASP G 53 -2.16 -35.84 -22.65
N ARG G 54 -2.01 -34.57 -22.87
CA ARG G 54 -3.09 -33.65 -22.60
C ARG G 54 -4.02 -33.53 -23.80
N GLY G 55 -3.65 -34.14 -24.93
CA GLY G 55 -4.44 -34.06 -26.14
C GLY G 55 -4.40 -32.70 -26.84
N GLY G 56 -3.34 -31.92 -26.65
CA GLY G 56 -3.31 -30.58 -27.24
C GLY G 56 -2.29 -30.42 -28.36
N LEU G 57 -1.32 -31.28 -28.43
CA LEU G 57 -0.30 -31.18 -29.44
C LEU G 57 -0.29 -32.40 -30.30
N THR G 58 -0.44 -32.20 -31.59
CA THR G 58 -0.45 -33.30 -32.51
C THR G 58 0.55 -33.11 -33.61
N PHE G 59 1.14 -34.22 -34.04
CA PHE G 59 2.11 -34.19 -35.11
C PHE G 59 1.79 -35.25 -36.12
N TYR G 60 2.05 -34.96 -37.39
CA TYR G 60 1.78 -35.93 -38.45
C TYR G 60 2.91 -36.09 -39.41
N VAL G 61 2.98 -37.27 -40.02
CA VAL G 61 3.87 -37.56 -41.12
C VAL G 61 3.28 -36.84 -42.32
N ASP G 62 4.11 -36.30 -43.20
CA ASP G 62 3.61 -35.54 -44.35
C ASP G 62 2.56 -36.26 -45.18
N SER G 63 2.68 -37.55 -45.36
CA SER G 63 1.75 -38.26 -46.21
C SER G 63 0.28 -38.28 -45.78
N VAL G 64 -0.02 -37.96 -44.51
CA VAL G 64 -1.41 -37.94 -44.05
C VAL G 64 -1.73 -36.58 -43.50
N LYS G 65 -0.80 -35.65 -43.64
CA LYS G 65 -0.89 -34.38 -42.94
C LYS G 65 -2.14 -33.59 -43.25
N GLY G 66 -2.62 -33.65 -44.48
CA GLY G 66 -3.82 -32.92 -44.81
C GLY G 66 -5.08 -33.77 -44.73
N ARG G 67 -4.97 -35.01 -44.24
CA ARG G 67 -6.12 -35.90 -44.24
C ARG G 67 -6.54 -36.50 -42.91
N PHE G 68 -5.59 -36.76 -42.00
CA PHE G 68 -5.92 -37.48 -40.77
C PHE G 68 -5.99 -36.61 -39.52
N THR G 69 -6.88 -36.98 -38.60
CA THR G 69 -6.98 -36.31 -37.30
C THR G 69 -6.76 -37.26 -36.13
N ILE G 70 -5.88 -36.89 -35.20
CA ILE G 70 -5.62 -37.74 -34.04
C ILE G 70 -6.15 -37.06 -32.79
N SER G 71 -6.84 -37.82 -31.94
CA SER G 71 -7.38 -37.24 -30.71
C SER G 71 -7.45 -38.21 -29.53
N ARG G 72 -7.57 -37.67 -28.32
CA ARG G 72 -7.66 -38.49 -27.11
C ARG G 72 -8.75 -38.05 -26.17
N ASP G 73 -9.24 -38.98 -25.38
CA ASP G 73 -10.17 -38.72 -24.30
C ASP G 73 -9.72 -39.37 -23.01
N ASN G 74 -9.27 -38.55 -22.06
CA ASN G 74 -8.68 -39.03 -20.81
C ASN G 74 -9.70 -39.55 -19.83
N SER G 75 -10.99 -39.34 -20.09
CA SER G 75 -12.01 -39.84 -19.19
C SER G 75 -12.42 -41.22 -19.66
N LYS G 76 -12.33 -41.41 -20.96
CA LYS G 76 -12.73 -42.67 -21.57
C LYS G 76 -11.57 -43.65 -21.75
N ASN G 77 -10.35 -43.18 -21.55
CA ASN G 77 -9.16 -43.98 -21.76
C ASN G 77 -9.14 -44.46 -23.19
N THR G 78 -9.46 -43.52 -24.08
CA THR G 78 -9.54 -43.79 -25.49
C THR G 78 -8.70 -42.90 -26.40
N LEU G 79 -8.00 -43.55 -27.31
CA LEU G 79 -7.21 -42.92 -28.36
C LEU G 79 -7.94 -43.14 -29.66
N SER G 80 -8.00 -42.14 -30.54
CA SER G 80 -8.63 -42.42 -31.82
C SER G 80 -7.99 -41.69 -32.98
N LEU G 81 -8.20 -42.25 -34.16
CA LEU G 81 -7.70 -41.70 -35.41
C LEU G 81 -8.76 -41.66 -36.48
N GLN G 82 -9.04 -40.47 -36.97
CA GLN G 82 -10.03 -40.32 -38.01
C GLN G 82 -9.36 -40.19 -39.34
N MET G 83 -9.66 -41.11 -40.24
CA MET G 83 -9.04 -41.09 -41.54
C MET G 83 -10.02 -40.59 -42.58
N HIS G 84 -9.56 -39.71 -43.44
CA HIS G 84 -10.35 -39.20 -44.54
C HIS G 84 -9.63 -39.32 -45.84
N SER G 85 -10.38 -39.34 -46.93
CA SER G 85 -9.82 -39.37 -48.26
C SER G 85 -8.79 -40.48 -48.37
N LEU G 86 -9.21 -41.69 -48.01
CA LEU G 86 -8.37 -42.87 -48.02
C LEU G 86 -7.86 -43.20 -49.41
N ARG G 87 -6.61 -43.65 -49.48
CA ARG G 87 -5.99 -44.02 -50.73
C ARG G 87 -5.51 -45.46 -50.67
N ASP G 88 -5.29 -46.10 -51.79
CA ASP G 88 -4.84 -47.50 -51.75
C ASP G 88 -3.53 -47.69 -51.00
N GLY G 89 -2.68 -46.66 -50.99
CA GLY G 89 -1.39 -46.72 -50.32
C GLY G 89 -1.50 -46.70 -48.80
N ASP G 90 -2.71 -46.52 -48.27
CA ASP G 90 -2.91 -46.51 -46.84
C ASP G 90 -3.30 -47.88 -46.31
N THR G 91 -3.34 -48.89 -47.18
CA THR G 91 -3.68 -50.22 -46.67
C THR G 91 -2.54 -50.71 -45.80
N ALA G 92 -2.90 -51.06 -44.56
CA ALA G 92 -1.92 -51.50 -43.56
C ALA G 92 -2.59 -51.91 -42.28
N VAL G 93 -1.82 -52.53 -41.40
CA VAL G 93 -2.28 -52.71 -40.04
C VAL G 93 -1.90 -51.48 -39.22
N TYR G 94 -2.83 -50.92 -38.48
CA TYR G 94 -2.54 -49.74 -37.68
C TYR G 94 -2.48 -50.04 -36.22
N TYR G 95 -1.31 -49.80 -35.65
CA TYR G 95 -1.06 -50.10 -34.26
C TYR G 95 -1.15 -48.92 -33.34
N CYS G 96 -1.75 -49.19 -32.21
CA CYS G 96 -1.87 -48.29 -31.10
C CYS G 96 -0.63 -48.45 -30.27
N ALA G 97 0.06 -47.37 -29.92
CA ALA G 97 1.24 -47.54 -29.10
C ALA G 97 1.42 -46.38 -28.14
N THR G 98 2.09 -46.65 -27.02
CA THR G 98 2.39 -45.58 -26.08
C THR G 98 3.84 -45.30 -26.14
N GLY G 99 4.17 -44.01 -26.11
CA GLY G 99 5.54 -43.56 -26.16
C GLY G 99 5.71 -42.34 -27.02
N GLY G 100 6.94 -42.06 -27.39
CA GLY G 100 7.24 -40.86 -28.14
C GLY G 100 7.57 -39.69 -27.22
N MET G 101 7.00 -38.53 -27.50
CA MET G 101 7.30 -37.32 -26.75
C MET G 101 6.80 -37.38 -25.33
N SER G 102 7.30 -36.47 -24.49
CA SER G 102 6.76 -36.39 -23.14
C SER G 102 6.55 -34.95 -22.71
N SER G 103 6.28 -34.80 -21.42
CA SER G 103 5.86 -33.60 -20.68
C SER G 103 6.87 -32.52 -20.33
N ALA G 104 8.13 -32.77 -20.59
CA ALA G 104 9.25 -31.87 -20.26
C ALA G 104 9.60 -31.89 -18.78
N LEU G 105 8.87 -32.66 -17.99
CA LEU G 105 9.21 -32.82 -16.59
C LEU G 105 9.55 -34.27 -16.32
N GLN G 106 9.43 -35.11 -17.35
CA GLN G 106 9.50 -36.54 -17.13
C GLN G 106 10.36 -37.42 -18.02
N SER G 107 11.63 -37.10 -18.20
CA SER G 107 12.53 -38.00 -18.93
C SER G 107 11.99 -38.49 -20.27
N SER G 108 11.83 -37.59 -21.21
CA SER G 108 11.20 -37.93 -22.47
C SER G 108 11.85 -39.12 -23.11
N LYS G 109 10.99 -39.94 -23.69
CA LYS G 109 11.34 -41.21 -24.27
C LYS G 109 11.83 -41.27 -25.71
N TYR G 110 11.05 -40.78 -26.64
CA TYR G 110 11.39 -40.85 -28.06
C TYR G 110 11.52 -42.29 -28.58
N TYR G 111 10.81 -43.20 -27.95
CA TYR G 111 10.73 -44.58 -28.35
C TYR G 111 9.35 -45.06 -27.94
N PHE G 112 8.90 -46.19 -28.48
CA PHE G 112 7.58 -46.69 -28.11
C PHE G 112 7.73 -47.85 -27.13
N ASP G 113 6.98 -47.81 -26.00
CA ASP G 113 7.04 -48.87 -24.97
C ASP G 113 6.04 -49.97 -25.14
N PHE G 114 4.81 -49.60 -25.51
CA PHE G 114 3.79 -50.62 -25.54
C PHE G 114 3.07 -50.60 -26.84
N TRP G 115 2.66 -51.77 -27.30
CA TRP G 115 1.95 -51.87 -28.55
C TRP G 115 0.67 -52.68 -28.41
N GLY G 116 -0.34 -52.33 -29.19
CA GLY G 116 -1.57 -53.08 -29.28
C GLY G 116 -1.38 -54.12 -30.37
N GLN G 117 -2.44 -54.74 -30.87
CA GLN G 117 -2.23 -55.78 -31.89
C GLN G 117 -2.48 -55.28 -33.28
N GLY G 118 -3.24 -54.22 -33.39
CA GLY G 118 -3.48 -53.57 -34.66
C GLY G 118 -4.80 -53.81 -35.36
N ALA G 119 -5.38 -52.73 -35.89
CA ALA G 119 -6.62 -52.79 -36.65
C ALA G 119 -6.24 -52.92 -38.12
N LEU G 120 -7.02 -53.63 -38.91
CA LEU G 120 -6.68 -53.70 -40.33
C LEU G 120 -7.51 -52.79 -41.21
N VAL G 121 -6.81 -51.95 -41.96
CA VAL G 121 -7.41 -51.04 -42.90
C VAL G 121 -7.08 -51.42 -44.31
N THR G 122 -8.12 -51.64 -45.10
CA THR G 122 -7.94 -51.96 -46.50
C THR G 122 -8.72 -50.93 -47.25
N VAL G 123 -8.11 -50.32 -48.25
CA VAL G 123 -8.85 -49.30 -48.94
C VAL G 123 -9.49 -49.82 -50.21
N ALA H 1 14.62 -43.31 -44.70
CA ALA H 1 14.60 -44.50 -43.86
C ALA H 1 15.99 -44.85 -43.40
N LEU H 2 16.08 -45.65 -42.36
CA LEU H 2 17.39 -46.14 -41.89
C LEU H 2 17.62 -47.41 -42.69
N THR H 3 18.87 -47.80 -42.93
CA THR H 3 19.07 -49.00 -43.74
C THR H 3 19.69 -50.22 -43.06
N GLN H 4 18.95 -51.34 -43.09
CA GLN H 4 19.44 -52.60 -42.55
C GLN H 4 18.76 -53.86 -43.11
N PRO H 5 18.54 -53.98 -44.43
CA PRO H 5 17.86 -55.09 -45.10
C PRO H 5 18.48 -56.48 -45.30
N PRO H 6 19.81 -56.72 -45.23
CA PRO H 6 20.35 -57.98 -45.61
C PRO H 6 19.89 -58.96 -44.60
N SER H 7 19.72 -60.21 -44.97
CA SER H 7 19.33 -61.17 -43.96
C SER H 7 20.48 -61.34 -43.02
N VAL H 8 20.16 -61.76 -41.83
CA VAL H 8 21.16 -61.99 -40.83
C VAL H 8 20.99 -63.38 -40.27
N SER H 9 22.10 -64.05 -40.00
CA SER H 9 21.99 -65.38 -39.49
C SER H 9 23.22 -65.83 -38.74
N GLY H 10 23.07 -66.93 -38.05
CA GLY H 10 24.20 -67.56 -37.39
C GLY H 10 23.80 -68.81 -36.65
N SER H 11 24.82 -69.54 -36.19
CA SER H 11 24.66 -70.79 -35.46
C SER H 11 24.09 -70.53 -34.07
N PRO H 12 23.25 -71.40 -33.52
CA PRO H 12 22.71 -71.29 -32.18
C PRO H 12 23.87 -71.20 -31.20
N GLY H 13 23.74 -70.34 -30.22
CA GLY H 13 24.74 -70.16 -29.19
C GLY H 13 25.84 -69.19 -29.58
N GLN H 14 25.86 -68.75 -30.84
CA GLN H 14 26.90 -67.84 -31.28
C GLN H 14 26.37 -66.45 -31.36
N SER H 15 27.23 -65.45 -31.25
CA SER H 15 26.73 -64.10 -31.39
C SER H 15 26.46 -63.77 -32.83
N VAL H 16 25.61 -62.78 -33.03
CA VAL H 16 25.30 -62.27 -34.35
C VAL H 16 24.98 -60.80 -34.22
N THR H 17 25.30 -60.00 -35.22
CA THR H 17 24.93 -58.59 -35.11
C THR H 17 24.10 -58.11 -36.28
N ILE H 18 23.29 -57.09 -36.00
CA ILE H 18 22.48 -56.43 -37.00
C ILE H 18 22.83 -54.96 -37.05
N SER H 19 23.21 -54.47 -38.21
CA SER H 19 23.56 -53.07 -38.35
C SER H 19 22.32 -52.23 -38.61
N CYS H 20 22.47 -50.92 -38.48
CA CYS H 20 21.47 -49.91 -38.79
C CYS H 20 22.12 -48.61 -39.23
N THR H 21 22.18 -48.37 -40.53
CA THR H 21 22.91 -47.21 -40.99
C THR H 21 21.99 -46.04 -41.23
N GLY H 22 22.34 -44.89 -40.67
CA GLY H 22 21.53 -43.71 -40.82
C GLY H 22 22.12 -42.85 -41.89
N THR H 23 21.96 -41.54 -41.76
CA THR H 23 22.45 -40.68 -42.81
C THR H 23 23.55 -39.81 -42.28
N SER H 24 23.21 -38.99 -41.32
CA SER H 24 24.16 -38.05 -40.79
C SER H 24 23.63 -37.54 -39.48
N SER H 25 22.84 -36.48 -39.57
CA SER H 25 22.28 -35.80 -38.42
C SER H 25 21.21 -36.58 -37.69
N ASP H 26 20.58 -37.58 -38.29
CA ASP H 26 19.55 -38.26 -37.57
C ASP H 26 20.12 -39.13 -36.47
N ILE H 27 21.01 -40.05 -36.79
CA ILE H 27 21.50 -40.83 -35.68
C ILE H 27 22.85 -40.34 -35.24
N GLY H 28 23.49 -39.47 -36.01
CA GLY H 28 24.72 -38.89 -35.53
C GLY H 28 24.42 -37.93 -34.37
N SER H 29 23.33 -37.13 -34.46
CA SER H 29 23.04 -36.16 -33.41
C SER H 29 22.08 -36.63 -32.33
N TYR H 30 21.22 -37.61 -32.59
CA TYR H 30 20.29 -37.95 -31.53
C TYR H 30 20.50 -39.34 -30.97
N ASN H 31 20.68 -39.43 -29.67
CA ASN H 31 20.87 -40.72 -29.03
C ASN H 31 19.55 -41.36 -28.67
N TYR H 32 18.72 -41.50 -29.67
CA TYR H 32 17.41 -42.08 -29.51
C TYR H 32 17.21 -43.07 -30.61
N VAL H 33 17.81 -44.24 -30.50
CA VAL H 33 17.76 -45.22 -31.55
C VAL H 33 17.30 -46.54 -30.97
N SER H 34 16.01 -46.73 -30.91
CA SER H 34 15.49 -47.95 -30.34
C SER H 34 15.47 -49.08 -31.33
N TRP H 35 15.31 -50.29 -30.79
CA TRP H 35 15.17 -51.49 -31.59
C TRP H 35 13.96 -52.27 -31.16
N TYR H 36 13.29 -52.86 -32.15
CA TYR H 36 12.11 -53.68 -31.91
C TYR H 36 12.21 -55.08 -32.49
N GLN H 37 11.59 -56.03 -31.79
CA GLN H 37 11.51 -57.42 -32.22
C GLN H 37 10.13 -57.77 -32.72
N GLN H 38 10.03 -58.10 -33.98
CA GLN H 38 8.77 -58.38 -34.64
C GLN H 38 8.55 -59.85 -35.00
N HIS H 39 7.71 -60.53 -34.25
CA HIS H 39 7.43 -61.92 -34.57
C HIS H 39 6.46 -61.91 -35.75
N PRO H 40 6.47 -62.89 -36.63
CA PRO H 40 5.66 -62.96 -37.81
C PRO H 40 4.19 -63.18 -37.52
N GLY H 41 3.48 -62.07 -37.27
CA GLY H 41 2.06 -62.10 -36.96
C GLY H 41 1.68 -61.55 -35.58
N LYS H 42 2.67 -61.11 -34.83
CA LYS H 42 2.39 -60.55 -33.50
C LYS H 42 2.77 -59.07 -33.45
N ALA H 43 2.21 -58.30 -32.53
CA ALA H 43 2.69 -56.93 -32.40
C ALA H 43 4.15 -56.97 -32.00
N PRO H 44 4.98 -56.01 -32.42
CA PRO H 44 6.37 -55.88 -32.07
C PRO H 44 6.54 -55.46 -30.64
N LYS H 45 7.70 -55.75 -30.07
CA LYS H 45 8.03 -55.29 -28.73
C LYS H 45 9.38 -54.63 -28.66
N LEU H 46 9.53 -53.72 -27.71
CA LEU H 46 10.78 -53.00 -27.50
C LEU H 46 11.87 -53.84 -26.93
N MET H 47 13.05 -53.78 -27.54
CA MET H 47 14.18 -54.54 -27.03
C MET H 47 15.24 -53.61 -26.48
N ILE H 48 15.54 -52.57 -27.23
CA ILE H 48 16.57 -51.59 -26.89
C ILE H 48 16.04 -50.18 -27.04
N TYR H 49 16.44 -49.26 -26.16
CA TYR H 49 16.04 -47.87 -26.27
C TYR H 49 17.18 -46.91 -25.92
N ASP H 50 17.02 -45.65 -26.32
CA ASP H 50 18.08 -44.68 -26.20
C ASP H 50 19.14 -45.32 -27.06
N VAL H 51 20.29 -45.66 -26.54
CA VAL H 51 21.24 -46.32 -27.43
C VAL H 51 21.53 -47.72 -26.93
N THR H 52 21.77 -47.83 -25.62
CA THR H 52 22.17 -49.04 -24.97
C THR H 52 21.22 -49.60 -23.91
N GLN H 53 20.02 -49.04 -23.73
CA GLN H 53 19.18 -49.50 -22.61
C GLN H 53 18.25 -50.59 -23.00
N ARG H 54 17.89 -51.45 -22.06
CA ARG H 54 16.89 -52.44 -22.37
C ARG H 54 15.83 -52.31 -21.30
N PRO H 55 14.56 -52.54 -21.60
CA PRO H 55 13.46 -52.49 -20.68
C PRO H 55 13.47 -53.70 -19.81
N SER H 56 12.84 -53.61 -18.66
CA SER H 56 12.73 -54.76 -17.81
C SER H 56 12.00 -55.85 -18.57
N GLY H 57 12.47 -57.07 -18.40
CA GLY H 57 11.91 -58.23 -19.07
C GLY H 57 12.80 -58.66 -20.23
N VAL H 58 13.69 -57.78 -20.66
CA VAL H 58 14.61 -58.13 -21.73
C VAL H 58 15.91 -58.54 -21.09
N SER H 59 16.40 -59.69 -21.50
CA SER H 59 17.61 -60.26 -20.98
C SER H 59 18.83 -59.62 -21.58
N ASP H 60 19.97 -59.96 -21.03
CA ASP H 60 21.25 -59.44 -21.44
C ASP H 60 21.78 -60.09 -22.71
N ARG H 61 20.95 -60.95 -23.28
CA ARG H 61 21.19 -61.53 -24.57
C ARG H 61 21.22 -60.41 -25.59
N PHE H 62 20.43 -59.36 -25.34
CA PHE H 62 20.34 -58.25 -26.26
C PHE H 62 21.03 -56.99 -25.71
N SER H 63 21.89 -56.42 -26.53
CA SER H 63 22.63 -55.20 -26.18
C SER H 63 22.93 -54.48 -27.47
N GLY H 64 23.41 -53.26 -27.41
CA GLY H 64 23.72 -52.57 -28.66
C GLY H 64 24.53 -51.32 -28.44
N SER H 65 24.83 -50.63 -29.52
CA SER H 65 25.64 -49.43 -29.48
C SER H 65 25.51 -48.55 -30.70
N LYS H 66 26.28 -47.45 -30.70
CA LYS H 66 26.29 -46.52 -31.82
C LYS H 66 27.65 -45.87 -32.01
N SER H 67 28.03 -45.65 -33.28
CA SER H 67 29.25 -44.94 -33.62
C SER H 67 29.09 -44.18 -34.93
N GLY H 68 29.57 -42.96 -35.01
CA GLY H 68 29.42 -42.21 -36.25
C GLY H 68 27.95 -42.03 -36.52
N ASN H 69 27.51 -42.45 -37.71
CA ASN H 69 26.12 -42.35 -38.12
C ASN H 69 25.54 -43.75 -38.34
N THR H 70 26.15 -44.76 -37.68
CA THR H 70 25.69 -46.15 -37.78
C THR H 70 25.47 -46.76 -36.40
N ALA H 71 24.33 -47.42 -36.23
CA ALA H 71 23.97 -48.10 -35.00
C ALA H 71 23.97 -49.60 -35.19
N SER H 72 24.07 -50.34 -34.10
CA SER H 72 23.98 -51.78 -34.20
C SER H 72 23.38 -52.48 -32.98
N LEU H 73 22.77 -53.63 -33.25
CA LEU H 73 22.21 -54.51 -32.25
C LEU H 73 23.00 -55.81 -32.18
N THR H 74 23.35 -56.22 -30.99
CA THR H 74 24.07 -57.46 -30.79
C THR H 74 23.25 -58.47 -30.03
N ILE H 75 23.22 -59.68 -30.56
CA ILE H 75 22.56 -60.77 -29.90
C ILE H 75 23.68 -61.72 -29.51
N SER H 76 23.78 -62.07 -28.23
CA SER H 76 24.88 -62.90 -27.76
C SER H 76 24.55 -64.37 -27.74
N GLY H 77 23.97 -64.86 -26.67
CA GLY H 77 23.62 -66.28 -26.58
C GLY H 77 22.41 -66.58 -27.44
N LEU H 78 22.60 -66.56 -28.74
CA LEU H 78 21.54 -66.67 -29.74
C LEU H 78 20.73 -67.94 -29.63
N GLN H 79 19.41 -67.76 -29.60
CA GLN H 79 18.48 -68.86 -29.48
C GLN H 79 17.62 -69.05 -30.70
N ALA H 80 17.04 -70.24 -30.85
CA ALA H 80 16.09 -70.46 -31.94
C ALA H 80 14.92 -69.50 -31.80
N ASP H 81 14.61 -69.16 -30.57
CA ASP H 81 13.52 -68.27 -30.19
C ASP H 81 13.71 -66.84 -30.68
N ASP H 82 14.89 -66.51 -31.18
CA ASP H 82 15.18 -65.17 -31.65
C ASP H 82 14.82 -65.00 -33.11
N GLU H 83 14.24 -66.02 -33.74
CA GLU H 83 13.89 -65.79 -35.14
C GLU H 83 12.66 -64.91 -35.24
N ALA H 84 12.97 -63.66 -35.48
CA ALA H 84 12.05 -62.55 -35.58
C ALA H 84 12.62 -61.53 -36.52
N ASP H 85 11.78 -60.63 -36.99
CA ASP H 85 12.27 -59.53 -37.79
C ASP H 85 12.75 -58.46 -36.84
N TYR H 86 13.82 -57.78 -37.19
CA TYR H 86 14.28 -56.73 -36.33
C TYR H 86 14.32 -55.42 -37.03
N TYR H 87 13.90 -54.42 -36.30
CA TYR H 87 13.88 -53.07 -36.80
C TYR H 87 14.57 -52.10 -35.89
N CYS H 88 15.29 -51.19 -36.48
CA CYS H 88 15.84 -50.06 -35.76
C CYS H 88 15.01 -48.87 -36.13
N SER H 89 14.99 -47.88 -35.27
CA SER H 89 14.30 -46.64 -35.56
C SER H 89 15.05 -45.53 -34.89
N ALA H 90 14.74 -44.30 -35.24
CA ALA H 90 15.42 -43.20 -34.59
C ALA H 90 14.62 -41.93 -34.56
N TYR H 91 14.97 -41.07 -33.60
CA TYR H 91 14.35 -39.75 -33.56
C TYR H 91 14.87 -38.91 -34.70
N ALA H 92 13.95 -38.29 -35.43
CA ALA H 92 14.26 -37.48 -36.60
C ALA H 92 14.64 -36.04 -36.36
N GLY H 93 14.55 -35.53 -35.14
CA GLY H 93 14.87 -34.12 -34.94
C GLY H 93 13.73 -33.10 -35.10
N ARG H 94 12.49 -33.53 -34.85
CA ARG H 94 11.26 -32.72 -34.90
C ARG H 94 10.66 -32.36 -36.24
N GLN H 95 11.24 -32.81 -37.33
CA GLN H 95 10.59 -32.47 -38.58
C GLN H 95 9.71 -33.60 -39.07
N THR H 96 10.19 -34.82 -38.90
CA THR H 96 9.45 -36.01 -39.31
C THR H 96 9.20 -36.91 -38.12
N PHE H 97 9.73 -36.51 -36.99
CA PHE H 97 9.65 -37.21 -35.71
C PHE H 97 10.30 -38.56 -35.62
N TYR H 98 9.85 -39.55 -36.37
CA TYR H 98 10.50 -40.84 -36.27
C TYR H 98 10.80 -41.45 -37.59
N ILE H 99 11.93 -42.09 -37.65
CA ILE H 99 12.35 -42.81 -38.83
C ILE H 99 12.49 -44.26 -38.51
N PHE H 100 11.85 -45.12 -39.29
CA PHE H 100 12.05 -46.54 -39.09
C PHE H 100 12.99 -47.02 -40.15
N GLY H 101 13.76 -48.03 -39.84
CA GLY H 101 14.61 -48.59 -40.86
C GLY H 101 13.92 -49.64 -41.67
N GLY H 102 14.55 -49.98 -42.78
CA GLY H 102 14.11 -51.09 -43.59
C GLY H 102 14.73 -52.26 -42.88
N GLY H 103 13.91 -52.99 -42.14
CA GLY H 103 14.36 -54.01 -41.22
C GLY H 103 14.72 -55.31 -41.87
N THR H 104 15.19 -56.26 -41.07
CA THR H 104 15.57 -57.55 -41.60
C THR H 104 15.19 -58.75 -40.79
N ARG H 105 15.38 -59.91 -41.38
CA ARG H 105 15.02 -61.16 -40.72
C ARG H 105 16.20 -62.00 -40.26
N LEU H 106 16.12 -62.44 -39.01
CA LEU H 106 17.13 -63.29 -38.40
C LEU H 106 16.80 -64.76 -38.42
N THR H 107 17.73 -65.55 -38.96
CA THR H 107 17.64 -67.00 -39.03
C THR H 107 18.68 -67.65 -38.11
N VAL H 108 18.25 -68.60 -37.27
CA VAL H 108 19.17 -69.22 -36.34
C VAL H 108 19.29 -70.70 -36.64
N LEU H 109 20.49 -71.10 -37.05
CA LEU H 109 20.75 -72.46 -37.49
C LEU H 109 22.20 -72.64 -37.90
N ASN I 3 -17.00 -17.15 -35.35
CA ASN I 3 -16.12 -16.54 -36.33
C ASN I 3 -15.41 -15.36 -35.70
N LEU I 4 -15.96 -14.91 -34.60
CA LEU I 4 -15.41 -13.78 -33.88
C LEU I 4 -14.72 -14.26 -32.64
N TRP I 5 -13.70 -13.53 -32.25
CA TRP I 5 -12.84 -13.86 -31.13
C TRP I 5 -12.77 -12.74 -30.13
N VAL I 6 -12.51 -13.07 -28.88
CA VAL I 6 -12.40 -12.04 -27.88
C VAL I 6 -11.09 -11.29 -28.05
N THR I 7 -11.17 -9.96 -28.12
CA THR I 7 -10.01 -9.09 -28.19
C THR I 7 -10.02 -8.16 -27.02
N VAL I 8 -8.87 -8.02 -26.38
CA VAL I 8 -8.72 -7.20 -25.20
C VAL I 8 -8.11 -5.84 -25.52
N TYR I 9 -8.78 -4.79 -25.06
CA TYR I 9 -8.31 -3.43 -25.28
C TYR I 9 -8.02 -2.70 -23.99
N TYR I 10 -6.83 -2.12 -23.89
CA TYR I 10 -6.48 -1.37 -22.70
C TYR I 10 -6.35 0.08 -23.06
N GLY I 11 -6.96 0.96 -22.28
CA GLY I 11 -6.97 2.37 -22.60
C GLY I 11 -8.34 2.80 -23.16
N VAL I 12 -9.35 2.00 -22.91
CA VAL I 12 -10.72 2.24 -23.37
C VAL I 12 -11.37 3.41 -22.61
N PRO I 13 -11.93 4.44 -23.27
CA PRO I 13 -12.49 5.63 -22.65
C PRO I 13 -13.84 5.48 -21.99
N VAL I 14 -13.89 4.70 -20.92
CA VAL I 14 -15.11 4.51 -20.16
C VAL I 14 -14.94 4.79 -18.69
N TRP I 15 -16.05 5.02 -18.00
CA TRP I 15 -16.00 5.33 -16.58
C TRP I 15 -17.24 4.95 -15.80
N LYS I 16 -17.08 4.92 -14.49
CA LYS I 16 -18.15 4.67 -13.53
C LYS I 16 -18.22 5.75 -12.46
N ASP I 17 -19.38 5.98 -11.88
CA ASP I 17 -19.46 6.94 -10.79
C ASP I 17 -18.60 6.48 -9.64
N ALA I 18 -17.89 7.40 -8.97
CA ALA I 18 -17.06 6.94 -7.86
C ALA I 18 -16.84 7.98 -6.80
N GLU I 19 -16.55 7.52 -5.60
CA GLU I 19 -16.23 8.42 -4.52
C GLU I 19 -14.77 8.35 -4.15
N THR I 20 -14.07 9.46 -4.25
CA THR I 20 -12.67 9.48 -3.89
C THR I 20 -12.29 10.72 -3.16
N THR I 21 -11.02 10.79 -2.81
CA THR I 21 -10.46 11.94 -2.13
C THR I 21 -9.90 12.90 -3.14
N LEU I 22 -10.34 14.14 -3.10
CA LEU I 22 -9.81 15.13 -4.02
C LEU I 22 -8.77 15.92 -3.30
N PHE I 23 -7.82 16.46 -4.03
CA PHE I 23 -6.83 17.26 -3.34
C PHE I 23 -7.07 18.67 -3.72
N CYS I 24 -6.68 19.61 -2.89
CA CYS I 24 -6.93 20.99 -3.23
C CYS I 24 -5.68 21.66 -3.75
N ALA I 25 -5.90 22.76 -4.45
CA ALA I 25 -4.80 23.62 -4.85
C ALA I 25 -5.26 25.07 -4.91
N SER I 26 -4.39 26.00 -4.55
CA SER I 26 -4.71 27.43 -4.63
C SER I 26 -3.46 28.25 -4.87
N ASP I 27 -3.62 29.47 -5.38
CA ASP I 27 -2.48 30.35 -5.61
C ASP I 27 -2.47 31.52 -4.64
N HIS I 36 -0.97 34.84 7.62
CA HIS I 36 -1.62 33.79 6.83
C HIS I 36 -3.13 33.94 6.77
N ASN I 37 -3.76 33.02 6.05
CA ASN I 37 -5.20 32.96 5.90
C ASN I 37 -5.73 31.88 6.81
N VAL I 38 -7.01 31.92 7.17
CA VAL I 38 -7.58 30.84 7.96
C VAL I 38 -7.49 29.56 7.17
N TRP I 39 -7.76 29.62 5.90
CA TRP I 39 -7.62 28.42 5.12
C TRP I 39 -6.13 28.32 4.89
N ALA I 40 -5.57 27.13 5.01
CA ALA I 40 -4.13 26.99 4.85
C ALA I 40 -3.77 26.97 3.40
N THR I 41 -3.82 28.13 2.79
CA THR I 41 -3.60 28.25 1.38
C THR I 41 -2.16 27.91 1.06
N HIS I 42 -1.25 28.13 2.00
CA HIS I 42 0.15 27.82 1.77
C HIS I 42 0.44 26.33 1.79
N ALA I 43 -0.48 25.54 2.33
CA ALA I 43 -0.34 24.10 2.45
C ALA I 43 -1.11 23.40 1.34
N CYS I 44 -1.72 24.19 0.47
CA CYS I 44 -2.59 23.74 -0.59
C CYS I 44 -2.19 24.38 -1.90
N VAL I 45 -0.97 24.11 -2.39
CA VAL I 45 -0.53 24.85 -3.56
C VAL I 45 -0.01 24.09 -4.80
N PRO I 46 -0.39 22.85 -5.09
CA PRO I 46 0.00 22.18 -6.31
C PRO I 46 -0.91 22.66 -7.43
N THR I 47 -0.77 23.93 -7.80
CA THR I 47 -1.66 24.59 -8.75
C THR I 47 -1.34 24.27 -10.18
N ASP I 48 -2.27 24.65 -11.06
CA ASP I 48 -2.14 24.40 -12.47
C ASP I 48 -2.46 25.64 -13.29
N PRO I 49 -1.46 26.34 -13.84
CA PRO I 49 -1.60 27.53 -14.68
C PRO I 49 -2.38 27.27 -15.98
N ASN I 50 -2.51 26.01 -16.39
CA ASN I 50 -3.20 25.67 -17.63
C ASN I 50 -4.22 24.57 -17.45
N PRO I 51 -5.36 24.84 -16.80
CA PRO I 51 -6.37 23.87 -16.44
C PRO I 51 -7.19 23.51 -17.67
N GLN I 52 -6.62 22.68 -18.53
CA GLN I 52 -7.25 22.36 -19.79
C GLN I 52 -8.60 21.70 -19.62
N GLU I 53 -9.53 22.05 -20.50
CA GLU I 53 -10.87 21.48 -20.54
C GLU I 53 -11.16 20.86 -21.89
N ILE I 54 -11.64 19.64 -21.86
CA ILE I 54 -11.95 18.94 -23.10
C ILE I 54 -13.42 18.70 -23.31
N HIS I 55 -13.98 19.33 -24.33
CA HIS I 55 -15.41 19.16 -24.55
C HIS I 55 -15.66 17.75 -25.02
N LEU I 56 -16.68 17.08 -24.50
CA LEU I 56 -16.93 15.75 -24.98
C LEU I 56 -18.14 15.75 -25.91
N GLU I 57 -17.90 15.57 -27.19
CA GLU I 57 -19.04 15.63 -28.09
C GLU I 57 -19.81 14.34 -27.97
N ASN I 58 -21.12 14.41 -28.09
CA ASN I 58 -22.00 13.26 -28.05
C ASN I 58 -21.90 12.44 -26.78
N VAL I 59 -21.70 13.09 -25.64
CA VAL I 59 -21.69 12.40 -24.38
C VAL I 59 -22.75 12.98 -23.49
N THR I 60 -23.66 12.16 -23.03
CA THR I 60 -24.69 12.65 -22.14
C THR I 60 -24.55 11.92 -20.83
N GLU I 61 -24.43 12.67 -19.75
CA GLU I 61 -24.23 12.07 -18.43
C GLU I 61 -25.27 12.51 -17.47
N GLU I 62 -25.64 11.63 -16.57
CA GLU I 62 -26.57 11.97 -15.52
C GLU I 62 -25.87 12.49 -14.28
N PHE I 63 -26.31 13.65 -13.84
CA PHE I 63 -25.79 14.31 -12.67
C PHE I 63 -26.79 14.31 -11.55
N ASN I 64 -26.31 14.36 -10.31
CA ASN I 64 -27.21 14.49 -9.18
C ASN I 64 -26.54 15.28 -8.07
N MET I 65 -26.81 16.56 -8.00
CA MET I 65 -26.13 17.42 -7.04
C MET I 65 -26.46 17.12 -5.59
N TRP I 66 -27.49 16.34 -5.34
CA TRP I 66 -27.89 16.08 -3.98
C TRP I 66 -27.17 14.87 -3.40
N LYS I 67 -26.44 14.16 -4.24
CA LYS I 67 -25.71 12.94 -3.88
C LYS I 67 -24.25 13.12 -4.24
N ASN I 68 -23.86 14.36 -4.38
CA ASN I 68 -22.52 14.70 -4.79
C ASN I 68 -21.57 14.71 -3.62
N ASN I 69 -20.68 13.74 -3.56
CA ASN I 69 -19.80 13.61 -2.42
C ASN I 69 -18.67 14.62 -2.42
N MET I 70 -18.58 15.42 -3.47
CA MET I 70 -17.60 16.47 -3.49
C MET I 70 -18.00 17.50 -2.46
N VAL I 71 -19.31 17.60 -2.18
CA VAL I 71 -19.85 18.55 -1.25
C VAL I 71 -19.49 18.15 0.13
N GLU I 72 -19.64 16.87 0.43
CA GLU I 72 -19.33 16.41 1.75
C GLU I 72 -17.86 16.58 2.01
N GLN I 73 -17.01 16.31 1.02
CA GLN I 73 -15.60 16.53 1.28
C GLN I 73 -15.31 17.99 1.52
N MET I 74 -15.89 18.89 0.72
CA MET I 74 -15.58 20.28 0.93
C MET I 74 -15.96 20.70 2.33
N HIS I 75 -17.10 20.23 2.82
CA HIS I 75 -17.51 20.60 4.15
C HIS I 75 -16.48 20.12 5.14
N GLU I 76 -16.08 18.86 5.07
CA GLU I 76 -15.13 18.39 6.06
C GLU I 76 -13.81 19.13 5.99
N ASP I 77 -13.30 19.43 4.80
CA ASP I 77 -12.02 20.10 4.69
C ASP I 77 -12.06 21.49 5.30
N ILE I 78 -13.14 22.21 5.10
CA ILE I 78 -13.23 23.54 5.67
C ILE I 78 -13.27 23.52 7.17
N ILE I 79 -14.05 22.63 7.75
CA ILE I 79 -14.11 22.61 9.20
C ILE I 79 -12.75 22.27 9.73
N SER I 80 -12.08 21.30 9.12
CA SER I 80 -10.77 20.91 9.58
C SER I 80 -9.75 22.03 9.49
N LEU I 81 -9.73 22.75 8.37
CA LEU I 81 -8.75 23.82 8.27
C LEU I 81 -9.00 24.91 9.27
N TRP I 82 -10.27 25.23 9.51
CA TRP I 82 -10.59 26.25 10.47
C TRP I 82 -10.00 25.88 11.81
N ASP I 83 -10.27 24.64 12.24
CA ASP I 83 -9.77 24.23 13.53
C ASP I 83 -8.28 24.21 13.60
N GLN I 84 -7.59 23.80 12.54
CA GLN I 84 -6.15 23.80 12.68
C GLN I 84 -5.58 25.19 12.76
N SER I 85 -6.09 26.10 11.95
CA SER I 85 -5.51 27.43 11.91
C SER I 85 -5.73 28.22 13.14
N LEU I 86 -6.86 28.02 13.78
CA LEU I 86 -7.15 28.79 14.94
C LEU I 86 -6.92 28.01 16.22
N LYS I 87 -6.23 26.87 16.13
CA LYS I 87 -5.90 26.08 17.29
C LYS I 87 -4.76 26.67 18.12
N PRO I 88 -3.57 27.00 17.57
CA PRO I 88 -2.42 27.47 18.30
C PRO I 88 -2.53 28.95 18.62
N CYS I 89 -3.54 29.30 19.40
CA CYS I 89 -3.83 30.68 19.75
C CYS I 89 -4.07 30.78 21.26
N VAL I 90 -4.31 31.98 21.75
CA VAL I 90 -4.51 32.18 23.18
C VAL I 90 -5.83 31.64 23.69
N LYS I 91 -5.77 30.85 24.77
CA LYS I 91 -6.98 30.29 25.35
C LYS I 91 -7.50 31.27 26.37
N LEU I 92 -8.71 31.77 26.22
CA LEU I 92 -9.19 32.78 27.14
C LEU I 92 -9.98 32.18 28.27
N THR I 93 -9.39 31.20 28.92
CA THR I 93 -10.03 30.56 30.04
C THR I 93 -10.03 31.47 31.27
N PRO I 94 -9.05 32.37 31.47
CA PRO I 94 -9.01 33.32 32.54
C PRO I 94 -10.14 34.33 32.44
N LEU I 95 -10.87 34.36 31.32
CA LEU I 95 -11.92 35.35 31.22
C LEU I 95 -13.25 34.84 31.63
N CYS I 96 -13.35 33.59 32.00
CA CYS I 96 -14.66 33.15 32.41
C CYS I 96 -14.84 33.44 33.90
N VAL I 97 -15.11 34.72 34.16
CA VAL I 97 -15.20 35.35 35.47
C VAL I 97 -16.48 36.14 35.62
N THR I 98 -16.80 36.56 36.83
CA THR I 98 -17.95 37.43 36.98
C THR I 98 -17.54 38.84 36.58
N LEU I 99 -18.33 39.46 35.75
CA LEU I 99 -18.09 40.81 35.27
C LEU I 99 -19.03 41.81 35.91
N GLN I 100 -18.54 43.01 36.18
CA GLN I 100 -19.45 44.04 36.68
C GLN I 100 -19.70 45.03 35.60
N CYS I 101 -20.93 45.07 35.10
CA CYS I 101 -21.19 45.89 33.94
C CYS I 101 -22.26 46.96 34.13
N THR I 102 -22.04 48.04 33.42
CA THR I 102 -22.99 49.15 33.26
C THR I 102 -23.16 49.46 31.79
N ASN I 103 -23.96 50.46 31.47
CA ASN I 103 -24.14 50.83 30.06
C ASN I 103 -23.06 51.77 29.59
N TYR I 104 -22.53 51.49 28.42
CA TYR I 104 -21.48 52.32 27.83
C TYR I 104 -21.85 53.76 27.60
N ALA I 105 -23.00 53.99 27.01
CA ALA I 105 -23.42 55.33 26.70
C ALA I 105 -24.82 55.53 27.27
N PRO I 106 -24.96 55.72 28.59
CA PRO I 106 -26.22 55.74 29.32
C PRO I 106 -27.11 56.92 28.99
N LYS I 107 -26.54 57.92 28.33
CA LYS I 107 -27.27 59.12 27.97
C LYS I 107 -27.64 59.11 26.49
N LEU I 108 -27.35 57.99 25.82
CA LEU I 108 -27.64 57.86 24.41
C LEU I 108 -29.13 57.58 24.22
N ARG I 109 -29.76 58.27 23.27
CA ARG I 109 -31.18 58.07 22.98
C ARG I 109 -31.42 57.44 21.61
N SER I 110 -30.37 56.88 21.05
CA SER I 110 -30.38 56.27 19.73
C SER I 110 -30.64 54.78 19.72
N MET I 111 -30.46 54.17 18.55
CA MET I 111 -30.73 52.77 18.34
C MET I 111 -29.79 51.89 19.12
N MET I 112 -28.63 52.44 19.43
CA MET I 112 -27.58 51.76 20.13
C MET I 112 -27.69 51.87 21.63
N ARG I 113 -28.76 52.48 22.12
CA ARG I 113 -28.89 52.57 23.55
C ARG I 113 -29.01 51.16 24.09
N GLY I 114 -28.16 50.82 25.03
CA GLY I 114 -28.18 49.51 25.67
C GLY I 114 -27.41 48.41 24.93
N GLU I 115 -26.85 48.71 23.76
CA GLU I 115 -26.14 47.70 22.98
C GLU I 115 -24.72 47.42 23.43
N ILE I 116 -24.05 48.40 24.02
CA ILE I 116 -22.68 48.19 24.45
C ILE I 116 -22.59 48.34 25.95
N LYS I 117 -21.98 47.34 26.57
CA LYS I 117 -21.79 47.29 27.99
C LYS I 117 -20.37 47.65 28.34
N ASN I 118 -20.20 48.33 29.44
CA ASN I 118 -18.90 48.70 29.97
C ASN I 118 -18.61 47.90 31.23
N CYS I 119 -17.75 46.90 31.10
CA CYS I 119 -17.55 45.93 32.17
C CYS I 119 -16.17 45.90 32.77
N SER I 120 -16.10 45.53 34.05
CA SER I 120 -14.80 45.33 34.67
C SER I 120 -14.55 43.87 35.06
N PHE I 121 -13.28 43.50 35.06
CA PHE I 121 -12.79 42.17 35.38
C PHE I 121 -11.67 42.18 36.39
N ASN I 122 -11.54 41.09 37.13
CA ASN I 122 -10.29 40.83 37.83
C ASN I 122 -9.50 39.83 36.99
N MET I 123 -8.60 40.33 36.19
CA MET I 123 -7.89 39.59 35.16
C MET I 123 -6.55 39.07 35.65
N THR I 124 -6.08 37.95 35.10
CA THR I 124 -4.76 37.43 35.44
C THR I 124 -3.72 38.26 34.75
N THR I 125 -2.48 38.09 35.15
CA THR I 125 -1.38 38.80 34.53
C THR I 125 -0.20 37.89 34.33
N GLU I 126 0.95 38.47 34.03
CA GLU I 126 2.14 37.68 33.71
C GLU I 126 2.58 36.81 34.86
N LEU I 127 2.48 37.32 36.08
CA LEU I 127 2.89 36.54 37.23
C LEU I 127 1.66 35.98 37.88
N ARG I 128 1.79 34.79 38.43
CA ARG I 128 0.67 34.12 39.06
C ARG I 128 0.24 34.72 40.37
N ASP I 129 1.07 35.57 40.91
CA ASP I 129 0.82 36.19 42.18
C ASP I 129 -0.03 37.43 42.09
N LYS I 130 -0.30 37.90 40.88
CA LYS I 130 -1.01 39.16 40.77
C LYS I 130 -2.21 39.12 39.86
N LYS I 131 -3.12 40.04 40.12
CA LYS I 131 -4.28 40.26 39.28
C LYS I 131 -4.29 41.71 38.89
N GLN I 132 -4.99 42.03 37.83
CA GLN I 132 -5.11 43.40 37.39
C GLN I 132 -6.56 43.75 37.12
N LYS I 133 -6.93 45.01 37.34
CA LYS I 133 -8.30 45.41 37.06
C LYS I 133 -8.37 45.94 35.66
N VAL I 134 -9.27 45.36 34.89
CA VAL I 134 -9.41 45.69 33.49
C VAL I 134 -10.79 46.13 33.12
N TYR I 135 -10.88 47.18 32.33
CA TYR I 135 -12.16 47.61 31.80
C TYR I 135 -12.20 47.35 30.31
N SER I 136 -13.33 46.90 29.82
CA SER I 136 -13.51 46.65 28.40
C SER I 136 -14.95 46.77 27.98
N LEU I 137 -15.16 46.94 26.69
CA LEU I 137 -16.50 47.01 26.20
C LEU I 137 -16.93 45.73 25.56
N PHE I 138 -18.18 45.37 25.79
CA PHE I 138 -18.78 44.19 25.22
C PHE I 138 -20.07 44.48 24.55
N TYR I 139 -20.38 43.71 23.55
CA TYR I 139 -21.68 43.84 22.95
C TYR I 139 -22.66 43.10 23.81
N ARG I 140 -23.89 43.58 23.86
CA ARG I 140 -24.93 42.96 24.64
C ARG I 140 -25.12 41.49 24.38
N LEU I 141 -24.96 41.07 23.14
CA LEU I 141 -25.22 39.68 22.81
C LEU I 141 -24.12 38.72 23.25
N ASP I 142 -23.03 39.23 23.77
CA ASP I 142 -21.97 38.39 24.25
C ASP I 142 -22.02 38.13 25.76
N VAL I 143 -22.96 38.77 26.47
CA VAL I 143 -22.98 38.57 27.92
C VAL I 143 -24.33 38.13 28.44
N VAL I 144 -24.29 37.49 29.60
CA VAL I 144 -25.46 37.01 30.28
C VAL I 144 -25.57 37.55 31.68
N GLN I 145 -26.72 38.08 32.04
CA GLN I 145 -26.89 38.56 33.39
C GLN I 145 -27.12 37.35 34.28
N ILE I 146 -26.41 37.25 35.40
CA ILE I 146 -26.58 36.08 36.25
C ILE I 146 -27.25 36.32 37.59
N ASN I 147 -27.46 37.57 37.97
CA ASN I 147 -28.09 37.86 39.25
C ASN I 147 -27.52 36.99 40.36
N LYS I 159 -24.84 44.93 36.55
CA LYS I 159 -24.05 44.22 37.53
C LYS I 159 -24.24 42.72 37.37
N GLU I 160 -23.29 41.95 37.91
CA GLU I 160 -23.35 40.49 37.86
C GLU I 160 -23.60 39.83 36.50
N TYR I 161 -22.62 39.93 35.60
CA TYR I 161 -22.65 39.33 34.26
C TYR I 161 -21.59 38.26 34.04
N ARG I 162 -21.84 37.35 33.12
CA ARG I 162 -20.80 36.40 32.70
C ARG I 162 -20.73 36.35 31.20
N LEU I 163 -19.64 35.87 30.64
CA LEU I 163 -19.64 35.75 29.19
C LEU I 163 -20.53 34.61 28.81
N ILE I 164 -21.23 34.75 27.71
CA ILE I 164 -22.15 33.71 27.30
C ILE I 164 -21.53 32.33 27.06
N ASN I 165 -20.28 32.26 26.64
CA ASN I 165 -19.71 30.94 26.37
C ASN I 165 -19.52 30.09 27.60
N CYS I 166 -19.51 30.69 28.80
CA CYS I 166 -19.20 29.94 30.01
C CYS I 166 -20.19 28.86 30.33
N ASN I 167 -21.36 28.96 29.74
CA ASN I 167 -22.45 28.02 29.90
C ASN I 167 -22.12 26.67 29.29
N THR I 168 -21.34 26.66 28.21
CA THR I 168 -21.04 25.41 27.52
C THR I 168 -19.59 25.12 27.20
N SER I 169 -18.75 26.15 27.07
CA SER I 169 -17.42 25.87 26.59
C SER I 169 -16.35 26.89 26.82
N ALA I 170 -15.11 26.42 26.69
CA ALA I 170 -13.95 27.28 26.69
C ALA I 170 -13.93 28.02 25.38
N ILE I 171 -13.34 29.21 25.41
CA ILE I 171 -13.26 30.02 24.22
C ILE I 171 -11.82 30.36 23.86
N THR I 172 -11.51 30.29 22.58
CA THR I 172 -10.15 30.57 22.07
C THR I 172 -10.12 31.85 21.27
N GLN I 173 -9.12 32.70 21.49
CA GLN I 173 -9.00 33.93 20.73
C GLN I 173 -8.43 33.65 19.39
N ALA I 174 -9.11 34.10 18.36
CA ALA I 174 -8.57 33.86 17.04
C ALA I 174 -7.28 34.61 16.92
N CYS I 175 -6.30 34.02 16.29
CA CYS I 175 -5.05 34.71 16.12
C CYS I 175 -5.27 35.95 15.25
N PRO I 176 -4.81 37.14 15.66
CA PRO I 176 -4.98 38.42 14.99
C PRO I 176 -4.23 38.51 13.68
N LYS I 177 -3.29 37.61 13.49
CA LYS I 177 -2.44 37.54 12.32
C LYS I 177 -3.01 36.64 11.22
N VAL I 178 -4.16 36.02 11.48
CA VAL I 178 -4.74 35.13 10.50
C VAL I 178 -6.02 35.71 9.92
N SER I 179 -6.05 35.89 8.61
CA SER I 179 -7.15 36.50 7.88
C SER I 179 -8.33 35.60 7.55
N PHE I 180 -9.52 36.16 7.61
CA PHE I 180 -10.73 35.41 7.32
C PHE I 180 -11.19 35.57 5.89
N GLU I 181 -10.35 36.18 5.06
CA GLU I 181 -10.70 36.36 3.67
C GLU I 181 -10.87 34.99 2.98
N PRO I 182 -11.99 34.73 2.28
CA PRO I 182 -12.32 33.50 1.62
C PRO I 182 -11.60 33.29 0.30
N ILE I 183 -10.32 33.00 0.38
CA ILE I 183 -9.47 32.80 -0.79
C ILE I 183 -9.92 31.57 -1.57
N PRO I 184 -10.11 31.63 -2.91
CA PRO I 184 -10.57 30.54 -3.76
C PRO I 184 -9.74 29.28 -3.65
N ILE I 185 -10.42 28.15 -3.62
CA ILE I 185 -9.84 26.81 -3.55
C ILE I 185 -10.26 25.98 -4.75
N HIS I 186 -9.33 25.35 -5.43
CA HIS I 186 -9.68 24.50 -6.56
C HIS I 186 -9.60 23.05 -6.12
N TYR I 187 -10.51 22.19 -6.57
CA TYR I 187 -10.40 20.76 -6.25
C TYR I 187 -9.98 19.93 -7.42
N CYS I 188 -8.90 19.18 -7.26
CA CYS I 188 -8.32 18.44 -8.36
C CYS I 188 -8.43 16.94 -8.19
N ALA I 189 -8.64 16.23 -9.29
CA ALA I 189 -8.73 14.78 -9.25
C ALA I 189 -7.38 14.11 -9.13
N PRO I 190 -7.27 12.98 -8.42
CA PRO I 190 -6.12 12.12 -8.38
C PRO I 190 -6.04 11.34 -9.67
N ALA I 191 -4.87 10.84 -10.04
CA ALA I 191 -4.80 10.06 -11.27
C ALA I 191 -5.72 8.87 -11.19
N GLY I 192 -6.36 8.57 -12.32
CA GLY I 192 -7.29 7.45 -12.41
C GLY I 192 -8.72 7.95 -12.33
N PHE I 193 -8.89 9.21 -11.98
CA PHE I 193 -10.18 9.86 -11.85
C PHE I 193 -10.29 11.09 -12.70
N ALA I 194 -11.51 11.48 -12.98
CA ALA I 194 -11.75 12.70 -13.74
C ALA I 194 -12.95 13.44 -13.23
N ILE I 195 -12.96 14.76 -13.41
CA ILE I 195 -14.10 15.55 -13.00
C ILE I 195 -14.87 15.99 -14.21
N LEU I 196 -16.16 15.76 -14.21
CA LEU I 196 -16.93 16.16 -15.37
C LEU I 196 -17.82 17.34 -15.05
N LYS I 197 -17.81 18.35 -15.93
CA LYS I 197 -18.70 19.49 -15.80
C LYS I 197 -19.98 19.16 -16.48
N CYS I 198 -21.09 19.69 -15.98
CA CYS I 198 -22.38 19.44 -16.59
C CYS I 198 -22.59 20.38 -17.78
N LYS I 199 -22.47 21.68 -17.55
CA LYS I 199 -22.53 22.77 -18.54
C LYS I 199 -23.78 22.98 -19.38
N ASP I 200 -24.90 22.42 -19.01
CA ASP I 200 -26.07 22.75 -19.78
C ASP I 200 -26.60 24.03 -19.21
N LYS I 201 -27.39 24.72 -19.98
CA LYS I 201 -27.99 25.93 -19.47
C LYS I 201 -29.25 25.49 -18.80
N LYS I 202 -29.69 26.24 -17.82
CA LYS I 202 -30.91 25.92 -17.13
C LYS I 202 -30.82 24.52 -16.54
N PHE I 203 -29.66 24.17 -16.00
CA PHE I 203 -29.50 22.87 -15.38
C PHE I 203 -29.94 22.97 -13.95
N ASN I 204 -30.90 22.15 -13.60
CA ASN I 204 -31.56 22.25 -12.31
C ASN I 204 -30.99 21.33 -11.24
N GLY I 205 -29.83 20.77 -11.48
CA GLY I 205 -29.17 19.94 -10.50
C GLY I 205 -29.27 18.45 -10.72
N THR I 206 -30.22 17.99 -11.51
CA THR I 206 -30.24 16.56 -11.75
C THR I 206 -30.47 16.25 -13.20
N GLY I 207 -30.12 15.05 -13.59
CA GLY I 207 -30.44 14.59 -14.93
C GLY I 207 -29.32 14.74 -15.97
N PRO I 208 -29.64 14.48 -17.23
CA PRO I 208 -28.77 14.29 -18.37
C PRO I 208 -28.17 15.49 -19.12
N CYS I 209 -27.24 16.24 -18.53
CA CYS I 209 -26.66 17.30 -19.38
C CYS I 209 -25.99 16.69 -20.62
N PRO I 210 -26.29 17.20 -21.84
CA PRO I 210 -25.71 16.83 -23.12
C PRO I 210 -24.48 17.65 -23.53
N SER I 211 -24.02 18.53 -22.65
CA SER I 211 -22.96 19.51 -22.97
C SER I 211 -21.73 19.32 -22.11
N VAL I 212 -21.57 18.12 -21.62
CA VAL I 212 -20.54 17.70 -20.69
C VAL I 212 -19.12 17.81 -21.19
N SER I 213 -18.24 18.29 -20.31
CA SER I 213 -16.82 18.42 -20.62
C SER I 213 -15.99 17.91 -19.47
N THR I 214 -14.76 17.50 -19.75
CA THR I 214 -13.92 17.00 -18.66
C THR I 214 -12.77 17.88 -18.29
N VAL I 215 -12.57 18.01 -16.98
CA VAL I 215 -11.47 18.80 -16.46
C VAL I 215 -10.65 18.04 -15.42
N GLN I 216 -9.40 18.45 -15.28
CA GLN I 216 -8.54 17.93 -14.26
C GLN I 216 -8.87 18.48 -12.89
N CYS I 217 -9.28 19.74 -12.88
CA CYS I 217 -9.47 20.44 -11.64
C CYS I 217 -10.56 21.50 -11.81
N THR I 218 -11.34 21.73 -10.76
CA THR I 218 -12.45 22.68 -10.78
C THR I 218 -11.95 24.10 -10.77
N HIS I 219 -12.86 25.02 -11.00
CA HIS I 219 -12.54 26.42 -10.95
C HIS I 219 -12.38 26.73 -9.48
N GLY I 220 -11.91 27.92 -9.15
CA GLY I 220 -11.77 28.16 -7.73
C GLY I 220 -13.09 28.48 -7.11
N ILE I 221 -13.34 27.95 -5.94
CA ILE I 221 -14.53 28.25 -5.21
C ILE I 221 -14.19 28.99 -3.96
N LYS I 222 -14.83 30.13 -3.76
CA LYS I 222 -14.57 30.89 -2.55
C LYS I 222 -15.38 30.32 -1.42
N PRO I 223 -14.79 29.91 -0.30
CA PRO I 223 -15.46 29.34 0.83
C PRO I 223 -16.11 30.44 1.66
N VAL I 224 -17.09 31.10 1.07
CA VAL I 224 -17.78 32.18 1.74
C VAL I 224 -18.81 31.54 2.61
N VAL I 225 -18.86 31.95 3.86
CA VAL I 225 -19.82 31.37 4.79
C VAL I 225 -20.89 32.37 5.13
N SER I 226 -22.14 32.03 4.83
CA SER I 226 -23.27 32.90 5.12
C SER I 226 -24.56 32.10 5.26
N THR I 227 -25.55 32.76 5.80
CA THR I 227 -26.89 32.18 5.94
C THR I 227 -27.88 33.09 5.23
N GLN I 228 -29.15 32.66 5.02
CA GLN I 228 -30.20 33.47 4.38
C GLN I 228 -29.93 33.80 2.89
N LEU I 229 -28.89 34.59 2.63
CA LEU I 229 -28.50 35.01 1.29
C LEU I 229 -27.06 34.57 1.00
N LEU I 230 -26.81 34.15 -0.22
CA LEU I 230 -25.49 33.72 -0.61
C LEU I 230 -24.74 34.87 -1.23
N LEU I 231 -23.50 35.03 -0.84
CA LEU I 231 -22.71 36.13 -1.34
C LEU I 231 -21.53 35.70 -2.16
N ASN I 232 -21.17 36.54 -3.10
CA ASN I 232 -19.96 36.42 -3.90
C ASN I 232 -19.83 35.05 -4.60
N GLY I 233 -20.93 34.48 -5.08
CA GLY I 233 -20.84 33.20 -5.77
C GLY I 233 -21.01 33.39 -7.26
N SER I 234 -21.32 32.30 -7.94
CA SER I 234 -21.51 32.38 -9.37
C SER I 234 -22.91 32.87 -9.70
N LEU I 235 -23.10 33.32 -10.92
CA LEU I 235 -24.42 33.73 -11.41
C LEU I 235 -24.94 32.77 -12.42
N ALA I 236 -26.26 32.69 -12.52
CA ALA I 236 -26.90 31.88 -13.52
C ALA I 236 -26.63 32.53 -14.86
N GLU I 237 -26.46 31.73 -15.90
CA GLU I 237 -26.16 32.25 -17.23
C GLU I 237 -27.28 33.02 -17.92
N GLU I 238 -28.51 32.55 -17.75
CA GLU I 238 -29.63 33.14 -18.49
C GLU I 238 -30.76 33.65 -17.63
N GLU I 239 -31.28 32.80 -16.77
CA GLU I 239 -32.47 33.11 -15.97
C GLU I 239 -32.33 32.52 -14.61
N VAL I 240 -33.12 33.01 -13.69
CA VAL I 240 -33.03 32.49 -12.34
C VAL I 240 -33.36 31.01 -12.33
N ILE I 241 -32.51 30.22 -11.68
CA ILE I 241 -32.71 28.79 -11.63
C ILE I 241 -33.06 28.35 -10.23
N ILE I 242 -34.17 27.65 -10.11
CA ILE I 242 -34.60 27.20 -8.81
C ILE I 242 -34.40 25.72 -8.66
N ARG I 243 -33.59 25.32 -7.68
CA ARG I 243 -33.25 23.92 -7.50
C ARG I 243 -33.71 23.36 -6.16
N SER I 244 -34.10 22.10 -6.16
CA SER I 244 -34.49 21.40 -4.94
C SER I 244 -34.35 19.92 -5.06
N GLU I 245 -34.07 19.27 -3.94
CA GLU I 245 -34.04 17.82 -3.92
C GLU I 245 -35.41 17.27 -4.26
N ASN I 246 -36.43 17.97 -3.79
CA ASN I 246 -37.83 17.63 -4.00
C ASN I 246 -38.66 18.90 -3.85
N ILE I 247 -39.09 19.46 -4.96
CA ILE I 247 -39.75 20.75 -4.95
C ILE I 247 -41.07 20.74 -4.22
N THR I 248 -41.68 19.58 -4.02
CA THR I 248 -42.97 19.54 -3.35
C THR I 248 -42.85 19.10 -1.90
N ASN I 249 -41.64 18.90 -1.41
CA ASN I 249 -41.44 18.46 -0.05
C ASN I 249 -41.04 19.66 0.81
N ASN I 250 -41.91 20.07 1.73
CA ASN I 250 -41.65 21.27 2.53
C ASN I 250 -40.51 21.07 3.52
N ALA I 251 -40.04 19.85 3.66
CA ALA I 251 -38.93 19.57 4.55
C ALA I 251 -37.59 19.89 3.87
N LYS I 252 -37.62 20.23 2.59
CA LYS I 252 -36.41 20.51 1.83
C LYS I 252 -36.21 21.98 1.57
N ASN I 253 -34.96 22.39 1.36
CA ASN I 253 -34.69 23.77 1.02
C ASN I 253 -34.70 23.98 -0.47
N ILE I 254 -34.99 25.20 -0.86
CA ILE I 254 -34.97 25.63 -2.23
C ILE I 254 -33.80 26.57 -2.46
N LEU I 255 -32.95 26.21 -3.39
CA LEU I 255 -31.78 27.03 -3.65
C LEU I 255 -32.02 27.84 -4.89
N VAL I 256 -31.95 29.15 -4.77
CA VAL I 256 -32.23 29.99 -5.91
C VAL I 256 -30.97 30.69 -6.40
N GLN I 257 -30.61 30.45 -7.66
CA GLN I 257 -29.42 31.06 -8.25
C GLN I 257 -29.83 32.22 -9.13
N LEU I 258 -29.31 33.40 -8.83
CA LEU I 258 -29.74 34.57 -9.59
C LEU I 258 -28.92 34.75 -10.84
N ASN I 259 -29.50 35.33 -11.89
CA ASN I 259 -28.77 35.61 -13.11
C ASN I 259 -28.19 37.01 -13.14
N THR I 260 -28.43 37.77 -12.09
CA THR I 260 -27.92 39.11 -11.92
C THR I 260 -27.51 39.26 -10.48
N PRO I 261 -26.48 40.01 -10.16
CA PRO I 261 -26.06 40.31 -8.82
C PRO I 261 -26.96 41.36 -8.22
N VAL I 262 -27.11 41.35 -6.91
CA VAL I 262 -27.75 42.47 -6.24
C VAL I 262 -26.67 43.04 -5.34
N GLN I 263 -26.30 44.29 -5.52
CA GLN I 263 -25.20 44.77 -4.72
C GLN I 263 -25.66 45.16 -3.34
N ILE I 264 -24.92 44.74 -2.33
CA ILE I 264 -25.18 45.06 -0.94
C ILE I 264 -23.97 45.74 -0.29
N ASN I 265 -24.20 46.88 0.34
CA ASN I 265 -23.14 47.64 1.00
C ASN I 265 -23.29 47.64 2.51
N CYS I 266 -22.40 46.95 3.20
CA CYS I 266 -22.52 46.85 4.66
C CYS I 266 -21.47 47.67 5.37
N THR I 267 -21.85 48.22 6.51
CA THR I 267 -20.91 48.98 7.29
C THR I 267 -21.05 48.88 8.79
N ARG I 268 -19.95 49.24 9.45
CA ARG I 268 -19.84 49.32 10.89
C ARG I 268 -19.41 50.75 11.20
N PRO I 269 -20.35 51.70 11.30
CA PRO I 269 -20.13 53.13 11.40
C PRO I 269 -19.74 53.57 12.80
N SER I 270 -18.66 53.03 13.29
CA SER I 270 -18.19 53.36 14.63
C SER I 270 -16.70 53.23 14.64
N ASN I 271 -16.00 54.27 15.01
CA ASN I 271 -14.54 54.23 15.00
C ASN I 271 -14.04 53.65 16.30
N ASN I 272 -13.69 52.38 16.28
CA ASN I 272 -13.36 51.75 17.53
C ASN I 272 -11.88 51.72 17.79
N THR I 273 -11.54 51.76 19.06
CA THR I 273 -10.17 51.65 19.52
C THR I 273 -9.97 50.33 20.21
N VAL I 274 -8.94 49.62 19.75
CA VAL I 274 -8.56 48.33 20.27
C VAL I 274 -7.41 48.44 21.25
N LYS I 275 -7.58 47.82 22.40
CA LYS I 275 -6.60 47.80 23.46
C LYS I 275 -6.14 46.39 23.71
N SER I 276 -4.97 46.23 24.31
CA SER I 276 -4.55 44.89 24.64
C SER I 276 -3.78 44.83 25.92
N ILE I 277 -3.88 43.68 26.57
CA ILE I 277 -3.15 43.39 27.79
C ILE I 277 -2.51 42.03 27.77
N ARG I 278 -1.51 41.86 28.60
CA ARG I 278 -0.94 40.55 28.76
C ARG I 278 -1.70 39.87 29.88
N ILE I 279 -2.04 38.61 29.68
CA ILE I 279 -2.78 37.85 30.69
C ILE I 279 -2.04 36.62 31.16
N GLY I 280 -0.80 36.49 30.72
CA GLY I 280 0.02 35.35 31.06
C GLY I 280 1.39 35.44 30.38
N PRO I 281 2.22 34.43 30.50
CA PRO I 281 3.59 34.37 30.03
C PRO I 281 3.69 34.25 28.53
N GLY I 282 3.51 35.38 27.87
CA GLY I 282 3.52 35.43 26.41
C GLY I 282 2.12 35.41 25.81
N GLN I 283 1.10 35.57 26.64
CA GLN I 283 -0.25 35.56 26.11
C GLN I 283 -0.89 36.92 26.19
N ALA I 284 -1.59 37.30 25.14
CA ALA I 284 -2.26 38.59 25.15
C ALA I 284 -3.66 38.52 24.67
N PHE I 285 -4.47 39.33 25.30
CA PHE I 285 -5.88 39.48 25.03
C PHE I 285 -6.17 40.81 24.40
N TYR I 286 -6.92 40.77 23.31
CA TYR I 286 -7.29 41.97 22.60
C TYR I 286 -8.72 42.28 22.83
N TYR I 287 -9.03 43.54 23.06
CA TYR I 287 -10.40 43.90 23.35
C TYR I 287 -10.82 45.25 22.88
N PHE I 288 -12.12 45.45 22.88
CA PHE I 288 -12.73 46.67 22.46
C PHE I 288 -12.58 47.65 23.59
N GLY I 289 -11.79 48.68 23.33
CA GLY I 289 -11.41 49.67 24.29
C GLY I 289 -12.42 50.76 24.43
N ASP I 290 -12.57 51.53 23.36
CA ASP I 290 -13.47 52.67 23.39
C ASP I 290 -13.99 53.01 22.00
N VAL I 291 -14.85 54.02 21.92
CA VAL I 291 -15.40 54.48 20.65
C VAL I 291 -15.11 55.95 20.45
N LEU I 292 -14.52 56.28 19.33
CA LEU I 292 -14.23 57.64 19.03
C LEU I 292 -15.35 58.16 18.17
N GLY I 293 -15.72 59.41 18.35
CA GLY I 293 -16.79 59.92 17.54
C GLY I 293 -18.10 59.34 18.07
N HIS I 294 -19.06 59.18 17.18
CA HIS I 294 -20.39 58.74 17.50
C HIS I 294 -20.59 57.25 17.55
N VAL I 295 -21.60 56.84 18.30
CA VAL I 295 -22.01 55.46 18.36
C VAL I 295 -23.21 55.29 17.45
N ARG I 296 -23.08 54.44 16.44
CA ARG I 296 -24.13 54.21 15.46
C ARG I 296 -24.34 52.73 15.19
N MET I 297 -25.54 52.39 14.77
CA MET I 297 -25.93 51.02 14.49
C MET I 297 -25.36 50.51 13.17
N ALA I 298 -24.87 49.27 13.17
CA ALA I 298 -24.36 48.61 11.98
C ALA I 298 -25.52 48.37 11.03
N HIS I 299 -25.25 48.42 9.74
CA HIS I 299 -26.34 48.23 8.79
C HIS I 299 -25.90 47.88 7.38
N CYS I 300 -26.84 47.39 6.56
CA CYS I 300 -26.56 47.12 5.15
C CYS I 300 -27.57 47.75 4.18
N ASN I 301 -27.05 48.35 3.10
CA ASN I 301 -27.87 49.01 2.09
C ASN I 301 -28.05 48.19 0.82
N ILE I 302 -29.30 47.99 0.44
CA ILE I 302 -29.72 47.27 -0.75
C ILE I 302 -30.53 48.15 -1.69
N SER I 303 -30.19 48.19 -2.98
CA SER I 303 -31.00 49.02 -3.89
C SER I 303 -32.44 48.57 -3.85
N LYS I 304 -33.35 49.50 -3.64
CA LYS I 304 -34.73 49.08 -3.49
C LYS I 304 -35.31 48.55 -4.78
N ALA I 305 -34.99 49.22 -5.90
CA ALA I 305 -35.54 48.78 -7.15
C ALA I 305 -34.98 47.45 -7.57
N THR I 306 -33.69 47.22 -7.33
CA THR I 306 -33.10 45.98 -7.76
C THR I 306 -33.71 44.84 -7.02
N TRP I 307 -33.90 44.99 -5.72
CA TRP I 307 -34.47 43.92 -4.95
C TRP I 307 -35.87 43.58 -5.44
N ASN I 308 -36.70 44.59 -5.72
CA ASN I 308 -38.05 44.25 -6.17
C ASN I 308 -38.03 43.53 -7.52
N GLU I 309 -37.12 43.94 -8.41
CA GLU I 309 -37.05 43.25 -9.70
C GLU I 309 -36.61 41.82 -9.53
N THR I 310 -35.68 41.62 -8.61
CA THR I 310 -35.11 40.33 -8.33
C THR I 310 -36.18 39.39 -7.84
N LEU I 311 -37.02 39.83 -6.92
CA LEU I 311 -38.05 38.92 -6.48
C LEU I 311 -39.05 38.68 -7.59
N GLY I 312 -39.34 39.68 -8.41
CA GLY I 312 -40.31 39.41 -9.46
C GLY I 312 -39.82 38.26 -10.33
N LYS I 313 -38.52 38.23 -10.63
CA LYS I 313 -37.97 37.13 -11.41
C LYS I 313 -38.08 35.81 -10.69
N VAL I 314 -37.85 35.81 -9.38
CA VAL I 314 -37.93 34.58 -8.62
C VAL I 314 -39.35 34.05 -8.64
N VAL I 315 -40.32 34.92 -8.47
CA VAL I 315 -41.71 34.50 -8.47
C VAL I 315 -42.11 33.94 -9.80
N LYS I 316 -41.70 34.60 -10.88
CA LYS I 316 -42.03 34.10 -12.19
C LYS I 316 -41.58 32.67 -12.36
N GLN I 317 -40.39 32.35 -11.88
CA GLN I 317 -39.89 31.00 -11.97
C GLN I 317 -40.58 30.06 -10.97
N LEU I 318 -40.93 30.53 -9.79
CA LEU I 318 -41.61 29.66 -8.82
C LEU I 318 -42.95 29.20 -9.35
N ARG I 319 -43.62 30.06 -10.10
CA ARG I 319 -44.92 29.74 -10.66
C ARG I 319 -44.85 28.56 -11.62
N LYS I 320 -43.67 28.24 -12.16
CA LYS I 320 -43.55 27.11 -13.06
C LYS I 320 -43.81 25.82 -12.32
N HIS I 321 -43.62 25.81 -11.01
CA HIS I 321 -43.81 24.61 -10.23
C HIS I 321 -45.10 24.69 -9.44
N PHE I 322 -45.52 25.92 -9.13
CA PHE I 322 -46.69 26.07 -8.27
C PHE I 322 -47.99 26.59 -8.89
N GLY I 323 -47.96 27.09 -10.13
CA GLY I 323 -49.14 27.61 -10.82
C GLY I 323 -49.14 29.13 -11.00
N ASN I 324 -49.62 29.60 -12.15
CA ASN I 324 -49.62 31.03 -12.44
C ASN I 324 -50.86 31.72 -11.90
N ASN I 325 -51.67 30.96 -11.19
CA ASN I 325 -52.85 31.45 -10.55
C ASN I 325 -52.72 31.21 -9.05
N THR I 326 -51.50 30.94 -8.59
CA THR I 326 -51.20 30.69 -7.20
C THR I 326 -50.55 31.93 -6.63
N ILE I 327 -51.02 32.38 -5.48
CA ILE I 327 -50.44 33.57 -4.89
C ILE I 327 -49.16 33.22 -4.17
N ILE I 328 -48.10 33.94 -4.44
CA ILE I 328 -46.83 33.67 -3.77
C ILE I 328 -46.40 34.80 -2.88
N ARG I 329 -46.14 34.51 -1.63
CA ARG I 329 -45.69 35.57 -0.76
C ARG I 329 -44.43 35.24 -0.05
N PHE I 330 -43.67 36.28 0.19
CA PHE I 330 -42.48 36.14 0.98
C PHE I 330 -42.77 36.64 2.38
N ALA I 331 -42.12 36.01 3.33
CA ALA I 331 -42.31 36.34 4.72
C ALA I 331 -41.04 36.23 5.54
N GLN I 332 -41.09 36.87 6.69
CA GLN I 332 -40.06 36.94 7.71
C GLN I 332 -39.65 35.55 8.22
N SER I 333 -38.38 35.39 8.56
CA SER I 333 -37.93 34.12 9.11
C SER I 333 -38.70 33.82 10.40
N SER I 334 -38.90 32.53 10.69
CA SER I 334 -39.75 32.13 11.80
C SER I 334 -39.18 31.96 13.21
N GLY I 335 -37.89 31.76 13.38
CA GLY I 335 -37.41 31.54 14.74
C GLY I 335 -36.11 30.78 14.82
N GLY I 336 -35.68 30.48 16.04
CA GLY I 336 -34.40 29.81 16.27
C GLY I 336 -33.35 30.86 16.60
N ASP I 337 -32.07 30.47 16.57
CA ASP I 337 -31.04 31.41 16.98
C ASP I 337 -30.66 32.33 15.82
N LEU I 338 -29.74 33.23 16.05
CA LEU I 338 -29.42 34.18 15.02
C LEU I 338 -28.89 33.57 13.74
N GLU I 339 -28.17 32.46 13.77
CA GLU I 339 -27.66 31.97 12.50
C GLU I 339 -28.78 31.53 11.54
N VAL I 340 -30.01 31.34 12.05
CA VAL I 340 -31.11 30.97 11.19
C VAL I 340 -32.17 32.05 11.10
N THR I 341 -32.18 33.01 12.01
CA THR I 341 -33.19 34.04 11.92
C THR I 341 -32.71 35.29 11.22
N THR I 342 -31.39 35.51 11.18
CA THR I 342 -30.81 36.69 10.56
C THR I 342 -29.76 36.33 9.52
N HIS I 343 -29.43 37.29 8.68
CA HIS I 343 -28.39 37.09 7.69
C HIS I 343 -27.10 37.19 8.40
N SER I 344 -26.12 36.40 8.05
CA SER I 344 -24.85 36.58 8.72
C SER I 344 -23.70 36.41 7.78
N PHE I 345 -22.67 37.18 8.06
CA PHE I 345 -21.43 37.20 7.29
C PHE I 345 -20.24 37.77 8.03
N ASN I 346 -19.05 37.54 7.50
CA ASN I 346 -17.81 38.09 8.03
C ASN I 346 -17.23 39.19 7.13
N CYS I 347 -17.25 40.42 7.60
CA CYS I 347 -16.74 41.57 6.85
C CYS I 347 -15.68 42.35 7.60
N GLY I 348 -14.45 42.26 7.13
CA GLY I 348 -13.35 42.97 7.75
C GLY I 348 -12.88 42.26 9.00
N GLY I 349 -13.44 41.08 9.23
CA GLY I 349 -13.17 40.30 10.42
C GLY I 349 -14.31 40.40 11.43
N GLU I 350 -15.26 41.32 11.26
CA GLU I 350 -16.34 41.34 12.25
C GLU I 350 -17.45 40.43 11.81
N PHE I 351 -18.13 39.83 12.77
CA PHE I 351 -19.25 38.97 12.48
C PHE I 351 -20.57 39.66 12.68
N PHE I 352 -21.25 39.86 11.56
CA PHE I 352 -22.49 40.59 11.48
C PHE I 352 -23.68 39.72 11.38
N TYR I 353 -24.75 40.17 12.00
CA TYR I 353 -26.05 39.57 11.93
C TYR I 353 -27.02 40.66 11.49
N CYS I 354 -27.79 40.42 10.43
CA CYS I 354 -28.68 41.46 9.91
C CYS I 354 -30.13 41.00 9.77
N ASN I 355 -31.03 41.91 10.06
CA ASN I 355 -32.45 41.61 9.96
C ASN I 355 -32.99 41.75 8.54
N THR I 356 -33.37 40.62 7.95
CA THR I 356 -33.83 40.48 6.58
C THR I 356 -35.33 40.55 6.46
N SER I 357 -36.01 40.89 7.56
CA SER I 357 -37.45 41.00 7.57
C SER I 357 -37.93 42.08 6.64
N GLY I 358 -37.08 43.07 6.34
CA GLY I 358 -37.47 44.13 5.44
C GLY I 358 -37.41 43.68 3.98
N LEU I 359 -36.81 42.54 3.71
CA LEU I 359 -36.70 42.06 2.34
C LEU I 359 -37.80 41.07 2.02
N PHE I 360 -38.02 40.16 2.92
CA PHE I 360 -38.98 39.10 2.67
C PHE I 360 -40.32 39.46 3.22
N ASN I 361 -40.91 40.46 2.60
CA ASN I 361 -42.20 41.00 2.99
C ASN I 361 -42.99 41.43 1.78
N SER I 362 -43.87 40.57 1.27
CA SER I 362 -44.57 40.98 0.05
C SER I 362 -46.00 40.48 -0.16
N THR I 363 -46.12 39.52 -1.08
CA THR I 363 -47.31 38.89 -1.64
C THR I 363 -47.46 39.35 -3.08
N TRP I 364 -47.15 38.44 -3.98
CA TRP I 364 -47.19 38.62 -5.40
C TRP I 364 -48.39 37.91 -6.03
N ILE I 365 -49.20 38.68 -6.73
CA ILE I 365 -50.38 38.14 -7.38
C ILE I 365 -50.42 38.56 -8.83
N SER I 366 -50.92 37.70 -9.70
CA SER I 366 -51.05 38.03 -11.11
C SER I 366 -52.47 38.44 -11.47
N ASP I 380 -33.43 54.96 -4.60
CA ASP I 380 -33.89 54.69 -3.24
C ASP I 380 -33.28 53.40 -2.71
N SER I 381 -33.24 53.26 -1.40
CA SER I 381 -32.62 52.07 -0.82
C SER I 381 -33.29 51.55 0.41
N LEU I 382 -33.10 50.26 0.60
CA LEU I 382 -33.62 49.51 1.71
C LEU I 382 -32.50 49.27 2.69
N ILE I 383 -32.77 49.46 3.97
CA ILE I 383 -31.71 49.23 4.94
C ILE I 383 -32.01 48.13 5.92
N LEU I 384 -31.07 47.22 6.04
CA LEU I 384 -31.18 46.13 6.99
C LEU I 384 -30.43 46.55 8.23
N PRO I 385 -31.03 46.61 9.40
CA PRO I 385 -30.33 46.95 10.61
C PRO I 385 -29.49 45.76 10.92
N CYS I 386 -28.32 45.97 11.50
CA CYS I 386 -27.46 44.89 11.87
C CYS I 386 -26.81 45.13 13.19
N TRP I 387 -26.18 44.11 13.68
CA TRP I 387 -25.39 44.16 14.88
C TRP I 387 -24.30 43.14 14.82
N ILE I 388 -23.32 43.28 15.69
CA ILE I 388 -22.23 42.33 15.68
C ILE I 388 -22.04 41.72 17.02
N LYS I 389 -21.37 40.59 17.06
CA LYS I 389 -21.03 39.94 18.31
C LYS I 389 -19.67 39.28 18.22
N GLN I 390 -18.95 39.20 19.34
CA GLN I 390 -17.62 38.58 19.34
C GLN I 390 -17.54 37.13 19.74
N ILE I 391 -18.58 36.55 20.32
CA ILE I 391 -18.47 35.13 20.66
C ILE I 391 -19.23 34.31 19.66
N ILE I 392 -18.47 33.56 18.89
CA ILE I 392 -18.99 32.82 17.76
C ILE I 392 -18.92 31.31 17.85
N ASN I 393 -20.04 30.64 17.64
CA ASN I 393 -20.05 29.18 17.59
C ASN I 393 -20.22 28.72 16.14
N MET I 394 -19.13 28.37 15.50
CA MET I 394 -19.19 28.01 14.08
C MET I 394 -19.73 26.63 13.82
N TRP I 395 -20.50 26.49 12.74
CA TRP I 395 -21.00 25.21 12.23
C TRP I 395 -21.68 24.32 13.24
N GLN I 396 -22.46 24.90 14.11
CA GLN I 396 -23.20 24.16 15.13
C GLN I 396 -22.28 23.35 16.04
N ARG I 397 -21.01 23.70 16.11
CA ARG I 397 -20.10 22.97 16.93
C ARG I 397 -20.20 23.43 18.36
N ILE I 398 -21.25 23.03 19.00
CA ILE I 398 -21.46 23.46 20.35
C ILE I 398 -20.40 22.75 21.15
N GLY I 399 -19.71 23.51 21.97
CA GLY I 399 -18.62 22.97 22.76
C GLY I 399 -17.29 23.62 22.40
N GLN I 400 -17.22 24.30 21.27
CA GLN I 400 -15.99 25.00 20.87
C GLN I 400 -16.25 26.43 20.44
N ALA I 401 -15.99 27.42 21.30
CA ALA I 401 -16.32 28.79 20.91
C ALA I 401 -15.09 29.54 20.48
N MET I 402 -15.28 30.48 19.57
CA MET I 402 -14.21 31.36 19.15
C MET I 402 -14.45 32.78 19.60
N TYR I 403 -13.39 33.45 20.02
CA TYR I 403 -13.49 34.85 20.31
C TYR I 403 -12.90 35.62 19.18
N ALA I 404 -13.71 36.46 18.59
CA ALA I 404 -13.26 37.25 17.48
C ALA I 404 -12.68 38.54 18.04
N PRO I 405 -11.41 38.86 17.82
CA PRO I 405 -10.79 40.04 18.33
C PRO I 405 -11.47 41.14 17.58
N PRO I 406 -11.58 42.33 18.13
CA PRO I 406 -12.19 43.49 17.54
C PRO I 406 -11.37 44.05 16.43
N ILE I 407 -12.03 44.71 15.50
CA ILE I 407 -11.32 45.36 14.42
C ILE I 407 -11.21 46.85 14.63
N GLN I 408 -9.99 47.33 14.57
CA GLN I 408 -9.62 48.74 14.75
C GLN I 408 -10.10 49.62 13.62
N GLY I 409 -10.70 50.77 13.93
CA GLY I 409 -11.16 51.65 12.87
C GLY I 409 -12.61 51.40 12.51
N VAL I 410 -12.95 51.63 11.24
CA VAL I 410 -14.33 51.50 10.78
C VAL I 410 -14.37 50.50 9.67
N ILE I 411 -15.55 49.93 9.42
CA ILE I 411 -15.65 48.92 8.38
C ILE I 411 -16.61 49.22 7.26
N ARG I 412 -16.13 49.00 6.05
CA ARG I 412 -16.96 49.11 4.87
C ARG I 412 -16.73 47.85 4.06
N CYS I 413 -17.82 47.20 3.67
CA CYS I 413 -17.72 45.95 2.93
C CYS I 413 -18.77 45.83 1.84
N VAL I 414 -18.32 45.61 0.60
CA VAL I 414 -19.24 45.54 -0.52
C VAL I 414 -19.18 44.21 -1.23
N SER I 415 -20.34 43.60 -1.40
CA SER I 415 -20.47 42.30 -2.02
C SER I 415 -21.73 42.20 -2.81
N ASN I 416 -21.87 41.19 -3.67
CA ASN I 416 -23.18 41.02 -4.26
C ASN I 416 -23.84 39.73 -3.83
N ILE I 417 -25.15 39.78 -3.81
CA ILE I 417 -25.98 38.65 -3.53
C ILE I 417 -26.09 37.94 -4.84
N THR I 418 -25.74 36.67 -4.84
CA THR I 418 -25.74 35.89 -6.06
C THR I 418 -26.77 34.79 -6.03
N GLY I 419 -27.43 34.66 -4.91
CA GLY I 419 -28.42 33.61 -4.71
C GLY I 419 -28.98 33.68 -3.32
N LEU I 420 -30.01 32.91 -3.08
CA LEU I 420 -30.68 32.88 -1.79
C LEU I 420 -31.23 31.52 -1.41
N ILE I 421 -31.40 31.27 -0.11
CA ILE I 421 -31.98 30.02 0.32
C ILE I 421 -33.34 30.22 0.91
N LEU I 422 -34.33 29.53 0.34
CA LEU I 422 -35.72 29.60 0.77
C LEU I 422 -36.31 28.30 1.25
N THR I 423 -37.27 28.39 2.14
CA THR I 423 -38.04 27.24 2.59
C THR I 423 -39.52 27.53 2.44
N ARG I 424 -40.36 26.56 2.77
CA ARG I 424 -41.80 26.71 2.62
C ARG I 424 -42.63 26.28 3.81
N ASP I 425 -43.69 27.02 4.05
CA ASP I 425 -44.60 26.63 5.11
C ASP I 425 -45.29 25.33 4.78
N THR I 432 -54.73 28.83 -1.24
CA THR I 432 -54.28 28.85 -2.62
C THR I 432 -53.11 29.78 -2.73
N THR I 433 -52.25 29.72 -1.73
CA THR I 433 -51.07 30.53 -1.70
C THR I 433 -49.91 29.76 -1.12
N GLU I 434 -48.72 30.16 -1.50
CA GLU I 434 -47.52 29.57 -0.97
C GLU I 434 -46.74 30.61 -0.19
N THR I 435 -46.13 30.19 0.90
CA THR I 435 -45.34 31.12 1.69
C THR I 435 -43.91 30.69 1.75
N PHE I 436 -43.05 31.61 1.34
CA PHE I 436 -41.63 31.36 1.33
C PHE I 436 -40.92 32.18 2.36
N ARG I 437 -40.01 31.53 3.05
CA ARG I 437 -39.24 32.21 4.08
C ARG I 437 -37.79 31.87 3.87
N PRO I 438 -36.85 32.72 4.26
CA PRO I 438 -35.43 32.44 4.24
C PRO I 438 -35.02 31.24 5.09
N GLY I 439 -34.06 30.47 4.60
CA GLY I 439 -33.49 29.32 5.32
C GLY I 439 -31.98 29.49 5.58
N GLY I 440 -31.32 28.42 6.05
CA GLY I 440 -29.88 28.52 6.33
C GLY I 440 -29.43 27.51 7.39
N GLY I 441 -28.30 27.82 8.04
CA GLY I 441 -27.73 26.96 9.08
C GLY I 441 -26.83 25.83 8.57
N ASP I 442 -27.34 25.00 7.68
CA ASP I 442 -26.53 23.90 7.15
C ASP I 442 -25.72 24.39 5.98
N MET I 443 -24.43 24.54 6.21
CA MET I 443 -23.51 25.14 5.26
C MET I 443 -23.31 24.30 4.02
N ARG I 444 -23.72 23.04 4.07
CA ARG I 444 -23.53 22.22 2.89
C ARG I 444 -24.29 22.82 1.73
N ASP I 445 -25.41 23.49 1.98
CA ASP I 445 -26.16 24.06 0.89
C ASP I 445 -25.43 25.23 0.26
N ASN I 446 -24.51 25.87 0.97
CA ASN I 446 -23.83 26.97 0.35
C ASN I 446 -22.87 26.40 -0.66
N TRP I 447 -22.34 25.24 -0.35
CA TRP I 447 -21.38 24.62 -1.22
C TRP I 447 -22.06 23.85 -2.35
N ARG I 448 -23.28 23.38 -2.11
CA ARG I 448 -24.01 22.73 -3.18
C ARG I 448 -24.25 23.70 -4.30
N SER I 449 -24.44 24.95 -3.99
CA SER I 449 -24.66 25.99 -4.99
C SER I 449 -23.46 26.27 -5.88
N GLU I 450 -22.26 25.81 -5.53
CA GLU I 450 -21.09 26.02 -6.38
C GLU I 450 -20.65 24.72 -7.07
N LEU I 451 -20.86 23.59 -6.40
CA LEU I 451 -20.44 22.28 -6.88
C LEU I 451 -21.51 21.52 -7.65
N TYR I 452 -22.63 22.13 -7.93
CA TYR I 452 -23.73 21.48 -8.65
C TYR I 452 -23.35 21.07 -10.05
N LYS I 453 -22.33 21.70 -10.60
CA LYS I 453 -21.91 21.41 -11.94
C LYS I 453 -20.95 20.28 -12.04
N TYR I 454 -20.49 19.72 -10.94
CA TYR I 454 -19.45 18.70 -11.09
C TYR I 454 -19.79 17.33 -10.55
N LYS I 455 -19.21 16.32 -11.20
CA LYS I 455 -19.26 14.96 -10.66
C LYS I 455 -17.91 14.30 -10.85
N VAL I 456 -17.59 13.33 -9.99
CA VAL I 456 -16.33 12.61 -10.11
C VAL I 456 -16.52 11.20 -10.56
N VAL I 457 -15.77 10.79 -11.58
CA VAL I 457 -15.88 9.44 -12.07
C VAL I 457 -14.54 8.74 -12.09
N LYS I 458 -14.59 7.42 -12.01
CA LYS I 458 -13.41 6.58 -12.04
C LYS I 458 -13.22 6.05 -13.42
N ILE I 459 -12.01 6.10 -13.91
CA ILE I 459 -11.75 5.63 -15.24
C ILE I 459 -11.44 4.15 -15.19
N GLU I 460 -12.07 3.37 -16.06
CA GLU I 460 -11.89 1.93 -16.08
C GLU I 460 -11.46 1.42 -17.45
N PRO I 461 -10.22 1.63 -17.84
CA PRO I 461 -9.69 1.47 -19.16
C PRO I 461 -9.36 0.06 -19.54
N LEU I 462 -10.27 -0.86 -19.38
CA LEU I 462 -10.00 -2.22 -19.79
C LEU I 462 -11.28 -2.88 -20.18
N GLY I 463 -11.31 -3.45 -21.35
CA GLY I 463 -12.53 -4.14 -21.76
C GLY I 463 -12.32 -5.01 -22.96
N VAL I 464 -13.37 -5.70 -23.32
CA VAL I 464 -13.31 -6.64 -24.41
C VAL I 464 -14.40 -6.40 -25.41
N ALA I 465 -14.20 -6.89 -26.61
CA ALA I 465 -15.17 -6.83 -27.69
C ALA I 465 -14.80 -7.89 -28.71
N PRO I 466 -15.71 -8.43 -29.51
CA PRO I 466 -15.39 -9.34 -30.56
C PRO I 466 -14.72 -8.66 -31.72
N THR I 467 -13.70 -9.29 -32.25
CA THR I 467 -12.97 -8.85 -33.42
C THR I 467 -12.68 -10.06 -34.26
N ARG I 468 -12.09 -9.90 -35.42
CA ARG I 468 -11.76 -11.07 -36.18
C ARG I 468 -10.29 -11.52 -36.17
N CYS I 469 -9.68 -11.86 -35.03
CA CYS I 469 -8.31 -12.39 -35.09
C CYS I 469 -8.04 -13.40 -33.98
N LYS I 470 -7.13 -14.34 -34.25
CA LYS I 470 -6.84 -15.45 -33.30
C LYS I 470 -5.51 -15.54 -32.59
N ARG I 471 -4.74 -14.50 -32.49
CA ARG I 471 -3.42 -14.54 -31.84
C ARG I 471 -2.35 -15.31 -32.59
N ARG I 472 -2.55 -16.62 -32.75
CA ARG I 472 -1.72 -17.59 -33.46
C ARG I 472 -1.98 -18.97 -32.90
N LEU J 9 -7.41 15.41 -30.11
CA LEU J 9 -8.48 15.46 -29.12
C LEU J 9 -7.97 15.70 -27.71
N GLY J 10 -7.75 14.64 -26.96
CA GLY J 10 -7.31 14.74 -25.58
C GLY J 10 -7.99 13.67 -24.77
N PHE J 11 -7.69 13.62 -23.48
CA PHE J 11 -8.22 12.61 -22.58
C PHE J 11 -9.72 12.60 -22.60
N LEU J 12 -10.28 11.42 -22.85
CA LEU J 12 -11.70 11.12 -22.97
C LEU J 12 -12.35 11.83 -24.13
N GLY J 13 -11.59 12.42 -25.01
CA GLY J 13 -12.17 13.12 -26.14
C GLY J 13 -12.98 12.21 -27.05
N ALA J 14 -12.59 10.96 -27.13
CA ALA J 14 -13.25 10.00 -27.97
C ALA J 14 -14.38 9.29 -27.26
N ALA J 15 -14.68 9.67 -26.04
CA ALA J 15 -15.71 8.96 -25.28
C ALA J 15 -17.05 8.93 -25.98
N GLY J 16 -17.40 9.96 -26.72
CA GLY J 16 -18.68 9.95 -27.40
C GLY J 16 -18.63 9.39 -28.82
N SER J 17 -17.49 8.90 -29.25
CA SER J 17 -17.38 8.41 -30.61
C SER J 17 -17.54 6.92 -30.65
N THR J 18 -17.43 6.36 -31.84
CA THR J 18 -17.70 4.95 -31.97
C THR J 18 -16.56 4.13 -31.43
N MET J 19 -16.82 2.86 -31.18
CA MET J 19 -15.80 1.98 -30.67
C MET J 19 -14.62 1.91 -31.61
N GLY J 20 -14.89 1.83 -32.90
CA GLY J 20 -13.84 1.76 -33.86
C GLY J 20 -12.97 2.99 -33.79
N ALA J 21 -13.58 4.18 -33.88
CA ALA J 21 -12.79 5.39 -33.86
C ALA J 21 -12.02 5.58 -32.57
N ALA J 22 -12.65 5.24 -31.46
CA ALA J 22 -12.07 5.40 -30.14
C ALA J 22 -10.92 4.44 -29.90
N SER J 23 -10.84 3.35 -30.66
CA SER J 23 -9.75 2.40 -30.49
C SER J 23 -8.44 3.04 -30.90
N MET J 24 -8.48 4.17 -31.58
CA MET J 24 -7.27 4.83 -32.00
C MET J 24 -6.71 5.82 -30.97
N THR J 25 -7.37 5.97 -29.82
CA THR J 25 -6.92 6.93 -28.80
C THR J 25 -6.53 6.24 -27.51
N LEU J 26 -6.19 4.96 -27.58
CA LEU J 26 -5.89 4.20 -26.37
C LEU J 26 -4.67 4.74 -25.65
N THR J 27 -3.70 5.23 -26.41
CA THR J 27 -2.48 5.78 -25.84
C THR J 27 -2.81 6.98 -24.98
N VAL J 28 -3.73 7.80 -25.46
CA VAL J 28 -4.08 9.01 -24.75
C VAL J 28 -4.67 8.66 -23.42
N GLN J 29 -5.55 7.69 -23.41
CA GLN J 29 -6.14 7.34 -22.15
C GLN J 29 -5.13 6.69 -21.23
N ALA J 30 -4.26 5.84 -21.76
CA ALA J 30 -3.32 5.12 -20.92
C ALA J 30 -2.37 6.02 -20.18
N ARG J 31 -1.94 7.09 -20.82
CA ARG J 31 -0.98 7.98 -20.21
C ARG J 31 -1.54 8.84 -19.10
N ASN J 32 -2.85 8.88 -18.95
CA ASN J 32 -3.45 9.72 -17.94
C ASN J 32 -3.99 8.91 -16.79
N LEU J 33 -3.63 7.64 -16.73
CA LEU J 33 -4.09 6.80 -15.64
C LEU J 33 -3.11 6.82 -14.51
N LEU J 34 -1.88 7.08 -14.83
CA LEU J 34 -0.82 7.03 -13.88
C LEU J 34 -0.26 8.43 -13.75
N SER J 35 -0.22 8.95 -12.54
CA SER J 35 0.24 10.30 -12.27
C SER J 35 0.76 11.04 -13.51
N GLY J 61 -2.62 15.01 5.59
CA GLY J 61 -1.97 14.73 4.32
C GLY J 61 -2.12 13.27 4.00
N ILE J 62 -2.60 12.54 4.99
CA ILE J 62 -2.80 11.12 4.85
C ILE J 62 -3.89 10.79 3.86
N LYS J 63 -5.00 11.50 3.88
CA LYS J 63 -6.04 11.11 2.95
C LYS J 63 -5.57 11.13 1.51
N GLN J 64 -4.75 12.12 1.17
CA GLN J 64 -4.26 12.22 -0.18
C GLN J 64 -3.18 11.19 -0.43
N LEU J 65 -2.37 10.89 0.57
CA LEU J 65 -1.36 9.88 0.37
C LEU J 65 -2.01 8.53 0.17
N GLN J 66 -3.10 8.25 0.89
CA GLN J 66 -3.79 6.98 0.71
C GLN J 66 -4.36 6.90 -0.67
N ALA J 67 -4.90 8.00 -1.19
CA ALA J 67 -5.45 7.98 -2.53
C ALA J 67 -4.38 7.64 -3.56
N ARG J 68 -3.16 8.15 -3.35
CA ARG J 68 -2.09 7.86 -4.29
C ARG J 68 -1.68 6.41 -4.22
N VAL J 69 -1.63 5.86 -3.02
CA VAL J 69 -1.27 4.48 -2.88
C VAL J 69 -2.31 3.61 -3.52
N LEU J 70 -3.58 3.94 -3.32
CA LEU J 70 -4.63 3.15 -3.90
C LEU J 70 -4.59 3.22 -5.42
N ALA J 71 -4.34 4.39 -5.98
CA ALA J 71 -4.28 4.48 -7.43
C ALA J 71 -3.21 3.56 -7.97
N VAL J 72 -2.08 3.47 -7.29
CA VAL J 72 -1.04 2.56 -7.73
C VAL J 72 -1.49 1.13 -7.62
N GLU J 73 -2.12 0.74 -6.52
CA GLU J 73 -2.53 -0.64 -6.42
C GLU J 73 -3.53 -0.97 -7.51
N HIS J 74 -4.43 -0.05 -7.83
CA HIS J 74 -5.40 -0.32 -8.86
C HIS J 74 -4.71 -0.54 -10.18
N TYR J 75 -3.79 0.34 -10.52
CA TYR J 75 -3.05 0.24 -11.77
C TYR J 75 -2.38 -1.09 -11.88
N LEU J 76 -1.69 -1.52 -10.82
CA LEU J 76 -1.00 -2.77 -10.89
C LEU J 76 -1.94 -3.93 -11.03
N ARG J 77 -3.12 -3.88 -10.42
CA ARG J 77 -4.03 -5.00 -10.57
C ARG J 77 -4.45 -5.15 -12.02
N ASP J 78 -4.68 -4.05 -12.72
CA ASP J 78 -5.06 -4.19 -14.12
C ASP J 78 -3.90 -4.71 -14.93
N GLN J 79 -2.67 -4.28 -14.62
CA GLN J 79 -1.55 -4.77 -15.39
C GLN J 79 -1.31 -6.24 -15.12
N GLN J 80 -1.51 -6.68 -13.88
CA GLN J 80 -1.31 -8.08 -13.57
C GLN J 80 -2.28 -8.91 -14.30
N LEU J 81 -3.54 -8.47 -14.31
CA LEU J 81 -4.57 -9.24 -14.92
C LEU J 81 -4.34 -9.38 -16.38
N LEU J 82 -3.96 -8.29 -17.00
CA LEU J 82 -3.75 -8.31 -18.42
C LEU J 82 -2.58 -9.25 -18.74
N GLY J 83 -1.52 -9.20 -17.93
CA GLY J 83 -0.38 -10.08 -18.13
C GLY J 83 -0.74 -11.56 -17.98
N ILE J 84 -1.63 -11.88 -17.05
CA ILE J 84 -2.07 -13.26 -16.85
C ILE J 84 -2.72 -13.79 -18.08
N TRP J 85 -3.48 -12.97 -18.78
CA TRP J 85 -4.19 -13.35 -19.98
C TRP J 85 -3.29 -13.55 -21.19
N GLY J 86 -1.99 -13.28 -21.05
CA GLY J 86 -1.03 -13.44 -22.13
C GLY J 86 -0.84 -12.17 -22.90
N CYS J 87 -1.40 -11.10 -22.41
CA CYS J 87 -1.31 -9.83 -23.07
C CYS J 87 -0.43 -8.92 -22.23
N SER J 88 0.80 -8.66 -22.66
CA SER J 88 1.72 -7.95 -21.79
C SER J 88 1.79 -6.46 -22.04
N GLY J 89 2.66 -6.03 -22.95
CA GLY J 89 2.81 -4.61 -23.20
C GLY J 89 1.89 -4.08 -24.27
N LYS J 90 1.03 -4.92 -24.80
CA LYS J 90 0.15 -4.53 -25.88
C LYS J 90 -1.05 -3.73 -25.42
N LEU J 91 -1.44 -2.70 -26.18
CA LEU J 91 -2.66 -2.01 -25.84
C LEU J 91 -3.81 -2.77 -26.47
N ILE J 92 -3.53 -3.43 -27.60
CA ILE J 92 -4.53 -4.22 -28.28
C ILE J 92 -4.01 -5.62 -28.46
N CYS J 93 -4.72 -6.61 -27.97
CA CYS J 93 -4.23 -7.96 -28.21
C CYS J 93 -5.38 -8.91 -28.33
N CYS J 94 -5.25 -9.88 -29.22
CA CYS J 94 -6.30 -10.86 -29.37
C CYS J 94 -5.87 -12.23 -28.96
N THR J 95 -6.87 -13.03 -28.59
CA THR J 95 -6.68 -14.37 -28.09
C THR J 95 -7.48 -15.46 -28.76
N ASN J 96 -7.42 -16.65 -28.16
CA ASN J 96 -8.06 -17.86 -28.68
C ASN J 96 -9.40 -18.19 -28.07
N VAL J 97 -9.99 -17.28 -27.35
CA VAL J 97 -11.30 -17.52 -26.79
C VAL J 97 -12.30 -16.99 -27.81
N PRO J 98 -13.22 -17.81 -28.33
CA PRO J 98 -14.20 -17.45 -29.32
C PRO J 98 -15.26 -16.62 -28.66
N TRP J 99 -15.93 -15.79 -29.41
CA TRP J 99 -17.01 -15.02 -28.83
C TRP J 99 -18.24 -15.89 -28.82
N ASN J 100 -18.91 -15.99 -27.70
CA ASN J 100 -20.16 -16.74 -27.59
C ASN J 100 -21.29 -15.89 -28.13
N SER J 101 -22.22 -16.48 -28.85
CA SER J 101 -23.31 -15.68 -29.37
C SER J 101 -24.22 -15.12 -28.29
N SER J 102 -24.22 -15.77 -27.14
CA SER J 102 -25.06 -15.37 -26.03
C SER J 102 -24.55 -14.11 -25.37
N TRP J 103 -23.30 -13.74 -25.62
CA TRP J 103 -22.73 -12.56 -24.99
C TRP J 103 -23.04 -11.35 -25.84
N SER J 104 -24.30 -11.04 -25.94
CA SER J 104 -24.75 -9.89 -26.70
C SER J 104 -24.11 -9.84 -28.09
N ASN J 105 -24.17 -10.92 -28.88
CA ASN J 105 -23.51 -10.88 -30.16
C ASN J 105 -24.35 -10.18 -31.22
N ARG J 106 -24.34 -8.87 -31.09
CA ARG J 106 -25.11 -7.99 -31.93
C ARG J 106 -24.40 -7.73 -33.23
N ASN J 107 -24.19 -8.73 -34.05
CA ASN J 107 -23.50 -8.48 -35.32
C ASN J 107 -22.10 -7.96 -35.06
N LEU J 108 -21.38 -7.58 -36.13
CA LEU J 108 -20.05 -7.00 -35.93
C LEU J 108 -19.98 -5.51 -36.25
N SER J 109 -20.43 -5.09 -37.44
CA SER J 109 -20.32 -3.66 -37.80
C SER J 109 -21.25 -2.83 -36.96
N GLU J 110 -22.29 -3.48 -36.47
CA GLU J 110 -23.25 -2.89 -35.58
C GLU J 110 -22.58 -2.34 -34.34
N ILE J 111 -21.54 -3.00 -33.83
CA ILE J 111 -20.94 -2.48 -32.63
C ILE J 111 -19.72 -1.66 -32.96
N TRP J 112 -18.91 -2.04 -33.93
CA TRP J 112 -17.72 -1.25 -34.09
C TRP J 112 -17.95 0.10 -34.72
N ASP J 113 -18.93 0.20 -35.62
CA ASP J 113 -19.22 1.45 -36.29
C ASP J 113 -20.42 2.23 -35.75
N ASN J 114 -21.36 1.58 -35.07
CA ASN J 114 -22.58 2.26 -34.63
C ASN J 114 -22.80 2.21 -33.11
N MET J 115 -21.75 2.07 -32.34
CA MET J 115 -21.89 2.03 -30.88
C MET J 115 -20.68 2.68 -30.22
N THR J 116 -20.86 3.26 -29.03
CA THR J 116 -19.73 3.84 -28.30
C THR J 116 -19.26 2.87 -27.20
N TRP J 117 -18.08 3.08 -26.63
CA TRP J 117 -17.60 2.15 -25.59
C TRP J 117 -18.43 2.19 -24.32
N LEU J 118 -19.01 3.32 -24.03
CA LEU J 118 -19.86 3.47 -22.87
C LEU J 118 -21.12 2.64 -23.00
N GLN J 119 -21.59 2.41 -24.23
CA GLN J 119 -22.80 1.62 -24.41
C GLN J 119 -22.43 0.16 -24.41
N TRP J 120 -21.28 -0.16 -24.98
CA TRP J 120 -20.84 -1.53 -25.05
C TRP J 120 -20.63 -2.08 -23.66
N ASP J 121 -20.14 -1.22 -22.77
CA ASP J 121 -19.86 -1.61 -21.42
C ASP J 121 -21.12 -2.01 -20.66
N LYS J 122 -22.30 -1.65 -21.17
CA LYS J 122 -23.52 -2.04 -20.51
C LYS J 122 -24.05 -3.29 -21.19
N GLU J 123 -23.86 -3.38 -22.50
CA GLU J 123 -24.37 -4.51 -23.27
C GLU J 123 -23.80 -5.82 -22.78
N ILE J 124 -22.54 -5.80 -22.34
CA ILE J 124 -21.95 -7.03 -21.83
C ILE J 124 -21.52 -6.96 -20.39
N SER J 125 -22.13 -6.11 -19.58
CA SER J 125 -21.67 -5.98 -18.21
C SER J 125 -21.78 -7.24 -17.37
N ASN J 126 -22.68 -8.15 -17.69
CA ASN J 126 -22.81 -9.35 -16.88
C ASN J 126 -21.96 -10.49 -17.37
N TYR J 127 -21.16 -10.27 -18.39
CA TYR J 127 -20.39 -11.39 -18.89
C TYR J 127 -18.91 -11.22 -18.68
N THR J 128 -18.49 -10.12 -18.07
CA THR J 128 -17.06 -9.89 -17.97
C THR J 128 -16.36 -10.86 -17.07
N GLN J 129 -17.04 -11.39 -16.07
CA GLN J 129 -16.34 -12.32 -15.21
C GLN J 129 -16.18 -13.66 -15.91
N ILE J 130 -17.12 -13.98 -16.77
CA ILE J 130 -17.05 -15.23 -17.48
C ILE J 130 -15.93 -15.13 -18.48
N ILE J 131 -15.89 -14.02 -19.19
CA ILE J 131 -14.88 -13.83 -20.18
C ILE J 131 -13.53 -13.81 -19.54
N TYR J 132 -13.37 -13.10 -18.44
CA TYR J 132 -12.06 -13.06 -17.83
C TYR J 132 -11.62 -14.43 -17.40
N GLY J 133 -12.51 -15.25 -16.85
CA GLY J 133 -12.10 -16.58 -16.45
C GLY J 133 -11.63 -17.39 -17.66
N LEU J 134 -12.31 -17.25 -18.78
CA LEU J 134 -11.91 -17.97 -19.98
C LEU J 134 -10.58 -17.48 -20.49
N LEU J 135 -10.33 -16.20 -20.40
CA LEU J 135 -9.07 -15.68 -20.88
C LEU J 135 -7.91 -16.22 -20.08
N GLU J 136 -8.08 -16.39 -18.76
CA GLU J 136 -7.01 -16.95 -17.94
C GLU J 136 -6.78 -18.41 -18.25
N GLU J 137 -7.88 -19.14 -18.47
CA GLU J 137 -7.74 -20.56 -18.73
C GLU J 137 -7.10 -20.83 -20.06
N SER J 138 -7.47 -20.10 -21.10
CA SER J 138 -6.88 -20.33 -22.41
C SER J 138 -5.63 -19.53 -22.60
N GLN J 139 -4.79 -19.61 -21.59
CA GLN J 139 -3.47 -19.05 -21.48
C GLN J 139 -2.68 -20.08 -20.77
N ASN J 140 -3.19 -20.54 -19.65
CA ASN J 140 -2.42 -21.54 -18.93
C ASN J 140 -2.25 -22.76 -19.82
N GLN J 141 -3.24 -23.03 -20.65
CA GLN J 141 -3.11 -24.14 -21.54
C GLN J 141 -2.03 -23.85 -22.58
N GLN J 142 -1.91 -22.60 -23.00
CA GLN J 142 -0.91 -22.24 -23.99
C GLN J 142 0.47 -22.36 -23.41
N GLU J 143 0.65 -21.94 -22.16
CA GLU J 143 1.97 -22.02 -21.58
C GLU J 143 2.43 -23.45 -21.47
N LYS J 144 1.54 -24.36 -21.11
CA LYS J 144 1.97 -25.72 -21.05
C LYS J 144 2.34 -26.25 -22.42
N ASN J 145 1.58 -25.88 -23.45
CA ASN J 145 1.95 -26.38 -24.75
C ASN J 145 3.29 -25.83 -25.20
N GLU J 146 3.58 -24.58 -24.89
CA GLU J 146 4.86 -24.05 -25.30
C GLU J 146 5.99 -24.73 -24.55
N GLN J 147 5.80 -25.00 -23.27
CA GLN J 147 6.84 -25.63 -22.50
C GLN J 147 7.15 -27.01 -23.05
N ASP J 148 6.12 -27.74 -23.50
CA ASP J 148 6.40 -29.05 -24.05
C ASP J 148 7.06 -28.97 -25.40
N LEU J 149 6.66 -28.04 -26.25
CA LEU J 149 7.29 -27.99 -27.57
C LEU J 149 8.74 -27.64 -27.49
N LEU J 150 9.11 -26.81 -26.54
CA LEU J 150 10.50 -26.42 -26.38
C LEU J 150 11.36 -27.53 -25.84
N ALA J 151 10.73 -28.61 -25.38
CA ALA J 151 11.45 -29.74 -24.85
C ALA J 151 11.75 -30.75 -25.93
N LEU J 152 11.29 -30.53 -27.15
CA LEU J 152 11.61 -31.50 -28.19
C LEU J 152 13.00 -31.18 -28.72
N ASP J 153 13.77 -32.20 -29.02
CA ASP J 153 15.12 -31.97 -29.50
C ASP J 153 15.18 -31.82 -31.02
N ASN K 3 20.07 6.34 -41.89
CA ASN K 3 20.56 4.97 -41.87
C ASN K 3 20.58 4.47 -40.45
N LEU K 4 20.50 5.42 -39.54
CA LEU K 4 20.53 5.13 -38.12
C LEU K 4 19.13 5.21 -37.60
N TRP K 5 18.85 4.44 -36.57
CA TRP K 5 17.53 4.30 -36.00
C TRP K 5 17.53 4.59 -34.53
N VAL K 6 16.39 5.01 -34.01
CA VAL K 6 16.35 5.29 -32.60
C VAL K 6 16.34 3.99 -31.81
N THR K 7 17.27 3.87 -30.87
CA THR K 7 17.38 2.74 -29.96
C THR K 7 17.17 3.24 -28.56
N VAL K 8 16.35 2.54 -27.83
CA VAL K 8 15.99 2.90 -26.49
C VAL K 8 16.75 2.09 -25.47
N TYR K 9 17.38 2.78 -24.53
CA TYR K 9 18.13 2.13 -23.48
C TYR K 9 17.60 2.45 -22.10
N TYR K 10 17.37 1.42 -21.30
CA TYR K 10 16.89 1.63 -19.95
C TYR K 10 17.94 1.16 -18.99
N GLY K 11 18.25 1.98 -18.00
CA GLY K 11 19.33 1.64 -17.08
C GLY K 11 20.58 2.48 -17.38
N VAL K 12 20.39 3.57 -18.11
CA VAL K 12 21.45 4.48 -18.49
C VAL K 12 22.00 5.27 -17.29
N PRO K 13 23.31 5.31 -17.03
CA PRO K 13 23.91 5.96 -15.88
C PRO K 13 23.99 7.47 -15.92
N VAL K 14 22.85 8.14 -15.91
CA VAL K 14 22.80 9.60 -15.90
C VAL K 14 21.94 10.15 -14.78
N TRP K 15 22.14 11.42 -14.45
CA TRP K 15 21.42 12.06 -13.38
C TRP K 15 21.21 13.57 -13.51
N LYS K 16 20.32 14.08 -12.67
CA LYS K 16 20.01 15.51 -12.56
C LYS K 16 20.05 16.03 -11.14
N ASP K 17 20.34 17.31 -10.96
CA ASP K 17 20.25 17.84 -9.61
C ASP K 17 18.82 17.71 -9.13
N ALA K 18 18.60 17.33 -7.88
CA ALA K 18 17.23 17.24 -7.42
C ALA K 18 17.10 17.38 -5.94
N GLU K 19 15.92 17.77 -5.49
CA GLU K 19 15.65 17.83 -4.07
C GLU K 19 14.71 16.70 -3.73
N THR K 20 14.96 16.06 -2.61
CA THR K 20 14.09 14.99 -2.13
C THR K 20 14.32 14.81 -0.66
N THR K 21 13.35 14.24 0.02
CA THR K 21 13.47 13.91 1.42
C THR K 21 14.48 12.79 1.63
N LEU K 22 15.42 13.00 2.53
CA LEU K 22 16.38 11.96 2.85
C LEU K 22 15.95 11.33 4.14
N PHE K 23 16.42 10.13 4.42
CA PHE K 23 16.08 9.53 5.68
C PHE K 23 17.30 9.39 6.51
N CYS K 24 17.12 9.32 7.80
CA CYS K 24 18.24 9.23 8.71
C CYS K 24 18.55 7.81 9.10
N ALA K 25 19.74 7.62 9.63
CA ALA K 25 20.06 6.36 10.24
C ALA K 25 21.11 6.54 11.33
N SER K 26 20.98 5.81 12.42
CA SER K 26 21.97 5.83 13.50
C SER K 26 22.01 4.50 14.21
N ASP K 27 23.02 4.28 15.03
CA ASP K 27 23.12 3.01 15.76
C ASP K 27 22.62 3.15 17.19
N HIS K 36 17.98 7.62 27.16
CA HIS K 36 17.49 8.27 25.95
C HIS K 36 18.20 9.58 25.69
N ASN K 37 18.20 9.96 24.41
CA ASN K 37 18.82 11.18 23.94
C ASN K 37 17.76 12.18 23.53
N VAL K 38 18.09 13.48 23.61
CA VAL K 38 17.17 14.53 23.17
C VAL K 38 16.96 14.42 21.68
N TRP K 39 17.97 13.98 20.97
CA TRP K 39 17.75 13.73 19.58
C TRP K 39 17.36 12.28 19.57
N ALA K 40 16.14 11.98 19.13
CA ALA K 40 15.66 10.60 19.19
C ALA K 40 16.21 9.78 18.05
N THR K 41 17.49 9.53 18.13
CA THR K 41 18.18 8.82 17.09
C THR K 41 17.82 7.35 17.16
N HIS K 42 17.35 6.89 18.30
CA HIS K 42 16.93 5.51 18.47
C HIS K 42 15.65 5.22 17.70
N ALA K 43 14.94 6.29 17.31
CA ALA K 43 13.70 6.15 16.60
C ALA K 43 13.97 6.02 15.09
N CYS K 44 15.24 6.13 14.70
CA CYS K 44 15.63 6.09 13.32
C CYS K 44 16.94 5.31 13.15
N VAL K 45 16.84 3.98 13.12
CA VAL K 45 18.07 3.19 13.13
C VAL K 45 18.31 2.15 12.02
N PRO K 46 17.91 2.38 10.76
CA PRO K 46 18.19 1.49 9.66
C PRO K 46 19.61 1.71 9.13
N THR K 47 20.63 1.40 9.92
CA THR K 47 22.00 1.68 9.50
C THR K 47 22.54 0.68 8.53
N ASP K 48 23.65 1.08 7.92
CA ASP K 48 24.33 0.28 6.93
C ASP K 48 25.65 -0.27 7.46
N PRO K 49 25.79 -1.57 7.72
CA PRO K 49 26.99 -2.19 8.26
C PRO K 49 28.13 -2.17 7.24
N ASN K 50 27.80 -1.89 5.97
CA ASN K 50 28.79 -1.88 4.91
C ASN K 50 28.55 -0.68 4.00
N PRO K 51 29.00 0.52 4.38
CA PRO K 51 28.72 1.77 3.73
C PRO K 51 29.59 1.90 2.48
N GLN K 52 29.23 1.15 1.46
CA GLN K 52 30.00 1.07 0.24
C GLN K 52 30.06 2.39 -0.50
N GLU K 53 31.22 2.64 -1.10
CA GLU K 53 31.47 3.82 -1.89
C GLU K 53 32.09 3.48 -3.23
N ILE K 54 31.54 4.06 -4.29
CA ILE K 54 32.04 3.80 -5.64
C ILE K 54 32.70 4.98 -6.28
N HIS K 55 33.98 4.88 -6.57
CA HIS K 55 34.64 6.03 -7.16
C HIS K 55 34.14 6.24 -8.56
N LEU K 56 33.71 7.46 -8.90
CA LEU K 56 33.23 7.66 -10.23
C LEU K 56 34.34 8.14 -11.09
N GLU K 57 35.10 7.20 -11.57
CA GLU K 57 36.28 7.52 -12.33
C GLU K 57 35.87 8.31 -13.55
N ASN K 58 36.63 9.37 -13.83
CA ASN K 58 36.43 10.30 -14.93
C ASN K 58 35.14 11.10 -14.84
N VAL K 59 34.58 11.26 -13.66
CA VAL K 59 33.42 12.13 -13.53
C VAL K 59 33.77 13.39 -12.80
N THR K 60 33.43 14.51 -13.41
CA THR K 60 33.62 15.83 -12.83
C THR K 60 32.24 16.36 -12.63
N GLU K 61 31.96 16.93 -11.47
CA GLU K 61 30.62 17.43 -11.23
C GLU K 61 30.65 18.73 -10.44
N GLU K 62 29.65 19.56 -10.66
CA GLU K 62 29.51 20.87 -10.03
C GLU K 62 28.79 20.83 -8.69
N PHE K 63 29.47 21.33 -7.67
CA PHE K 63 28.93 21.40 -6.34
C PHE K 63 28.70 22.83 -5.92
N ASN K 64 27.71 23.04 -5.05
CA ASN K 64 27.48 24.37 -4.49
C ASN K 64 26.91 24.26 -3.10
N MET K 65 27.77 24.36 -2.11
CA MET K 65 27.38 24.15 -0.73
C MET K 65 26.41 25.18 -0.19
N TRP K 66 26.24 26.30 -0.87
CA TRP K 66 25.40 27.34 -0.35
C TRP K 66 23.95 27.18 -0.77
N LYS K 67 23.70 26.24 -1.67
CA LYS K 67 22.38 25.98 -2.23
C LYS K 67 21.98 24.55 -1.98
N ASN K 68 22.65 23.94 -1.04
CA ASN K 68 22.48 22.54 -0.73
C ASN K 68 21.33 22.32 0.23
N ASN K 69 20.23 21.75 -0.25
CA ASN K 69 19.05 21.64 0.59
C ASN K 69 19.16 20.54 1.65
N MET K 70 20.28 19.83 1.67
CA MET K 70 20.48 18.82 2.67
C MET K 70 20.62 19.51 4.00
N VAL K 71 21.08 20.75 3.95
CA VAL K 71 21.30 21.56 5.12
C VAL K 71 19.97 21.93 5.70
N GLU K 72 19.03 22.29 4.84
CA GLU K 72 17.74 22.68 5.31
C GLU K 72 17.05 21.51 5.93
N GLN K 73 17.20 20.31 5.37
CA GLN K 73 16.55 19.19 6.01
C GLN K 73 17.17 18.90 7.35
N MET K 74 18.49 18.97 7.46
CA MET K 74 19.10 18.71 8.73
C MET K 74 18.62 19.72 9.75
N HIS K 75 18.52 20.97 9.36
CA HIS K 75 18.09 22.01 10.26
C HIS K 75 16.71 21.72 10.80
N GLU K 76 15.78 21.39 9.90
CA GLU K 76 14.43 21.14 10.34
C GLU K 76 14.31 19.87 11.15
N ASP K 77 15.06 18.82 10.82
CA ASP K 77 14.95 17.60 11.58
C ASP K 77 15.51 17.75 12.96
N ILE K 78 16.59 18.50 13.12
CA ILE K 78 17.14 18.69 14.43
C ILE K 78 16.17 19.46 15.29
N ILE K 79 15.57 20.51 14.76
CA ILE K 79 14.62 21.25 15.56
C ILE K 79 13.45 20.36 15.92
N SER K 80 12.93 19.61 14.97
CA SER K 80 11.81 18.77 15.27
C SER K 80 12.13 17.74 16.32
N LEU K 81 13.28 17.07 16.25
CA LEU K 81 13.55 16.08 17.27
C LEU K 81 13.65 16.72 18.62
N TRP K 82 14.30 17.86 18.68
CA TRP K 82 14.47 18.57 19.93
C TRP K 82 13.13 18.87 20.52
N ASP K 83 12.24 19.44 19.70
CA ASP K 83 10.95 19.82 20.19
C ASP K 83 10.12 18.62 20.62
N GLN K 84 10.18 17.52 19.88
CA GLN K 84 9.38 16.35 20.25
C GLN K 84 9.77 15.82 21.60
N SER K 85 11.06 15.87 21.88
CA SER K 85 11.61 15.36 23.11
C SER K 85 11.24 16.19 24.32
N LEU K 86 10.71 17.38 24.13
CA LEU K 86 10.31 18.19 25.25
C LEU K 86 8.81 18.12 25.47
N LYS K 87 8.08 17.35 24.65
CA LYS K 87 6.66 17.32 24.87
C LYS K 87 6.26 16.55 26.13
N PRO K 88 6.76 15.34 26.41
CA PRO K 88 6.39 14.56 27.56
C PRO K 88 7.18 14.99 28.78
N CYS K 89 7.11 16.26 29.14
CA CYS K 89 7.89 16.77 30.25
C CYS K 89 7.09 17.74 31.09
N VAL K 90 7.64 18.09 32.24
CA VAL K 90 7.00 18.97 33.20
C VAL K 90 7.02 20.42 32.80
N LYS K 91 5.86 21.05 32.83
CA LYS K 91 5.80 22.46 32.53
C LYS K 91 6.07 23.20 33.81
N LEU K 92 6.75 24.33 33.70
CA LEU K 92 7.05 25.12 34.88
C LEU K 92 6.29 26.42 34.91
N THR K 93 5.09 26.45 34.35
CA THR K 93 4.33 27.67 34.40
C THR K 93 3.98 28.10 35.84
N PRO K 94 3.82 27.19 36.83
CA PRO K 94 3.59 27.51 38.22
C PRO K 94 4.75 28.27 38.83
N LEU K 95 5.90 28.32 38.17
CA LEU K 95 7.05 29.00 38.72
C LEU K 95 7.15 30.42 38.28
N CYS K 96 6.26 30.87 37.43
CA CYS K 96 6.38 32.25 37.02
C CYS K 96 5.68 33.16 38.03
N VAL K 97 6.38 33.35 39.14
CA VAL K 97 5.95 34.04 40.35
C VAL K 97 6.96 35.09 40.74
N THR K 98 6.59 35.93 41.69
CA THR K 98 7.52 36.91 42.18
C THR K 98 8.53 36.23 43.08
N LEU K 99 9.80 36.52 42.89
CA LEU K 99 10.83 35.95 43.72
C LEU K 99 11.47 36.98 44.62
N GLN K 100 11.73 36.59 45.86
CA GLN K 100 12.46 37.49 46.73
C GLN K 100 13.87 37.01 46.81
N CYS K 101 14.78 37.77 46.23
CA CYS K 101 16.15 37.29 46.12
C CYS K 101 17.16 38.16 46.82
N THR K 102 18.17 37.48 47.32
CA THR K 102 19.38 38.05 47.89
C THR K 102 20.61 37.43 47.27
N ASN K 103 21.77 37.84 47.72
CA ASN K 103 23.00 37.26 47.18
C ASN K 103 23.35 35.98 47.90
N TYR K 104 23.71 34.97 47.15
CA TYR K 104 24.07 33.68 47.73
C TYR K 104 25.23 33.67 48.69
N ALA K 105 26.32 34.28 48.29
CA ALA K 105 27.50 34.29 49.14
C ALA K 105 28.05 35.68 49.24
N PRO K 106 27.51 36.56 50.11
CA PRO K 106 27.99 37.92 50.30
C PRO K 106 29.44 37.93 50.81
N LYS K 107 29.84 36.83 51.45
CA LYS K 107 31.19 36.72 51.97
C LYS K 107 32.07 36.12 50.89
N LEU K 108 32.24 36.88 49.83
CA LEU K 108 32.96 36.43 48.66
C LEU K 108 33.54 37.63 47.90
N ARG K 109 34.84 37.60 47.63
CA ARG K 109 35.48 38.69 46.88
C ARG K 109 36.00 38.24 45.53
N SER K 110 35.57 37.07 45.12
CA SER K 110 35.95 36.45 43.87
C SER K 110 35.11 37.02 42.76
N MET K 111 35.36 36.55 41.55
CA MET K 111 34.65 36.99 40.36
C MET K 111 33.18 36.64 40.42
N MET K 112 32.84 35.71 41.30
CA MET K 112 31.50 35.20 41.47
C MET K 112 30.67 36.03 42.43
N ARG K 113 31.23 37.11 42.97
CA ARG K 113 30.42 37.90 43.86
C ARG K 113 29.25 38.48 43.08
N GLY K 114 28.04 38.22 43.56
CA GLY K 114 26.82 38.73 42.94
C GLY K 114 26.32 37.89 41.77
N GLU K 115 27.03 36.82 41.41
CA GLU K 115 26.68 35.98 40.28
C GLU K 115 25.50 35.03 40.60
N ILE K 116 25.41 34.56 41.83
CA ILE K 116 24.37 33.60 42.20
C ILE K 116 23.43 34.23 43.21
N LYS K 117 22.15 34.12 42.91
CA LYS K 117 21.09 34.63 43.76
C LYS K 117 20.44 33.53 44.55
N ASN K 118 20.03 33.88 45.76
CA ASN K 118 19.29 32.98 46.63
C ASN K 118 17.87 33.49 46.79
N CYS K 119 16.95 32.80 46.12
CA CYS K 119 15.58 33.28 46.02
C CYS K 119 14.53 32.44 46.69
N SER K 120 13.45 33.08 47.16
CA SER K 120 12.31 32.35 47.69
C SER K 120 11.06 32.46 46.82
N PHE K 121 10.27 31.39 46.83
CA PHE K 121 9.01 31.24 46.09
C PHE K 121 7.85 30.79 46.95
N ASN K 122 6.64 31.13 46.51
CA ASN K 122 5.46 30.44 47.01
C ASN K 122 5.04 29.44 45.93
N MET K 123 5.44 28.21 46.11
CA MET K 123 5.34 27.14 45.12
C MET K 123 4.08 26.30 45.30
N THR K 124 3.57 25.73 44.21
CA THR K 124 2.42 24.83 44.29
C THR K 124 2.85 23.48 44.80
N THR K 125 1.88 22.65 45.14
CA THR K 125 2.19 21.30 45.58
C THR K 125 1.21 20.31 45.02
N GLU K 126 1.22 19.10 45.55
CA GLU K 126 0.38 18.03 45.05
C GLU K 126 -1.09 18.38 45.17
N LEU K 127 -1.47 19.02 46.25
CA LEU K 127 -2.85 19.37 46.46
C LEU K 127 -3.03 20.83 46.10
N ARG K 128 -4.15 21.14 45.48
CA ARG K 128 -4.42 22.50 45.04
C ARG K 128 -4.63 23.52 46.14
N ASP K 129 -5.01 23.10 47.33
CA ASP K 129 -5.22 24.03 48.41
C ASP K 129 -3.99 24.25 49.28
N LYS K 130 -2.85 23.67 48.90
CA LYS K 130 -1.65 23.83 49.68
C LYS K 130 -0.54 24.54 48.90
N LYS K 131 0.38 25.18 49.63
CA LYS K 131 1.52 25.87 49.04
C LYS K 131 2.79 25.52 49.79
N GLN K 132 3.94 25.68 49.14
CA GLN K 132 5.22 25.40 49.77
C GLN K 132 6.10 26.64 49.76
N LYS K 133 6.88 26.84 50.81
CA LYS K 133 7.84 27.93 50.76
C LYS K 133 9.14 27.31 50.32
N VAL K 134 9.64 27.75 49.19
CA VAL K 134 10.79 27.12 48.59
C VAL K 134 11.95 28.04 48.37
N TYR K 135 13.14 27.58 48.73
CA TYR K 135 14.34 28.34 48.44
C TYR K 135 15.14 27.64 47.38
N SER K 136 15.71 28.41 46.46
CA SER K 136 16.57 27.84 45.43
C SER K 136 17.59 28.85 44.95
N LEU K 137 18.61 28.34 44.31
CA LEU K 137 19.61 29.23 43.77
C LEU K 137 19.45 29.43 42.29
N PHE K 138 19.66 30.64 41.86
CA PHE K 138 19.59 31.00 40.45
C PHE K 138 20.81 31.72 40.00
N TYR K 139 21.14 31.58 38.75
CA TYR K 139 22.22 32.36 38.23
C TYR K 139 21.64 33.70 37.91
N ARG K 140 22.43 34.74 38.03
CA ARG K 140 21.99 36.10 37.77
C ARG K 140 21.32 36.28 36.44
N LEU K 141 21.78 35.59 35.41
CA LEU K 141 21.24 35.78 34.08
C LEU K 141 19.85 35.21 33.87
N ASP K 142 19.35 34.44 34.82
CA ASP K 142 18.03 33.86 34.68
C ASP K 142 16.95 34.69 35.32
N VAL K 143 17.31 35.78 36.00
CA VAL K 143 16.28 36.59 36.65
C VAL K 143 16.40 38.05 36.30
N VAL K 144 15.32 38.75 36.43
CA VAL K 144 15.30 40.18 36.19
C VAL K 144 14.64 40.89 37.33
N GLN K 145 15.21 42.02 37.71
CA GLN K 145 14.63 42.79 38.78
C GLN K 145 13.46 43.60 38.27
N ILE K 146 12.32 43.50 38.94
CA ILE K 146 11.13 44.23 38.52
C ILE K 146 10.84 45.46 39.35
N ASN K 147 11.15 45.41 40.64
CA ASN K 147 10.88 46.49 41.58
C ASN K 147 9.38 46.61 41.83
N LYS K 159 15.52 41.81 46.11
CA LYS K 159 14.08 41.71 46.25
C LYS K 159 13.37 42.00 44.95
N GLU K 160 12.11 41.59 44.85
CA GLU K 160 11.28 41.84 43.67
C GLU K 160 11.89 41.49 42.32
N TYR K 161 12.16 40.19 42.13
CA TYR K 161 12.68 39.59 40.89
C TYR K 161 11.69 38.64 40.24
N ARG K 162 11.82 38.44 38.94
CA ARG K 162 11.03 37.42 38.25
C ARG K 162 11.92 36.63 37.33
N LEU K 163 11.47 35.48 36.88
CA LEU K 163 12.27 34.74 35.92
C LEU K 163 12.26 35.52 34.63
N ILE K 164 13.39 35.52 33.95
CA ILE K 164 13.51 36.30 32.75
C ILE K 164 12.50 36.03 31.64
N ASN K 165 12.04 34.80 31.49
CA ASN K 165 11.10 34.47 30.44
C ASN K 165 9.66 34.83 30.72
N CYS K 166 9.36 35.30 31.90
CA CYS K 166 7.96 35.52 32.22
C CYS K 166 7.20 36.51 31.38
N ASN K 167 7.85 37.49 30.76
CA ASN K 167 7.04 38.39 29.95
C ASN K 167 7.22 38.14 28.47
N THR K 168 7.77 36.96 28.16
CA THR K 168 7.97 36.56 26.79
C THR K 168 7.27 35.24 26.50
N SER K 169 7.51 34.23 27.32
CA SER K 169 6.99 32.91 27.02
C SER K 169 6.89 31.93 28.16
N ALA K 170 6.14 30.86 27.93
CA ALA K 170 6.06 29.75 28.85
C ALA K 170 7.35 28.97 28.81
N ILE K 171 7.69 28.32 29.91
CA ILE K 171 8.89 27.53 30.02
C ILE K 171 8.61 26.07 30.43
N THR K 172 9.31 25.15 29.76
CA THR K 172 9.20 23.70 30.01
C THR K 172 10.49 23.10 30.53
N GLN K 173 10.42 22.25 31.57
CA GLN K 173 11.62 21.61 32.10
C GLN K 173 12.02 20.46 31.25
N ALA K 174 13.29 20.41 30.89
CA ALA K 174 13.75 19.30 30.12
C ALA K 174 13.69 18.07 30.97
N CYS K 175 13.30 16.95 30.41
CA CYS K 175 13.28 15.74 31.19
C CYS K 175 14.70 15.41 31.63
N PRO K 176 14.95 15.18 32.93
CA PRO K 176 16.26 14.94 33.53
C PRO K 176 16.91 13.65 33.11
N LYS K 177 16.11 12.75 32.57
CA LYS K 177 16.62 11.46 32.14
C LYS K 177 17.10 11.47 30.70
N VAL K 178 16.90 12.59 29.99
CA VAL K 178 17.24 12.64 28.58
C VAL K 178 18.52 13.42 28.32
N SER K 179 19.47 12.75 27.70
CA SER K 179 20.80 13.24 27.37
C SER K 179 20.88 14.25 26.24
N PHE K 180 21.87 15.13 26.31
CA PHE K 180 22.11 16.09 25.24
C PHE K 180 23.31 15.69 24.38
N GLU K 181 23.71 14.44 24.50
CA GLU K 181 24.81 13.87 23.75
C GLU K 181 24.54 13.95 22.24
N PRO K 182 25.42 14.55 21.43
CA PRO K 182 25.28 14.70 20.00
C PRO K 182 25.61 13.43 19.24
N ILE K 183 24.72 12.46 19.35
CA ILE K 183 24.89 11.17 18.69
C ILE K 183 24.84 11.39 17.19
N PRO K 184 25.80 10.88 16.39
CA PRO K 184 25.89 11.07 14.97
C PRO K 184 24.74 10.49 14.20
N ILE K 185 24.33 11.20 13.17
CA ILE K 185 23.27 10.83 12.26
C ILE K 185 23.76 10.71 10.84
N HIS K 186 23.44 9.62 10.18
CA HIS K 186 23.82 9.42 8.79
C HIS K 186 22.60 9.78 7.93
N TYR K 187 22.81 10.39 6.77
CA TYR K 187 21.69 10.66 5.85
C TYR K 187 21.73 9.82 4.61
N CYS K 188 20.67 9.06 4.40
CA CYS K 188 20.65 8.09 3.32
C CYS K 188 19.64 8.45 2.23
N ALA K 189 20.01 8.16 0.99
CA ALA K 189 19.13 8.43 -0.14
C ALA K 189 18.01 7.41 -0.27
N PRO K 190 16.81 7.83 -0.72
CA PRO K 190 15.71 6.98 -1.10
C PRO K 190 16.03 6.36 -2.45
N ALA K 191 15.40 5.24 -2.78
CA ALA K 191 15.67 4.66 -4.09
C ALA K 191 15.31 5.63 -5.18
N GLY K 192 16.15 5.65 -6.22
CA GLY K 192 15.96 6.53 -7.35
C GLY K 192 16.88 7.73 -7.24
N PHE K 193 17.51 7.89 -6.08
CA PHE K 193 18.43 8.98 -5.79
C PHE K 193 19.79 8.50 -5.34
N ALA K 194 20.77 9.37 -5.47
CA ALA K 194 22.11 9.03 -5.02
C ALA K 194 22.80 10.23 -4.41
N ILE K 195 23.73 9.99 -3.49
CA ILE K 195 24.46 11.07 -2.88
C ILE K 195 25.89 11.08 -3.40
N LEU K 196 26.35 12.23 -3.84
CA LEU K 196 27.71 12.27 -4.36
C LEU K 196 28.63 13.02 -3.43
N LYS K 197 29.80 12.45 -3.14
CA LYS K 197 30.85 13.10 -2.35
C LYS K 197 31.74 13.86 -3.26
N CYS K 198 32.04 15.10 -2.93
CA CYS K 198 32.88 15.93 -3.78
C CYS K 198 34.30 15.38 -3.80
N LYS K 199 34.82 15.08 -2.61
CA LYS K 199 36.14 14.51 -2.36
C LYS K 199 37.38 15.19 -2.85
N ASP K 200 37.32 16.42 -3.30
CA ASP K 200 38.58 16.98 -3.68
C ASP K 200 39.17 17.52 -2.42
N LYS K 201 40.47 17.65 -2.40
CA LYS K 201 41.09 18.23 -1.24
C LYS K 201 41.12 19.69 -1.50
N LYS K 202 41.12 20.50 -0.46
CA LYS K 202 41.16 21.92 -0.68
C LYS K 202 39.96 22.39 -1.52
N PHE K 203 38.80 21.78 -1.26
CA PHE K 203 37.57 22.16 -1.94
C PHE K 203 36.92 23.30 -1.20
N ASN K 204 36.66 24.39 -1.90
CA ASN K 204 36.20 25.62 -1.27
C ASN K 204 34.69 25.77 -1.24
N GLY K 205 33.97 24.73 -1.55
CA GLY K 205 32.52 24.75 -1.48
C GLY K 205 31.80 24.90 -2.80
N THR K 206 32.46 25.37 -3.85
CA THR K 206 31.76 25.44 -5.11
C THR K 206 32.62 24.93 -6.25
N GLY K 207 31.97 24.56 -7.34
CA GLY K 207 32.72 24.22 -8.53
C GLY K 207 32.94 22.72 -8.76
N PRO K 208 33.75 22.40 -9.77
CA PRO K 208 33.97 21.09 -10.36
C PRO K 208 34.88 20.08 -9.68
N CYS K 209 34.49 19.48 -8.55
CA CYS K 209 35.42 18.45 -8.06
C CYS K 209 35.56 17.36 -9.11
N PRO K 210 36.78 16.94 -9.48
CA PRO K 210 37.14 15.87 -10.39
C PRO K 210 37.32 14.50 -9.71
N SER K 211 37.05 14.44 -8.41
CA SER K 211 37.34 13.25 -7.59
C SER K 211 36.09 12.64 -6.99
N VAL K 212 34.98 12.90 -7.60
CA VAL K 212 33.66 12.55 -7.11
C VAL K 212 33.38 11.06 -6.98
N SER K 213 32.74 10.68 -5.89
CA SER K 213 32.36 9.28 -5.68
C SER K 213 30.93 9.21 -5.22
N THR K 214 30.28 8.06 -5.42
CA THR K 214 28.89 7.95 -5.01
C THR K 214 28.66 7.04 -3.83
N VAL K 215 27.81 7.51 -2.93
CA VAL K 215 27.46 6.74 -1.76
C VAL K 215 25.96 6.64 -1.54
N GLN K 216 25.57 5.59 -0.84
CA GLN K 216 24.19 5.41 -0.45
C GLN K 216 23.82 6.31 0.68
N CYS K 217 24.78 6.54 1.55
CA CYS K 217 24.51 7.26 2.76
C CYS K 217 25.77 7.98 3.24
N THR K 218 25.59 9.16 3.83
CA THR K 218 26.69 9.99 4.31
C THR K 218 27.30 9.39 5.55
N HIS K 219 28.42 9.95 5.96
CA HIS K 219 29.08 9.52 7.17
C HIS K 219 28.25 10.08 8.29
N GLY K 220 28.55 9.70 9.52
CA GLY K 220 27.73 10.24 10.59
C GLY K 220 28.15 11.64 10.94
N ILE K 221 27.18 12.51 11.08
CA ILE K 221 27.43 13.86 11.48
C ILE K 221 26.87 14.13 12.84
N LYS K 222 27.70 14.61 13.74
CA LYS K 222 27.25 14.90 15.08
C LYS K 222 26.59 16.26 15.11
N PRO K 223 25.35 16.41 15.60
CA PRO K 223 24.62 17.64 15.66
C PRO K 223 25.09 18.49 16.83
N VAL K 224 26.34 18.92 16.76
CA VAL K 224 26.91 19.73 17.82
C VAL K 224 26.46 21.15 17.60
N VAL K 225 25.94 21.79 18.62
CA VAL K 225 25.46 23.16 18.48
C VAL K 225 26.35 24.14 19.21
N SER K 226 26.90 25.10 18.47
CA SER K 226 27.77 26.12 19.06
C SER K 226 27.80 27.41 18.25
N THR K 227 28.33 28.44 18.89
CA THR K 227 28.53 29.75 18.28
C THR K 227 30.01 30.10 18.34
N GLN K 228 30.47 31.10 17.56
CA GLN K 228 31.86 31.59 17.57
C GLN K 228 32.88 30.56 17.02
N LEU K 229 33.03 29.44 17.72
CA LEU K 229 33.96 28.37 17.35
C LEU K 229 33.18 27.06 17.19
N LEU K 230 33.53 26.29 16.18
CA LEU K 230 32.87 25.02 15.94
C LEU K 230 33.63 23.91 16.60
N LEU K 231 32.91 23.03 17.25
CA LEU K 231 33.53 21.96 17.99
C LEU K 231 33.26 20.59 17.45
N ASN K 232 34.20 19.70 17.65
CA ASN K 232 34.07 18.28 17.37
C ASN K 232 33.64 17.98 15.93
N GLY K 233 34.13 18.72 14.96
CA GLY K 233 33.77 18.46 13.57
C GLY K 233 34.90 17.83 12.81
N SER K 234 34.81 17.88 11.49
CA SER K 234 35.86 17.32 10.65
C SER K 234 36.99 18.30 10.48
N LEU K 235 38.12 17.79 10.03
CA LEU K 235 39.29 18.61 9.74
C LEU K 235 39.60 18.62 8.27
N ALA K 236 40.23 19.71 7.83
CA ALA K 236 40.68 19.88 6.46
C ALA K 236 41.78 18.88 6.21
N GLU K 237 41.89 18.39 5.00
CA GLU K 237 42.90 17.38 4.70
C GLU K 237 44.34 17.87 4.75
N GLU K 238 44.60 19.07 4.25
CA GLU K 238 45.98 19.54 4.20
C GLU K 238 46.23 20.90 4.84
N GLU K 239 45.37 21.87 4.56
CA GLU K 239 45.58 23.25 4.99
C GLU K 239 44.29 23.90 5.33
N VAL K 240 44.34 24.99 6.06
CA VAL K 240 43.13 25.67 6.43
C VAL K 240 42.36 26.13 5.20
N ILE K 241 41.08 25.84 5.16
CA ILE K 241 40.26 26.20 4.02
C ILE K 241 39.24 27.26 4.38
N ILE K 242 39.24 28.33 3.63
CA ILE K 242 38.29 29.40 3.91
C ILE K 242 37.16 29.41 2.92
N ARG K 243 35.93 29.27 3.41
CA ARG K 243 34.79 29.19 2.53
C ARG K 243 33.78 30.30 2.75
N SER K 244 33.29 30.87 1.67
CA SER K 244 32.26 31.91 1.75
C SER K 244 31.39 31.96 0.53
N GLU K 245 30.12 32.29 0.73
CA GLU K 245 29.20 32.45 -0.37
C GLU K 245 29.69 33.55 -1.29
N ASN K 246 30.27 34.57 -0.70
CA ASN K 246 30.84 35.70 -1.41
C ASN K 246 31.94 36.31 -0.54
N ILE K 247 33.18 36.02 -0.86
CA ILE K 247 34.29 36.41 -0.02
C ILE K 247 34.49 37.92 0.04
N THR K 248 33.91 38.65 -0.93
CA THR K 248 34.09 40.08 -0.95
C THR K 248 32.88 40.80 -0.38
N ASN K 249 31.90 40.06 0.09
CA ASN K 249 30.69 40.65 0.66
C ASN K 249 30.80 40.61 2.18
N ASN K 250 30.91 41.76 2.82
CA ASN K 250 31.12 41.77 4.26
C ASN K 250 29.86 41.37 5.03
N ALA K 251 28.76 41.18 4.32
CA ALA K 251 27.51 40.76 4.92
C ALA K 251 27.43 39.25 5.05
N LYS K 252 28.42 38.53 4.53
CA LYS K 252 28.41 37.08 4.58
C LYS K 252 29.36 36.57 5.65
N ASN K 253 29.06 35.37 6.14
CA ASN K 253 29.97 34.77 7.10
C ASN K 253 31.03 33.97 6.38
N ILE K 254 32.16 33.87 7.01
CA ILE K 254 33.27 33.11 6.51
C ILE K 254 33.46 31.88 7.37
N LEU K 255 33.40 30.72 6.76
CA LEU K 255 33.54 29.50 7.52
C LEU K 255 34.95 29.00 7.35
N VAL K 256 35.68 28.88 8.45
CA VAL K 256 37.05 28.47 8.35
C VAL K 256 37.26 27.08 8.90
N GLN K 257 37.75 26.17 8.06
CA GLN K 257 37.97 24.78 8.49
C GLN K 257 39.43 24.57 8.81
N LEU K 258 39.72 24.11 10.00
CA LEU K 258 41.10 23.93 10.39
C LEU K 258 41.62 22.60 9.93
N ASN K 259 42.94 22.48 9.71
CA ASN K 259 43.52 21.21 9.35
C ASN K 259 44.12 20.50 10.55
N THR K 260 44.04 21.16 11.69
CA THR K 260 44.52 20.63 12.95
C THR K 260 43.52 21.05 14.01
N PRO K 261 43.27 20.25 15.04
CA PRO K 261 42.43 20.59 16.14
C PRO K 261 43.10 21.53 17.11
N VAL K 262 42.33 22.33 17.82
CA VAL K 262 42.86 23.08 18.96
C VAL K 262 42.15 22.53 20.18
N GLN K 263 42.87 22.00 21.13
CA GLN K 263 42.17 21.40 22.24
C GLN K 263 41.71 22.43 23.23
N ILE K 264 40.47 22.31 23.66
CA ILE K 264 39.88 23.18 24.67
C ILE K 264 39.30 22.38 25.85
N ASN K 265 39.69 22.76 27.06
CA ASN K 265 39.21 22.10 28.27
C ASN K 265 38.31 23.01 29.09
N CYS K 266 37.03 22.72 29.15
CA CYS K 266 36.11 23.58 29.86
C CYS K 266 35.61 22.96 31.15
N THR K 267 35.31 23.82 32.11
CA THR K 267 34.79 23.35 33.37
C THR K 267 33.93 24.28 34.18
N ARG K 268 33.13 23.63 35.04
CA ARG K 268 32.37 24.26 36.10
C ARG K 268 32.90 23.63 37.37
N PRO K 269 33.98 24.17 37.93
CA PRO K 269 34.80 23.58 38.97
C PRO K 269 34.22 23.76 40.34
N SER K 270 33.01 23.30 40.57
CA SER K 270 32.39 23.45 41.87
C SER K 270 31.44 22.31 42.05
N ASN K 271 31.12 22.00 43.29
CA ASN K 271 30.23 20.88 43.58
C ASN K 271 28.81 21.34 43.84
N ASN K 272 27.94 21.20 42.85
CA ASN K 272 26.59 21.68 43.06
C ASN K 272 25.70 20.54 43.53
N THR K 273 24.82 20.87 44.45
CA THR K 273 23.85 19.93 44.99
C THR K 273 22.50 20.20 44.44
N VAL K 274 21.89 19.17 43.89
CA VAL K 274 20.58 19.23 43.28
C VAL K 274 19.49 18.70 44.20
N LYS K 275 18.42 19.48 44.32
CA LYS K 275 17.27 19.15 45.13
C LYS K 275 16.04 19.03 44.27
N SER K 276 15.01 18.35 44.73
CA SER K 276 13.79 18.31 43.94
C SER K 276 12.57 18.47 44.80
N ILE K 277 11.55 19.04 44.19
CA ILE K 277 10.28 19.28 44.83
C ILE K 277 9.08 18.88 44.02
N ARG K 278 8.10 18.23 44.63
CA ARG K 278 6.90 17.94 43.87
C ARG K 278 6.09 19.20 43.76
N ILE K 279 5.63 19.51 42.56
CA ILE K 279 4.86 20.73 42.35
C ILE K 279 3.45 20.47 41.85
N GLY K 280 3.10 19.20 41.76
CA GLY K 280 1.80 18.81 41.29
C GLY K 280 1.69 17.29 41.26
N PRO K 281 0.55 16.75 40.84
CA PRO K 281 0.23 15.35 40.82
C PRO K 281 0.98 14.60 39.77
N GLY K 282 2.21 14.26 40.11
CA GLY K 282 3.11 13.59 39.19
C GLY K 282 4.16 14.49 38.57
N GLN K 283 4.30 15.72 39.05
CA GLN K 283 5.30 16.61 38.48
C GLN K 283 6.30 17.04 39.49
N ALA K 284 7.55 17.14 39.07
CA ALA K 284 8.57 17.60 39.98
C ALA K 284 9.52 18.52 39.29
N PHE K 285 9.96 19.49 40.06
CA PHE K 285 10.90 20.48 39.67
C PHE K 285 12.25 20.23 40.27
N TYR K 286 13.27 20.32 39.45
CA TYR K 286 14.62 20.12 39.94
C TYR K 286 15.33 21.42 40.02
N TYR K 287 16.05 21.63 41.10
CA TYR K 287 16.71 22.89 41.26
C TYR K 287 18.03 22.86 41.96
N PHE K 288 18.77 23.92 41.75
CA PHE K 288 20.07 24.11 42.33
C PHE K 288 19.86 24.44 43.77
N GLY K 289 20.26 23.51 44.62
CA GLY K 289 20.04 23.56 46.03
C GLY K 289 21.09 24.35 46.74
N ASP K 290 22.32 23.88 46.64
CA ASP K 290 23.42 24.55 47.33
C ASP K 290 24.75 24.30 46.63
N VAL K 291 25.81 24.91 47.16
CA VAL K 291 27.16 24.75 46.64
C VAL K 291 28.09 24.27 47.73
N LEU K 292 28.79 23.18 47.50
CA LEU K 292 29.71 22.71 48.50
C LEU K 292 31.08 23.15 48.06
N GLY K 293 31.94 23.45 49.01
CA GLY K 293 33.26 23.91 48.65
C GLY K 293 33.14 25.38 48.30
N HIS K 294 34.09 25.87 47.54
CA HIS K 294 34.15 27.27 47.18
C HIS K 294 33.30 27.60 45.99
N VAL K 295 32.87 28.84 45.94
CA VAL K 295 32.17 29.31 44.76
C VAL K 295 33.23 29.74 43.77
N ARG K 296 33.21 29.15 42.58
CA ARG K 296 34.22 29.39 41.57
C ARG K 296 33.63 29.76 40.22
N MET K 297 34.40 30.50 39.44
CA MET K 297 33.98 30.91 38.11
C MET K 297 34.28 29.84 37.08
N ALA K 298 33.32 29.62 36.18
CA ALA K 298 33.45 28.67 35.10
C ALA K 298 34.45 29.20 34.11
N HIS K 299 35.16 28.30 33.44
CA HIS K 299 36.16 28.77 32.50
C HIS K 299 36.62 27.72 31.49
N CYS K 300 37.30 28.17 30.43
CA CYS K 300 37.92 27.25 29.48
C CYS K 300 39.40 27.50 29.20
N ASN K 301 40.18 26.41 29.19
CA ASN K 301 41.62 26.41 28.95
C ASN K 301 42.00 26.10 27.51
N ILE K 302 42.65 27.05 26.88
CA ILE K 302 43.11 26.93 25.50
C ILE K 302 44.63 27.02 25.43
N SER K 303 45.29 26.08 24.77
CA SER K 303 46.75 26.19 24.67
C SER K 303 47.11 27.50 24.02
N LYS K 304 47.97 28.28 24.68
CA LYS K 304 48.25 29.60 24.13
C LYS K 304 49.05 29.52 22.87
N ALA K 305 50.03 28.62 22.86
CA ALA K 305 50.86 28.48 21.70
C ALA K 305 50.08 27.95 20.53
N THR K 306 49.16 27.03 20.82
CA THR K 306 48.42 26.41 19.76
C THR K 306 47.53 27.43 19.12
N TRP K 307 46.87 28.25 19.93
CA TRP K 307 46.00 29.23 19.37
C TRP K 307 46.75 30.21 18.51
N ASN K 308 47.92 30.68 18.95
CA ASN K 308 48.62 31.64 18.12
C ASN K 308 49.05 31.04 16.80
N GLU K 309 49.48 29.78 16.81
CA GLU K 309 49.87 29.14 15.57
C GLU K 309 48.69 29.03 14.64
N THR K 310 47.53 28.70 15.22
CA THR K 310 46.31 28.51 14.48
C THR K 310 45.92 29.79 13.79
N LEU K 311 45.99 30.92 14.48
CA LEU K 311 45.63 32.12 13.76
C LEU K 311 46.64 32.41 12.70
N GLY K 312 47.92 32.15 12.93
CA GLY K 312 48.86 32.46 11.88
C GLY K 312 48.49 31.74 10.59
N LYS K 313 48.05 30.48 10.71
CA LYS K 313 47.63 29.73 9.54
C LYS K 313 46.40 30.35 8.88
N VAL K 314 45.45 30.81 9.70
CA VAL K 314 44.24 31.42 9.17
C VAL K 314 44.56 32.69 8.41
N VAL K 315 45.45 33.50 8.97
CA VAL K 315 45.83 34.74 8.34
C VAL K 315 46.51 34.48 7.02
N LYS K 316 47.42 33.53 7.00
CA LYS K 316 48.11 33.22 5.76
C LYS K 316 47.12 32.92 4.66
N GLN K 317 46.06 32.17 4.97
CA GLN K 317 45.06 31.86 3.97
C GLN K 317 44.18 33.06 3.66
N LEU K 318 43.87 33.92 4.63
CA LEU K 318 43.05 35.09 4.34
C LEU K 318 43.73 35.99 3.34
N ARG K 319 45.05 36.08 3.41
CA ARG K 319 45.79 36.95 2.50
C ARG K 319 45.53 36.61 1.03
N LYS K 320 45.18 35.37 0.73
CA LYS K 320 44.93 34.98 -0.64
C LYS K 320 43.76 35.76 -1.23
N HIS K 321 42.82 36.18 -0.40
CA HIS K 321 41.67 36.89 -0.88
C HIS K 321 41.72 38.37 -0.53
N PHE K 322 42.47 38.71 0.51
CA PHE K 322 42.48 40.09 0.98
C PHE K 322 43.73 40.91 0.69
N GLY K 323 44.79 40.29 0.15
CA GLY K 323 46.02 41.00 -0.20
C GLY K 323 47.23 40.58 0.61
N ASN K 324 48.35 40.41 -0.11
CA ASN K 324 49.62 39.97 0.45
C ASN K 324 50.22 40.97 1.41
N ASN K 325 49.85 42.22 1.25
CA ASN K 325 50.35 43.31 2.05
C ASN K 325 49.28 43.98 2.88
N THR K 326 48.17 43.30 3.07
CA THR K 326 47.07 43.82 3.84
C THR K 326 47.23 43.47 5.31
N ILE K 327 46.99 44.40 6.19
CA ILE K 327 47.08 44.05 7.60
C ILE K 327 45.80 43.40 8.05
N ILE K 328 45.94 42.25 8.68
CA ILE K 328 44.79 41.50 9.15
C ILE K 328 44.71 41.46 10.64
N ARG K 329 43.63 41.99 11.18
CA ARG K 329 43.50 41.97 12.63
C ARG K 329 42.24 41.30 13.08
N PHE K 330 42.34 40.69 14.25
CA PHE K 330 41.17 40.11 14.84
C PHE K 330 40.71 40.96 15.98
N ALA K 331 39.41 40.97 16.16
CA ALA K 331 38.78 41.73 17.21
C ALA K 331 37.61 40.96 17.77
N GLN K 332 37.19 41.35 18.96
CA GLN K 332 36.11 40.68 19.65
C GLN K 332 34.76 40.94 19.00
N SER K 333 33.73 40.32 19.55
CA SER K 333 32.38 40.42 19.03
C SER K 333 31.81 41.84 19.17
N SER K 334 30.86 42.17 18.31
CA SER K 334 30.31 43.53 18.26
C SER K 334 29.11 43.88 19.13
N GLY K 335 28.34 42.92 19.58
CA GLY K 335 27.16 43.27 20.37
C GLY K 335 26.02 42.28 20.19
N GLY K 336 24.89 42.56 20.84
CA GLY K 336 23.73 41.66 20.81
C GLY K 336 23.73 40.79 22.05
N ASP K 337 22.91 39.74 22.06
CA ASP K 337 22.80 38.93 23.27
C ASP K 337 23.92 37.91 23.32
N LEU K 338 23.94 37.10 24.36
CA LEU K 338 25.02 36.16 24.55
C LEU K 338 25.19 35.17 23.40
N GLU K 339 24.12 34.75 22.75
CA GLU K 339 24.31 33.79 21.66
C GLU K 339 25.14 34.34 20.49
N VAL K 340 25.26 35.65 20.39
CA VAL K 340 26.06 36.21 19.33
C VAL K 340 27.29 36.94 19.84
N THR K 341 27.35 37.22 21.15
CA THR K 341 28.53 37.90 21.66
C THR K 341 29.52 36.97 22.35
N THR K 342 29.08 35.78 22.76
CA THR K 342 29.94 34.81 23.45
C THR K 342 29.94 33.45 22.78
N HIS K 343 30.90 32.64 23.15
CA HIS K 343 30.98 31.26 22.68
C HIS K 343 29.93 30.55 23.42
N SER K 344 29.26 29.60 22.81
CA SER K 344 28.27 28.86 23.57
C SER K 344 28.33 27.41 23.22
N PHE K 345 28.10 26.60 24.25
CA PHE K 345 28.09 25.14 24.11
C PHE K 345 27.39 24.41 25.24
N ASN K 346 27.08 23.15 25.00
CA ASN K 346 26.48 22.29 25.98
C ASN K 346 27.40 21.16 26.45
N CYS K 347 27.83 21.22 27.70
CA CYS K 347 28.72 20.22 28.28
C CYS K 347 28.12 19.53 29.49
N GLY K 348 27.77 18.27 29.30
CA GLY K 348 27.17 17.48 30.35
C GLY K 348 25.68 17.77 30.51
N GLY K 349 25.20 18.67 29.69
CA GLY K 349 23.83 19.15 29.75
C GLY K 349 23.82 20.57 30.30
N GLU K 350 24.97 21.08 30.72
CA GLU K 350 25.07 22.42 31.25
C GLU K 350 25.24 23.40 30.10
N PHE K 351 24.61 24.56 30.17
CA PHE K 351 24.74 25.54 29.11
C PHE K 351 25.66 26.71 29.43
N PHE K 352 26.80 26.70 28.75
CA PHE K 352 27.87 27.65 28.98
C PHE K 352 27.96 28.73 27.96
N TYR K 353 28.33 29.90 28.44
CA TYR K 353 28.61 31.04 27.63
C TYR K 353 30.02 31.54 28.00
N CYS K 354 30.89 31.75 27.02
CA CYS K 354 32.26 32.15 27.33
C CYS K 354 32.73 33.37 26.56
N ASN K 355 33.53 34.19 27.22
CA ASN K 355 34.07 35.41 26.61
C ASN K 355 35.31 35.11 25.78
N THR K 356 35.17 35.29 24.47
CA THR K 356 36.20 34.98 23.47
C THR K 356 37.00 36.18 23.06
N SER K 357 36.84 37.31 23.76
CA SER K 357 37.61 38.50 23.41
C SER K 357 39.09 38.26 23.65
N GLY K 358 39.40 37.27 24.46
CA GLY K 358 40.78 36.93 24.76
C GLY K 358 41.45 36.22 23.60
N LEU K 359 40.67 35.72 22.65
CA LEU K 359 41.23 35.01 21.53
C LEU K 359 41.34 35.90 20.32
N PHE K 360 40.28 36.63 20.06
CA PHE K 360 40.23 37.44 18.87
C PHE K 360 40.70 38.84 19.13
N ASN K 361 41.99 38.93 19.38
CA ASN K 361 42.65 40.19 19.70
C ASN K 361 44.07 40.20 19.18
N SER K 362 44.31 40.84 18.03
CA SER K 362 45.67 40.77 17.50
C SER K 362 46.17 41.96 16.68
N THR K 363 46.29 41.72 15.37
CA THR K 363 46.83 42.55 14.28
C THR K 363 48.11 41.90 13.81
N TRP K 364 48.02 41.25 12.66
CA TRP K 364 49.09 40.55 12.01
C TRP K 364 49.65 41.33 10.83
N ILE K 365 50.92 41.70 10.92
CA ILE K 365 51.57 42.50 9.90
C ILE K 365 52.70 41.74 9.26
N SER K 366 52.69 41.68 7.93
CA SER K 366 53.75 40.98 7.19
C SER K 366 54.76 41.95 6.58
N ASP K 380 52.25 27.66 27.77
CA ASP K 380 51.35 28.47 28.57
C ASP K 380 49.92 28.26 28.15
N SER K 381 48.99 28.94 28.82
CA SER K 381 47.59 28.80 28.46
C SER K 381 46.80 30.07 28.60
N LEU K 382 45.73 30.11 27.81
CA LEU K 382 44.81 31.21 27.77
C LEU K 382 43.53 30.80 28.44
N ILE K 383 42.97 31.66 29.27
CA ILE K 383 41.72 31.31 29.92
C ILE K 383 40.55 32.16 29.48
N LEU K 384 39.48 31.50 29.08
CA LEU K 384 38.27 32.21 28.73
C LEU K 384 37.37 32.14 29.94
N PRO K 385 36.92 33.24 30.54
CA PRO K 385 36.03 33.21 31.66
C PRO K 385 34.72 32.77 31.09
N CYS K 386 33.96 32.05 31.86
CA CYS K 386 32.65 31.61 31.43
C CYS K 386 31.64 31.70 32.53
N TRP K 387 30.41 31.55 32.15
CA TRP K 387 29.31 31.52 33.07
C TRP K 387 28.20 30.70 32.49
N ILE K 388 27.24 30.32 33.31
CA ILE K 388 26.18 29.49 32.80
C ILE K 388 24.82 30.05 33.09
N LYS K 389 23.82 29.57 32.38
CA LYS K 389 22.44 29.97 32.65
C LYS K 389 21.51 28.79 32.41
N GLN K 390 20.40 28.73 33.14
CA GLN K 390 19.44 27.65 32.98
C GLN K 390 18.23 27.91 32.09
N ILE K 391 17.94 29.16 31.73
CA ILE K 391 16.79 29.38 30.87
C ILE K 391 17.26 29.63 29.45
N ILE K 392 16.97 28.66 28.61
CA ILE K 392 17.50 28.62 27.26
C ILE K 392 16.50 28.80 26.15
N ASN K 393 16.80 29.69 25.22
CA ASN K 393 15.96 29.86 24.03
C ASN K 393 16.67 29.38 22.79
N MET K 394 16.36 28.17 22.36
CA MET K 394 17.06 27.55 21.25
C MET K 394 16.59 28.05 19.89
N TRP K 395 17.53 28.17 18.96
CA TRP K 395 17.27 28.49 17.54
C TRP K 395 16.40 29.70 17.28
N GLN K 396 16.55 30.74 18.08
CA GLN K 396 15.77 31.96 17.92
C GLN K 396 14.27 31.71 17.98
N ARG K 397 13.85 30.62 18.59
CA ARG K 397 12.45 30.30 18.68
C ARG K 397 11.83 31.02 19.83
N ILE K 398 11.60 32.29 19.63
CA ILE K 398 11.06 33.09 20.69
C ILE K 398 9.67 32.59 20.91
N GLY K 399 9.34 32.29 22.16
CA GLY K 399 8.04 31.76 22.50
C GLY K 399 8.16 30.38 23.15
N GLN K 400 9.28 29.69 22.95
CA GLN K 400 9.46 28.39 23.58
C GLN K 400 10.72 28.32 24.43
N ALA K 401 10.63 28.51 25.74
CA ALA K 401 11.85 28.47 26.54
C ALA K 401 12.00 27.13 27.19
N MET K 402 13.23 26.68 27.36
CA MET K 402 13.51 25.44 28.05
C MET K 402 14.22 25.69 29.35
N TYR K 403 13.87 24.94 30.37
CA TYR K 403 14.60 25.03 31.62
C TYR K 403 15.54 23.86 31.70
N ALA K 404 16.80 24.16 31.84
CA ALA K 404 17.79 23.12 31.94
C ALA K 404 17.97 22.79 33.40
N PRO K 405 17.67 21.56 33.86
CA PRO K 405 17.76 21.19 35.23
C PRO K 405 19.24 21.20 35.50
N PRO K 406 19.66 21.41 36.72
CA PRO K 406 21.03 21.46 37.17
C PRO K 406 21.63 20.08 37.20
N ILE K 407 22.94 20.04 37.14
CA ILE K 407 23.69 18.80 37.19
C ILE K 407 24.47 18.60 38.46
N GLN K 408 24.16 17.51 39.13
CA GLN K 408 24.80 17.15 40.37
C GLN K 408 26.28 16.90 40.18
N GLY K 409 27.10 17.51 41.02
CA GLY K 409 28.54 17.29 40.91
C GLY K 409 29.30 18.40 40.22
N VAL K 410 30.46 18.00 39.68
CA VAL K 410 31.49 18.87 39.10
C VAL K 410 31.62 18.51 37.63
N ILE K 411 31.68 19.49 36.74
CA ILE K 411 31.77 19.19 35.31
C ILE K 411 33.08 19.49 34.62
N ARG K 412 33.59 18.49 33.92
CA ARG K 412 34.77 18.59 33.07
C ARG K 412 34.36 18.20 31.66
N CYS K 413 34.80 18.97 30.69
CA CYS K 413 34.43 18.70 29.30
C CYS K 413 35.56 19.02 28.34
N VAL K 414 35.98 18.04 27.57
CA VAL K 414 37.10 18.24 26.67
C VAL K 414 36.72 17.98 25.23
N SER K 415 37.04 18.94 24.38
CA SER K 415 36.71 18.87 22.96
C SER K 415 37.73 19.59 22.14
N ASN K 416 37.75 19.40 20.83
CA ASN K 416 38.62 20.26 20.05
C ASN K 416 37.84 21.20 19.16
N ILE K 417 38.45 22.32 18.88
CA ILE K 417 37.97 23.31 17.96
C ILE K 417 38.43 22.84 16.63
N THR K 418 37.50 22.68 15.70
CA THR K 418 37.84 22.16 14.38
C THR K 418 37.59 23.16 13.27
N GLY K 419 37.08 24.30 13.65
CA GLY K 419 36.76 25.36 12.70
C GLY K 419 36.14 26.51 13.43
N LEU K 420 35.96 27.61 12.73
CA LEU K 420 35.39 28.80 13.35
C LEU K 420 34.63 29.69 12.38
N ILE K 421 33.80 30.58 12.91
CA ILE K 421 33.05 31.46 12.03
C ILE K 421 33.42 32.92 12.19
N LEU K 422 33.81 33.55 11.09
CA LEU K 422 34.21 34.97 11.07
C LEU K 422 33.32 35.86 10.21
N THR K 423 33.26 37.13 10.58
CA THR K 423 32.59 38.14 9.78
C THR K 423 33.53 39.31 9.56
N ARG K 424 33.08 40.33 8.82
CA ARG K 424 33.95 41.47 8.52
C ARG K 424 33.33 42.82 8.77
N ASP K 425 34.13 43.75 9.26
CA ASP K 425 33.63 45.10 9.44
C ASP K 425 33.19 45.69 8.11
N THR K 432 44.44 50.75 4.86
CA THR K 432 43.93 49.58 4.17
C THR K 432 44.17 48.34 4.98
N THR K 433 43.41 48.19 6.05
CA THR K 433 43.54 47.03 6.91
C THR K 433 42.17 46.38 6.98
N GLU K 434 42.12 45.14 7.43
CA GLU K 434 40.84 44.45 7.56
C GLU K 434 40.63 43.93 8.97
N THR K 435 39.40 44.03 9.46
CA THR K 435 39.09 43.50 10.78
C THR K 435 38.08 42.39 10.70
N PHE K 436 38.46 41.28 11.31
CA PHE K 436 37.62 40.11 11.36
C PHE K 436 37.14 39.89 12.76
N ARG K 437 35.88 39.49 12.88
CA ARG K 437 35.29 39.27 14.18
C ARG K 437 34.55 37.95 14.17
N PRO K 438 34.38 37.26 15.28
CA PRO K 438 33.57 36.08 15.40
C PRO K 438 32.09 36.29 15.05
N GLY K 439 31.49 35.27 14.44
CA GLY K 439 30.06 35.25 14.10
C GLY K 439 29.32 34.11 14.83
N GLY K 440 28.05 33.89 14.47
CA GLY K 440 27.25 32.84 15.12
C GLY K 440 25.76 33.10 14.97
N GLY K 441 24.95 32.46 15.82
CA GLY K 441 23.50 32.64 15.80
C GLY K 441 22.74 31.75 14.83
N ASP K 442 23.05 31.84 13.55
CA ASP K 442 22.34 31.03 12.56
C ASP K 442 22.98 29.67 12.43
N MET K 443 22.32 28.67 12.99
CA MET K 443 22.85 27.33 13.10
C MET K 443 23.00 26.64 11.78
N ARG K 444 22.37 27.14 10.74
CA ARG K 444 22.53 26.45 9.48
C ARG K 444 23.99 26.42 9.07
N ASP K 445 24.77 27.44 9.43
CA ASP K 445 26.16 27.45 9.04
C ASP K 445 26.94 26.33 9.70
N ASN K 446 26.46 25.82 10.82
CA ASN K 446 27.19 24.77 11.46
C ASN K 446 27.06 23.49 10.67
N TRP K 447 25.97 23.34 9.94
CA TRP K 447 25.77 22.14 9.20
C TRP K 447 26.33 22.29 7.81
N ARG K 448 26.43 23.53 7.34
CA ARG K 448 27.06 23.73 6.05
C ARG K 448 28.49 23.27 6.13
N SER K 449 29.11 23.45 7.29
CA SER K 449 30.48 23.04 7.53
C SER K 449 30.72 21.54 7.48
N GLU K 450 29.68 20.71 7.56
CA GLU K 450 29.85 19.26 7.48
C GLU K 450 29.31 18.68 6.18
N LEU K 451 28.24 19.27 5.66
CA LEU K 451 27.55 18.78 4.48
C LEU K 451 28.03 19.37 3.16
N TYR K 452 29.09 20.15 3.20
CA TYR K 452 29.64 20.80 2.01
C TYR K 452 30.13 19.79 0.98
N LYS K 453 30.40 18.60 1.43
CA LYS K 453 30.91 17.56 0.59
C LYS K 453 29.85 16.82 -0.16
N TYR K 454 28.57 17.02 0.17
CA TYR K 454 27.58 16.18 -0.47
C TYR K 454 26.52 16.86 -1.30
N LYS K 455 26.11 16.20 -2.37
CA LYS K 455 24.95 16.68 -3.12
C LYS K 455 24.04 15.52 -3.49
N VAL K 456 22.76 15.80 -3.68
CA VAL K 456 21.82 14.76 -4.03
C VAL K 456 21.35 14.87 -5.46
N VAL K 457 21.44 13.77 -6.19
CA VAL K 457 21.00 13.77 -7.56
C VAL K 457 19.97 12.69 -7.81
N LYS K 458 19.13 12.94 -8.79
CA LYS K 458 18.09 12.00 -9.19
C LYS K 458 18.57 11.21 -10.37
N ILE K 459 18.33 9.93 -10.36
CA ILE K 459 18.76 9.09 -11.43
C ILE K 459 17.67 9.06 -12.48
N GLU K 460 18.04 9.25 -13.74
CA GLU K 460 17.07 9.24 -14.83
C GLU K 460 17.46 8.26 -15.92
N PRO K 461 17.28 6.97 -15.68
CA PRO K 461 17.81 5.87 -16.44
C PRO K 461 17.04 5.55 -17.68
N LEU K 462 16.79 6.51 -18.52
CA LEU K 462 16.09 6.22 -19.75
C LEU K 462 16.56 7.16 -20.81
N GLY K 463 16.97 6.62 -21.94
CA GLY K 463 17.40 7.52 -22.98
C GLY K 463 17.46 6.85 -24.31
N VAL K 464 17.76 7.66 -25.31
CA VAL K 464 17.81 7.17 -26.66
C VAL K 464 19.10 7.57 -27.31
N ALA K 465 19.48 6.85 -28.34
CA ALA K 465 20.66 7.16 -29.11
C ALA K 465 20.55 6.47 -30.48
N PRO K 466 21.18 6.96 -31.54
CA PRO K 466 21.20 6.33 -32.84
C PRO K 466 22.06 5.10 -32.91
N THR K 467 21.48 4.01 -33.39
CA THR K 467 22.18 2.73 -33.57
C THR K 467 21.78 2.14 -34.90
N ARG K 468 22.43 1.06 -35.31
CA ARG K 468 22.03 0.42 -36.53
C ARG K 468 21.12 -0.82 -36.42
N CYS K 469 19.88 -0.70 -35.95
CA CYS K 469 18.97 -1.85 -35.96
C CYS K 469 17.54 -1.39 -36.17
N LYS K 470 16.73 -2.22 -36.83
CA LYS K 470 15.39 -1.82 -37.23
C LYS K 470 14.17 -2.53 -36.64
N ARG K 471 14.29 -3.19 -35.52
CA ARG K 471 13.20 -3.96 -34.88
C ARG K 471 12.79 -5.22 -35.64
N ARG K 472 12.31 -5.03 -36.86
CA ARG K 472 11.89 -6.04 -37.83
C ARG K 472 10.92 -5.39 -38.82
N LEU L 9 32.59 -3.11 -11.31
CA LEU L 9 32.29 -1.71 -11.06
C LEU L 9 31.32 -1.51 -9.92
N GLY L 10 30.05 -1.28 -10.23
CA GLY L 10 29.04 -1.01 -9.24
C GLY L 10 28.14 0.10 -9.75
N PHE L 11 27.15 0.49 -8.97
CA PHE L 11 26.20 1.49 -9.38
C PHE L 11 26.89 2.80 -9.73
N LEU L 12 26.59 3.27 -10.94
CA LEU L 12 27.13 4.46 -11.57
C LEU L 12 28.62 4.38 -11.82
N GLY L 13 29.22 3.22 -11.69
CA GLY L 13 30.64 3.08 -11.92
C GLY L 13 31.04 3.44 -13.34
N ALA L 14 30.15 3.21 -14.29
CA ALA L 14 30.41 3.48 -15.68
C ALA L 14 30.00 4.89 -16.07
N ALA L 15 29.58 5.70 -15.12
CA ALA L 15 29.10 7.03 -15.44
C ALA L 15 30.14 7.86 -16.16
N GLY L 16 31.42 7.66 -15.88
CA GLY L 16 32.44 8.45 -16.54
C GLY L 16 32.98 7.80 -17.81
N SER L 17 32.43 6.67 -18.22
CA SER L 17 32.94 5.97 -19.38
C SER L 17 32.13 6.26 -20.61
N THR L 18 32.50 5.66 -21.71
CA THR L 18 31.82 5.95 -22.94
C THR L 18 30.50 5.26 -23.01
N MET L 19 29.65 5.71 -23.94
CA MET L 19 28.35 5.11 -24.13
C MET L 19 28.48 3.64 -24.44
N GLY L 20 29.50 3.29 -25.20
CA GLY L 20 29.72 1.91 -25.55
C GLY L 20 29.90 1.06 -24.32
N ALA L 21 30.89 1.38 -23.48
CA ALA L 21 31.12 0.56 -22.30
C ALA L 21 29.95 0.59 -21.34
N ALA L 22 29.35 1.76 -21.19
CA ALA L 22 28.25 1.96 -20.25
C ALA L 22 27.04 1.14 -20.61
N SER L 23 26.85 0.83 -21.88
CA SER L 23 25.70 0.05 -22.31
C SER L 23 25.74 -1.36 -21.74
N MET L 24 26.88 -1.79 -21.23
CA MET L 24 26.99 -3.12 -20.68
C MET L 24 26.70 -3.21 -19.19
N THR L 25 26.35 -2.09 -18.55
CA THR L 25 26.08 -2.06 -17.11
C THR L 25 24.65 -1.67 -16.82
N LEU L 26 23.76 -1.85 -17.78
CA LEU L 26 22.38 -1.42 -17.61
C LEU L 26 21.68 -2.17 -16.49
N THR L 27 22.03 -3.43 -16.30
CA THR L 27 21.43 -4.25 -15.27
C THR L 27 21.73 -3.67 -13.91
N VAL L 28 22.96 -3.21 -13.74
CA VAL L 28 23.41 -2.69 -12.47
C VAL L 28 22.63 -1.47 -12.12
N GLN L 29 22.44 -0.60 -13.07
CA GLN L 29 21.71 0.59 -12.77
C GLN L 29 20.24 0.29 -12.52
N ALA L 30 19.65 -0.61 -13.29
CA ALA L 30 18.23 -0.89 -13.15
C ALA L 30 17.87 -1.43 -11.79
N ARG L 31 18.74 -2.26 -11.22
CA ARG L 31 18.44 -2.88 -9.94
C ARG L 31 18.52 -1.93 -8.76
N ASN L 32 19.05 -0.74 -8.95
CA ASN L 32 19.17 0.19 -7.86
C ASN L 32 18.16 1.32 -7.94
N LEU L 33 17.17 1.16 -8.82
CA LEU L 33 16.16 2.18 -8.97
C LEU L 33 14.98 1.92 -8.09
N LEU L 34 14.80 0.67 -7.74
CA LEU L 34 13.64 0.29 -6.99
C LEU L 34 14.06 -0.22 -5.63
N SER L 35 13.44 0.34 -4.60
CA SER L 35 13.70 0.00 -3.20
C SER L 35 14.55 -1.25 -3.04
N GLY L 61 6.78 10.90 9.95
CA GLY L 61 7.13 9.74 9.12
C GLY L 61 6.46 9.85 7.78
N ILE L 62 5.52 10.78 7.69
CA ILE L 62 4.77 10.97 6.47
C ILE L 62 5.64 11.40 5.34
N LYS L 63 6.57 12.32 5.57
CA LYS L 63 7.42 12.74 4.48
C LYS L 63 8.30 11.63 3.95
N GLN L 64 8.62 10.64 4.79
CA GLN L 64 9.45 9.56 4.31
C GLN L 64 8.60 8.63 3.49
N LEU L 65 7.35 8.47 3.91
CA LEU L 65 6.45 7.62 3.20
C LEU L 65 6.09 8.24 1.87
N GLN L 66 5.98 9.57 1.82
CA GLN L 66 5.69 10.22 0.56
C GLN L 66 6.84 10.00 -0.39
N ALA L 67 8.08 10.05 0.08
CA ALA L 67 9.19 9.82 -0.81
C ALA L 67 9.15 8.44 -1.41
N ARG L 68 8.76 7.44 -0.62
CA ARG L 68 8.70 6.08 -1.15
C ARG L 68 7.59 5.93 -2.17
N VAL L 69 6.44 6.56 -1.91
CA VAL L 69 5.35 6.46 -2.86
C VAL L 69 5.74 7.14 -4.15
N LEU L 70 6.38 8.29 -4.05
CA LEU L 70 6.78 8.98 -5.26
C LEU L 70 7.76 8.17 -6.07
N ALA L 71 8.73 7.51 -5.41
CA ALA L 71 9.69 6.73 -6.16
C ALA L 71 8.97 5.66 -6.95
N VAL L 72 7.93 5.06 -6.38
CA VAL L 72 7.17 4.08 -7.10
C VAL L 72 6.44 4.70 -8.26
N GLU L 73 5.80 5.84 -8.09
CA GLU L 73 5.10 6.43 -9.21
C GLU L 73 6.07 6.78 -10.32
N HIS L 74 7.25 7.27 -9.98
CA HIS L 74 8.21 7.63 -11.00
C HIS L 74 8.60 6.39 -11.78
N TYR L 75 8.92 5.31 -11.06
CA TYR L 75 9.31 4.07 -11.69
C TYR L 75 8.26 3.58 -12.63
N LEU L 76 7.02 3.57 -12.18
CA LEU L 76 5.97 3.07 -13.02
C LEU L 76 5.76 3.93 -14.23
N ARG L 77 5.92 5.25 -14.15
CA ARG L 77 5.73 6.05 -15.34
C ARG L 77 6.75 5.69 -16.38
N ASP L 78 8.00 5.43 -15.99
CA ASP L 78 8.96 5.06 -17.01
C ASP L 78 8.62 3.71 -17.61
N GLN L 79 8.14 2.78 -16.79
CA GLN L 79 7.80 1.49 -17.34
C GLN L 79 6.61 1.59 -18.26
N GLN L 80 5.64 2.46 -17.93
CA GLN L 80 4.50 2.60 -18.79
C GLN L 80 4.91 3.15 -20.12
N LEU L 81 5.77 4.15 -20.10
CA LEU L 81 6.18 4.80 -21.31
C LEU L 81 6.91 3.86 -22.20
N LEU L 82 7.80 3.10 -21.60
CA LEU L 82 8.62 2.18 -22.33
C LEU L 82 7.70 1.11 -22.93
N GLY L 83 6.71 0.66 -22.18
CA GLY L 83 5.75 -0.32 -22.69
C GLY L 83 4.92 0.23 -23.86
N ILE L 84 4.52 1.50 -23.80
CA ILE L 84 3.73 2.10 -24.87
C ILE L 84 4.50 2.11 -26.14
N TRP L 85 5.78 2.41 -26.08
CA TRP L 85 6.65 2.45 -27.24
C TRP L 85 6.88 1.10 -27.89
N GLY L 86 6.38 0.01 -27.29
CA GLY L 86 6.59 -1.30 -27.87
C GLY L 86 7.84 -1.96 -27.36
N CYS L 87 8.32 -1.49 -26.23
CA CYS L 87 9.52 -2.03 -25.65
C CYS L 87 9.25 -2.38 -24.20
N SER L 88 8.94 -3.63 -23.91
CA SER L 88 8.52 -3.96 -22.57
C SER L 88 9.62 -4.53 -21.71
N GLY L 89 9.71 -5.84 -21.65
CA GLY L 89 10.71 -6.48 -20.80
C GLY L 89 12.10 -6.50 -21.42
N LYS L 90 12.61 -5.33 -21.77
CA LYS L 90 13.90 -5.20 -22.43
C LYS L 90 14.71 -4.07 -21.87
N LEU L 91 16.02 -4.26 -21.71
CA LEU L 91 16.83 -3.13 -21.30
C LEU L 91 17.27 -2.40 -22.54
N ILE L 92 17.40 -3.13 -23.64
CA ILE L 92 17.80 -2.54 -24.91
C ILE L 92 16.80 -2.93 -25.99
N CYS L 93 16.26 -1.97 -26.70
CA CYS L 93 15.39 -2.36 -27.80
C CYS L 93 15.43 -1.32 -28.86
N CYS L 94 14.99 -1.64 -30.06
CA CYS L 94 15.04 -0.61 -31.09
C CYS L 94 13.86 -0.60 -31.97
N THR L 95 13.68 0.51 -32.65
CA THR L 95 12.51 0.66 -33.43
C THR L 95 12.66 1.21 -34.82
N ASN L 96 11.53 1.51 -35.43
CA ASN L 96 11.42 1.97 -36.80
C ASN L 96 11.41 3.47 -36.98
N VAL L 97 11.72 4.20 -35.94
CA VAL L 97 11.80 5.62 -36.08
C VAL L 97 13.23 5.90 -36.47
N PRO L 98 13.50 6.51 -37.63
CA PRO L 98 14.81 6.81 -38.13
C PRO L 98 15.37 7.94 -37.34
N TRP L 99 16.67 8.05 -37.26
CA TRP L 99 17.25 9.18 -36.57
C TRP L 99 17.30 10.33 -37.56
N ASN L 100 16.80 11.47 -37.14
CA ASN L 100 16.82 12.68 -37.95
C ASN L 100 18.19 13.33 -37.84
N SER L 101 18.71 13.88 -38.91
CA SER L 101 20.00 14.53 -38.87
C SER L 101 20.01 15.84 -38.07
N SER L 102 18.83 16.37 -37.81
CA SER L 102 18.74 17.61 -37.06
C SER L 102 18.91 17.34 -35.58
N TRP L 103 18.80 16.08 -35.17
CA TRP L 103 18.86 15.75 -33.76
C TRP L 103 20.31 15.50 -33.39
N SER L 104 21.08 16.56 -33.38
CA SER L 104 22.48 16.46 -33.05
C SER L 104 23.23 15.38 -33.84
N ASN L 105 23.30 15.54 -35.15
CA ASN L 105 23.98 14.56 -35.96
C ASN L 105 25.46 14.61 -35.73
N ARG L 106 25.93 13.59 -35.03
CA ARG L 106 27.30 13.48 -34.64
C ARG L 106 27.85 12.13 -35.01
N ASN L 107 28.18 11.95 -36.28
CA ASN L 107 28.75 10.68 -36.74
C ASN L 107 27.98 9.47 -36.21
N LEU L 108 28.74 8.46 -35.80
CA LEU L 108 28.26 7.31 -35.07
C LEU L 108 29.41 6.72 -34.30
N SER L 109 30.31 6.06 -35.00
CA SER L 109 31.30 5.29 -34.29
C SER L 109 32.30 6.14 -33.55
N GLU L 110 32.55 7.34 -34.06
CA GLU L 110 33.56 8.16 -33.44
C GLU L 110 33.01 9.01 -32.33
N ILE L 111 31.72 8.93 -32.11
CA ILE L 111 31.05 9.69 -31.10
C ILE L 111 30.52 8.73 -30.06
N TRP L 112 29.85 7.67 -30.48
CA TRP L 112 29.31 6.67 -29.58
C TRP L 112 30.42 6.24 -28.62
N ASP L 113 31.61 5.96 -29.15
CA ASP L 113 32.71 5.53 -28.30
C ASP L 113 33.66 6.65 -27.88
N ASN L 114 33.26 7.90 -28.07
CA ASN L 114 34.04 9.06 -27.65
C ASN L 114 33.18 10.02 -26.84
N MET L 115 32.09 9.54 -26.32
CA MET L 115 31.19 10.37 -25.55
C MET L 115 30.59 9.58 -24.40
N THR L 116 30.31 10.25 -23.29
CA THR L 116 29.67 9.60 -22.14
C THR L 116 28.18 9.82 -22.22
N TRP L 117 27.39 9.09 -21.42
CA TRP L 117 25.95 9.32 -21.47
C TRP L 117 25.55 10.65 -20.89
N LEU L 118 26.32 11.16 -19.94
CA LEU L 118 26.00 12.46 -19.35
C LEU L 118 26.16 13.55 -20.40
N GLN L 119 27.14 13.41 -21.28
CA GLN L 119 27.32 14.40 -22.32
C GLN L 119 26.24 14.28 -23.37
N TRP L 120 25.90 13.05 -23.75
CA TRP L 120 24.90 12.80 -24.76
C TRP L 120 23.57 13.35 -24.33
N ASP L 121 23.28 13.22 -23.07
CA ASP L 121 22.03 13.68 -22.54
C ASP L 121 21.86 15.17 -22.76
N LYS L 122 22.94 15.94 -22.78
CA LYS L 122 22.77 17.37 -22.99
C LYS L 122 22.73 17.65 -24.49
N GLU L 123 23.43 16.82 -25.27
CA GLU L 123 23.49 17.05 -26.72
C GLU L 123 22.11 16.97 -27.33
N ILE L 124 21.25 16.11 -26.82
CA ILE L 124 19.90 16.02 -27.36
C ILE L 124 18.80 16.37 -26.39
N SER L 125 19.07 17.18 -25.38
CA SER L 125 18.01 17.47 -24.41
C SER L 125 16.79 18.18 -24.97
N ASN L 126 16.92 18.89 -26.09
CA ASN L 126 15.77 19.60 -26.63
C ASN L 126 14.99 18.76 -27.61
N TYR L 127 15.39 17.51 -27.80
CA TYR L 127 14.70 16.69 -28.77
C TYR L 127 14.01 15.50 -28.17
N THR L 128 14.07 15.30 -26.87
CA THR L 128 13.51 14.09 -26.34
C THR L 128 12.02 14.06 -26.42
N GLN L 129 11.36 15.20 -26.41
CA GLN L 129 9.93 15.14 -26.51
C GLN L 129 9.50 14.79 -27.91
N ILE L 130 10.29 15.19 -28.89
CA ILE L 130 9.98 14.90 -30.27
C ILE L 130 10.16 13.43 -30.50
N ILE L 131 11.27 12.91 -30.00
CA ILE L 131 11.55 11.53 -30.19
C ILE L 131 10.52 10.70 -29.50
N TYR L 132 10.15 11.04 -28.26
CA TYR L 132 9.17 10.24 -27.58
C TYR L 132 7.85 10.23 -28.33
N GLY L 133 7.43 11.36 -28.87
CA GLY L 133 6.17 11.37 -29.58
C GLY L 133 6.23 10.44 -30.79
N LEU L 134 7.33 10.45 -31.50
CA LEU L 134 7.47 9.60 -32.67
C LEU L 134 7.50 8.14 -32.31
N LEU L 135 8.11 7.81 -31.18
CA LEU L 135 8.18 6.44 -30.76
C LEU L 135 6.78 5.89 -30.49
N GLU L 136 5.87 6.72 -29.98
CA GLU L 136 4.51 6.23 -29.76
C GLU L 136 3.76 6.08 -31.07
N GLU L 137 3.93 7.02 -31.99
CA GLU L 137 3.17 6.93 -33.22
C GLU L 137 3.55 5.70 -34.01
N SER L 138 4.84 5.40 -34.09
CA SER L 138 5.28 4.26 -34.88
C SER L 138 5.32 2.99 -34.08
N GLN L 139 4.26 2.80 -33.34
CA GLN L 139 3.93 1.67 -32.51
C GLN L 139 2.47 1.48 -32.68
N ASN L 140 1.70 2.55 -32.53
CA ASN L 140 0.27 2.39 -32.70
C ASN L 140 0.00 1.88 -34.10
N GLN L 141 0.82 2.32 -35.04
CA GLN L 141 0.69 1.84 -36.40
C GLN L 141 1.00 0.36 -36.48
N GLN L 142 1.94 -0.11 -35.67
CA GLN L 142 2.32 -1.51 -35.74
C GLN L 142 1.25 -2.36 -35.14
N GLU L 143 0.61 -1.89 -34.07
CA GLU L 143 -0.43 -2.70 -33.45
C GLU L 143 -1.59 -2.85 -34.41
N LYS L 144 -1.93 -1.80 -35.14
CA LYS L 144 -3.00 -1.97 -36.08
C LYS L 144 -2.61 -2.90 -37.20
N ASN L 145 -1.37 -2.82 -37.68
CA ASN L 145 -1.01 -3.71 -38.75
C ASN L 145 -1.00 -5.15 -38.28
N GLU L 146 -0.56 -5.40 -37.06
CA GLU L 146 -0.56 -6.77 -36.57
C GLU L 146 -1.97 -7.30 -36.45
N GLN L 147 -2.88 -6.49 -35.94
CA GLN L 147 -4.24 -6.93 -35.77
C GLN L 147 -4.86 -7.26 -37.11
N ASP L 148 -4.53 -6.50 -38.16
CA ASP L 148 -5.11 -6.82 -39.45
C ASP L 148 -4.50 -8.07 -40.04
N LEU L 149 -3.21 -8.28 -39.88
CA LEU L 149 -2.62 -9.48 -40.47
C LEU L 149 -3.14 -10.75 -39.85
N LEU L 150 -3.42 -10.71 -38.57
CA LEU L 150 -3.91 -11.88 -37.90
C LEU L 150 -5.35 -12.20 -38.26
N ALA L 151 -6.00 -11.29 -38.97
CA ALA L 151 -7.37 -11.47 -39.40
C ALA L 151 -7.45 -12.06 -40.79
N LEU L 152 -6.31 -12.37 -41.41
CA LEU L 152 -6.39 -12.97 -42.73
C LEU L 152 -6.55 -14.46 -42.53
N ASP L 153 -7.64 -15.00 -43.03
CA ASP L 153 -7.94 -16.40 -42.82
C ASP L 153 -6.82 -17.30 -43.35
N GLU M 1 49.42 -1.73 -39.37
CA GLU M 1 50.18 -2.95 -39.14
C GLU M 1 49.27 -4.06 -38.67
N VAL M 2 49.02 -5.02 -39.52
CA VAL M 2 48.17 -6.13 -39.14
C VAL M 2 48.95 -7.39 -39.31
N GLN M 3 48.85 -8.27 -38.35
CA GLN M 3 49.55 -9.53 -38.47
C GLN M 3 48.63 -10.72 -38.30
N LEU M 4 48.14 -11.28 -39.40
CA LEU M 4 47.27 -12.44 -39.31
C LEU M 4 48.06 -13.64 -39.78
N VAL M 5 48.34 -14.57 -38.89
CA VAL M 5 49.19 -15.69 -39.28
C VAL M 5 48.55 -17.03 -39.07
N GLU M 6 48.32 -17.73 -40.18
CA GLU M 6 47.70 -19.03 -40.13
C GLU M 6 48.67 -20.16 -39.86
N THR M 7 48.17 -21.17 -39.18
CA THR M 7 48.85 -22.43 -38.96
C THR M 7 47.93 -23.62 -39.10
N GLY M 8 48.48 -24.79 -38.89
CA GLY M 8 47.71 -26.03 -39.04
C GLY M 8 47.64 -26.38 -40.52
N GLY M 9 46.68 -27.19 -40.89
CA GLY M 9 46.56 -27.65 -42.28
C GLY M 9 47.36 -28.91 -42.53
N GLY M 10 47.65 -29.22 -43.79
CA GLY M 10 48.32 -30.45 -44.15
C GLY M 10 47.35 -31.46 -44.78
N LEU M 11 47.85 -32.66 -45.06
CA LEU M 11 47.04 -33.69 -45.73
C LEU M 11 46.26 -34.57 -44.80
N VAL M 12 44.97 -34.61 -45.05
CA VAL M 12 44.04 -35.44 -44.31
C VAL M 12 43.28 -36.33 -45.26
N GLN M 13 43.15 -37.59 -44.94
CA GLN M 13 42.45 -38.46 -45.83
C GLN M 13 40.96 -38.15 -45.76
N PRO M 14 40.19 -38.38 -46.84
CA PRO M 14 38.78 -38.12 -46.88
C PRO M 14 38.08 -38.78 -45.72
N GLY M 15 37.17 -38.03 -45.12
CA GLY M 15 36.42 -38.49 -43.96
C GLY M 15 37.09 -38.09 -42.66
N GLY M 16 38.30 -37.57 -42.73
CA GLY M 16 39.04 -37.18 -41.54
C GLY M 16 38.72 -35.78 -41.07
N SER M 17 39.58 -35.25 -40.19
CA SER M 17 39.39 -33.94 -39.57
C SER M 17 40.71 -33.22 -39.31
N LEU M 18 40.61 -31.91 -39.13
CA LEU M 18 41.76 -31.07 -38.77
C LEU M 18 41.32 -29.79 -38.13
N LYS M 19 42.25 -29.11 -37.50
CA LYS M 19 41.93 -27.80 -36.96
C LYS M 19 42.93 -26.77 -37.43
N LEU M 20 42.41 -25.66 -37.95
CA LEU M 20 43.22 -24.55 -38.39
C LEU M 20 43.17 -23.49 -37.36
N SER M 21 44.21 -22.70 -37.30
CA SER M 21 44.14 -21.55 -36.41
C SER M 21 44.92 -20.41 -36.95
N CYS M 22 44.60 -19.25 -36.44
CA CYS M 22 45.22 -18.00 -36.83
C CYS M 22 45.49 -17.12 -35.62
N ARG M 23 46.73 -16.68 -35.49
CA ARG M 23 47.03 -15.83 -34.38
C ARG M 23 47.02 -14.44 -34.92
N ALA M 24 46.64 -13.48 -34.10
CA ALA M 24 46.63 -12.15 -34.63
C ALA M 24 47.24 -11.12 -33.72
N SER M 25 47.87 -10.15 -34.36
CA SER M 25 48.40 -8.99 -33.65
C SER M 25 48.26 -7.69 -34.41
N GLY M 26 48.81 -6.64 -33.82
CA GLY M 26 48.74 -5.29 -34.39
C GLY M 26 47.44 -4.57 -34.02
N TYR M 27 46.34 -5.16 -34.43
CA TYR M 27 44.99 -4.65 -34.16
C TYR M 27 44.34 -5.33 -32.99
N THR M 28 43.51 -4.59 -32.26
CA THR M 28 42.83 -5.21 -31.15
C THR M 28 41.95 -6.31 -31.68
N PHE M 29 42.18 -7.53 -31.23
CA PHE M 29 41.48 -8.68 -31.74
C PHE M 29 40.00 -8.57 -31.45
N SER M 30 39.68 -8.21 -30.22
CA SER M 30 38.33 -8.09 -29.72
C SER M 30 37.49 -7.03 -30.41
N SER M 31 38.09 -6.17 -31.22
CA SER M 31 37.31 -5.14 -31.88
C SER M 31 36.79 -5.57 -33.24
N PHE M 32 37.22 -6.72 -33.77
CA PHE M 32 36.81 -7.08 -35.12
C PHE M 32 36.13 -8.41 -35.27
N ALA M 33 35.16 -8.46 -36.17
CA ALA M 33 34.56 -9.71 -36.60
C ALA M 33 35.55 -10.38 -37.53
N MET M 34 35.53 -11.70 -37.60
CA MET M 34 36.45 -12.40 -38.48
C MET M 34 35.82 -13.48 -39.31
N SER M 35 36.45 -13.76 -40.43
CA SER M 35 35.98 -14.77 -41.34
C SER M 35 37.07 -15.68 -41.85
N TRP M 36 36.63 -16.80 -42.40
CA TRP M 36 37.53 -17.65 -43.14
C TRP M 36 37.07 -17.64 -44.58
N VAL M 37 38.02 -17.46 -45.47
CA VAL M 37 37.77 -17.43 -46.91
C VAL M 37 38.62 -18.50 -47.59
N ARG M 38 38.01 -19.27 -48.44
CA ARG M 38 38.68 -20.36 -49.09
C ARG M 38 39.11 -20.07 -50.53
N GLN M 39 40.32 -20.49 -50.86
CA GLN M 39 40.87 -20.38 -52.21
C GLN M 39 41.15 -21.71 -52.83
N ALA M 40 40.18 -22.23 -53.55
CA ALA M 40 40.34 -23.53 -54.14
C ALA M 40 41.30 -23.35 -55.30
N PRO M 41 42.06 -24.38 -55.69
CA PRO M 41 43.03 -24.36 -56.76
C PRO M 41 42.38 -24.25 -58.11
N GLY M 42 42.06 -23.02 -58.48
CA GLY M 42 41.38 -22.69 -59.72
C GLY M 42 40.06 -21.96 -59.53
N LYS M 43 39.66 -21.70 -58.29
CA LYS M 43 38.42 -20.97 -58.05
C LYS M 43 38.70 -19.58 -57.47
N GLY M 44 39.83 -19.44 -56.78
CA GLY M 44 40.21 -18.16 -56.22
C GLY M 44 39.60 -17.78 -54.89
N LEU M 45 38.32 -17.49 -54.85
CA LEU M 45 37.73 -17.09 -53.56
C LEU M 45 36.31 -17.56 -53.32
N GLU M 46 36.10 -18.12 -52.13
CA GLU M 46 34.79 -18.53 -51.64
C GLU M 46 34.62 -18.18 -50.16
N TRP M 47 33.52 -17.58 -49.77
CA TRP M 47 33.35 -17.33 -48.34
C TRP M 47 32.98 -18.61 -47.63
N VAL M 48 33.57 -18.90 -46.47
CA VAL M 48 33.21 -20.11 -45.77
C VAL M 48 32.47 -19.84 -44.47
N SER M 49 33.05 -19.02 -43.61
CA SER M 49 32.42 -18.77 -42.33
C SER M 49 32.72 -17.40 -41.76
N LEU M 50 31.85 -16.95 -40.87
CA LEU M 50 31.92 -15.66 -40.17
C LEU M 50 31.57 -15.76 -38.70
N ILE M 51 32.37 -15.13 -37.87
CA ILE M 51 32.10 -15.07 -36.45
C ILE M 51 32.15 -13.62 -35.95
N ASN M 52 31.23 -13.24 -35.05
CA ASN M 52 31.31 -11.86 -34.58
C ASN M 52 32.41 -11.67 -33.57
N ASP M 53 32.61 -10.46 -33.09
CA ASP M 53 33.74 -10.18 -32.21
C ASP M 53 33.66 -10.75 -30.80
N ARG M 54 32.46 -11.00 -30.32
CA ARG M 54 32.30 -11.54 -28.99
C ARG M 54 32.33 -13.05 -29.01
N GLY M 55 32.38 -13.63 -30.21
CA GLY M 55 32.39 -15.07 -30.38
C GLY M 55 31.05 -15.74 -30.12
N GLY M 56 29.94 -15.04 -30.28
CA GLY M 56 28.64 -15.64 -29.97
C GLY M 56 27.78 -15.93 -31.18
N LEU M 57 28.05 -15.29 -32.28
CA LEU M 57 27.25 -15.50 -33.46
C LEU M 57 28.10 -16.00 -34.58
N THR M 58 27.67 -17.12 -35.14
CA THR M 58 28.41 -17.70 -36.24
C THR M 58 27.53 -17.95 -37.42
N PHE M 59 28.11 -17.80 -38.60
CA PHE M 59 27.40 -18.04 -39.84
C PHE M 59 28.25 -18.91 -40.74
N TYR M 60 27.60 -19.77 -41.52
CA TYR M 60 28.34 -20.64 -42.44
C TYR M 60 27.75 -20.68 -43.82
N VAL M 61 28.60 -20.93 -44.81
CA VAL M 61 28.15 -21.22 -46.14
C VAL M 61 27.50 -22.58 -46.04
N ASP M 62 26.40 -22.81 -46.74
CA ASP M 62 25.69 -24.08 -46.61
C ASP M 62 26.54 -25.32 -46.79
N SER M 63 27.53 -25.28 -47.66
CA SER M 63 28.33 -26.45 -47.95
C SER M 63 29.17 -26.99 -46.78
N VAL M 64 29.38 -26.20 -45.72
CA VAL M 64 30.15 -26.69 -44.57
C VAL M 64 29.28 -26.61 -43.33
N LYS M 65 28.03 -26.25 -43.53
CA LYS M 65 27.15 -25.92 -42.42
C LYS M 65 26.98 -27.02 -41.42
N GLY M 66 26.97 -28.26 -41.85
CA GLY M 66 26.80 -29.35 -40.91
C GLY M 66 28.14 -29.96 -40.50
N ARG M 67 29.26 -29.36 -40.93
CA ARG M 67 30.55 -29.96 -40.65
C ARG M 67 31.57 -29.10 -39.91
N PHE M 68 31.57 -27.78 -40.14
CA PHE M 68 32.61 -26.92 -39.58
C PHE M 68 32.18 -26.08 -38.38
N THR M 69 33.14 -25.84 -37.47
CA THR M 69 32.93 -24.94 -36.33
C THR M 69 33.92 -23.78 -36.32
N ILE M 70 33.41 -22.55 -36.18
CA ILE M 70 34.29 -21.38 -36.13
C ILE M 70 34.28 -20.83 -34.71
N SER M 71 35.45 -20.50 -34.18
CA SER M 71 35.56 -20.00 -32.81
C SER M 71 36.64 -18.95 -32.55
N ARG M 72 36.40 -18.09 -31.56
CA ARG M 72 37.35 -17.05 -31.15
C ARG M 72 37.70 -17.11 -29.69
N ASP M 73 38.94 -16.72 -29.40
CA ASP M 73 39.40 -16.56 -28.04
C ASP M 73 40.06 -15.19 -27.88
N ASN M 74 39.35 -14.29 -27.21
CA ASN M 74 39.78 -12.91 -27.08
C ASN M 74 40.90 -12.70 -26.09
N SER M 75 41.25 -13.74 -25.31
CA SER M 75 42.34 -13.57 -24.37
C SER M 75 43.63 -14.00 -25.05
N LYS M 76 43.49 -14.88 -26.03
CA LYS M 76 44.62 -15.42 -26.78
C LYS M 76 44.87 -14.72 -28.11
N ASN M 77 43.91 -13.92 -28.56
CA ASN M 77 43.98 -13.27 -29.86
C ASN M 77 44.09 -14.33 -30.92
N THR M 78 43.25 -15.36 -30.76
CA THR M 78 43.23 -16.49 -31.66
C THR M 78 41.88 -16.80 -32.28
N LEU M 79 41.93 -17.01 -33.58
CA LEU M 79 40.78 -17.43 -34.37
C LEU M 79 41.00 -18.89 -34.75
N SER M 80 39.95 -19.71 -34.72
CA SER M 80 40.17 -21.08 -35.17
C SER M 80 38.98 -21.67 -35.90
N LEU M 81 39.29 -22.68 -36.69
CA LEU M 81 38.30 -23.42 -37.46
C LEU M 81 38.50 -24.92 -37.35
N GLN M 82 37.48 -25.60 -36.86
CA GLN M 82 37.54 -27.04 -36.71
C GLN M 82 36.78 -27.68 -37.83
N MET M 83 37.47 -28.45 -38.64
CA MET M 83 36.84 -29.07 -39.78
C MET M 83 36.64 -30.55 -39.53
N HIS M 84 35.47 -31.07 -39.89
CA HIS M 84 35.19 -32.48 -39.76
C HIS M 84 34.65 -33.04 -41.05
N SER M 85 34.77 -34.35 -41.23
CA SER M 85 34.21 -35.02 -42.39
C SER M 85 34.64 -34.36 -43.68
N LEU M 86 35.96 -34.22 -43.84
CA LEU M 86 36.59 -33.57 -44.99
C LEU M 86 36.39 -34.31 -46.28
N ARG M 87 36.22 -33.56 -47.36
CA ARG M 87 36.01 -34.12 -48.68
C ARG M 87 37.02 -33.58 -49.67
N ASP M 88 37.21 -34.25 -50.79
CA ASP M 88 38.19 -33.78 -51.78
C ASP M 88 37.93 -32.35 -52.25
N GLY M 89 36.68 -31.94 -52.29
CA GLY M 89 36.30 -30.62 -52.75
C GLY M 89 36.71 -29.51 -51.77
N ASP M 90 37.19 -29.88 -50.59
CA ASP M 90 37.60 -28.91 -49.60
C ASP M 90 39.09 -28.59 -49.72
N THR M 91 39.79 -29.18 -50.70
CA THR M 91 41.19 -28.85 -50.85
C THR M 91 41.28 -27.40 -51.29
N ALA M 92 42.01 -26.61 -50.52
CA ALA M 92 42.10 -25.18 -50.77
C ALA M 92 43.06 -24.50 -49.81
N VAL M 93 43.37 -23.25 -50.11
CA VAL M 93 44.06 -22.44 -49.13
C VAL M 93 43.02 -21.71 -48.27
N TYR M 94 43.17 -21.78 -46.96
CA TYR M 94 42.22 -21.15 -46.07
C TYR M 94 42.79 -19.92 -45.41
N TYR M 95 42.18 -18.78 -45.71
CA TYR M 95 42.64 -17.50 -45.25
C TYR M 95 41.91 -16.96 -44.05
N CYS M 96 42.70 -16.42 -43.15
CA CYS M 96 42.25 -15.73 -41.97
C CYS M 96 42.01 -14.30 -42.39
N ALA M 97 40.84 -13.74 -42.09
CA ALA M 97 40.63 -12.35 -42.47
C ALA M 97 39.78 -11.61 -41.47
N THR M 98 39.97 -10.31 -41.39
CA THR M 98 39.14 -9.49 -40.51
C THR M 98 38.20 -8.69 -41.34
N GLY M 99 36.96 -8.65 -40.90
CA GLY M 99 35.93 -7.90 -41.60
C GLY M 99 34.60 -8.60 -41.60
N GLY M 100 33.71 -8.15 -42.46
CA GLY M 100 32.36 -8.65 -42.51
C GLY M 100 31.43 -7.86 -41.59
N MET M 101 30.64 -8.56 -40.80
CA MET M 101 29.63 -7.95 -39.95
C MET M 101 30.24 -7.16 -38.82
N SER M 102 29.44 -6.30 -38.19
CA SER M 102 29.94 -5.62 -37.02
C SER M 102 28.87 -5.54 -35.92
N SER M 103 29.15 -4.71 -34.93
CA SER M 103 28.45 -4.50 -33.64
C SER M 103 27.16 -3.71 -33.57
N ALA M 104 26.75 -3.12 -34.67
CA ALA M 104 25.58 -2.24 -34.76
C ALA M 104 25.81 -0.87 -34.18
N LEU M 105 27.02 -0.63 -33.67
CA LEU M 105 27.38 0.67 -33.16
C LEU M 105 28.53 1.23 -33.96
N GLN M 106 29.00 0.46 -34.93
CA GLN M 106 30.22 0.81 -35.61
C GLN M 106 30.31 0.82 -37.12
N SER M 107 29.34 1.38 -37.82
CA SER M 107 29.48 1.47 -39.28
C SER M 107 29.88 0.15 -39.92
N SER M 108 29.02 -0.85 -39.83
CA SER M 108 29.37 -2.19 -40.28
C SER M 108 29.92 -2.16 -41.67
N LYS M 109 30.95 -2.97 -41.85
CA LYS M 109 31.74 -3.06 -43.04
C LYS M 109 31.23 -3.84 -44.23
N TYR M 110 30.93 -5.10 -44.04
CA TYR M 110 30.50 -5.97 -45.13
C TYR M 110 31.56 -6.14 -46.22
N TYR M 111 32.82 -6.02 -45.84
CA TYR M 111 33.97 -6.22 -46.71
C TYR M 111 35.09 -6.71 -45.80
N PHE M 112 36.15 -7.28 -46.38
CA PHE M 112 37.27 -7.75 -45.57
C PHE M 112 38.41 -6.75 -45.66
N ASP M 113 38.97 -6.34 -44.50
CA ASP M 113 40.07 -5.37 -44.45
C ASP M 113 41.45 -5.99 -44.48
N PHE M 114 41.61 -7.09 -43.76
CA PHE M 114 42.95 -7.65 -43.65
C PHE M 114 42.93 -9.11 -43.94
N TRP M 115 44.01 -9.59 -44.53
CA TRP M 115 44.14 -11.00 -44.85
C TRP M 115 45.45 -11.58 -44.35
N GLY M 116 45.43 -12.85 -43.96
CA GLY M 116 46.63 -13.59 -43.60
C GLY M 116 47.15 -14.21 -44.87
N GLN M 117 48.06 -15.18 -44.79
CA GLN M 117 48.60 -15.72 -46.05
C GLN M 117 47.93 -17.01 -46.46
N GLY M 118 47.36 -17.69 -45.49
CA GLY M 118 46.59 -18.89 -45.74
C GLY M 118 47.26 -20.23 -45.47
N ALA M 119 46.52 -21.10 -44.79
CA ALA M 119 47.00 -22.45 -44.50
C ALA M 119 46.59 -23.33 -45.65
N LEU M 120 47.38 -24.32 -46.00
CA LEU M 120 46.95 -25.20 -47.07
C LEU M 120 46.40 -26.51 -46.58
N VAL M 121 45.17 -26.79 -47.00
CA VAL M 121 44.49 -28.02 -46.67
C VAL M 121 44.33 -28.88 -47.88
N THR M 122 44.81 -30.11 -47.77
CA THR M 122 44.69 -31.08 -48.84
C THR M 122 43.93 -32.24 -48.29
N VAL M 123 42.91 -32.72 -48.99
CA VAL M 123 42.18 -33.83 -48.45
C VAL M 123 42.59 -35.13 -49.11
N ALA N 1 26.86 -16.41 -57.89
CA ALA N 1 28.20 -16.01 -58.30
C ALA N 1 28.15 -14.70 -59.05
N LEU N 2 29.14 -13.86 -58.85
CA LEU N 2 29.14 -12.61 -59.62
C LEU N 2 29.97 -12.93 -60.86
N THR N 3 29.70 -12.27 -61.98
CA THR N 3 30.42 -12.61 -63.19
C THR N 3 31.36 -11.57 -63.77
N GLN N 4 32.64 -11.94 -63.88
CA GLN N 4 33.64 -11.08 -64.50
C GLN N 4 34.89 -11.83 -64.98
N PRO N 5 34.77 -13.00 -65.64
CA PRO N 5 35.88 -13.85 -66.10
C PRO N 5 36.75 -13.51 -67.34
N PRO N 6 36.37 -12.66 -68.30
CA PRO N 6 37.14 -12.53 -69.51
C PRO N 6 38.41 -11.86 -69.10
N SER N 7 39.50 -12.14 -69.79
CA SER N 7 40.73 -11.48 -69.46
C SER N 7 40.60 -10.02 -69.81
N VAL N 8 41.42 -9.22 -69.17
CA VAL N 8 41.40 -7.80 -69.40
C VAL N 8 42.80 -7.28 -69.65
N SER N 9 42.93 -6.32 -70.53
CA SER N 9 44.25 -5.79 -70.82
C SER N 9 44.24 -4.40 -71.37
N GLY N 10 45.42 -3.81 -71.41
CA GLY N 10 45.58 -2.51 -72.05
C GLY N 10 47.00 -2.01 -72.01
N SER N 11 47.25 -0.97 -72.80
CA SER N 11 48.56 -0.34 -72.90
C SER N 11 48.86 0.43 -71.63
N PRO N 12 50.11 0.54 -71.19
CA PRO N 12 50.51 1.32 -70.04
C PRO N 12 50.07 2.74 -70.27
N GLY N 13 49.57 3.36 -69.22
CA GLY N 13 49.13 4.73 -69.27
C GLY N 13 47.69 4.90 -69.73
N GLN N 14 47.06 3.82 -70.20
CA GLN N 14 45.69 3.91 -70.66
C GLN N 14 44.77 3.38 -69.59
N SER N 15 43.53 3.84 -69.59
CA SER N 15 42.62 3.31 -68.61
C SER N 15 42.12 1.95 -69.04
N VAL N 16 41.64 1.21 -68.07
CA VAL N 16 41.03 -0.08 -68.31
C VAL N 16 39.88 -0.30 -67.31
N THR N 17 38.81 -0.95 -67.74
CA THR N 17 37.73 -1.23 -66.79
C THR N 17 37.40 -2.70 -66.70
N ILE N 18 37.26 -3.15 -65.46
CA ILE N 18 36.90 -4.50 -65.12
C ILE N 18 35.47 -4.50 -64.61
N SER N 19 34.59 -5.19 -65.30
CA SER N 19 33.19 -5.22 -64.91
C SER N 19 32.94 -6.29 -63.85
N CYS N 20 31.76 -6.23 -63.24
CA CYS N 20 31.24 -7.20 -62.28
C CYS N 20 29.73 -7.30 -62.37
N THR N 21 29.21 -8.31 -63.04
CA THR N 21 27.77 -8.36 -63.23
C THR N 21 27.14 -9.28 -62.20
N GLY N 22 26.12 -8.80 -61.52
CA GLY N 22 25.49 -9.59 -60.50
C GLY N 22 24.24 -10.22 -61.01
N THR N 23 23.26 -10.41 -60.14
CA THR N 23 22.04 -11.07 -60.57
C THR N 23 20.85 -10.15 -60.48
N SER N 24 20.48 -9.80 -59.28
CA SER N 24 19.34 -8.97 -59.07
C SER N 24 19.47 -8.27 -57.76
N SER N 25 19.07 -8.96 -56.70
CA SER N 25 19.08 -8.41 -55.36
C SER N 25 20.46 -8.25 -54.73
N ASP N 26 21.46 -8.99 -55.16
CA ASP N 26 22.72 -8.87 -54.46
C ASP N 26 23.43 -7.56 -54.71
N ILE N 27 23.75 -7.22 -55.94
CA ILE N 27 24.43 -5.94 -56.05
C ILE N 27 23.42 -4.87 -56.39
N GLY N 28 22.23 -5.26 -56.81
CA GLY N 28 21.18 -4.29 -57.04
C GLY N 28 20.73 -3.64 -55.73
N SER N 29 20.48 -4.43 -54.66
CA SER N 29 19.96 -3.86 -53.43
C SER N 29 21.01 -3.53 -52.37
N TYR N 30 22.20 -4.11 -52.43
CA TYR N 30 23.13 -3.81 -51.37
C TYR N 30 24.36 -3.06 -51.86
N ASN N 31 24.65 -1.92 -51.27
CA ASN N 31 25.82 -1.15 -51.68
C ASN N 31 27.05 -1.60 -50.94
N TYR N 32 27.32 -2.87 -51.03
CA TYR N 32 28.43 -3.48 -50.38
C TYR N 32 29.10 -4.35 -51.40
N VAL N 33 29.85 -3.74 -52.31
CA VAL N 33 30.47 -4.47 -53.40
C VAL N 33 31.95 -4.15 -53.44
N SER N 34 32.72 -4.83 -52.63
CA SER N 34 34.12 -4.56 -52.56
C SER N 34 34.91 -5.22 -53.68
N TRP N 35 36.13 -4.75 -53.85
CA TRP N 35 37.07 -5.32 -54.81
C TRP N 35 38.39 -5.63 -54.17
N TYR N 36 38.98 -6.73 -54.60
CA TYR N 36 40.28 -7.17 -54.14
C TYR N 36 41.30 -7.37 -55.25
N GLN N 37 42.56 -7.10 -54.92
CA GLN N 37 43.69 -7.29 -55.83
C GLN N 37 44.50 -8.48 -55.40
N GLN N 38 44.58 -9.47 -56.26
CA GLN N 38 45.22 -10.74 -55.97
C GLN N 38 46.49 -11.02 -56.77
N HIS N 39 47.62 -11.08 -56.08
CA HIS N 39 48.84 -11.39 -56.80
C HIS N 39 48.97 -12.91 -56.84
N PRO N 40 49.59 -13.48 -57.86
CA PRO N 40 49.73 -14.91 -58.04
C PRO N 40 50.68 -15.55 -57.05
N GLY N 41 50.12 -15.91 -55.89
CA GLY N 41 50.87 -16.53 -54.81
C GLY N 41 50.90 -15.71 -53.52
N LYS N 42 50.22 -14.58 -53.49
CA LYS N 42 50.17 -13.74 -52.29
C LYS N 42 48.76 -13.60 -51.77
N ALA N 43 48.59 -13.26 -50.50
CA ALA N 43 47.24 -12.96 -50.04
C ALA N 43 46.73 -11.72 -50.77
N PRO N 44 45.44 -11.59 -51.03
CA PRO N 44 44.82 -10.44 -51.66
C PRO N 44 44.77 -9.25 -50.75
N LYS N 45 44.61 -8.07 -51.33
CA LYS N 45 44.39 -6.86 -50.54
C LYS N 45 43.15 -6.12 -51.00
N LEU N 46 42.54 -5.38 -50.09
CA LEU N 46 41.37 -4.59 -50.40
C LEU N 46 41.69 -3.38 -51.24
N MET N 47 40.92 -3.17 -52.30
CA MET N 47 41.13 -2.02 -53.14
C MET N 47 40.00 -1.03 -53.00
N ILE N 48 38.79 -1.54 -53.13
CA ILE N 48 37.56 -0.74 -53.09
C ILE N 48 36.57 -1.36 -52.13
N TYR N 49 35.82 -0.53 -51.41
CA TYR N 49 34.79 -1.03 -50.52
C TYR N 49 33.53 -0.19 -50.59
N ASP N 50 32.42 -0.78 -50.11
CA ASP N 50 31.11 -0.17 -50.26
C ASP N 50 30.99 -0.14 -51.77
N VAL N 51 30.90 1.02 -52.40
CA VAL N 51 30.85 0.99 -53.85
C VAL N 51 32.02 1.76 -54.42
N THR N 52 32.26 2.94 -53.86
CA THR N 52 33.25 3.87 -54.34
C THR N 52 34.41 4.21 -53.39
N GLN N 53 34.54 3.56 -52.23
CA GLN N 53 35.57 4.00 -51.29
C GLN N 53 36.84 3.23 -51.43
N ARG N 54 37.96 3.83 -51.06
CA ARG N 54 39.20 3.08 -51.07
C ARG N 54 39.85 3.28 -49.72
N PRO N 55 40.54 2.29 -49.17
CA PRO N 55 41.25 2.37 -47.93
C PRO N 55 42.51 3.15 -48.11
N SER N 56 43.06 3.66 -47.03
CA SER N 56 44.32 4.34 -47.12
C SER N 56 45.35 3.36 -47.64
N GLY N 57 46.22 3.85 -48.50
CA GLY N 57 47.28 3.05 -49.10
C GLY N 57 46.92 2.72 -50.54
N VAL N 58 45.66 2.89 -50.91
CA VAL N 58 45.24 2.67 -52.27
C VAL N 58 45.16 4.03 -52.91
N SER N 59 45.81 4.16 -54.05
CA SER N 59 45.88 5.42 -54.76
C SER N 59 44.63 5.69 -55.56
N ASP N 60 44.55 6.92 -56.06
CA ASP N 60 43.44 7.42 -56.85
C ASP N 60 43.36 6.76 -58.21
N ARG N 61 44.37 5.95 -58.54
CA ARG N 61 44.42 5.22 -59.77
C ARG N 61 43.23 4.27 -59.82
N PHE N 62 42.77 3.83 -58.63
CA PHE N 62 41.67 2.88 -58.54
C PHE N 62 40.40 3.55 -58.04
N SER N 63 39.33 3.40 -58.81
CA SER N 63 38.03 3.94 -58.45
C SER N 63 36.96 3.09 -59.09
N GLY N 64 35.72 3.27 -58.72
CA GLY N 64 34.70 2.44 -59.35
C GLY N 64 33.31 2.94 -59.10
N SER N 65 32.34 2.16 -59.56
CA SER N 65 30.94 2.54 -59.43
C SER N 65 30.00 1.38 -59.59
N LYS N 66 28.70 1.70 -59.50
CA LYS N 66 27.64 0.72 -59.67
C LYS N 66 26.39 1.31 -60.31
N SER N 67 25.75 0.54 -61.18
CA SER N 67 24.49 0.93 -61.80
C SER N 67 23.64 -0.32 -62.08
N GLY N 68 22.34 -0.23 -61.80
CA GLY N 68 21.51 -1.40 -62.05
C GLY N 68 22.01 -2.54 -61.18
N ASN N 69 22.29 -3.67 -61.81
CA ASN N 69 22.79 -4.83 -61.11
C ASN N 69 24.19 -5.18 -61.60
N THR N 70 24.92 -4.16 -62.10
CA THR N 70 26.29 -4.32 -62.57
C THR N 70 27.23 -3.29 -61.93
N ALA N 71 28.37 -3.77 -61.46
CA ALA N 71 29.38 -2.93 -60.83
C ALA N 71 30.65 -2.95 -61.65
N SER N 72 31.51 -1.95 -61.46
CA SER N 72 32.79 -1.95 -62.15
C SER N 72 33.93 -1.27 -61.40
N LEU N 73 35.14 -1.71 -61.74
CA LEU N 73 36.40 -1.17 -61.27
C LEU N 73 37.20 -0.54 -62.40
N THR N 74 37.57 0.69 -62.23
CA THR N 74 38.34 1.38 -63.25
C THR N 74 39.73 1.73 -62.75
N ILE N 75 40.69 1.42 -63.59
CA ILE N 75 42.08 1.72 -63.32
C ILE N 75 42.46 2.80 -64.32
N SER N 76 43.01 3.92 -63.85
CA SER N 76 43.35 5.04 -64.76
C SER N 76 44.75 4.95 -65.33
N GLY N 77 45.73 5.55 -64.67
CA GLY N 77 47.11 5.54 -65.19
C GLY N 77 47.74 4.18 -64.98
N LEU N 78 47.31 3.23 -65.79
CA LEU N 78 47.67 1.83 -65.70
C LEU N 78 49.15 1.57 -65.78
N GLN N 79 49.63 0.82 -64.80
CA GLN N 79 51.02 0.46 -64.64
C GLN N 79 51.23 -1.03 -64.79
N ALA N 80 52.46 -1.45 -65.05
CA ALA N 80 52.78 -2.89 -65.07
C ALA N 80 52.62 -3.47 -63.66
N ASP N 81 52.63 -2.60 -62.68
CA ASP N 81 52.50 -2.94 -61.28
C ASP N 81 51.07 -3.34 -60.96
N ASP N 82 50.15 -3.13 -61.90
CA ASP N 82 48.76 -3.45 -61.69
C ASP N 82 48.47 -4.85 -62.21
N GLU N 83 49.49 -5.59 -62.64
CA GLU N 83 49.22 -6.93 -63.13
C GLU N 83 48.96 -7.89 -61.99
N ALA N 84 47.68 -8.02 -61.72
CA ALA N 84 47.08 -8.78 -60.65
C ALA N 84 45.73 -9.29 -61.09
N ASP N 85 45.24 -10.30 -60.39
CA ASP N 85 43.90 -10.77 -60.63
C ASP N 85 42.96 -9.88 -59.83
N TYR N 86 41.82 -9.57 -60.38
CA TYR N 86 40.88 -8.77 -59.62
C TYR N 86 39.59 -9.50 -59.41
N TYR N 87 39.08 -9.32 -58.22
CA TYR N 87 37.83 -9.92 -57.83
C TYR N 87 36.87 -8.93 -57.25
N CYS N 88 35.61 -9.08 -57.59
CA CYS N 88 34.57 -8.32 -56.94
C CYS N 88 33.84 -9.28 -56.05
N SER N 89 33.24 -8.77 -55.00
CA SER N 89 32.42 -9.57 -54.12
C SER N 89 31.31 -8.72 -53.60
N ALA N 90 30.26 -9.33 -53.11
CA ALA N 90 29.21 -8.51 -52.57
C ALA N 90 28.41 -9.16 -51.47
N TYR N 91 27.78 -8.31 -50.67
CA TYR N 91 26.91 -8.81 -49.63
C TYR N 91 25.65 -9.39 -50.23
N ALA N 92 25.32 -10.59 -49.79
CA ALA N 92 24.16 -11.32 -50.29
C ALA N 92 22.84 -11.13 -49.56
N GLY N 93 22.79 -10.40 -48.46
CA GLY N 93 21.49 -10.28 -47.79
C GLY N 93 21.16 -11.24 -46.63
N ARG N 94 22.16 -11.74 -45.92
CA ARG N 94 22.05 -12.64 -44.74
C ARG N 94 21.71 -14.09 -44.97
N GLN N 95 21.55 -14.53 -46.20
CA GLN N 95 21.27 -15.94 -46.37
C GLN N 95 22.49 -16.72 -46.79
N THR N 96 23.39 -16.08 -47.55
CA THR N 96 24.59 -16.73 -48.05
C THR N 96 25.72 -15.85 -47.65
N PHE N 97 25.34 -14.67 -47.19
CA PHE N 97 26.23 -13.61 -46.74
C PHE N 97 27.13 -12.98 -47.76
N TYR N 98 28.03 -13.74 -48.36
CA TYR N 98 28.89 -13.14 -49.36
C TYR N 98 29.00 -13.95 -50.60
N ILE N 99 29.04 -13.26 -51.70
CA ILE N 99 29.24 -13.88 -52.98
C ILE N 99 30.48 -13.35 -53.63
N PHE N 100 31.38 -14.22 -54.03
CA PHE N 100 32.54 -13.77 -54.76
C PHE N 100 32.30 -13.97 -56.22
N GLY N 101 32.85 -13.10 -57.04
CA GLY N 101 32.74 -13.31 -58.45
C GLY N 101 33.81 -14.22 -59.00
N GLY N 102 33.60 -14.62 -60.24
CA GLY N 102 34.61 -15.36 -60.97
C GLY N 102 35.46 -14.26 -61.52
N GLY N 103 36.66 -14.12 -60.96
CA GLY N 103 37.53 -12.97 -61.21
C GLY N 103 38.30 -13.05 -62.49
N THR N 104 39.11 -12.01 -62.73
CA THR N 104 39.89 -11.92 -63.96
C THR N 104 41.28 -11.34 -63.86
N ARG N 105 42.13 -11.74 -64.79
CA ARG N 105 43.52 -11.32 -64.84
C ARG N 105 43.80 -10.15 -65.77
N LEU N 106 44.46 -9.13 -65.22
CA LEU N 106 44.85 -7.94 -65.97
C LEU N 106 46.28 -7.96 -66.45
N THR N 107 46.43 -7.83 -67.77
CA THR N 107 47.72 -7.79 -68.45
C THR N 107 48.01 -6.39 -68.98
N VAL N 108 49.20 -5.88 -68.68
CA VAL N 108 49.52 -4.53 -69.08
C VAL N 108 50.74 -4.48 -69.99
N LEU N 109 50.55 -3.95 -71.19
CA LEU N 109 51.59 -3.87 -72.21
C LEU N 109 50.99 -3.44 -73.54
#